data_8Y4L
#
_entry.id   8Y4L
#
_entity_poly.entity_id   1
_entity_poly.type   'polypeptide(L)'
_entity_poly.pdbx_seq_one_letter_code
;SQSKYVKVWEGNLSGQRQGQPVLITRLEGYRSASASDSLAANWPPTMQIVRLISQDHMNNKQYVGKADFLVFRAMSQHGF
LGQLQDKKLCAVIQLPSQTLLLSVSDKACRLIGMLFPGDMVVFKPQIPNQ
;
_entity_poly.pdbx_strand_id   A
#
# COMPACT_ATOMS: atom_id res chain seq x y z
N SER A 1 15.21 -8.19 7.88
CA SER A 1 14.72 -9.45 8.44
C SER A 1 14.66 -10.54 7.38
N GLN A 2 14.21 -11.72 7.78
CA GLN A 2 14.10 -12.85 6.87
C GLN A 2 12.71 -13.45 6.91
N SER A 3 11.90 -13.16 5.89
CA SER A 3 10.54 -13.68 5.82
C SER A 3 9.93 -13.42 4.44
N LYS A 4 8.66 -13.76 4.29
CA LYS A 4 7.96 -13.57 3.02
C LYS A 4 6.79 -12.61 3.19
N TYR A 5 6.21 -12.59 4.38
CA TYR A 5 5.08 -11.72 4.67
C TYR A 5 5.08 -11.28 6.13
N VAL A 6 4.37 -10.21 6.43
CA VAL A 6 4.29 -9.69 7.78
C VAL A 6 2.96 -8.98 8.03
N LYS A 7 2.09 -9.61 8.80
CA LYS A 7 0.79 -9.05 9.11
C LYS A 7 0.84 -8.24 10.40
N VAL A 8 0.35 -7.00 10.34
CA VAL A 8 0.34 -6.13 11.51
C VAL A 8 -1.06 -5.55 11.74
N TRP A 9 -1.34 -5.21 12.99
CA TRP A 9 -2.64 -4.64 13.35
C TRP A 9 -2.47 -3.27 14.01
N GLU A 10 -3.44 -2.40 13.80
CA GLU A 10 -3.40 -1.05 14.38
C GLU A 10 -4.76 -0.37 14.26
N GLY A 11 -4.86 0.83 14.84
CA GLY A 11 -6.10 1.57 14.79
C GLY A 11 -5.89 3.06 14.67
N ASN A 12 -6.66 3.69 13.79
CA ASN A 12 -6.55 5.13 13.57
C ASN A 12 -7.59 5.62 12.58
N LEU A 13 -7.56 6.92 12.28
CA LEU A 13 -8.51 7.51 11.35
C LEU A 13 -7.89 8.69 10.61
N SER A 14 -7.15 8.40 9.55
CA SER A 14 -6.50 9.44 8.76
C SER A 14 -5.99 8.88 7.43
N GLY A 15 -6.56 9.38 6.33
CA GLY A 15 -6.15 8.93 5.02
C GLY A 15 -7.09 9.39 3.92
N GLN A 16 -6.82 10.58 3.39
CA GLN A 16 -7.66 11.15 2.34
C GLN A 16 -6.80 11.91 1.33
N ARG A 17 -7.47 12.61 0.41
CA ARG A 17 -6.77 13.38 -0.61
C ARG A 17 -6.61 14.84 -0.17
N GLN A 18 -5.47 15.43 -0.52
CA GLN A 18 -5.19 16.81 -0.16
C GLN A 18 -4.72 16.91 1.29
N GLY A 19 -4.38 15.77 1.89
CA GLY A 19 -3.93 15.75 3.26
C GLY A 19 -5.08 15.72 4.25
N GLN A 20 -6.18 15.08 3.86
CA GLN A 20 -7.35 14.98 4.71
C GLN A 20 -7.39 13.64 5.43
N PRO A 21 -8.11 13.59 6.56
CA PRO A 21 -8.24 12.37 7.37
C PRO A 21 -9.09 11.30 6.67
N VAL A 22 -9.40 10.23 7.39
CA VAL A 22 -10.20 9.14 6.84
C VAL A 22 -11.02 8.46 7.93
N LEU A 23 -12.11 7.82 7.52
CA LEU A 23 -13.00 7.13 8.45
C LEU A 23 -12.47 5.74 8.78
N ILE A 24 -11.61 5.66 9.79
CA ILE A 24 -11.03 4.38 10.20
C ILE A 24 -10.97 4.26 11.72
N THR A 25 -10.96 3.03 12.21
CA THR A 25 -10.90 2.79 13.64
C THR A 25 -9.79 1.79 14.00
N ARG A 26 -10.06 0.52 13.72
CA ARG A 26 -9.09 -0.54 14.01
C ARG A 26 -9.17 -1.64 12.95
N LEU A 27 -8.07 -1.83 12.23
CA LEU A 27 -8.01 -2.86 11.19
C LEU A 27 -6.61 -3.46 11.10
N GLU A 28 -6.48 -4.51 10.29
CA GLU A 28 -5.20 -5.19 10.13
C GLU A 28 -4.70 -5.04 8.69
N GLY A 29 -3.49 -5.54 8.44
CA GLY A 29 -2.91 -5.46 7.11
C GLY A 29 -1.71 -6.37 6.94
N TYR A 30 -1.58 -6.95 5.76
CA TYR A 30 -0.47 -7.84 5.46
C TYR A 30 0.44 -7.26 4.40
N ARG A 31 1.72 -7.04 4.76
CA ARG A 31 2.68 -6.48 3.82
C ARG A 31 3.79 -7.48 3.54
N SER A 32 4.23 -7.53 2.28
CA SER A 32 5.30 -8.45 1.88
C SER A 32 6.59 -8.17 2.65
N ALA A 33 7.19 -9.24 3.18
CA ALA A 33 8.41 -9.11 3.94
C ALA A 33 9.43 -8.24 3.21
N SER A 34 9.18 -8.00 1.93
CA SER A 34 10.07 -7.17 1.12
C SER A 34 10.19 -5.77 1.70
N ALA A 35 9.37 -5.47 2.69
CA ALA A 35 9.38 -4.16 3.35
C ALA A 35 10.10 -4.23 4.69
N SER A 36 10.31 -3.06 5.30
CA SER A 36 10.99 -2.99 6.58
C SER A 36 10.00 -3.14 7.74
N ASP A 37 10.46 -3.76 8.82
CA ASP A 37 9.62 -3.97 9.99
C ASP A 37 9.15 -2.64 10.58
N SER A 38 10.09 -1.70 10.70
CA SER A 38 9.79 -0.39 11.25
C SER A 38 8.59 0.24 10.53
N LEU A 39 8.39 -0.17 9.28
CA LEU A 39 7.30 0.36 8.48
C LEU A 39 5.96 0.22 9.21
N ALA A 40 5.60 -1.03 9.52
CA ALA A 40 4.35 -1.30 10.22
C ALA A 40 4.46 -0.92 11.70
N ALA A 41 5.68 -0.94 12.23
CA ALA A 41 5.92 -0.59 13.62
C ALA A 41 5.49 0.83 13.92
N ASN A 42 5.92 1.76 13.07
CA ASN A 42 5.58 3.17 13.24
C ASN A 42 4.82 3.70 12.02
N TRP A 43 4.14 2.80 11.32
CA TRP A 43 3.37 3.18 10.14
C TRP A 43 2.48 4.38 10.43
N PRO A 44 2.51 5.37 9.52
CA PRO A 44 1.71 6.60 9.66
C PRO A 44 0.22 6.34 9.47
N PRO A 45 -0.56 6.60 10.52
CA PRO A 45 -2.01 6.41 10.50
C PRO A 45 -2.73 7.42 9.60
N THR A 46 -1.95 8.34 9.04
CA THR A 46 -2.50 9.36 8.15
C THR A 46 -1.91 9.26 6.76
N MET A 47 -2.77 8.99 5.77
CA MET A 47 -2.33 8.87 4.39
C MET A 47 -2.78 10.07 3.57
N GLN A 48 -2.01 10.41 2.55
CA GLN A 48 -2.33 11.54 1.68
C GLN A 48 -2.22 11.15 0.21
N ILE A 49 -3.38 10.93 -0.43
CA ILE A 49 -3.40 10.55 -1.83
C ILE A 49 -3.54 11.78 -2.73
N VAL A 50 -2.65 11.90 -3.71
CA VAL A 50 -2.69 13.02 -4.65
C VAL A 50 -2.67 12.54 -6.08
N ARG A 51 -2.59 11.23 -6.26
CA ARG A 51 -2.57 10.64 -7.60
C ARG A 51 -3.51 9.44 -7.68
N LEU A 52 -3.56 8.81 -8.85
CA LEU A 52 -4.43 7.65 -9.06
C LEU A 52 -3.67 6.53 -9.74
N ILE A 53 -3.72 5.34 -9.14
CA ILE A 53 -3.04 4.18 -9.70
C ILE A 53 -4.04 3.09 -10.08
N SER A 54 -3.89 2.56 -11.30
CA SER A 54 -4.78 1.52 -11.80
C SER A 54 -4.24 0.14 -11.43
N GLN A 55 -5.11 -0.86 -11.51
CA GLN A 55 -4.72 -2.23 -11.18
C GLN A 55 -3.68 -2.75 -12.17
N ASP A 56 -3.58 -2.09 -13.32
CA ASP A 56 -2.63 -2.49 -14.35
C ASP A 56 -1.22 -2.07 -13.96
N HIS A 57 -1.11 -1.16 -13.01
CA HIS A 57 0.18 -0.68 -12.54
C HIS A 57 0.84 -1.70 -11.61
N MET A 58 0.02 -2.34 -10.79
CA MET A 58 0.53 -3.35 -9.86
C MET A 58 0.57 -4.73 -10.50
N ASN A 59 0.14 -4.80 -11.76
CA ASN A 59 0.13 -6.06 -12.49
C ASN A 59 1.54 -6.44 -12.93
N ASN A 60 2.49 -5.55 -12.71
CA ASN A 60 3.88 -5.79 -13.08
C ASN A 60 4.65 -6.45 -11.93
N LYS A 61 4.97 -7.72 -12.10
CA LYS A 61 5.71 -8.47 -11.09
C LYS A 61 7.21 -8.20 -11.20
N GLN A 62 7.61 -7.50 -12.25
CA GLN A 62 9.01 -7.18 -12.47
C GLN A 62 9.43 -5.98 -11.61
N TYR A 63 8.49 -5.44 -10.86
CA TYR A 63 8.76 -4.30 -10.00
C TYR A 63 8.51 -4.65 -8.53
N VAL A 64 7.89 -5.80 -8.31
CA VAL A 64 7.59 -6.26 -6.96
C VAL A 64 8.80 -6.94 -6.32
N GLY A 65 9.84 -7.15 -7.12
CA GLY A 65 11.04 -7.79 -6.63
C GLY A 65 12.01 -6.79 -6.02
N LYS A 66 11.94 -5.55 -6.46
CA LYS A 66 12.81 -4.50 -5.94
C LYS A 66 12.08 -3.63 -4.93
N ALA A 67 10.76 -3.73 -4.90
CA ALA A 67 9.95 -2.97 -3.97
C ALA A 67 9.22 -3.88 -2.99
N ASP A 68 8.59 -3.28 -1.99
CA ASP A 68 7.86 -4.03 -0.98
C ASP A 68 6.37 -4.07 -1.31
N PHE A 69 5.63 -4.91 -0.57
CA PHE A 69 4.19 -5.04 -0.79
C PHE A 69 3.42 -4.71 0.49
N LEU A 70 2.23 -4.15 0.32
CA LEU A 70 1.40 -3.78 1.46
C LEU A 70 -0.08 -4.05 1.16
N VAL A 71 -0.73 -4.77 2.06
CA VAL A 71 -2.15 -5.09 1.91
C VAL A 71 -2.96 -4.66 3.12
N PHE A 72 -4.11 -4.05 2.86
CA PHE A 72 -4.97 -3.57 3.93
C PHE A 72 -6.14 -4.54 4.15
N ARG A 73 -6.27 -5.04 5.38
CA ARG A 73 -7.34 -5.96 5.71
C ARG A 73 -8.41 -5.28 6.56
N ALA A 74 -9.57 -5.06 5.96
CA ALA A 74 -10.67 -4.41 6.65
C ALA A 74 -11.94 -5.28 6.60
N MET A 75 -12.90 -4.96 7.46
CA MET A 75 -14.16 -5.70 7.51
C MET A 75 -15.27 -4.94 6.79
N SER A 76 -15.09 -3.63 6.65
CA SER A 76 -16.08 -2.79 5.99
C SER A 76 -15.41 -1.77 5.07
N GLN A 77 -16.20 -1.13 4.22
CA GLN A 77 -15.68 -0.13 3.29
C GLN A 77 -16.82 0.60 2.58
N HIS A 78 -16.47 1.63 1.82
CA HIS A 78 -17.46 2.41 1.09
C HIS A 78 -16.91 2.86 -0.26
N GLY A 79 -17.65 2.55 -1.33
CA GLY A 79 -17.21 2.93 -2.66
C GLY A 79 -16.34 1.88 -3.31
N PHE A 80 -15.89 0.91 -2.51
CA PHE A 80 -15.05 -0.16 -3.02
C PHE A 80 -15.67 -0.82 -4.24
N LEU A 81 -16.98 -1.06 -4.17
CA LEU A 81 -17.70 -1.69 -5.27
C LEU A 81 -17.65 -0.82 -6.53
N GLY A 82 -17.76 0.49 -6.32
CA GLY A 82 -17.72 1.41 -7.44
C GLY A 82 -16.54 1.16 -8.37
N GLN A 83 -15.33 1.31 -7.83
CA GLN A 83 -14.12 1.09 -8.61
C GLN A 83 -13.99 -0.35 -9.05
N LEU A 84 -14.04 -1.26 -8.07
CA LEU A 84 -13.93 -2.69 -8.34
C LEU A 84 -14.86 -3.10 -9.49
N GLN A 85 -15.94 -2.33 -9.66
CA GLN A 85 -16.91 -2.61 -10.72
C GLN A 85 -16.60 -1.80 -11.97
N ASP A 86 -15.90 -0.68 -11.79
CA ASP A 86 -15.55 0.19 -12.90
C ASP A 86 -14.23 -0.25 -13.53
N LYS A 87 -13.13 0.00 -12.82
CA LYS A 87 -11.80 -0.37 -13.30
C LYS A 87 -11.05 -1.17 -12.26
N LYS A 88 -11.47 -1.05 -11.00
CA LYS A 88 -10.84 -1.77 -9.90
C LYS A 88 -9.46 -1.17 -9.60
N LEU A 89 -9.45 -0.02 -8.93
CA LEU A 89 -8.21 0.63 -8.57
C LEU A 89 -8.42 1.64 -7.43
N CYS A 90 -7.39 2.42 -7.14
CA CYS A 90 -7.47 3.42 -6.08
C CYS A 90 -6.52 4.58 -6.36
N ALA A 91 -6.31 5.42 -5.35
CA ALA A 91 -5.43 6.57 -5.48
C ALA A 91 -4.02 6.23 -4.99
N VAL A 92 -3.04 7.03 -5.43
CA VAL A 92 -1.65 6.82 -5.03
C VAL A 92 -1.23 7.83 -3.96
N ILE A 93 -0.47 7.35 -2.98
CA ILE A 93 0.01 8.19 -1.90
C ILE A 93 1.42 8.70 -2.18
N GLN A 94 1.56 10.01 -2.29
CA GLN A 94 2.86 10.62 -2.55
C GLN A 94 3.47 11.18 -1.27
N LEU A 95 4.48 10.48 -0.75
CA LEU A 95 5.14 10.90 0.48
C LEU A 95 6.48 11.56 0.17
N PRO A 96 6.85 12.57 0.97
CA PRO A 96 8.11 13.31 0.80
C PRO A 96 9.32 12.46 1.15
N SER A 97 9.07 11.28 1.71
CA SER A 97 10.15 10.37 2.10
C SER A 97 10.10 9.08 1.28
N GLN A 98 8.89 8.68 0.90
CA GLN A 98 8.70 7.46 0.11
C GLN A 98 7.52 7.60 -0.84
N THR A 99 7.22 6.53 -1.55
CA THR A 99 6.10 6.53 -2.50
C THR A 99 5.25 5.28 -2.34
N LEU A 100 4.01 5.47 -1.90
CA LEU A 100 3.08 4.35 -1.70
C LEU A 100 1.92 4.43 -2.69
N LEU A 101 1.56 3.27 -3.26
CA LEU A 101 0.46 3.21 -4.22
C LEU A 101 -0.71 2.42 -3.65
N LEU A 102 -1.92 2.95 -3.84
CA LEU A 102 -3.12 2.29 -3.35
C LEU A 102 -4.07 1.97 -4.50
N SER A 103 -4.40 0.69 -4.66
CA SER A 103 -5.30 0.26 -5.72
C SER A 103 -6.19 -0.88 -5.24
N VAL A 104 -7.51 -0.63 -5.28
CA VAL A 104 -8.48 -1.63 -4.84
C VAL A 104 -9.07 -2.38 -6.03
N SER A 105 -8.88 -3.69 -6.05
CA SER A 105 -9.38 -4.53 -7.14
C SER A 105 -9.64 -5.95 -6.66
N ASP A 106 -10.77 -6.52 -7.08
CA ASP A 106 -11.13 -7.88 -6.69
C ASP A 106 -11.02 -8.06 -5.18
N LYS A 107 -11.24 -6.98 -4.44
CA LYS A 107 -11.17 -7.02 -2.99
C LYS A 107 -12.08 -5.95 -2.37
N ALA A 108 -13.21 -6.39 -1.83
CA ALA A 108 -14.16 -5.47 -1.21
C ALA A 108 -13.80 -5.21 0.24
N CYS A 109 -13.28 -6.24 0.92
CA CYS A 109 -12.89 -6.13 2.32
C CYS A 109 -11.38 -6.01 2.46
N ARG A 110 -10.71 -5.79 1.33
CA ARG A 110 -9.25 -5.67 1.32
C ARG A 110 -8.80 -4.65 0.28
N LEU A 111 -7.56 -4.18 0.42
CA LEU A 111 -7.02 -3.19 -0.51
C LEU A 111 -5.57 -3.54 -0.87
N ILE A 112 -5.22 -3.28 -2.13
CA ILE A 112 -3.87 -3.56 -2.60
C ILE A 112 -2.99 -2.32 -2.53
N GLY A 113 -1.79 -2.48 -1.97
CA GLY A 113 -0.87 -1.37 -1.85
C GLY A 113 0.55 -1.76 -2.18
N MET A 114 1.33 -0.78 -2.64
CA MET A 114 2.73 -1.03 -3.01
C MET A 114 3.66 -0.05 -2.30
N LEU A 115 4.78 -0.56 -1.80
CA LEU A 115 5.76 0.28 -1.11
C LEU A 115 6.97 0.54 -1.98
N PHE A 116 7.16 1.80 -2.38
CA PHE A 116 8.29 2.18 -3.21
C PHE A 116 9.20 3.17 -2.48
N PRO A 117 10.49 3.13 -2.81
CA PRO A 117 11.50 4.02 -2.20
C PRO A 117 11.32 5.46 -2.64
N GLY A 118 11.79 6.38 -1.80
CA GLY A 118 11.68 7.80 -2.12
C GLY A 118 12.78 8.26 -3.06
N ASP A 119 12.92 7.58 -4.18
CA ASP A 119 13.94 7.94 -5.17
C ASP A 119 15.33 7.95 -4.53
N MET A 120 15.61 6.94 -3.71
CA MET A 120 16.90 6.83 -3.04
C MET A 120 17.34 5.39 -2.92
N VAL A 121 16.86 4.55 -3.84
CA VAL A 121 17.20 3.13 -3.84
C VAL A 121 18.68 2.93 -4.19
N VAL A 122 19.29 1.92 -3.56
CA VAL A 122 20.69 1.62 -3.80
C VAL A 122 20.84 0.52 -4.86
N PHE A 123 19.89 0.47 -5.78
CA PHE A 123 19.92 -0.53 -6.85
C PHE A 123 21.28 -0.54 -7.54
N LYS A 124 21.82 -1.74 -7.75
CA LYS A 124 23.12 -1.90 -8.41
C LYS A 124 23.52 -3.37 -8.46
N PRO A 125 23.63 -4.00 -7.28
CA PRO A 125 24.01 -5.41 -7.16
C PRO A 125 22.92 -6.34 -7.69
N GLN A 126 23.10 -7.64 -7.44
CA GLN A 126 22.13 -8.63 -7.88
C GLN A 126 21.13 -8.94 -6.77
N ILE A 127 20.27 -9.92 -7.01
CA ILE A 127 19.26 -10.32 -6.04
C ILE A 127 18.33 -9.15 -5.72
N PRO A 128 17.07 -9.47 -5.38
CA PRO A 128 16.06 -8.46 -5.03
C PRO A 128 16.35 -7.78 -3.70
N ASN A 129 16.82 -6.54 -3.77
CA ASN A 129 17.13 -5.77 -2.57
C ASN A 129 15.99 -5.83 -1.56
N GLN A 130 16.23 -6.47 -0.43
CA GLN A 130 15.22 -6.61 0.61
C GLN A 130 15.48 -5.62 1.75
N SER A 1 14.71 -8.95 8.98
CA SER A 1 13.98 -10.17 9.29
C SER A 1 13.73 -10.98 8.02
N GLN A 2 13.36 -12.26 8.21
CA GLN A 2 13.09 -13.14 7.09
C GLN A 2 11.71 -13.77 7.21
N SER A 3 10.91 -13.65 6.15
CA SER A 3 9.57 -14.20 6.13
C SER A 3 8.94 -14.09 4.75
N LYS A 4 7.67 -14.47 4.65
CA LYS A 4 6.95 -14.40 3.38
C LYS A 4 5.80 -13.41 3.45
N TYR A 5 5.30 -13.19 4.66
CA TYR A 5 4.18 -12.27 4.87
C TYR A 5 4.26 -11.63 6.25
N VAL A 6 3.79 -10.39 6.34
CA VAL A 6 3.80 -9.66 7.61
C VAL A 6 2.49 -8.94 7.84
N LYS A 7 1.70 -9.43 8.77
CA LYS A 7 0.40 -8.83 9.09
C LYS A 7 0.55 -7.80 10.21
N VAL A 8 -0.32 -6.80 10.20
CA VAL A 8 -0.30 -5.74 11.21
C VAL A 8 -1.71 -5.32 11.60
N TRP A 9 -1.89 -4.96 12.86
CA TRP A 9 -3.19 -4.54 13.36
C TRP A 9 -3.07 -3.25 14.16
N GLU A 10 -3.93 -2.28 13.86
CA GLU A 10 -3.92 -1.01 14.56
C GLU A 10 -5.18 -0.20 14.24
N GLY A 11 -5.34 0.93 14.92
CA GLY A 11 -6.50 1.77 14.70
C GLY A 11 -6.18 3.25 14.83
N ASN A 12 -6.70 4.05 13.90
CA ASN A 12 -6.47 5.48 13.92
C ASN A 12 -7.25 6.19 12.82
N LEU A 13 -7.10 7.50 12.73
CA LEU A 13 -7.80 8.28 11.71
C LEU A 13 -6.81 9.03 10.83
N SER A 14 -6.36 8.39 9.76
CA SER A 14 -5.41 9.01 8.84
C SER A 14 -5.41 8.29 7.49
N GLY A 15 -5.85 9.01 6.45
CA GLY A 15 -5.89 8.42 5.13
C GLY A 15 -6.83 9.17 4.20
N GLN A 16 -6.31 10.21 3.56
CA GLN A 16 -7.11 11.01 2.64
C GLN A 16 -6.25 11.56 1.50
N ARG A 17 -6.86 12.40 0.67
CA ARG A 17 -6.14 13.00 -0.46
C ARG A 17 -5.60 14.37 -0.09
N GLN A 18 -4.40 14.68 -0.57
CA GLN A 18 -3.77 15.97 -0.28
C GLN A 18 -3.11 15.96 1.09
N GLY A 19 -2.91 14.76 1.65
CA GLY A 19 -2.30 14.64 2.95
C GLY A 19 -3.27 14.86 4.08
N GLN A 20 -4.53 14.49 3.86
CA GLN A 20 -5.57 14.65 4.86
C GLN A 20 -5.81 13.35 5.62
N PRO A 21 -6.37 13.45 6.83
CA PRO A 21 -6.66 12.31 7.68
C PRO A 21 -7.79 11.45 7.13
N VAL A 22 -8.28 10.51 7.94
CA VAL A 22 -9.36 9.64 7.53
C VAL A 22 -10.20 9.20 8.73
N LEU A 23 -11.39 8.68 8.46
CA LEU A 23 -12.29 8.23 9.51
C LEU A 23 -11.57 7.30 10.48
N ILE A 24 -11.77 7.52 11.77
CA ILE A 24 -11.14 6.69 12.80
C ILE A 24 -11.69 5.27 12.78
N THR A 25 -10.80 4.29 12.80
CA THR A 25 -11.19 2.89 12.79
C THR A 25 -10.01 1.98 13.02
N ARG A 26 -10.27 0.77 13.52
CA ARG A 26 -9.21 -0.21 13.78
C ARG A 26 -9.34 -1.41 12.85
N LEU A 27 -8.32 -1.63 12.03
CA LEU A 27 -8.31 -2.74 11.09
C LEU A 27 -6.91 -3.35 10.97
N GLU A 28 -6.81 -4.44 10.23
CA GLU A 28 -5.53 -5.11 10.02
C GLU A 28 -5.10 -5.03 8.56
N GLY A 29 -3.90 -5.52 8.28
CA GLY A 29 -3.39 -5.50 6.92
C GLY A 29 -2.26 -6.49 6.71
N TYR A 30 -2.22 -7.09 5.53
CA TYR A 30 -1.19 -8.07 5.20
C TYR A 30 -0.28 -7.56 4.09
N ARG A 31 1.00 -7.38 4.39
CA ARG A 31 1.97 -6.90 3.41
C ARG A 31 3.03 -7.95 3.12
N SER A 32 3.37 -8.10 1.85
CA SER A 32 4.38 -9.08 1.44
C SER A 32 5.68 -8.87 2.19
N ALA A 33 6.22 -9.94 2.77
CA ALA A 33 7.47 -9.87 3.51
C ALA A 33 8.51 -9.02 2.77
N SER A 34 8.29 -8.85 1.46
CA SER A 34 9.22 -8.07 0.65
C SER A 34 9.32 -6.64 1.17
N ALA A 35 8.44 -6.29 2.10
CA ALA A 35 8.44 -4.95 2.68
C ALA A 35 8.92 -4.98 4.12
N SER A 36 9.09 -3.81 4.71
CA SER A 36 9.56 -3.70 6.09
C SER A 36 8.39 -3.82 7.07
N ASP A 37 8.54 -4.72 8.04
CA ASP A 37 7.50 -4.93 9.04
C ASP A 37 7.32 -3.69 9.91
N SER A 38 8.43 -3.12 10.36
CA SER A 38 8.38 -1.92 11.20
C SER A 38 7.55 -0.82 10.55
N LEU A 39 7.34 -0.95 9.24
CA LEU A 39 6.55 0.04 8.50
C LEU A 39 5.20 0.28 9.17
N ALA A 40 4.38 -0.77 9.23
CA ALA A 40 3.07 -0.66 9.84
C ALA A 40 3.00 -1.52 11.11
N ALA A 41 4.14 -2.04 11.53
CA ALA A 41 4.20 -2.87 12.73
C ALA A 41 3.65 -2.12 13.94
N ASN A 42 4.13 -0.90 14.14
CA ASN A 42 3.68 -0.09 15.27
C ASN A 42 3.08 1.23 14.78
N TRP A 43 3.02 1.40 13.47
CA TRP A 43 2.48 2.61 12.88
C TRP A 43 0.99 2.45 12.60
N PRO A 44 0.20 3.46 13.01
CA PRO A 44 -1.25 3.46 12.81
C PRO A 44 -1.64 3.63 11.34
N PRO A 45 -2.94 3.47 11.06
CA PRO A 45 -3.47 3.61 9.69
C PRO A 45 -3.41 5.04 9.18
N THR A 46 -2.30 5.39 8.55
CA THR A 46 -2.13 6.74 8.01
C THR A 46 -1.57 6.69 6.60
N MET A 47 -2.35 7.19 5.64
CA MET A 47 -1.94 7.21 4.24
C MET A 47 -2.26 8.55 3.60
N GLN A 48 -1.44 8.95 2.63
CA GLN A 48 -1.64 10.22 1.92
C GLN A 48 -1.58 10.02 0.41
N ILE A 49 -2.74 10.00 -0.22
CA ILE A 49 -2.82 9.84 -1.67
C ILE A 49 -2.89 11.18 -2.39
N VAL A 50 -2.09 11.32 -3.44
CA VAL A 50 -2.06 12.55 -4.22
C VAL A 50 -2.20 12.27 -5.71
N ARG A 51 -2.27 10.99 -6.06
CA ARG A 51 -2.40 10.59 -7.45
C ARG A 51 -3.41 9.45 -7.60
N LEU A 52 -3.59 8.98 -8.82
CA LEU A 52 -4.53 7.90 -9.09
C LEU A 52 -3.85 6.77 -9.87
N ILE A 53 -4.08 5.54 -9.43
CA ILE A 53 -3.49 4.38 -10.10
C ILE A 53 -4.55 3.32 -10.40
N SER A 54 -4.56 2.83 -11.64
CA SER A 54 -5.52 1.82 -12.06
C SER A 54 -4.99 0.41 -11.78
N GLN A 55 -5.90 -0.55 -11.73
CA GLN A 55 -5.52 -1.94 -11.46
C GLN A 55 -4.91 -2.58 -12.70
N ASP A 56 -5.25 -2.03 -13.87
CA ASP A 56 -4.72 -2.55 -15.13
C ASP A 56 -3.20 -2.46 -15.16
N HIS A 57 -2.66 -1.51 -14.43
CA HIS A 57 -1.20 -1.31 -14.38
C HIS A 57 -0.58 -2.21 -13.32
N MET A 58 -1.40 -2.66 -12.36
CA MET A 58 -0.91 -3.53 -11.29
C MET A 58 -1.00 -4.99 -11.71
N ASN A 59 -1.41 -5.23 -12.94
CA ASN A 59 -1.52 -6.59 -13.47
C ASN A 59 -0.15 -7.17 -13.79
N ASN A 60 0.88 -6.35 -13.67
CA ASN A 60 2.24 -6.77 -13.95
C ASN A 60 2.86 -7.47 -12.73
N LYS A 61 2.93 -8.79 -12.79
CA LYS A 61 3.50 -9.57 -11.70
C LYS A 61 5.02 -9.67 -11.83
N GLN A 62 5.55 -9.19 -12.95
CA GLN A 62 6.98 -9.23 -13.19
C GLN A 62 7.69 -8.12 -12.43
N TYR A 63 6.92 -7.30 -11.73
CA TYR A 63 7.47 -6.20 -10.94
C TYR A 63 7.20 -6.38 -9.46
N VAL A 64 6.37 -7.38 -9.14
CA VAL A 64 6.01 -7.66 -7.76
C VAL A 64 7.08 -8.52 -7.08
N GLY A 65 8.03 -9.00 -7.87
CA GLY A 65 9.09 -9.83 -7.34
C GLY A 65 10.32 -9.02 -6.95
N LYS A 66 10.36 -7.76 -7.40
CA LYS A 66 11.49 -6.89 -7.11
C LYS A 66 11.08 -5.78 -6.14
N ALA A 67 9.77 -5.68 -5.89
CA ALA A 67 9.26 -4.66 -4.98
C ALA A 67 8.48 -5.30 -3.83
N ASP A 68 8.07 -4.47 -2.88
CA ASP A 68 7.32 -4.95 -1.73
C ASP A 68 5.82 -4.88 -1.98
N PHE A 69 5.05 -5.63 -1.20
CA PHE A 69 3.60 -5.65 -1.34
C PHE A 69 2.92 -5.26 -0.04
N LEU A 70 1.77 -4.59 -0.15
CA LEU A 70 1.02 -4.16 1.03
C LEU A 70 -0.48 -4.28 0.78
N VAL A 71 -1.16 -5.04 1.63
CA VAL A 71 -2.60 -5.23 1.51
C VAL A 71 -3.33 -4.77 2.77
N PHE A 72 -4.46 -4.11 2.57
CA PHE A 72 -5.26 -3.60 3.70
C PHE A 72 -6.45 -4.51 3.96
N ARG A 73 -6.57 -4.99 5.19
CA ARG A 73 -7.66 -5.87 5.56
C ARG A 73 -8.67 -5.13 6.46
N ALA A 74 -9.83 -4.83 5.89
CA ALA A 74 -10.88 -4.13 6.64
C ALA A 74 -12.17 -4.94 6.66
N MET A 75 -13.07 -4.58 7.57
CA MET A 75 -14.35 -5.27 7.70
C MET A 75 -15.48 -4.45 7.07
N SER A 76 -15.33 -3.13 7.12
CA SER A 76 -16.34 -2.23 6.57
C SER A 76 -15.85 -1.60 5.27
N GLN A 77 -16.73 -0.84 4.63
CA GLN A 77 -16.38 -0.18 3.37
C GLN A 77 -17.52 0.73 2.91
N HIS A 78 -17.16 1.85 2.30
CA HIS A 78 -18.15 2.81 1.81
C HIS A 78 -17.90 3.15 0.34
N GLY A 79 -18.95 3.08 -0.47
CA GLY A 79 -18.82 3.38 -1.88
C GLY A 79 -17.74 2.55 -2.56
N PHE A 80 -17.42 1.41 -1.96
CA PHE A 80 -16.40 0.52 -2.51
C PHE A 80 -16.86 -0.09 -3.83
N LEU A 81 -18.07 -0.64 -3.83
CA LEU A 81 -18.63 -1.25 -5.03
C LEU A 81 -18.52 -0.32 -6.23
N GLY A 82 -18.55 0.98 -5.96
CA GLY A 82 -18.45 1.96 -7.03
C GLY A 82 -17.28 1.70 -7.95
N GLN A 83 -16.08 1.76 -7.39
CA GLN A 83 -14.86 1.53 -8.18
C GLN A 83 -14.74 0.06 -8.57
N LEU A 84 -14.86 -0.83 -7.58
CA LEU A 84 -14.76 -2.26 -7.82
C LEU A 84 -15.64 -2.68 -9.00
N GLN A 85 -16.73 -1.95 -9.21
CA GLN A 85 -17.64 -2.24 -10.31
C GLN A 85 -17.36 -1.35 -11.51
N ASP A 86 -16.70 -0.21 -11.26
CA ASP A 86 -16.37 0.72 -12.33
C ASP A 86 -15.10 0.29 -13.05
N LYS A 87 -13.96 0.48 -12.40
CA LYS A 87 -12.68 0.11 -12.98
C LYS A 87 -11.85 -0.72 -12.01
N LYS A 88 -12.18 -0.60 -10.73
CA LYS A 88 -11.48 -1.35 -9.68
C LYS A 88 -10.05 -0.82 -9.51
N LEU A 89 -9.94 0.31 -8.83
CA LEU A 89 -8.64 0.93 -8.59
C LEU A 89 -8.69 1.89 -7.40
N CYS A 90 -7.61 2.62 -7.17
CA CYS A 90 -7.54 3.57 -6.08
C CYS A 90 -6.54 4.69 -6.38
N ALA A 91 -6.19 5.46 -5.36
CA ALA A 91 -5.25 6.56 -5.52
C ALA A 91 -3.83 6.10 -5.17
N VAL A 92 -2.84 6.85 -5.64
CA VAL A 92 -1.44 6.53 -5.38
C VAL A 92 -0.87 7.41 -4.27
N ILE A 93 -0.08 6.80 -3.39
CA ILE A 93 0.53 7.53 -2.28
C ILE A 93 1.93 8.00 -2.65
N GLN A 94 2.08 9.30 -2.86
CA GLN A 94 3.38 9.87 -3.21
C GLN A 94 4.17 10.24 -1.96
N LEU A 95 5.33 9.62 -1.80
CA LEU A 95 6.18 9.88 -0.63
C LEU A 95 7.59 10.29 -1.07
N PRO A 96 8.17 11.25 -0.35
CA PRO A 96 9.52 11.76 -0.64
C PRO A 96 10.59 10.72 -0.33
N SER A 97 10.19 9.63 0.32
CA SER A 97 11.13 8.57 0.68
C SER A 97 10.87 7.31 -0.14
N GLN A 98 9.61 7.09 -0.50
CA GLN A 98 9.23 5.92 -1.29
C GLN A 98 7.98 6.21 -2.11
N THR A 99 7.53 5.21 -2.86
CA THR A 99 6.34 5.35 -3.70
C THR A 99 5.39 4.17 -3.52
N LEU A 100 4.22 4.45 -2.96
CA LEU A 100 3.22 3.41 -2.73
C LEU A 100 1.99 3.63 -3.61
N LEU A 101 1.55 2.57 -4.27
CA LEU A 101 0.37 2.65 -5.14
C LEU A 101 -0.81 1.90 -4.53
N LEU A 102 -1.93 2.60 -4.37
CA LEU A 102 -3.13 2.02 -3.80
C LEU A 102 -4.18 1.79 -4.88
N SER A 103 -4.63 0.54 -5.02
CA SER A 103 -5.63 0.19 -6.02
C SER A 103 -6.57 -0.89 -5.48
N VAL A 104 -7.86 -0.58 -5.46
CA VAL A 104 -8.87 -1.53 -4.98
C VAL A 104 -9.47 -2.31 -6.13
N SER A 105 -9.43 -3.64 -6.03
CA SER A 105 -9.98 -4.51 -7.05
C SER A 105 -10.12 -5.94 -6.54
N ASP A 106 -11.26 -6.56 -6.84
CA ASP A 106 -11.53 -7.92 -6.42
C ASP A 106 -11.42 -8.04 -4.90
N LYS A 107 -11.55 -6.91 -4.21
CA LYS A 107 -11.47 -6.90 -2.75
C LYS A 107 -12.39 -5.84 -2.17
N ALA A 108 -13.63 -6.24 -1.86
CA ALA A 108 -14.61 -5.34 -1.29
C ALA A 108 -14.24 -4.96 0.14
N CYS A 109 -13.74 -5.93 0.89
CA CYS A 109 -13.35 -5.69 2.28
C CYS A 109 -11.83 -5.64 2.42
N ARG A 110 -11.14 -5.53 1.28
CA ARG A 110 -9.69 -5.47 1.27
C ARG A 110 -9.20 -4.48 0.23
N LEU A 111 -7.91 -4.14 0.30
CA LEU A 111 -7.31 -3.19 -0.64
C LEU A 111 -5.95 -3.69 -1.10
N ILE A 112 -5.64 -3.44 -2.37
CA ILE A 112 -4.37 -3.85 -2.95
C ILE A 112 -3.39 -2.69 -3.03
N GLY A 113 -2.23 -2.83 -2.40
CA GLY A 113 -1.23 -1.79 -2.42
C GLY A 113 0.13 -2.29 -2.83
N MET A 114 0.89 -1.44 -3.53
CA MET A 114 2.22 -1.82 -3.99
C MET A 114 3.27 -0.84 -3.45
N LEU A 115 4.35 -1.39 -2.92
CA LEU A 115 5.43 -0.57 -2.38
C LEU A 115 6.64 -0.56 -3.31
N PHE A 116 6.94 0.61 -3.86
CA PHE A 116 8.08 0.75 -4.77
C PHE A 116 9.12 1.69 -4.19
N PRO A 117 10.38 1.54 -4.64
CA PRO A 117 11.50 2.38 -4.19
C PRO A 117 11.39 3.81 -4.69
N GLY A 118 11.55 4.76 -3.77
CA GLY A 118 11.48 6.16 -4.15
C GLY A 118 12.79 6.90 -3.96
N ASP A 119 13.63 6.36 -3.08
CA ASP A 119 14.93 6.96 -2.80
C ASP A 119 16.06 5.96 -3.03
N MET A 120 15.87 5.07 -3.99
CA MET A 120 16.87 4.06 -4.32
C MET A 120 18.18 4.71 -4.73
N VAL A 121 19.27 3.95 -4.65
CA VAL A 121 20.59 4.45 -5.01
C VAL A 121 20.93 4.08 -6.46
N VAL A 122 21.74 4.91 -7.10
CA VAL A 122 22.14 4.67 -8.48
C VAL A 122 22.96 3.40 -8.59
N PHE A 123 23.84 3.17 -7.62
CA PHE A 123 24.69 1.98 -7.61
C PHE A 123 24.05 0.86 -6.80
N LYS A 124 24.24 -0.37 -7.25
CA LYS A 124 23.68 -1.54 -6.57
C LYS A 124 24.78 -2.50 -6.16
N PRO A 125 25.65 -2.05 -5.24
CA PRO A 125 26.77 -2.87 -4.74
C PRO A 125 26.29 -4.02 -3.87
N GLN A 126 27.24 -4.70 -3.22
CA GLN A 126 26.91 -5.82 -2.35
C GLN A 126 26.73 -5.35 -0.91
N ILE A 127 25.63 -4.64 -0.66
CA ILE A 127 25.33 -4.14 0.68
C ILE A 127 23.91 -3.60 0.75
N PRO A 128 23.37 -3.50 1.98
CA PRO A 128 22.02 -2.99 2.21
C PRO A 128 21.91 -1.50 1.94
N ASN A 129 21.84 -1.14 0.66
CA ASN A 129 21.72 0.26 0.28
C ASN A 129 20.50 0.47 -0.62
N GLN A 130 19.84 1.61 -0.44
CA GLN A 130 18.66 1.94 -1.23
C GLN A 130 18.50 3.45 -1.37
N SER A 1 16.48 -7.52 9.42
CA SER A 1 15.97 -8.89 9.57
C SER A 1 15.78 -9.55 8.21
N GLN A 2 15.35 -10.81 8.23
CA GLN A 2 15.13 -11.56 7.00
C GLN A 2 13.76 -12.22 7.00
N SER A 3 12.94 -11.89 6.01
CA SER A 3 11.60 -12.46 5.90
C SER A 3 11.04 -12.27 4.49
N LYS A 4 9.80 -12.71 4.29
CA LYS A 4 9.16 -12.59 2.99
C LYS A 4 7.93 -11.69 3.08
N TYR A 5 7.33 -11.62 4.27
CA TYR A 5 6.14 -10.80 4.48
C TYR A 5 6.13 -10.24 5.89
N VAL A 6 5.46 -9.09 6.05
CA VAL A 6 5.36 -8.45 7.36
C VAL A 6 4.00 -7.79 7.54
N LYS A 7 3.17 -8.39 8.39
CA LYS A 7 1.84 -7.87 8.66
C LYS A 7 1.86 -6.91 9.86
N VAL A 8 1.07 -5.84 9.77
CA VAL A 8 1.00 -4.86 10.85
C VAL A 8 -0.45 -4.52 11.18
N TRP A 9 -0.71 -4.28 12.45
CA TRP A 9 -2.06 -3.94 12.92
C TRP A 9 -2.04 -2.70 13.80
N GLU A 10 -2.96 -1.79 13.55
CA GLU A 10 -3.05 -0.56 14.33
C GLU A 10 -4.36 0.18 14.05
N GLY A 11 -4.61 1.24 14.81
CA GLY A 11 -5.83 2.01 14.63
C GLY A 11 -5.61 3.49 14.86
N ASN A 12 -6.20 4.31 13.99
CA ASN A 12 -6.07 5.76 14.10
C ASN A 12 -6.93 6.46 13.05
N LEU A 13 -6.80 7.79 12.99
CA LEU A 13 -7.57 8.59 12.03
C LEU A 13 -6.63 9.34 11.09
N SER A 14 -6.25 8.70 9.99
CA SER A 14 -5.36 9.31 9.03
C SER A 14 -5.43 8.58 7.68
N GLY A 15 -5.96 9.26 6.68
CA GLY A 15 -6.07 8.65 5.36
C GLY A 15 -7.07 9.37 4.47
N GLN A 16 -6.62 10.42 3.80
CA GLN A 16 -7.48 11.20 2.91
C GLN A 16 -6.68 11.77 1.75
N ARG A 17 -7.34 12.61 0.96
CA ARG A 17 -6.70 13.23 -0.20
C ARG A 17 -6.15 14.62 0.15
N GLN A 18 -5.01 14.96 -0.43
CA GLN A 18 -4.39 16.26 -0.18
C GLN A 18 -3.65 16.25 1.16
N GLY A 19 -3.44 15.06 1.72
CA GLY A 19 -2.76 14.94 2.99
C GLY A 19 -3.70 15.13 4.17
N GLN A 20 -4.96 14.74 4.00
CA GLN A 20 -5.94 14.87 5.06
C GLN A 20 -6.11 13.56 5.82
N PRO A 21 -6.60 13.66 7.06
CA PRO A 21 -6.81 12.49 7.92
C PRO A 21 -7.96 11.60 7.43
N VAL A 22 -8.37 10.65 8.26
CA VAL A 22 -9.45 9.74 7.91
C VAL A 22 -10.23 9.32 9.15
N LEU A 23 -11.44 8.81 8.93
CA LEU A 23 -12.29 8.37 10.03
C LEU A 23 -11.53 7.45 10.97
N ILE A 24 -11.89 7.48 12.25
CA ILE A 24 -11.24 6.64 13.25
C ILE A 24 -11.58 5.17 13.03
N THR A 25 -10.54 4.35 12.85
CA THR A 25 -10.72 2.92 12.63
C THR A 25 -9.41 2.18 12.81
N ARG A 26 -9.52 0.88 13.13
CA ARG A 26 -8.33 0.06 13.33
C ARG A 26 -8.36 -1.15 12.39
N LEU A 27 -7.33 -1.25 11.54
CA LEU A 27 -7.23 -2.36 10.59
C LEU A 27 -5.80 -2.86 10.50
N GLU A 28 -5.61 -3.95 9.75
CA GLU A 28 -4.29 -4.53 9.58
C GLU A 28 -3.83 -4.43 8.13
N GLY A 29 -2.60 -4.87 7.87
CA GLY A 29 -2.07 -4.82 6.52
C GLY A 29 -0.82 -5.66 6.35
N TYR A 30 -0.73 -6.39 5.25
CA TYR A 30 0.43 -7.23 4.99
C TYR A 30 1.27 -6.67 3.85
N ARG A 31 2.53 -6.33 4.16
CA ARG A 31 3.43 -5.77 3.17
C ARG A 31 4.61 -6.71 2.92
N SER A 32 4.93 -6.92 1.64
CA SER A 32 6.03 -7.81 1.27
C SER A 32 7.31 -7.39 1.97
N ALA A 33 8.01 -8.36 2.54
CA ALA A 33 9.26 -8.11 3.24
C ALA A 33 10.14 -7.14 2.46
N SER A 34 9.87 -7.03 1.16
CA SER A 34 10.64 -6.14 0.29
C SER A 34 10.58 -4.70 0.79
N ALA A 35 9.68 -4.45 1.74
CA ALA A 35 9.52 -3.11 2.31
C ALA A 35 10.05 -3.05 3.74
N SER A 36 10.08 -1.86 4.30
CA SER A 36 10.57 -1.67 5.66
C SER A 36 9.48 -2.00 6.69
N ASP A 37 9.81 -2.86 7.64
CA ASP A 37 8.86 -3.25 8.68
C ASP A 37 8.54 -2.07 9.59
N SER A 38 9.58 -1.39 10.06
CA SER A 38 9.40 -0.24 10.95
C SER A 38 8.45 0.77 10.33
N LEU A 39 8.25 0.67 9.03
CA LEU A 39 7.35 1.58 8.32
C LEU A 39 5.97 1.62 8.96
N ALA A 40 5.29 0.48 8.94
CA ALA A 40 3.96 0.38 9.53
C ALA A 40 3.96 -0.56 10.73
N ALA A 41 5.16 -0.90 11.20
CA ALA A 41 5.30 -1.81 12.35
C ALA A 41 4.65 -1.21 13.59
N ASN A 42 4.98 0.04 13.89
CA ASN A 42 4.42 0.73 15.05
C ASN A 42 3.72 2.01 14.64
N TRP A 43 3.60 2.23 13.34
CA TRP A 43 2.96 3.43 12.81
C TRP A 43 1.48 3.18 12.57
N PRO A 44 0.63 4.14 12.99
CA PRO A 44 -0.82 4.05 12.82
C PRO A 44 -1.25 4.17 11.37
N PRO A 45 -2.55 3.94 11.11
CA PRO A 45 -3.11 4.03 9.76
C PRO A 45 -3.16 5.46 9.25
N THR A 46 -2.10 5.87 8.55
CA THR A 46 -2.03 7.21 8.00
C THR A 46 -1.55 7.19 6.55
N MET A 47 -2.41 7.64 5.65
CA MET A 47 -2.07 7.67 4.22
C MET A 47 -2.54 8.98 3.58
N GLN A 48 -1.80 9.42 2.57
CA GLN A 48 -2.15 10.66 1.87
C GLN A 48 -2.11 10.46 0.35
N ILE A 49 -3.28 10.26 -0.24
CA ILE A 49 -3.39 10.05 -1.68
C ILE A 49 -3.68 11.37 -2.40
N VAL A 50 -2.90 11.65 -3.43
CA VAL A 50 -3.09 12.88 -4.21
C VAL A 50 -3.19 12.57 -5.69
N ARG A 51 -3.05 11.30 -6.05
CA ARG A 51 -3.12 10.88 -7.43
C ARG A 51 -4.03 9.66 -7.59
N LEU A 52 -4.22 9.22 -8.83
CA LEU A 52 -5.06 8.07 -9.11
C LEU A 52 -4.33 7.06 -9.98
N ILE A 53 -4.41 5.78 -9.61
CA ILE A 53 -3.76 4.72 -10.37
C ILE A 53 -4.76 3.65 -10.78
N SER A 54 -4.76 3.31 -12.06
CA SER A 54 -5.67 2.30 -12.59
C SER A 54 -5.03 0.92 -12.55
N GLN A 55 -5.84 -0.12 -12.72
CA GLN A 55 -5.34 -1.49 -12.70
C GLN A 55 -4.33 -1.73 -13.81
N ASP A 56 -4.37 -0.87 -14.83
CA ASP A 56 -3.45 -0.98 -15.95
C ASP A 56 -2.03 -0.60 -15.55
N HIS A 57 -1.93 0.38 -14.65
CA HIS A 57 -0.63 0.84 -14.17
C HIS A 57 0.00 -0.19 -13.24
N MET A 58 -0.83 -0.88 -12.47
CA MET A 58 -0.35 -1.90 -11.54
C MET A 58 -0.32 -3.27 -12.20
N ASN A 59 -0.67 -3.31 -13.48
CA ASN A 59 -0.68 -4.56 -14.23
C ASN A 59 0.74 -4.98 -14.61
N ASN A 60 1.66 -4.02 -14.57
CA ASN A 60 3.06 -4.28 -14.91
C ASN A 60 3.86 -4.64 -13.67
N LYS A 61 4.14 -5.93 -13.50
CA LYS A 61 4.90 -6.41 -12.35
C LYS A 61 6.40 -6.35 -12.64
N GLN A 62 6.75 -6.03 -13.88
CA GLN A 62 8.16 -5.92 -14.27
C GLN A 62 8.87 -4.84 -13.48
N TYR A 63 8.09 -3.96 -12.87
CA TYR A 63 8.65 -2.86 -12.08
C TYR A 63 8.45 -3.11 -10.59
N VAL A 64 7.45 -3.91 -10.25
CA VAL A 64 7.16 -4.23 -8.86
C VAL A 64 8.05 -5.36 -8.35
N GLY A 65 8.80 -5.98 -9.27
CA GLY A 65 9.67 -7.07 -8.91
C GLY A 65 10.84 -6.62 -8.04
N LYS A 66 11.22 -5.35 -8.19
CA LYS A 66 12.33 -4.79 -7.42
C LYS A 66 11.81 -3.90 -6.31
N ALA A 67 10.53 -3.52 -6.39
CA ALA A 67 9.91 -2.65 -5.39
C ALA A 67 9.29 -3.49 -4.27
N ASP A 68 8.80 -2.81 -3.24
CA ASP A 68 8.17 -3.48 -2.11
C ASP A 68 6.67 -3.66 -2.35
N PHE A 69 6.03 -4.44 -1.50
CA PHE A 69 4.59 -4.70 -1.62
C PHE A 69 3.87 -4.31 -0.33
N LEU A 70 2.65 -3.80 -0.49
CA LEU A 70 1.84 -3.39 0.66
C LEU A 70 0.38 -3.73 0.45
N VAL A 71 -0.18 -4.52 1.37
CA VAL A 71 -1.58 -4.92 1.28
C VAL A 71 -2.36 -4.43 2.49
N PHE A 72 -3.56 -3.91 2.24
CA PHE A 72 -4.41 -3.40 3.31
C PHE A 72 -5.51 -4.40 3.64
N ARG A 73 -5.59 -4.78 4.92
CA ARG A 73 -6.60 -5.73 5.36
C ARG A 73 -7.66 -5.04 6.22
N ALA A 74 -8.87 -4.92 5.67
CA ALA A 74 -9.96 -4.27 6.38
C ALA A 74 -11.12 -5.25 6.61
N MET A 75 -11.47 -5.45 7.87
CA MET A 75 -12.56 -6.35 8.22
C MET A 75 -13.89 -5.62 8.27
N SER A 76 -13.87 -4.34 7.91
CA SER A 76 -15.07 -3.52 7.91
C SER A 76 -15.62 -3.35 6.49
N GLN A 77 -16.84 -2.81 6.39
CA GLN A 77 -17.47 -2.62 5.10
C GLN A 77 -17.07 -1.27 4.50
N HIS A 78 -16.81 -1.26 3.20
CA HIS A 78 -16.42 -0.04 2.50
C HIS A 78 -16.90 -0.05 1.06
N GLY A 79 -16.93 1.13 0.43
CA GLY A 79 -17.37 1.21 -0.94
C GLY A 79 -16.31 0.77 -1.93
N PHE A 80 -15.74 -0.40 -1.69
CA PHE A 80 -14.69 -0.94 -2.56
C PHE A 80 -15.31 -1.66 -3.75
N LEU A 81 -16.46 -2.28 -3.52
CA LEU A 81 -17.16 -3.02 -4.58
C LEU A 81 -17.32 -2.16 -5.83
N GLY A 82 -17.48 -0.85 -5.63
CA GLY A 82 -17.64 0.05 -6.75
C GLY A 82 -16.56 -0.12 -7.79
N GLN A 83 -15.32 0.13 -7.40
CA GLN A 83 -14.18 -0.01 -8.31
C GLN A 83 -13.93 -1.47 -8.66
N LEU A 84 -13.78 -2.30 -7.63
CA LEU A 84 -13.52 -3.72 -7.83
C LEU A 84 -14.46 -4.30 -8.88
N GLN A 85 -15.66 -3.73 -8.98
CA GLN A 85 -16.66 -4.19 -9.95
C GLN A 85 -16.60 -3.35 -11.22
N ASP A 86 -16.09 -2.13 -11.10
CA ASP A 86 -15.98 -1.23 -12.24
C ASP A 86 -14.73 -1.56 -13.06
N LYS A 87 -13.58 -1.15 -12.54
CA LYS A 87 -12.31 -1.39 -13.22
C LYS A 87 -11.29 -2.03 -12.27
N LYS A 88 -11.55 -1.93 -10.98
CA LYS A 88 -10.67 -2.49 -9.97
C LYS A 88 -9.38 -1.68 -9.85
N LEU A 89 -9.46 -0.55 -9.17
CA LEU A 89 -8.30 0.32 -8.98
C LEU A 89 -8.48 1.22 -7.77
N CYS A 90 -7.52 2.12 -7.56
CA CYS A 90 -7.57 3.04 -6.43
C CYS A 90 -6.72 4.28 -6.70
N ALA A 91 -6.45 5.04 -5.65
CA ALA A 91 -5.64 6.25 -5.77
C ALA A 91 -4.18 5.98 -5.43
N VAL A 92 -3.30 6.85 -5.90
CA VAL A 92 -1.87 6.70 -5.64
C VAL A 92 -1.41 7.65 -4.55
N ILE A 93 -0.64 7.12 -3.61
CA ILE A 93 -0.12 7.93 -2.50
C ILE A 93 1.27 8.45 -2.79
N GLN A 94 1.37 9.74 -3.09
CA GLN A 94 2.65 10.37 -3.39
C GLN A 94 3.33 10.86 -2.12
N LEU A 95 4.54 10.38 -1.89
CA LEU A 95 5.31 10.77 -0.70
C LEU A 95 6.67 11.33 -1.09
N PRO A 96 7.16 12.30 -0.31
CA PRO A 96 8.46 12.93 -0.55
C PRO A 96 9.63 12.00 -0.28
N SER A 97 9.33 10.85 0.33
CA SER A 97 10.36 9.86 0.65
C SER A 97 10.24 8.65 -0.26
N GLN A 98 9.02 8.34 -0.66
CA GLN A 98 8.76 7.19 -1.53
C GLN A 98 7.45 7.37 -2.30
N THR A 99 7.17 6.42 -3.19
CA THR A 99 5.95 6.46 -3.99
C THR A 99 5.12 5.20 -3.79
N LEU A 100 3.95 5.35 -3.18
CA LEU A 100 3.06 4.21 -2.94
C LEU A 100 1.85 4.28 -3.85
N LEU A 101 1.54 3.15 -4.49
CA LEU A 101 0.38 3.07 -5.38
C LEU A 101 -0.70 2.18 -4.80
N LEU A 102 -1.89 2.74 -4.64
CA LEU A 102 -3.03 1.99 -4.09
C LEU A 102 -4.02 1.63 -5.19
N SER A 103 -4.32 0.34 -5.31
CA SER A 103 -5.25 -0.14 -6.32
C SER A 103 -6.06 -1.33 -5.80
N VAL A 104 -7.38 -1.20 -5.82
CA VAL A 104 -8.26 -2.26 -5.36
C VAL A 104 -8.66 -3.18 -6.50
N SER A 105 -8.44 -4.48 -6.32
CA SER A 105 -8.78 -5.46 -7.34
C SER A 105 -8.76 -6.87 -6.76
N ASP A 106 -9.78 -7.65 -7.10
CA ASP A 106 -9.89 -9.01 -6.61
C ASP A 106 -9.78 -9.07 -5.10
N LYS A 107 -10.11 -7.96 -4.44
CA LYS A 107 -10.05 -7.87 -2.99
C LYS A 107 -11.11 -6.91 -2.45
N ALA A 108 -12.19 -7.48 -1.92
CA ALA A 108 -13.27 -6.69 -1.37
C ALA A 108 -12.95 -6.22 0.05
N CYS A 109 -12.46 -7.14 0.87
CA CYS A 109 -12.12 -6.82 2.25
C CYS A 109 -10.64 -6.47 2.38
N ARG A 110 -9.98 -6.28 1.23
CA ARG A 110 -8.56 -5.95 1.21
C ARG A 110 -8.23 -5.06 0.02
N LEU A 111 -7.01 -4.52 0.01
CA LEU A 111 -6.57 -3.65 -1.07
C LEU A 111 -5.14 -3.97 -1.48
N ILE A 112 -4.83 -3.77 -2.76
CA ILE A 112 -3.50 -4.04 -3.28
C ILE A 112 -2.71 -2.75 -3.42
N GLY A 113 -1.55 -2.69 -2.76
CA GLY A 113 -0.71 -1.51 -2.83
C GLY A 113 0.73 -1.84 -3.21
N MET A 114 1.42 -0.87 -3.78
CA MET A 114 2.81 -1.06 -4.18
C MET A 114 3.69 0.06 -3.65
N LEU A 115 4.90 -0.29 -3.23
CA LEU A 115 5.85 0.69 -2.70
C LEU A 115 7.07 0.81 -3.61
N PHE A 116 7.27 2.01 -4.15
CA PHE A 116 8.40 2.27 -5.03
C PHE A 116 9.34 3.31 -4.42
N PRO A 117 10.60 3.30 -4.88
CA PRO A 117 11.62 4.24 -4.39
C PRO A 117 11.36 5.67 -4.85
N GLY A 118 11.35 6.59 -3.89
CA GLY A 118 11.11 7.98 -4.21
C GLY A 118 12.25 8.88 -3.78
N ASP A 119 13.11 8.38 -2.91
CA ASP A 119 14.25 9.14 -2.42
C ASP A 119 15.57 8.51 -2.89
N MET A 120 15.94 7.41 -2.25
CA MET A 120 17.18 6.70 -2.61
C MET A 120 16.91 5.22 -2.87
N VAL A 121 17.96 4.50 -3.24
CA VAL A 121 17.83 3.08 -3.52
C VAL A 121 17.82 2.26 -2.23
N VAL A 122 17.12 1.13 -2.26
CA VAL A 122 17.03 0.26 -1.10
C VAL A 122 17.52 -1.15 -1.42
N PHE A 123 18.82 -1.31 -1.56
CA PHE A 123 19.41 -2.61 -1.87
C PHE A 123 19.42 -3.52 -0.64
N LYS A 124 19.03 -4.77 -0.83
CA LYS A 124 19.00 -5.74 0.26
C LYS A 124 19.64 -7.06 -0.16
N PRO A 125 20.11 -7.83 0.83
CA PRO A 125 20.75 -9.13 0.59
C PRO A 125 19.76 -10.18 0.10
N GLN A 126 18.63 -10.29 0.78
CA GLN A 126 17.60 -11.26 0.41
C GLN A 126 16.75 -10.74 -0.74
N ILE A 127 16.78 -11.44 -1.86
CA ILE A 127 16.00 -11.06 -3.03
C ILE A 127 16.28 -9.60 -3.42
N PRO A 128 17.51 -9.33 -3.88
CA PRO A 128 17.93 -7.99 -4.29
C PRO A 128 17.24 -7.54 -5.57
N ASN A 129 17.28 -6.23 -5.82
CA ASN A 129 16.66 -5.67 -7.01
C ASN A 129 17.47 -5.99 -8.26
N GLN A 130 16.90 -5.72 -9.43
CA GLN A 130 17.57 -5.98 -10.70
C GLN A 130 17.93 -4.68 -11.39
N SER A 1 13.59 -10.03 11.82
CA SER A 1 13.02 -11.33 12.18
C SER A 1 12.67 -12.14 10.93
N GLN A 2 12.41 -13.42 11.12
CA GLN A 2 12.06 -14.31 10.01
C GLN A 2 10.57 -14.63 10.02
N SER A 3 9.92 -14.42 8.88
CA SER A 3 8.50 -14.68 8.75
C SER A 3 8.05 -14.63 7.29
N LYS A 4 6.77 -14.89 7.05
CA LYS A 4 6.22 -14.87 5.70
C LYS A 4 5.12 -13.84 5.59
N TYR A 5 4.41 -13.60 6.68
CA TYR A 5 3.32 -12.63 6.69
C TYR A 5 3.16 -12.00 8.08
N VAL A 6 2.68 -10.76 8.10
CA VAL A 6 2.48 -10.05 9.35
C VAL A 6 1.12 -9.34 9.38
N LYS A 7 0.18 -9.92 10.13
CA LYS A 7 -1.16 -9.35 10.25
C LYS A 7 -1.25 -8.43 11.46
N VAL A 8 -1.82 -7.24 11.26
CA VAL A 8 -1.99 -6.28 12.33
C VAL A 8 -3.29 -5.51 12.20
N TRP A 9 -3.82 -5.02 13.31
CA TRP A 9 -5.06 -4.27 13.31
C TRP A 9 -4.94 -3.01 14.17
N GLU A 10 -5.78 -2.02 13.89
CA GLU A 10 -5.75 -0.77 14.64
C GLU A 10 -6.95 0.11 14.27
N GLY A 11 -7.12 1.22 14.99
CA GLY A 11 -8.23 2.11 14.72
C GLY A 11 -7.85 3.56 14.92
N ASN A 12 -8.27 4.42 14.00
CA ASN A 12 -7.97 5.84 14.07
C ASN A 12 -8.64 6.61 12.93
N LEU A 13 -8.42 7.91 12.88
CA LEU A 13 -8.99 8.76 11.84
C LEU A 13 -7.91 9.58 11.15
N SER A 14 -7.27 8.99 10.14
CA SER A 14 -6.23 9.67 9.40
C SER A 14 -5.91 8.93 8.10
N GLY A 15 -6.21 9.58 6.98
CA GLY A 15 -5.95 8.96 5.68
C GLY A 15 -6.73 9.64 4.57
N GLN A 16 -6.15 10.68 3.98
CA GLN A 16 -6.80 11.40 2.90
C GLN A 16 -5.77 11.85 1.86
N ARG A 17 -6.23 12.64 0.89
CA ARG A 17 -5.35 13.14 -0.16
C ARG A 17 -4.80 14.52 0.19
N GLN A 18 -3.52 14.73 -0.11
CA GLN A 18 -2.87 16.01 0.18
C GLN A 18 -2.39 16.05 1.63
N GLY A 19 -2.36 14.90 2.28
CA GLY A 19 -1.94 14.83 3.66
C GLY A 19 -3.05 15.17 4.64
N GLN A 20 -4.28 14.82 4.26
CA GLN A 20 -5.43 15.10 5.12
C GLN A 20 -5.84 13.85 5.89
N PRO A 21 -6.56 14.06 7.01
CA PRO A 21 -7.03 12.96 7.85
C PRO A 21 -8.13 12.13 7.19
N VAL A 22 -8.73 11.23 7.95
CA VAL A 22 -9.80 10.38 7.44
C VAL A 22 -10.77 9.98 8.55
N LEU A 23 -11.96 9.56 8.15
CA LEU A 23 -12.98 9.14 9.10
C LEU A 23 -12.44 8.11 10.08
N ILE A 24 -12.93 8.13 11.30
CA ILE A 24 -12.50 7.18 12.32
C ILE A 24 -13.01 5.77 12.03
N THR A 25 -12.15 4.78 12.20
CA THR A 25 -12.52 3.40 11.96
C THR A 25 -11.39 2.45 12.34
N ARG A 26 -11.74 1.22 12.67
CA ARG A 26 -10.75 0.21 13.05
C ARG A 26 -10.82 -1.00 12.12
N LEU A 27 -9.71 -1.28 11.45
CA LEU A 27 -9.63 -2.40 10.53
C LEU A 27 -8.29 -3.12 10.65
N GLU A 28 -8.17 -4.25 9.96
CA GLU A 28 -6.95 -5.04 10.00
C GLU A 28 -6.27 -5.06 8.63
N GLY A 29 -5.09 -5.67 8.57
CA GLY A 29 -4.36 -5.75 7.31
C GLY A 29 -3.22 -6.75 7.37
N TYR A 30 -2.90 -7.33 6.22
CA TYR A 30 -1.82 -8.31 6.14
C TYR A 30 -0.70 -7.82 5.23
N ARG A 31 0.49 -7.65 5.79
CA ARG A 31 1.64 -7.18 5.04
C ARG A 31 2.68 -8.30 4.88
N SER A 32 3.21 -8.44 3.67
CA SER A 32 4.20 -9.47 3.39
C SER A 32 5.41 -9.32 4.32
N ALA A 33 5.85 -10.44 4.88
CA ALA A 33 6.99 -10.43 5.78
C ALA A 33 8.14 -9.61 5.21
N SER A 34 8.08 -9.34 3.91
CA SER A 34 9.12 -8.57 3.24
C SER A 34 9.27 -7.19 3.87
N ALA A 35 8.32 -6.84 4.74
CA ALA A 35 8.35 -5.55 5.42
C ALA A 35 8.88 -5.69 6.84
N SER A 36 9.08 -4.55 7.51
CA SER A 36 9.59 -4.55 8.87
C SER A 36 8.48 -4.89 9.87
N ASP A 37 8.83 -5.66 10.89
CA ASP A 37 7.87 -6.06 11.90
C ASP A 37 7.29 -4.83 12.62
N SER A 38 8.17 -3.96 13.09
CA SER A 38 7.75 -2.75 13.79
C SER A 38 6.83 -1.91 12.92
N LEU A 39 6.92 -2.11 11.61
CA LEU A 39 6.10 -1.37 10.65
C LEU A 39 4.61 -1.60 10.92
N ALA A 40 4.19 -2.86 10.78
CA ALA A 40 2.80 -3.22 11.01
C ALA A 40 2.47 -3.22 12.50
N ALA A 41 3.50 -3.36 13.33
CA ALA A 41 3.31 -3.37 14.78
C ALA A 41 2.79 -2.03 15.28
N ASN A 42 3.42 -0.95 14.84
CA ASN A 42 3.01 0.39 15.23
C ASN A 42 2.63 1.23 14.02
N TRP A 43 2.19 0.57 12.96
CA TRP A 43 1.79 1.24 11.73
C TRP A 43 0.86 2.41 12.05
N PRO A 44 1.26 3.62 11.62
CA PRO A 44 0.47 4.84 11.84
C PRO A 44 -0.81 4.85 11.01
N PRO A 45 -1.96 4.98 11.69
CA PRO A 45 -3.27 5.01 11.03
C PRO A 45 -3.49 6.31 10.23
N THR A 46 -2.40 6.85 9.70
CA THR A 46 -2.47 8.08 8.93
C THR A 46 -1.88 7.89 7.53
N MET A 47 -2.72 8.05 6.51
CA MET A 47 -2.27 7.90 5.13
C MET A 47 -2.38 9.22 4.37
N GLN A 48 -1.50 9.41 3.40
CA GLN A 48 -1.50 10.63 2.60
C GLN A 48 -1.24 10.32 1.13
N ILE A 49 -2.30 10.30 0.33
CA ILE A 49 -2.18 10.02 -1.09
C ILE A 49 -2.07 11.31 -1.90
N VAL A 50 -1.06 11.37 -2.77
CA VAL A 50 -0.84 12.55 -3.61
C VAL A 50 -0.69 12.15 -5.07
N ARG A 51 -0.73 10.85 -5.34
CA ARG A 51 -0.59 10.35 -6.70
C ARG A 51 -1.60 9.24 -6.98
N LEU A 52 -1.57 8.69 -8.18
CA LEU A 52 -2.48 7.63 -8.57
C LEU A 52 -1.73 6.45 -9.16
N ILE A 53 -2.01 5.25 -8.66
CA ILE A 53 -1.36 4.04 -9.14
C ILE A 53 -2.39 3.04 -9.68
N SER A 54 -2.13 2.52 -10.87
CA SER A 54 -3.03 1.56 -11.49
C SER A 54 -2.63 0.13 -11.14
N GLN A 55 -3.54 -0.81 -11.34
CA GLN A 55 -3.28 -2.21 -11.04
C GLN A 55 -2.24 -2.79 -12.00
N ASP A 56 -2.03 -2.10 -13.11
CA ASP A 56 -1.05 -2.54 -14.11
C ASP A 56 0.31 -2.75 -13.48
N HIS A 57 0.68 -1.86 -12.56
CA HIS A 57 1.97 -1.94 -11.89
C HIS A 57 2.07 -3.24 -11.08
N MET A 58 0.94 -3.88 -10.83
CA MET A 58 0.90 -5.12 -10.08
C MET A 58 1.19 -6.32 -11.00
N ASN A 59 1.45 -6.03 -12.27
CA ASN A 59 1.73 -7.08 -13.24
C ASN A 59 3.20 -7.46 -13.21
N ASN A 60 4.03 -6.58 -12.65
CA ASN A 60 5.47 -6.83 -12.56
C ASN A 60 5.82 -7.45 -11.22
N LYS A 61 6.09 -8.75 -11.22
CA LYS A 61 6.45 -9.47 -10.00
C LYS A 61 7.94 -9.34 -9.72
N GLN A 62 8.67 -8.75 -10.65
CA GLN A 62 10.11 -8.57 -10.49
C GLN A 62 10.41 -7.44 -9.52
N TYR A 63 9.37 -6.76 -9.07
CA TYR A 63 9.52 -5.65 -8.13
C TYR A 63 8.78 -5.92 -6.83
N VAL A 64 8.05 -7.03 -6.80
CA VAL A 64 7.29 -7.42 -5.61
C VAL A 64 8.17 -8.14 -4.60
N GLY A 65 9.37 -8.51 -5.04
CA GLY A 65 10.30 -9.20 -4.16
C GLY A 65 11.30 -8.27 -3.51
N LYS A 66 11.67 -7.21 -4.23
CA LYS A 66 12.63 -6.24 -3.73
C LYS A 66 11.97 -5.30 -2.71
N ALA A 67 10.65 -5.27 -2.72
CA ALA A 67 9.90 -4.42 -1.81
C ALA A 67 8.96 -5.25 -0.93
N ASP A 68 8.34 -4.60 0.04
CA ASP A 68 7.41 -5.28 0.95
C ASP A 68 5.98 -5.21 0.41
N PHE A 69 5.09 -5.97 1.03
CA PHE A 69 3.70 -6.00 0.62
C PHE A 69 2.78 -5.59 1.77
N LEU A 70 1.68 -4.92 1.43
CA LEU A 70 0.72 -4.47 2.43
C LEU A 70 -0.71 -4.65 1.93
N VAL A 71 -1.51 -5.38 2.70
CA VAL A 71 -2.90 -5.63 2.34
C VAL A 71 -3.86 -5.04 3.38
N PHE A 72 -4.91 -4.39 2.91
CA PHE A 72 -5.88 -3.77 3.80
C PHE A 72 -7.13 -4.65 3.91
N ARG A 73 -7.47 -5.03 5.14
CA ARG A 73 -8.64 -5.86 5.38
C ARG A 73 -9.74 -5.07 6.08
N ALA A 74 -10.82 -4.79 5.34
CA ALA A 74 -11.94 -4.04 5.87
C ALA A 74 -13.24 -4.83 5.74
N MET A 75 -14.24 -4.46 6.55
CA MET A 75 -15.53 -5.14 6.52
C MET A 75 -16.56 -4.30 5.78
N SER A 76 -16.42 -2.98 5.87
CA SER A 76 -17.35 -2.06 5.21
C SER A 76 -16.60 -0.96 4.50
N GLN A 77 -17.17 -0.47 3.40
CA GLN A 77 -16.55 0.60 2.62
C GLN A 77 -17.47 1.06 1.49
N HIS A 78 -17.12 2.18 0.87
CA HIS A 78 -17.91 2.72 -0.23
C HIS A 78 -17.01 3.40 -1.27
N GLY A 79 -17.44 3.37 -2.52
CA GLY A 79 -16.67 3.98 -3.58
C GLY A 79 -15.61 3.05 -4.15
N PHE A 80 -15.61 1.81 -3.67
CA PHE A 80 -14.64 0.82 -4.13
C PHE A 80 -15.09 0.20 -5.44
N LEU A 81 -16.40 0.01 -5.59
CA LEU A 81 -16.96 -0.58 -6.80
C LEU A 81 -16.65 0.28 -8.02
N GLY A 82 -16.64 1.59 -7.83
CA GLY A 82 -16.35 2.50 -8.93
C GLY A 82 -15.09 2.12 -9.67
N GLN A 83 -13.96 2.11 -8.97
CA GLN A 83 -12.69 1.77 -9.58
C GLN A 83 -12.64 0.29 -9.94
N LEU A 84 -12.91 -0.56 -8.95
CA LEU A 84 -12.89 -2.00 -9.16
C LEU A 84 -13.66 -2.38 -10.42
N GLN A 85 -14.66 -1.56 -10.76
CA GLN A 85 -15.47 -1.81 -11.95
C GLN A 85 -14.95 -1.02 -13.14
N ASP A 86 -14.22 0.06 -12.86
CA ASP A 86 -13.66 0.90 -13.90
C ASP A 86 -12.32 0.37 -14.38
N LYS A 87 -11.29 0.53 -13.55
CA LYS A 87 -9.95 0.06 -13.89
C LYS A 87 -9.38 -0.80 -12.76
N LYS A 88 -9.94 -0.65 -11.57
CA LYS A 88 -9.48 -1.40 -10.40
C LYS A 88 -8.11 -0.91 -9.94
N LEU A 89 -8.11 0.24 -9.26
CA LEU A 89 -6.87 0.82 -8.75
C LEU A 89 -7.15 1.82 -7.64
N CYS A 90 -6.11 2.53 -7.21
CA CYS A 90 -6.24 3.52 -6.14
C CYS A 90 -5.17 4.58 -6.26
N ALA A 91 -5.04 5.40 -5.23
CA ALA A 91 -4.04 6.46 -5.20
C ALA A 91 -2.74 5.99 -4.55
N VAL A 92 -1.65 6.69 -4.83
CA VAL A 92 -0.35 6.35 -4.27
C VAL A 92 0.00 7.26 -3.10
N ILE A 93 0.56 6.67 -2.04
CA ILE A 93 0.95 7.43 -0.86
C ILE A 93 2.42 7.81 -0.92
N GLN A 94 2.69 9.11 -0.98
CA GLN A 94 4.06 9.60 -1.04
C GLN A 94 4.57 9.95 0.36
N LEU A 95 5.46 9.12 0.88
CA LEU A 95 6.03 9.33 2.21
C LEU A 95 7.54 9.51 2.13
N PRO A 96 8.09 10.33 3.04
CA PRO A 96 9.53 10.59 3.10
C PRO A 96 10.33 9.39 3.57
N SER A 97 9.72 8.59 4.44
CA SER A 97 10.37 7.39 4.98
C SER A 97 10.36 6.27 3.96
N GLN A 98 9.30 6.22 3.14
CA GLN A 98 9.17 5.19 2.13
C GLN A 98 8.02 5.51 1.17
N THR A 99 7.98 4.82 0.04
CA THR A 99 6.93 5.02 -0.94
C THR A 99 5.90 3.91 -0.89
N LEU A 100 4.66 4.29 -0.57
CA LEU A 100 3.57 3.32 -0.49
C LEU A 100 2.58 3.52 -1.62
N LEU A 101 2.19 2.43 -2.27
CA LEU A 101 1.24 2.49 -3.38
C LEU A 101 -0.06 1.80 -3.01
N LEU A 102 -1.17 2.48 -3.23
CA LEU A 102 -2.49 1.94 -2.93
C LEU A 102 -3.30 1.71 -4.20
N SER A 103 -3.71 0.46 -4.43
CA SER A 103 -4.49 0.11 -5.61
C SER A 103 -5.54 -0.95 -5.27
N VAL A 104 -6.80 -0.60 -5.49
CA VAL A 104 -7.90 -1.51 -5.21
C VAL A 104 -8.30 -2.29 -6.46
N SER A 105 -8.24 -3.62 -6.37
CA SER A 105 -8.59 -4.47 -7.49
C SER A 105 -8.88 -5.90 -7.02
N ASP A 106 -9.89 -6.51 -7.61
CA ASP A 106 -10.28 -7.88 -7.25
C ASP A 106 -10.43 -8.01 -5.73
N LYS A 107 -10.81 -6.92 -5.08
CA LYS A 107 -11.01 -6.91 -3.64
C LYS A 107 -12.07 -5.90 -3.23
N ALA A 108 -13.26 -6.40 -2.93
CA ALA A 108 -14.37 -5.54 -2.52
C ALA A 108 -14.21 -5.10 -1.08
N CYS A 109 -13.85 -6.04 -0.21
CA CYS A 109 -13.66 -5.74 1.21
C CYS A 109 -12.18 -5.70 1.57
N ARG A 110 -11.33 -5.67 0.55
CA ARG A 110 -9.89 -5.63 0.75
C ARG A 110 -9.23 -4.67 -0.23
N LEU A 111 -7.98 -4.31 0.06
CA LEU A 111 -7.23 -3.40 -0.81
C LEU A 111 -5.80 -3.88 -0.99
N ILE A 112 -5.23 -3.59 -2.16
CA ILE A 112 -3.86 -4.00 -2.45
C ILE A 112 -2.89 -2.82 -2.29
N GLY A 113 -1.88 -3.01 -1.45
CA GLY A 113 -0.90 -1.96 -1.21
C GLY A 113 0.52 -2.47 -1.33
N MET A 114 1.43 -1.58 -1.72
CA MET A 114 2.84 -1.94 -1.86
C MET A 114 3.72 -1.03 -1.02
N LEU A 115 4.81 -1.59 -0.49
CA LEU A 115 5.73 -0.82 0.33
C LEU A 115 7.12 -0.78 -0.30
N PHE A 116 7.56 0.42 -0.68
CA PHE A 116 8.86 0.59 -1.30
C PHE A 116 9.78 1.42 -0.41
N PRO A 117 11.09 1.17 -0.50
CA PRO A 117 12.10 1.88 0.29
C PRO A 117 12.25 3.33 -0.15
N GLY A 118 12.21 4.24 0.83
CA GLY A 118 12.34 5.66 0.52
C GLY A 118 13.79 6.07 0.31
N ASP A 119 14.45 5.42 -0.64
CA ASP A 119 15.84 5.72 -0.94
C ASP A 119 16.13 5.56 -2.43
N MET A 120 15.31 6.23 -3.26
CA MET A 120 15.47 6.16 -4.71
C MET A 120 16.90 6.49 -5.11
N VAL A 121 17.56 5.53 -5.77
CA VAL A 121 18.93 5.72 -6.21
C VAL A 121 18.98 6.10 -7.69
N VAL A 122 19.98 6.91 -8.05
CA VAL A 122 20.14 7.35 -9.43
C VAL A 122 20.87 6.30 -10.26
N PHE A 123 21.69 5.50 -9.59
CA PHE A 123 22.45 4.44 -10.27
C PHE A 123 21.83 3.08 -10.01
N LYS A 124 22.21 2.09 -10.82
CA LYS A 124 21.69 0.74 -10.67
C LYS A 124 22.82 -0.29 -10.81
N PRO A 125 22.58 -1.50 -10.31
CA PRO A 125 23.55 -2.60 -10.37
C PRO A 125 23.77 -3.11 -11.79
N GLN A 126 22.79 -2.85 -12.66
CA GLN A 126 22.87 -3.29 -14.04
C GLN A 126 23.34 -2.15 -14.94
N ILE A 127 23.60 -2.48 -16.21
CA ILE A 127 24.06 -1.49 -17.17
C ILE A 127 22.98 -0.44 -17.44
N PRO A 128 21.80 -0.90 -17.88
CA PRO A 128 20.66 -0.02 -18.17
C PRO A 128 20.07 0.59 -16.91
N ASN A 129 19.79 1.89 -16.96
CA ASN A 129 19.21 2.59 -15.83
C ASN A 129 18.65 3.94 -16.25
N GLN A 130 17.36 4.15 -16.00
CA GLN A 130 16.70 5.40 -16.35
C GLN A 130 17.46 6.60 -15.78
N SER A 1 15.66 -8.75 6.88
CA SER A 1 14.75 -9.90 6.90
C SER A 1 14.79 -10.64 5.58
N GLN A 2 14.52 -11.94 5.62
CA GLN A 2 14.53 -12.77 4.43
C GLN A 2 13.26 -13.60 4.32
N SER A 3 12.20 -13.12 4.99
CA SER A 3 10.92 -13.82 4.97
C SER A 3 10.25 -13.70 3.61
N LYS A 4 8.99 -14.13 3.54
CA LYS A 4 8.24 -14.07 2.30
C LYS A 4 7.09 -13.06 2.40
N TYR A 5 6.63 -12.82 3.62
CA TYR A 5 5.54 -11.88 3.86
C TYR A 5 5.67 -11.24 5.24
N VAL A 6 5.18 -10.01 5.35
CA VAL A 6 5.24 -9.28 6.61
C VAL A 6 3.90 -8.62 6.93
N LYS A 7 3.19 -9.18 7.91
CA LYS A 7 1.88 -8.65 8.30
C LYS A 7 2.04 -7.67 9.45
N VAL A 8 1.12 -6.71 9.52
CA VAL A 8 1.15 -5.69 10.57
C VAL A 8 -0.25 -5.38 11.07
N TRP A 9 -0.39 -5.15 12.37
CA TRP A 9 -1.68 -4.83 12.96
C TRP A 9 -1.59 -3.56 13.80
N GLU A 10 -2.47 -2.60 13.51
CA GLU A 10 -2.48 -1.34 14.24
C GLU A 10 -3.71 -0.51 13.87
N GLY A 11 -3.89 0.62 14.54
CA GLY A 11 -5.03 1.48 14.27
C GLY A 11 -4.70 2.95 14.44
N ASN A 12 -5.24 3.78 13.55
CA ASN A 12 -4.98 5.21 13.60
C ASN A 12 -5.84 5.95 12.57
N LEU A 13 -5.65 7.26 12.47
CA LEU A 13 -6.39 8.08 11.53
C LEU A 13 -5.45 8.95 10.71
N SER A 14 -5.03 8.45 9.55
CA SER A 14 -4.14 9.19 8.66
C SER A 14 -4.17 8.62 7.25
N GLY A 15 -4.73 9.39 6.33
CA GLY A 15 -4.82 8.95 4.95
C GLY A 15 -5.76 9.80 4.12
N GLN A 16 -5.24 10.90 3.57
CA GLN A 16 -6.03 11.80 2.75
C GLN A 16 -5.19 12.46 1.67
N ARG A 17 -5.78 13.41 0.96
CA ARG A 17 -5.08 14.12 -0.11
C ARG A 17 -4.49 15.42 0.41
N GLN A 18 -3.28 15.75 -0.05
CA GLN A 18 -2.61 16.97 0.36
C GLN A 18 -1.95 16.80 1.72
N GLY A 19 -1.78 15.55 2.14
CA GLY A 19 -1.15 15.26 3.41
C GLY A 19 -2.12 15.39 4.57
N GLN A 20 -3.38 15.07 4.31
CA GLN A 20 -4.41 15.15 5.35
C GLN A 20 -4.65 13.79 5.99
N PRO A 21 -5.23 13.79 7.20
CA PRO A 21 -5.52 12.56 7.95
C PRO A 21 -6.64 11.75 7.31
N VAL A 22 -7.13 10.76 8.04
CA VAL A 22 -8.21 9.91 7.54
C VAL A 22 -9.04 9.35 8.69
N LEU A 23 -10.22 8.83 8.38
CA LEU A 23 -11.11 8.27 9.39
C LEU A 23 -10.35 7.29 10.28
N ILE A 24 -10.60 7.39 11.59
CA ILE A 24 -9.95 6.52 12.55
C ILE A 24 -10.44 5.08 12.41
N THR A 25 -9.52 4.12 12.48
CA THR A 25 -9.87 2.71 12.36
C THR A 25 -8.66 1.83 12.64
N ARG A 26 -8.92 0.64 13.17
CA ARG A 26 -7.85 -0.30 13.49
C ARG A 26 -7.95 -1.55 12.62
N LEU A 27 -6.94 -1.76 11.77
CA LEU A 27 -6.93 -2.92 10.88
C LEU A 27 -5.50 -3.42 10.67
N GLU A 28 -5.36 -4.52 9.93
CA GLU A 28 -4.05 -5.10 9.65
C GLU A 28 -3.73 -5.00 8.17
N GLY A 29 -2.52 -5.42 7.81
CA GLY A 29 -2.10 -5.38 6.42
C GLY A 29 -0.95 -6.32 6.14
N TYR A 30 -0.96 -6.94 4.96
CA TYR A 30 0.09 -7.87 4.57
C TYR A 30 0.88 -7.34 3.38
N ARG A 31 2.18 -7.13 3.59
CA ARG A 31 3.05 -6.62 2.54
C ARG A 31 4.11 -7.65 2.17
N SER A 32 4.34 -7.81 0.86
CA SER A 32 5.32 -8.76 0.38
C SER A 32 6.69 -8.52 1.02
N ALA A 33 7.31 -9.58 1.51
CA ALA A 33 8.63 -9.48 2.13
C ALA A 33 9.53 -8.55 1.34
N SER A 34 9.22 -8.36 0.08
CA SER A 34 10.03 -7.50 -0.79
C SER A 34 10.09 -6.07 -0.23
N ALA A 35 9.26 -5.81 0.78
CA ALA A 35 9.23 -4.49 1.40
C ALA A 35 9.82 -4.53 2.81
N SER A 36 9.95 -3.36 3.42
CA SER A 36 10.51 -3.26 4.76
C SER A 36 9.44 -3.55 5.81
N ASP A 37 9.79 -4.37 6.80
CA ASP A 37 8.86 -4.71 7.87
C ASP A 37 8.65 -3.54 8.82
N SER A 38 9.76 -2.94 9.25
CA SER A 38 9.71 -1.81 10.17
C SER A 38 8.87 -0.68 9.58
N LEU A 39 8.61 -0.76 8.28
CA LEU A 39 7.82 0.26 7.60
C LEU A 39 6.51 0.53 8.34
N ALA A 40 5.68 -0.49 8.46
CA ALA A 40 4.40 -0.37 9.16
C ALA A 40 4.40 -1.17 10.45
N ALA A 41 5.53 -1.82 10.74
CA ALA A 41 5.66 -2.62 11.96
C ALA A 41 5.17 -1.85 13.18
N ASN A 42 5.65 -0.62 13.32
CA ASN A 42 5.26 0.22 14.45
C ASN A 42 4.63 1.52 13.97
N TRP A 43 4.60 1.70 12.65
CA TRP A 43 4.02 2.91 12.07
C TRP A 43 2.54 2.71 11.76
N PRO A 44 1.71 3.64 12.25
CA PRO A 44 0.26 3.59 12.04
C PRO A 44 -0.13 3.85 10.58
N PRO A 45 -1.42 3.68 10.28
CA PRO A 45 -1.95 3.89 8.92
C PRO A 45 -1.96 5.36 8.53
N THR A 46 -0.85 5.83 7.95
CA THR A 46 -0.73 7.22 7.53
C THR A 46 -0.18 7.32 6.11
N MET A 47 -0.99 7.87 5.21
CA MET A 47 -0.58 8.02 3.82
C MET A 47 -1.23 9.25 3.19
N GLN A 48 -0.58 9.80 2.17
CA GLN A 48 -1.09 10.98 1.49
C GLN A 48 -1.31 10.71 0.01
N ILE A 49 -2.56 10.41 -0.35
CA ILE A 49 -2.91 10.12 -1.74
C ILE A 49 -3.42 11.36 -2.45
N VAL A 50 -2.76 11.73 -3.55
CA VAL A 50 -3.16 12.91 -4.31
C VAL A 50 -3.33 12.57 -5.79
N ARG A 51 -3.14 11.29 -6.12
CA ARG A 51 -3.27 10.83 -7.50
C ARG A 51 -4.19 9.63 -7.58
N LEU A 52 -4.42 9.14 -8.80
CA LEU A 52 -5.28 7.98 -9.02
C LEU A 52 -4.58 6.94 -9.88
N ILE A 53 -4.64 5.69 -9.44
CA ILE A 53 -4.01 4.59 -10.17
C ILE A 53 -5.01 3.48 -10.47
N SER A 54 -5.03 3.03 -11.72
CA SER A 54 -5.95 1.98 -12.14
C SER A 54 -5.33 0.60 -11.91
N GLN A 55 -6.19 -0.41 -11.81
CA GLN A 55 -5.73 -1.77 -11.58
C GLN A 55 -4.96 -2.30 -12.80
N ASP A 56 -5.09 -1.60 -13.92
CA ASP A 56 -4.41 -1.99 -15.15
C ASP A 56 -2.90 -1.93 -14.97
N HIS A 57 -2.45 -1.24 -13.93
CA HIS A 57 -1.03 -1.10 -13.65
C HIS A 57 -0.52 -2.29 -12.84
N MET A 58 -1.39 -2.82 -11.96
CA MET A 58 -1.02 -3.94 -11.12
C MET A 58 -1.24 -5.26 -11.86
N ASN A 59 -1.65 -5.17 -13.13
CA ASN A 59 -1.89 -6.35 -13.94
C ASN A 59 -0.57 -6.96 -14.42
N ASN A 60 0.49 -6.18 -14.37
CA ASN A 60 1.81 -6.63 -14.79
C ASN A 60 2.60 -7.19 -13.61
N LYS A 61 2.71 -8.50 -13.54
CA LYS A 61 3.44 -9.16 -12.47
C LYS A 61 4.94 -9.21 -12.77
N GLN A 62 5.30 -8.82 -13.99
CA GLN A 62 6.69 -8.82 -14.41
C GLN A 62 7.45 -7.65 -13.80
N TYR A 63 6.71 -6.74 -13.18
CA TYR A 63 7.31 -5.56 -12.57
C TYR A 63 7.19 -5.62 -11.04
N VAL A 64 6.42 -6.59 -10.56
CA VAL A 64 6.22 -6.77 -9.12
C VAL A 64 7.38 -7.53 -8.50
N GLY A 65 8.24 -8.09 -9.35
CA GLY A 65 9.38 -8.84 -8.86
C GLY A 65 10.53 -7.95 -8.45
N LYS A 66 10.64 -6.79 -9.10
CA LYS A 66 11.71 -5.84 -8.81
C LYS A 66 11.21 -4.74 -7.86
N ALA A 67 10.08 -5.00 -7.21
CA ALA A 67 9.51 -4.04 -6.28
C ALA A 67 8.85 -4.75 -5.10
N ASP A 68 8.42 -3.97 -4.12
CA ASP A 68 7.76 -4.51 -2.93
C ASP A 68 6.25 -4.51 -3.09
N PHE A 69 5.57 -5.29 -2.26
CA PHE A 69 4.12 -5.38 -2.31
C PHE A 69 3.50 -4.99 -0.97
N LEU A 70 2.34 -4.35 -1.03
CA LEU A 70 1.64 -3.92 0.18
C LEU A 70 0.13 -4.15 0.05
N VAL A 71 -0.43 -4.92 0.98
CA VAL A 71 -1.85 -5.22 0.97
C VAL A 71 -2.51 -4.78 2.27
N PHE A 72 -3.71 -4.21 2.16
CA PHE A 72 -4.44 -3.74 3.34
C PHE A 72 -5.54 -4.73 3.71
N ARG A 73 -5.49 -5.22 4.94
CA ARG A 73 -6.48 -6.16 5.43
C ARG A 73 -7.48 -5.49 6.36
N ALA A 74 -8.70 -5.32 5.88
CA ALA A 74 -9.75 -4.68 6.66
C ALA A 74 -10.94 -5.63 6.87
N MET A 75 -11.74 -5.34 7.88
CA MET A 75 -12.91 -6.16 8.19
C MET A 75 -14.19 -5.48 7.73
N SER A 76 -14.11 -4.17 7.50
CA SER A 76 -15.26 -3.39 7.05
C SER A 76 -15.17 -3.08 5.56
N GLN A 77 -16.30 -2.70 4.97
CA GLN A 77 -16.34 -2.37 3.56
C GLN A 77 -17.31 -1.23 3.30
N HIS A 78 -16.81 -0.16 2.67
CA HIS A 78 -17.64 0.99 2.36
C HIS A 78 -17.20 1.64 1.05
N GLY A 79 -18.17 1.96 0.19
CA GLY A 79 -17.86 2.58 -1.08
C GLY A 79 -16.90 1.74 -1.91
N PHE A 80 -16.81 0.46 -1.59
CA PHE A 80 -15.92 -0.44 -2.31
C PHE A 80 -16.57 -0.92 -3.61
N LEU A 81 -17.86 -1.22 -3.54
CA LEU A 81 -18.59 -1.70 -4.71
C LEU A 81 -18.54 -0.68 -5.83
N GLY A 82 -18.53 0.60 -5.47
CA GLY A 82 -18.48 1.67 -6.46
C GLY A 82 -17.38 1.45 -7.48
N GLN A 83 -16.13 1.47 -7.01
CA GLN A 83 -14.98 1.29 -7.89
C GLN A 83 -14.89 -0.17 -8.35
N LEU A 84 -14.93 -1.09 -7.40
CA LEU A 84 -14.85 -2.52 -7.72
C LEU A 84 -15.78 -2.87 -8.87
N GLN A 85 -16.88 -2.15 -8.98
CA GLN A 85 -17.85 -2.39 -10.05
C GLN A 85 -17.61 -1.46 -11.23
N ASP A 86 -16.95 -0.34 -10.96
CA ASP A 86 -16.65 0.64 -12.00
C ASP A 86 -15.40 0.24 -12.78
N LYS A 87 -14.24 0.43 -12.16
CA LYS A 87 -12.97 0.09 -12.80
C LYS A 87 -12.10 -0.72 -11.85
N LYS A 88 -12.42 -0.67 -10.57
CA LYS A 88 -11.66 -1.41 -9.56
C LYS A 88 -10.26 -0.83 -9.41
N LEU A 89 -10.16 0.29 -8.70
CA LEU A 89 -8.87 0.95 -8.49
C LEU A 89 -8.93 1.87 -7.27
N CYS A 90 -7.86 2.63 -7.06
CA CYS A 90 -7.78 3.56 -5.94
C CYS A 90 -6.85 4.73 -6.26
N ALA A 91 -6.49 5.48 -5.23
CA ALA A 91 -5.61 6.63 -5.39
C ALA A 91 -4.15 6.23 -5.23
N VAL A 92 -3.24 7.04 -5.76
CA VAL A 92 -1.82 6.76 -5.66
C VAL A 92 -1.15 7.66 -4.63
N ILE A 93 -0.25 7.08 -3.84
CA ILE A 93 0.46 7.83 -2.82
C ILE A 93 1.83 8.29 -3.31
N GLN A 94 2.02 9.61 -3.35
CA GLN A 94 3.29 10.18 -3.81
C GLN A 94 4.22 10.44 -2.62
N LEU A 95 5.41 9.83 -2.66
CA LEU A 95 6.38 10.01 -1.61
C LEU A 95 7.71 10.51 -2.16
N PRO A 96 8.34 11.43 -1.43
CA PRO A 96 9.63 12.02 -1.84
C PRO A 96 10.77 11.02 -1.74
N SER A 97 10.49 9.86 -1.17
CA SER A 97 11.51 8.82 -1.02
C SER A 97 11.15 7.59 -1.86
N GLN A 98 9.85 7.35 -2.03
CA GLN A 98 9.39 6.22 -2.81
C GLN A 98 8.06 6.52 -3.48
N THR A 99 7.49 5.53 -4.15
CA THR A 99 6.21 5.69 -4.83
C THR A 99 5.27 4.53 -4.53
N LEU A 100 4.17 4.83 -3.85
CA LEU A 100 3.19 3.80 -3.50
C LEU A 100 1.90 3.99 -4.28
N LEU A 101 1.40 2.91 -4.86
CA LEU A 101 0.17 2.95 -5.64
C LEU A 101 -0.93 2.14 -4.96
N LEU A 102 -2.06 2.79 -4.69
CA LEU A 102 -3.19 2.13 -4.04
C LEU A 102 -4.32 1.89 -5.04
N SER A 103 -4.69 0.63 -5.22
CA SER A 103 -5.76 0.27 -6.14
C SER A 103 -6.61 -0.86 -5.57
N VAL A 104 -7.91 -0.59 -5.43
CA VAL A 104 -8.83 -1.58 -4.90
C VAL A 104 -9.54 -2.33 -6.03
N SER A 105 -9.47 -3.66 -5.99
CA SER A 105 -10.10 -4.49 -7.01
C SER A 105 -10.21 -5.94 -6.54
N ASP A 106 -11.39 -6.52 -6.72
CA ASP A 106 -11.63 -7.90 -6.32
C ASP A 106 -11.52 -8.05 -4.81
N LYS A 107 -11.50 -6.92 -4.10
CA LYS A 107 -11.40 -6.93 -2.64
C LYS A 107 -12.32 -5.88 -2.03
N ALA A 108 -13.35 -6.34 -1.32
CA ALA A 108 -14.29 -5.44 -0.68
C ALA A 108 -13.76 -4.93 0.66
N CYS A 109 -13.19 -5.83 1.44
CA CYS A 109 -12.64 -5.47 2.74
C CYS A 109 -11.11 -5.45 2.70
N ARG A 110 -10.56 -5.50 1.49
CA ARG A 110 -9.11 -5.49 1.31
C ARG A 110 -8.70 -4.50 0.23
N LEU A 111 -7.41 -4.16 0.20
CA LEU A 111 -6.89 -3.22 -0.79
C LEU A 111 -5.56 -3.70 -1.35
N ILE A 112 -5.34 -3.44 -2.63
CA ILE A 112 -4.11 -3.83 -3.30
C ILE A 112 -3.18 -2.64 -3.49
N GLY A 113 -2.03 -2.69 -2.83
CA GLY A 113 -1.07 -1.60 -2.94
C GLY A 113 0.28 -2.07 -3.45
N MET A 114 1.01 -1.18 -4.11
CA MET A 114 2.32 -1.50 -4.65
C MET A 114 3.37 -0.52 -4.16
N LEU A 115 4.59 -1.02 -3.95
CA LEU A 115 5.68 -0.17 -3.48
C LEU A 115 6.82 -0.15 -4.49
N PHE A 116 6.97 0.98 -5.18
CA PHE A 116 8.02 1.13 -6.18
C PHE A 116 9.08 2.11 -5.69
N PRO A 117 10.30 1.96 -6.24
CA PRO A 117 11.43 2.83 -5.88
C PRO A 117 11.26 4.25 -6.39
N GLY A 118 11.40 5.22 -5.50
CA GLY A 118 11.26 6.61 -5.88
C GLY A 118 12.57 7.37 -5.80
N ASP A 119 13.49 6.86 -5.00
CA ASP A 119 14.79 7.50 -4.84
C ASP A 119 15.85 6.81 -5.70
N MET A 120 15.38 6.08 -6.70
CA MET A 120 16.29 5.37 -7.61
C MET A 120 17.28 4.52 -6.82
N VAL A 121 16.83 3.98 -5.70
CA VAL A 121 17.68 3.14 -4.85
C VAL A 121 17.45 1.67 -5.13
N VAL A 122 18.51 0.87 -4.99
CA VAL A 122 18.42 -0.56 -5.23
C VAL A 122 18.53 -1.35 -3.93
N PHE A 123 17.75 -0.93 -2.93
CA PHE A 123 17.76 -1.60 -1.64
C PHE A 123 17.21 -3.02 -1.74
N LYS A 124 17.45 -3.82 -0.71
CA LYS A 124 16.98 -5.20 -0.69
C LYS A 124 17.43 -5.90 0.58
N PRO A 125 18.76 -5.97 0.79
CA PRO A 125 19.34 -6.62 1.97
C PRO A 125 19.08 -5.83 3.25
N GLN A 126 19.74 -6.23 4.33
CA GLN A 126 19.58 -5.57 5.62
C GLN A 126 20.52 -4.38 5.73
N ILE A 127 20.00 -3.19 5.46
CA ILE A 127 20.81 -1.97 5.54
C ILE A 127 19.97 -0.79 6.04
N PRO A 128 20.53 -0.05 7.00
CA PRO A 128 19.85 1.11 7.60
C PRO A 128 19.74 2.28 6.62
N ASN A 129 18.80 2.18 5.69
CA ASN A 129 18.61 3.23 4.69
C ASN A 129 17.12 3.51 4.50
N GLN A 130 16.32 3.21 5.51
CA GLN A 130 14.88 3.43 5.45
C GLN A 130 14.56 4.91 5.26
N SER A 1 15.92 -9.36 4.73
CA SER A 1 15.76 -10.66 5.36
C SER A 1 15.10 -11.65 4.41
N GLN A 2 14.88 -12.87 4.88
CA GLN A 2 14.26 -13.91 4.07
C GLN A 2 12.83 -14.17 4.53
N SER A 3 11.90 -14.12 3.59
CA SER A 3 10.49 -14.35 3.90
C SER A 3 9.64 -14.31 2.64
N LYS A 4 8.33 -14.50 2.80
CA LYS A 4 7.41 -14.48 1.67
C LYS A 4 6.28 -13.49 1.91
N TYR A 5 5.83 -13.40 3.16
CA TYR A 5 4.74 -12.48 3.52
C TYR A 5 4.95 -11.92 4.92
N VAL A 6 4.50 -10.69 5.12
CA VAL A 6 4.62 -10.02 6.41
C VAL A 6 3.36 -9.24 6.76
N LYS A 7 2.59 -9.78 7.69
CA LYS A 7 1.35 -9.13 8.12
C LYS A 7 1.60 -8.23 9.33
N VAL A 8 0.80 -7.17 9.45
CA VAL A 8 0.93 -6.24 10.57
C VAL A 8 -0.39 -5.55 10.87
N TRP A 9 -0.59 -5.18 12.13
CA TRP A 9 -1.82 -4.52 12.54
C TRP A 9 -1.51 -3.15 13.15
N GLU A 10 -2.41 -2.20 12.92
CA GLU A 10 -2.24 -0.84 13.44
C GLU A 10 -3.52 -0.03 13.28
N GLY A 11 -3.55 1.15 13.89
CA GLY A 11 -4.71 2.01 13.79
C GLY A 11 -4.37 3.48 13.95
N ASN A 12 -5.05 4.32 13.20
CA ASN A 12 -4.82 5.77 13.26
C ASN A 12 -5.89 6.52 12.48
N LEU A 13 -5.80 7.85 12.50
CA LEU A 13 -6.76 8.69 11.80
C LEU A 13 -6.05 9.69 10.89
N SER A 14 -5.62 9.22 9.73
CA SER A 14 -4.93 10.07 8.77
C SER A 14 -4.78 9.37 7.42
N GLY A 15 -5.48 9.90 6.41
CA GLY A 15 -5.43 9.32 5.09
C GLY A 15 -6.50 9.85 4.17
N GLN A 16 -6.19 10.93 3.46
CA GLN A 16 -7.14 11.54 2.54
C GLN A 16 -6.45 12.06 1.29
N ARG A 17 -7.19 12.75 0.44
CA ARG A 17 -6.64 13.30 -0.79
C ARG A 17 -6.16 14.74 -0.59
N GLN A 18 -5.01 15.05 -1.19
CA GLN A 18 -4.45 16.39 -1.07
C GLN A 18 -3.66 16.53 0.23
N GLY A 19 -3.38 15.41 0.87
CA GLY A 19 -2.64 15.44 2.12
C GLY A 19 -3.53 15.71 3.32
N GLN A 20 -4.76 15.22 3.26
CA GLN A 20 -5.72 15.42 4.34
C GLN A 20 -5.80 14.17 5.21
N PRO A 21 -6.25 14.35 6.46
CA PRO A 21 -6.40 13.25 7.43
C PRO A 21 -7.53 12.30 7.05
N VAL A 22 -7.84 11.38 7.96
CA VAL A 22 -8.90 10.40 7.72
C VAL A 22 -9.50 9.92 9.03
N LEU A 23 -10.71 9.39 8.95
CA LEU A 23 -11.41 8.89 10.14
C LEU A 23 -10.55 7.88 10.89
N ILE A 24 -10.71 7.84 12.21
CA ILE A 24 -9.95 6.91 13.04
C ILE A 24 -10.42 5.47 12.83
N THR A 25 -9.47 4.55 12.70
CA THR A 25 -9.78 3.14 12.49
C THR A 25 -8.54 2.28 12.63
N ARG A 26 -8.72 1.06 13.13
CA ARG A 26 -7.61 0.13 13.32
C ARG A 26 -7.83 -1.13 12.49
N LEU A 27 -6.92 -1.38 11.56
CA LEU A 27 -7.00 -2.56 10.70
C LEU A 27 -5.63 -3.18 10.48
N GLU A 28 -5.60 -4.33 9.82
CA GLU A 28 -4.35 -5.03 9.55
C GLU A 28 -4.05 -5.04 8.05
N GLY A 29 -2.89 -5.57 7.69
CA GLY A 29 -2.50 -5.63 6.28
C GLY A 29 -1.34 -6.57 6.04
N TYR A 30 -1.35 -7.24 4.91
CA TYR A 30 -0.29 -8.18 4.56
C TYR A 30 0.51 -7.67 3.37
N ARG A 31 1.80 -7.44 3.59
CA ARG A 31 2.69 -6.96 2.54
C ARG A 31 3.68 -8.04 2.11
N SER A 32 3.86 -8.17 0.80
CA SER A 32 4.78 -9.18 0.27
C SER A 32 6.19 -8.99 0.82
N ALA A 33 6.79 -10.08 1.27
CA ALA A 33 8.13 -10.03 1.84
C ALA A 33 9.07 -9.24 0.94
N SER A 34 8.64 -8.99 -0.30
CA SER A 34 9.45 -8.23 -1.25
C SER A 34 9.74 -6.83 -0.72
N ALA A 35 9.09 -6.47 0.38
CA ALA A 35 9.28 -5.16 0.99
C ALA A 35 10.22 -5.24 2.19
N SER A 36 10.60 -4.08 2.71
CA SER A 36 11.50 -4.03 3.86
C SER A 36 10.73 -4.10 5.17
N ASP A 37 11.25 -4.86 6.12
CA ASP A 37 10.61 -5.01 7.41
C ASP A 37 10.26 -3.66 8.02
N SER A 38 11.15 -2.69 7.83
CA SER A 38 10.94 -1.34 8.36
C SER A 38 9.59 -0.79 7.90
N LEU A 39 9.12 -1.25 6.75
CA LEU A 39 7.85 -0.80 6.20
C LEU A 39 6.71 -1.08 7.18
N ALA A 40 6.48 -2.35 7.48
CA ALA A 40 5.43 -2.74 8.40
C ALA A 40 5.70 -2.19 9.80
N ALA A 41 6.97 -2.09 10.16
CA ALA A 41 7.35 -1.58 11.47
C ALA A 41 7.17 -0.07 11.55
N ASN A 42 7.06 0.57 10.39
CA ASN A 42 6.88 2.01 10.33
C ASN A 42 5.57 2.38 9.63
N TRP A 43 4.58 1.49 9.76
CA TRP A 43 3.28 1.71 9.14
C TRP A 43 2.84 3.17 9.29
N PRO A 44 2.81 3.89 8.16
CA PRO A 44 2.42 5.30 8.13
C PRO A 44 0.94 5.49 8.41
N PRO A 45 0.62 6.08 9.57
CA PRO A 45 -0.76 6.34 9.98
C PRO A 45 -1.43 7.43 9.13
N THR A 46 -0.61 8.14 8.36
CA THR A 46 -1.13 9.20 7.50
C THR A 46 -0.76 8.97 6.04
N MET A 47 -1.77 8.86 5.19
CA MET A 47 -1.56 8.63 3.76
C MET A 47 -2.12 9.77 2.94
N GLN A 48 -1.34 10.24 1.97
CA GLN A 48 -1.75 11.33 1.11
C GLN A 48 -1.82 10.89 -0.35
N ILE A 49 -3.02 10.80 -0.89
CA ILE A 49 -3.21 10.38 -2.28
C ILE A 49 -3.36 11.59 -3.19
N VAL A 50 -2.60 11.59 -4.29
CA VAL A 50 -2.64 12.69 -5.25
C VAL A 50 -2.85 12.16 -6.67
N ARG A 51 -2.90 10.84 -6.80
CA ARG A 51 -3.10 10.22 -8.10
C ARG A 51 -4.13 9.10 -8.02
N LEU A 52 -4.40 8.45 -9.16
CA LEU A 52 -5.37 7.37 -9.21
C LEU A 52 -4.81 6.18 -10.00
N ILE A 53 -4.81 5.01 -9.37
CA ILE A 53 -4.31 3.80 -10.01
C ILE A 53 -5.43 2.80 -10.26
N SER A 54 -5.51 2.28 -11.47
CA SER A 54 -6.54 1.31 -11.83
C SER A 54 -6.06 -0.11 -11.55
N GLN A 55 -7.02 -1.04 -11.51
CA GLN A 55 -6.69 -2.45 -11.25
C GLN A 55 -5.83 -3.02 -12.36
N ASP A 56 -5.90 -2.40 -13.54
CA ASP A 56 -5.12 -2.86 -14.69
C ASP A 56 -3.63 -2.90 -14.35
N HIS A 57 -3.22 -2.09 -13.39
CA HIS A 57 -1.82 -2.03 -12.97
C HIS A 57 -1.43 -3.31 -12.23
N MET A 58 -2.42 -3.97 -11.63
CA MET A 58 -2.17 -5.20 -10.89
C MET A 58 -2.12 -6.40 -11.83
N ASN A 59 -2.25 -6.14 -13.13
CA ASN A 59 -2.21 -7.19 -14.13
C ASN A 59 -0.79 -7.41 -14.63
N ASN A 60 0.06 -6.42 -14.41
CA ASN A 60 1.46 -6.50 -14.85
C ASN A 60 2.33 -7.13 -13.77
N LYS A 61 2.73 -8.38 -13.97
CA LYS A 61 3.56 -9.08 -13.01
C LYS A 61 5.03 -8.75 -13.22
N GLN A 62 5.33 -8.03 -14.30
CA GLN A 62 6.69 -7.64 -14.62
C GLN A 62 7.17 -6.52 -13.70
N TYR A 63 6.23 -5.94 -12.95
CA TYR A 63 6.56 -4.86 -12.03
C TYR A 63 6.54 -5.34 -10.58
N VAL A 64 5.78 -6.41 -10.34
CA VAL A 64 5.67 -6.98 -9.00
C VAL A 64 6.92 -7.76 -8.63
N GLY A 65 7.82 -7.94 -9.60
CA GLY A 65 9.05 -8.66 -9.35
C GLY A 65 10.17 -7.76 -8.87
N LYS A 66 10.16 -6.51 -9.34
CA LYS A 66 11.19 -5.55 -8.96
C LYS A 66 10.65 -4.58 -7.92
N ALA A 67 9.52 -4.94 -7.31
CA ALA A 67 8.91 -4.09 -6.29
C ALA A 67 8.26 -4.93 -5.20
N ASP A 68 7.80 -4.27 -4.13
CA ASP A 68 7.17 -4.96 -3.02
C ASP A 68 5.65 -4.93 -3.16
N PHE A 69 4.97 -5.70 -2.32
CA PHE A 69 3.51 -5.76 -2.34
C PHE A 69 2.92 -5.36 -0.99
N LEU A 70 1.75 -4.73 -1.02
CA LEU A 70 1.08 -4.30 0.20
C LEU A 70 -0.42 -4.55 0.11
N VAL A 71 -0.95 -5.31 1.06
CA VAL A 71 -2.38 -5.61 1.10
C VAL A 71 -3.02 -5.08 2.38
N PHE A 72 -4.18 -4.45 2.22
CA PHE A 72 -4.90 -3.89 3.36
C PHE A 72 -6.07 -4.78 3.75
N ARG A 73 -6.07 -5.23 5.00
CA ARG A 73 -7.13 -6.09 5.50
C ARG A 73 -8.04 -5.34 6.47
N ALA A 74 -9.26 -5.06 6.02
CA ALA A 74 -10.22 -4.34 6.85
C ALA A 74 -11.52 -5.14 7.00
N MET A 75 -11.90 -5.39 8.24
CA MET A 75 -13.13 -6.14 8.52
C MET A 75 -14.36 -5.33 8.13
N SER A 76 -14.16 -4.05 7.85
CA SER A 76 -15.26 -3.17 7.47
C SER A 76 -15.24 -2.89 5.97
N GLN A 77 -16.20 -2.10 5.51
CA GLN A 77 -16.28 -1.76 4.09
C GLN A 77 -17.47 -0.83 3.82
N HIS A 78 -17.17 0.38 3.36
CA HIS A 78 -18.22 1.36 3.07
C HIS A 78 -17.82 2.23 1.88
N GLY A 79 -18.64 2.19 0.83
CA GLY A 79 -18.36 2.99 -0.35
C GLY A 79 -17.56 2.22 -1.39
N PHE A 80 -16.84 1.20 -0.94
CA PHE A 80 -16.04 0.39 -1.83
C PHE A 80 -16.85 -0.09 -3.03
N LEU A 81 -18.13 -0.37 -2.79
CA LEU A 81 -19.01 -0.84 -3.85
C LEU A 81 -18.95 0.08 -5.06
N GLY A 82 -18.83 1.39 -4.81
CA GLY A 82 -18.76 2.34 -5.90
C GLY A 82 -17.73 1.96 -6.95
N GLN A 83 -16.46 1.92 -6.53
CA GLN A 83 -15.38 1.56 -7.45
C GLN A 83 -15.45 0.08 -7.82
N LEU A 84 -15.51 -0.78 -6.80
CA LEU A 84 -15.58 -2.22 -7.03
C LEU A 84 -16.61 -2.56 -8.10
N GLN A 85 -17.65 -1.76 -8.18
CA GLN A 85 -18.71 -1.97 -9.16
C GLN A 85 -18.46 -1.13 -10.42
N ASP A 86 -17.70 -0.06 -10.27
CA ASP A 86 -17.39 0.82 -11.39
C ASP A 86 -16.23 0.27 -12.20
N LYS A 87 -15.01 0.39 -11.67
CA LYS A 87 -13.82 -0.10 -12.35
C LYS A 87 -12.97 -0.95 -11.41
N LYS A 88 -13.20 -0.81 -10.11
CA LYS A 88 -12.46 -1.57 -9.11
C LYS A 88 -11.02 -1.08 -9.01
N LEU A 89 -10.84 0.07 -8.35
CA LEU A 89 -9.51 0.64 -8.17
C LEU A 89 -9.50 1.64 -7.02
N CYS A 90 -8.38 2.35 -6.88
CA CYS A 90 -8.24 3.34 -5.80
C CYS A 90 -7.27 4.44 -6.22
N ALA A 91 -6.89 5.27 -5.25
CA ALA A 91 -5.96 6.36 -5.51
C ALA A 91 -4.52 5.94 -5.22
N VAL A 92 -3.56 6.68 -5.78
CA VAL A 92 -2.16 6.38 -5.58
C VAL A 92 -1.52 7.38 -4.60
N ILE A 93 -0.69 6.87 -3.70
CA ILE A 93 -0.02 7.71 -2.72
C ILE A 93 1.38 8.08 -3.18
N GLN A 94 1.59 9.36 -3.48
CA GLN A 94 2.89 9.85 -3.93
C GLN A 94 3.71 10.36 -2.75
N LEU A 95 4.67 9.56 -2.31
CA LEU A 95 5.52 9.93 -1.19
C LEU A 95 6.87 10.46 -1.69
N PRO A 96 7.41 11.46 -0.98
CA PRO A 96 8.70 12.07 -1.33
C PRO A 96 9.87 11.13 -1.10
N SER A 97 9.60 9.99 -0.46
CA SER A 97 10.63 9.00 -0.18
C SER A 97 10.38 7.70 -0.95
N GLN A 98 9.10 7.40 -1.18
CA GLN A 98 8.73 6.19 -1.90
C GLN A 98 7.44 6.41 -2.68
N THR A 99 6.96 5.35 -3.34
CA THR A 99 5.73 5.42 -4.12
C THR A 99 4.81 4.25 -3.81
N LEU A 100 3.66 4.55 -3.23
CA LEU A 100 2.69 3.51 -2.88
C LEU A 100 1.41 3.67 -3.70
N LEU A 101 0.97 2.57 -4.30
CA LEU A 101 -0.25 2.59 -5.12
C LEU A 101 -1.38 1.86 -4.41
N LEU A 102 -2.56 2.47 -4.41
CA LEU A 102 -3.74 1.88 -3.78
C LEU A 102 -4.84 1.62 -4.79
N SER A 103 -5.24 0.37 -4.93
CA SER A 103 -6.29 -0.01 -5.87
C SER A 103 -7.18 -1.10 -5.29
N VAL A 104 -8.46 -0.79 -5.12
CA VAL A 104 -9.42 -1.75 -4.59
C VAL A 104 -10.14 -2.50 -5.69
N SER A 105 -10.01 -3.83 -5.69
CA SER A 105 -10.64 -4.66 -6.70
C SER A 105 -10.70 -6.11 -6.24
N ASP A 106 -11.80 -6.79 -6.56
CA ASP A 106 -11.98 -8.19 -6.19
C ASP A 106 -11.76 -8.37 -4.69
N LYS A 107 -11.99 -7.32 -3.92
CA LYS A 107 -11.82 -7.38 -2.47
C LYS A 107 -12.77 -6.40 -1.77
N ALA A 108 -13.77 -6.94 -1.09
CA ALA A 108 -14.74 -6.13 -0.38
C ALA A 108 -14.19 -5.65 0.97
N CYS A 109 -13.56 -6.57 1.69
CA CYS A 109 -12.99 -6.26 2.99
C CYS A 109 -11.47 -6.18 2.91
N ARG A 110 -10.94 -6.15 1.69
CA ARG A 110 -9.51 -6.08 1.48
C ARG A 110 -9.16 -5.08 0.37
N LEU A 111 -7.90 -4.65 0.34
CA LEU A 111 -7.46 -3.70 -0.66
C LEU A 111 -6.12 -4.13 -1.27
N ILE A 112 -5.92 -3.82 -2.54
CA ILE A 112 -4.69 -4.18 -3.23
C ILE A 112 -3.77 -2.96 -3.37
N GLY A 113 -2.57 -3.08 -2.83
CA GLY A 113 -1.61 -1.99 -2.90
C GLY A 113 -0.25 -2.44 -3.40
N MET A 114 0.52 -1.50 -3.95
CA MET A 114 1.85 -1.82 -4.47
C MET A 114 2.90 -0.86 -3.88
N LEU A 115 4.11 -1.38 -3.69
CA LEU A 115 5.19 -0.57 -3.14
C LEU A 115 6.33 -0.43 -4.15
N PHE A 116 6.55 0.80 -4.62
CA PHE A 116 7.60 1.07 -5.58
C PHE A 116 8.65 2.01 -4.99
N PRO A 117 9.90 1.86 -5.45
CA PRO A 117 11.02 2.68 -4.98
C PRO A 117 10.91 4.14 -5.46
N GLY A 118 10.94 5.07 -4.51
CA GLY A 118 10.84 6.47 -4.85
C GLY A 118 12.14 7.22 -4.62
N ASP A 119 13.02 6.63 -3.81
CA ASP A 119 14.31 7.25 -3.50
C ASP A 119 15.36 6.18 -3.20
N MET A 120 15.51 5.23 -4.11
CA MET A 120 16.49 4.16 -3.94
C MET A 120 17.87 4.72 -3.65
N VAL A 121 18.57 4.10 -2.71
CA VAL A 121 19.91 4.53 -2.33
C VAL A 121 20.98 3.66 -2.98
N VAL A 122 22.14 4.25 -3.24
CA VAL A 122 23.24 3.51 -3.86
C VAL A 122 23.82 2.48 -2.90
N PHE A 123 24.36 2.95 -1.77
CA PHE A 123 24.94 2.05 -0.78
C PHE A 123 23.94 0.97 -0.37
N LYS A 124 24.46 -0.12 0.16
CA LYS A 124 23.62 -1.24 0.61
C LYS A 124 22.64 -1.64 -0.49
N PRO A 125 23.17 -2.20 -1.59
CA PRO A 125 22.36 -2.64 -2.73
C PRO A 125 21.51 -3.86 -2.39
N GLN A 126 22.14 -4.88 -1.81
CA GLN A 126 21.44 -6.10 -1.44
C GLN A 126 21.43 -6.29 0.07
N ILE A 127 21.40 -5.17 0.80
CA ILE A 127 21.39 -5.21 2.26
C ILE A 127 20.62 -4.03 2.83
N PRO A 128 20.17 -4.17 4.08
CA PRO A 128 19.42 -3.11 4.78
C PRO A 128 20.30 -1.91 5.12
N ASN A 129 19.89 -0.74 4.64
CA ASN A 129 20.64 0.49 4.89
C ASN A 129 20.03 1.26 6.06
N GLN A 130 20.83 1.46 7.10
CA GLN A 130 20.37 2.18 8.29
C GLN A 130 20.81 3.64 8.24
N SER A 1 15.56 -8.91 5.47
CA SER A 1 15.05 -10.18 6.00
C SER A 1 14.69 -11.14 4.88
N GLN A 2 14.26 -12.34 5.25
CA GLN A 2 13.89 -13.35 4.27
C GLN A 2 12.51 -13.94 4.58
N SER A 3 11.60 -13.83 3.62
CA SER A 3 10.25 -14.35 3.80
C SER A 3 9.46 -14.23 2.49
N LYS A 4 8.16 -14.52 2.58
CA LYS A 4 7.29 -14.45 1.41
C LYS A 4 6.15 -13.46 1.64
N TYR A 5 5.69 -13.36 2.88
CA TYR A 5 4.61 -12.46 3.23
C TYR A 5 4.86 -11.79 4.58
N VAL A 6 4.37 -10.57 4.73
CA VAL A 6 4.55 -9.82 5.97
C VAL A 6 3.25 -9.12 6.38
N LYS A 7 2.60 -9.64 7.41
CA LYS A 7 1.36 -9.07 7.89
C LYS A 7 1.62 -8.04 9.00
N VAL A 8 0.75 -7.05 9.10
CA VAL A 8 0.89 -6.01 10.12
C VAL A 8 -0.47 -5.52 10.59
N TRP A 9 -0.54 -5.14 11.86
CA TRP A 9 -1.79 -4.64 12.45
C TRP A 9 -1.55 -3.36 13.23
N GLU A 10 -2.45 -2.40 13.06
CA GLU A 10 -2.34 -1.12 13.75
C GLU A 10 -3.63 -0.32 13.61
N GLY A 11 -3.71 0.81 14.33
CA GLY A 11 -4.88 1.64 14.27
C GLY A 11 -4.55 3.12 14.39
N ASN A 12 -5.18 3.94 13.55
CA ASN A 12 -4.93 5.38 13.57
C ASN A 12 -5.84 6.09 12.56
N LEU A 13 -5.71 7.41 12.48
CA LEU A 13 -6.51 8.21 11.57
C LEU A 13 -5.63 8.98 10.59
N SER A 14 -5.29 8.35 9.47
CA SER A 14 -4.45 8.97 8.46
C SER A 14 -4.56 8.23 7.13
N GLY A 15 -5.12 8.91 6.14
CA GLY A 15 -5.28 8.31 4.83
C GLY A 15 -6.29 9.04 3.96
N GLN A 16 -5.83 10.09 3.28
CA GLN A 16 -6.70 10.88 2.42
C GLN A 16 -5.93 11.42 1.23
N ARG A 17 -6.61 12.20 0.39
CA ARG A 17 -6.00 12.79 -0.80
C ARG A 17 -5.48 14.19 -0.50
N GLN A 18 -4.34 14.54 -1.10
CA GLN A 18 -3.74 15.85 -0.90
C GLN A 18 -2.96 15.91 0.41
N GLY A 19 -2.69 14.74 0.98
CA GLY A 19 -1.96 14.68 2.23
C GLY A 19 -2.85 14.89 3.43
N GLN A 20 -4.09 14.46 3.33
CA GLN A 20 -5.05 14.61 4.43
C GLN A 20 -5.19 13.31 5.21
N PRO A 21 -5.61 13.43 6.48
CA PRO A 21 -5.79 12.26 7.36
C PRO A 21 -6.99 11.42 6.95
N VAL A 22 -7.37 10.48 7.80
CA VAL A 22 -8.50 9.61 7.53
C VAL A 22 -9.18 9.16 8.83
N LEU A 23 -10.40 8.66 8.72
CA LEU A 23 -11.16 8.21 9.87
C LEU A 23 -10.32 7.24 10.71
N ILE A 24 -10.39 7.42 12.03
CA ILE A 24 -9.64 6.57 12.95
C ILE A 24 -10.20 5.15 12.97
N THR A 25 -9.32 4.16 12.92
CA THR A 25 -9.73 2.76 12.94
C THR A 25 -8.53 1.84 12.99
N ARG A 26 -8.74 0.63 13.49
CA ARG A 26 -7.66 -0.36 13.60
C ARG A 26 -7.90 -1.53 12.65
N LEU A 27 -6.98 -1.71 11.71
CA LEU A 27 -7.08 -2.79 10.74
C LEU A 27 -5.73 -3.43 10.47
N GLU A 28 -5.71 -4.52 9.71
CA GLU A 28 -4.49 -5.22 9.38
C GLU A 28 -4.21 -5.17 7.89
N GLY A 29 -3.05 -5.68 7.49
CA GLY A 29 -2.68 -5.68 6.08
C GLY A 29 -1.57 -6.67 5.77
N TYR A 30 -1.62 -7.26 4.58
CA TYR A 30 -0.61 -8.22 4.17
C TYR A 30 0.18 -7.71 2.97
N ARG A 31 1.48 -7.53 3.17
CA ARG A 31 2.35 -7.03 2.11
C ARG A 31 3.39 -8.08 1.73
N SER A 32 3.58 -8.29 0.43
CA SER A 32 4.54 -9.27 -0.06
C SER A 32 5.92 -9.03 0.55
N ALA A 33 6.53 -10.09 1.06
CA ALA A 33 7.84 -10.00 1.67
C ALA A 33 8.78 -9.13 0.83
N SER A 34 8.44 -8.97 -0.45
CA SER A 34 9.25 -8.16 -1.36
C SER A 34 9.38 -6.73 -0.86
N ALA A 35 8.60 -6.40 0.17
CA ALA A 35 8.62 -5.06 0.74
C ALA A 35 9.27 -5.07 2.12
N SER A 36 9.46 -3.89 2.69
CA SER A 36 10.07 -3.76 4.00
C SER A 36 9.05 -3.95 5.11
N ASP A 37 9.35 -4.84 6.04
CA ASP A 37 8.46 -5.12 7.16
C ASP A 37 8.34 -3.91 8.08
N SER A 38 9.48 -3.36 8.48
CA SER A 38 9.50 -2.20 9.37
C SER A 38 8.63 -1.08 8.82
N LEU A 39 8.34 -1.15 7.52
CA LEU A 39 7.52 -0.13 6.87
C LEU A 39 6.20 0.06 7.62
N ALA A 40 5.38 -0.99 7.66
CA ALA A 40 4.11 -0.94 8.35
C ALA A 40 4.10 -1.87 9.57
N ALA A 41 5.27 -2.34 9.95
CA ALA A 41 5.40 -3.23 11.09
C ALA A 41 4.93 -2.56 12.37
N ASN A 42 5.42 -1.35 12.62
CA ASN A 42 5.05 -0.59 13.81
C ASN A 42 4.45 0.76 13.44
N TRP A 43 4.26 0.98 12.13
CA TRP A 43 3.70 2.23 11.63
C TRP A 43 2.19 2.13 11.50
N PRO A 44 1.48 3.13 12.02
CA PRO A 44 0.01 3.18 11.97
C PRO A 44 -0.51 3.41 10.56
N PRO A 45 -1.84 3.31 10.39
CA PRO A 45 -2.49 3.51 9.09
C PRO A 45 -2.45 4.96 8.65
N THR A 46 -1.38 5.34 7.95
CA THR A 46 -1.23 6.70 7.46
C THR A 46 -0.73 6.72 6.03
N MET A 47 -1.54 7.24 5.12
CA MET A 47 -1.18 7.32 3.71
C MET A 47 -1.69 8.62 3.08
N GLN A 48 -0.98 9.10 2.07
CA GLN A 48 -1.37 10.33 1.38
C GLN A 48 -1.36 10.13 -0.13
N ILE A 49 -2.55 10.09 -0.72
CA ILE A 49 -2.68 9.91 -2.16
C ILE A 49 -2.78 11.26 -2.87
N VAL A 50 -2.13 11.35 -4.03
CA VAL A 50 -2.15 12.58 -4.81
C VAL A 50 -2.49 12.30 -6.27
N ARG A 51 -2.62 11.02 -6.60
CA ARG A 51 -2.95 10.62 -7.97
C ARG A 51 -4.01 9.52 -7.97
N LEU A 52 -4.37 9.06 -9.16
CA LEU A 52 -5.37 8.01 -9.30
C LEU A 52 -4.83 6.86 -10.16
N ILE A 53 -5.04 5.64 -9.68
CA ILE A 53 -4.58 4.46 -10.41
C ILE A 53 -5.70 3.44 -10.57
N SER A 54 -5.86 2.94 -11.79
CA SER A 54 -6.90 1.95 -12.08
C SER A 54 -6.41 0.54 -11.82
N GLN A 55 -7.34 -0.40 -11.70
CA GLN A 55 -7.00 -1.79 -11.44
C GLN A 55 -6.45 -2.46 -12.70
N ASP A 56 -6.78 -1.89 -13.86
CA ASP A 56 -6.31 -2.42 -15.14
C ASP A 56 -4.80 -2.57 -15.15
N HIS A 57 -4.11 -1.55 -14.65
CA HIS A 57 -2.65 -1.57 -14.60
C HIS A 57 -2.15 -2.26 -13.34
N MET A 58 -3.04 -2.39 -12.36
CA MET A 58 -2.69 -3.04 -11.10
C MET A 58 -2.76 -4.55 -11.22
N ASN A 59 -3.08 -5.04 -12.42
CA ASN A 59 -3.18 -6.47 -12.67
C ASN A 59 -1.97 -6.97 -13.44
N ASN A 60 -0.87 -6.21 -13.38
CA ASN A 60 0.35 -6.59 -14.07
C ASN A 60 1.27 -7.39 -13.16
N LYS A 61 1.33 -8.70 -13.38
CA LYS A 61 2.17 -9.58 -12.58
C LYS A 61 3.60 -9.60 -13.12
N GLN A 62 3.81 -8.97 -14.26
CA GLN A 62 5.13 -8.92 -14.88
C GLN A 62 6.02 -7.90 -14.18
N TYR A 63 5.44 -7.19 -13.22
CA TYR A 63 6.19 -6.17 -12.46
C TYR A 63 6.17 -6.48 -10.97
N VAL A 64 5.46 -7.54 -10.60
CA VAL A 64 5.36 -7.95 -9.20
C VAL A 64 6.56 -8.78 -8.79
N GLY A 65 7.39 -9.14 -9.76
CA GLY A 65 8.57 -9.94 -9.48
C GLY A 65 9.76 -9.09 -9.07
N LYS A 66 9.83 -7.88 -9.61
CA LYS A 66 10.93 -6.98 -9.28
C LYS A 66 10.43 -5.80 -8.44
N ALA A 67 9.32 -6.00 -7.74
CA ALA A 67 8.74 -4.96 -6.90
C ALA A 67 8.09 -5.57 -5.65
N ASP A 68 7.67 -4.70 -4.74
CA ASP A 68 7.03 -5.15 -3.50
C ASP A 68 5.52 -5.10 -3.62
N PHE A 69 4.83 -5.85 -2.77
CA PHE A 69 3.38 -5.88 -2.77
C PHE A 69 2.81 -5.47 -1.42
N LEU A 70 1.66 -4.82 -1.44
CA LEU A 70 1.01 -4.36 -0.22
C LEU A 70 -0.51 -4.52 -0.31
N VAL A 71 -1.07 -5.25 0.65
CA VAL A 71 -2.52 -5.48 0.67
C VAL A 71 -3.13 -4.97 1.98
N PHE A 72 -4.28 -4.31 1.87
CA PHE A 72 -4.96 -3.77 3.04
C PHE A 72 -6.13 -4.67 3.45
N ARG A 73 -6.10 -5.11 4.70
CA ARG A 73 -7.15 -5.98 5.22
C ARG A 73 -8.01 -5.24 6.24
N ALA A 74 -9.25 -4.94 5.85
CA ALA A 74 -10.18 -4.24 6.73
C ALA A 74 -11.48 -5.02 6.90
N MET A 75 -11.79 -5.37 8.13
CA MET A 75 -13.01 -6.13 8.42
C MET A 75 -14.25 -5.33 8.02
N SER A 76 -14.11 -4.01 7.97
CA SER A 76 -15.22 -3.14 7.60
C SER A 76 -14.97 -2.50 6.23
N GLN A 77 -15.91 -1.66 5.79
CA GLN A 77 -15.80 -0.98 4.51
C GLN A 77 -16.98 -0.05 4.28
N HIS A 78 -16.68 1.15 3.81
CA HIS A 78 -17.72 2.14 3.55
C HIS A 78 -17.35 3.02 2.35
N GLY A 79 -18.21 3.02 1.34
CA GLY A 79 -17.96 3.81 0.14
C GLY A 79 -17.24 3.02 -0.93
N PHE A 80 -16.53 1.99 -0.52
CA PHE A 80 -15.78 1.15 -1.46
C PHE A 80 -16.68 0.69 -2.60
N LEU A 81 -17.96 0.50 -2.31
CA LEU A 81 -18.92 0.06 -3.32
C LEU A 81 -18.91 0.99 -4.52
N GLY A 82 -18.70 2.27 -4.26
CA GLY A 82 -18.67 3.24 -5.34
C GLY A 82 -17.73 2.84 -6.46
N GLN A 83 -16.44 2.76 -6.14
CA GLN A 83 -15.44 2.38 -7.14
C GLN A 83 -15.58 0.91 -7.52
N LEU A 84 -15.62 0.04 -6.51
CA LEU A 84 -15.74 -1.38 -6.75
C LEU A 84 -16.85 -1.68 -7.76
N GLN A 85 -17.87 -0.84 -7.76
CA GLN A 85 -18.99 -1.00 -8.68
C GLN A 85 -18.79 -0.16 -9.94
N ASP A 86 -17.98 0.87 -9.82
CA ASP A 86 -17.69 1.75 -10.95
C ASP A 86 -16.62 1.17 -11.85
N LYS A 87 -15.38 1.22 -11.40
CA LYS A 87 -14.25 0.69 -12.16
C LYS A 87 -13.38 -0.21 -11.30
N LYS A 88 -13.52 -0.07 -9.98
CA LYS A 88 -12.75 -0.88 -9.05
C LYS A 88 -11.29 -0.44 -9.03
N LEU A 89 -11.01 0.66 -8.35
CA LEU A 89 -9.65 1.19 -8.26
C LEU A 89 -9.51 2.14 -7.08
N CYS A 90 -8.37 2.81 -7.00
CA CYS A 90 -8.11 3.75 -5.92
C CYS A 90 -7.12 4.82 -6.36
N ALA A 91 -6.60 5.58 -5.39
CA ALA A 91 -5.64 6.63 -5.68
C ALA A 91 -4.21 6.13 -5.54
N VAL A 92 -3.27 6.84 -6.16
CA VAL A 92 -1.86 6.46 -6.12
C VAL A 92 -1.11 7.30 -5.10
N ILE A 93 -0.24 6.66 -4.33
CA ILE A 93 0.56 7.35 -3.33
C ILE A 93 1.91 7.78 -3.88
N GLN A 94 2.13 9.09 -3.95
CA GLN A 94 3.39 9.62 -4.46
C GLN A 94 4.36 9.92 -3.32
N LEU A 95 5.48 9.21 -3.29
CA LEU A 95 6.49 9.40 -2.25
C LEU A 95 7.85 9.70 -2.87
N PRO A 96 8.60 10.61 -2.23
CA PRO A 96 9.93 11.00 -2.70
C PRO A 96 10.95 9.89 -2.52
N SER A 97 10.57 8.84 -1.82
CA SER A 97 11.45 7.71 -1.58
C SER A 97 11.03 6.49 -2.40
N GLN A 98 9.74 6.37 -2.64
CA GLN A 98 9.20 5.26 -3.42
C GLN A 98 7.86 5.62 -4.05
N THR A 99 7.31 4.71 -4.85
CA THR A 99 6.04 4.94 -5.50
C THR A 99 5.04 3.84 -5.16
N LEU A 100 4.00 4.22 -4.43
CA LEU A 100 2.97 3.27 -4.02
C LEU A 100 1.67 3.50 -4.80
N LEU A 101 1.06 2.42 -5.26
CA LEU A 101 -0.19 2.50 -6.01
C LEU A 101 -1.32 1.80 -5.27
N LEU A 102 -2.37 2.55 -4.96
CA LEU A 102 -3.52 2.01 -4.25
C LEU A 102 -4.71 1.84 -5.20
N SER A 103 -5.22 0.62 -5.30
CA SER A 103 -6.35 0.33 -6.17
C SER A 103 -7.25 -0.73 -5.54
N VAL A 104 -8.52 -0.39 -5.36
CA VAL A 104 -9.49 -1.31 -4.78
C VAL A 104 -10.20 -2.12 -5.85
N SER A 105 -10.03 -3.43 -5.81
CA SER A 105 -10.65 -4.32 -6.79
C SER A 105 -11.83 -5.06 -6.17
N ASP A 106 -12.28 -6.10 -6.85
CA ASP A 106 -13.41 -6.89 -6.37
C ASP A 106 -13.39 -7.01 -4.85
N LYS A 107 -12.19 -7.05 -4.28
CA LYS A 107 -12.03 -7.15 -2.84
C LYS A 107 -12.96 -6.17 -2.12
N ALA A 108 -13.91 -6.71 -1.35
CA ALA A 108 -14.85 -5.89 -0.61
C ALA A 108 -14.27 -5.46 0.73
N CYS A 109 -13.63 -6.40 1.43
CA CYS A 109 -13.04 -6.12 2.73
C CYS A 109 -11.51 -6.07 2.63
N ARG A 110 -11.01 -5.99 1.40
CA ARG A 110 -9.58 -5.93 1.16
C ARG A 110 -9.25 -4.93 0.06
N LEU A 111 -8.00 -4.47 0.03
CA LEU A 111 -7.56 -3.51 -0.97
C LEU A 111 -6.24 -3.95 -1.61
N ILE A 112 -6.05 -3.59 -2.87
CA ILE A 112 -4.83 -3.95 -3.58
C ILE A 112 -3.85 -2.77 -3.62
N GLY A 113 -2.60 -3.03 -3.24
CA GLY A 113 -1.60 -1.98 -3.24
C GLY A 113 -0.27 -2.46 -3.81
N MET A 114 0.34 -1.63 -4.64
CA MET A 114 1.62 -1.98 -5.26
C MET A 114 2.72 -1.03 -4.78
N LEU A 115 3.92 -1.57 -4.61
CA LEU A 115 5.06 -0.78 -4.15
C LEU A 115 6.20 -0.83 -5.16
N PHE A 116 6.53 0.32 -5.73
CA PHE A 116 7.60 0.40 -6.72
C PHE A 116 8.77 1.24 -6.18
N PRO A 117 9.98 0.93 -6.66
CA PRO A 117 11.19 1.63 -6.25
C PRO A 117 11.25 3.07 -6.77
N GLY A 118 11.45 4.01 -5.86
CA GLY A 118 11.51 5.41 -6.25
C GLY A 118 12.88 6.02 -6.01
N ASP A 119 13.65 5.40 -5.12
CA ASP A 119 14.99 5.88 -4.80
C ASP A 119 15.99 4.73 -4.75
N MET A 120 16.14 4.03 -5.87
CA MET A 120 17.06 2.90 -5.95
C MET A 120 18.44 3.28 -5.43
N VAL A 121 18.76 2.83 -4.21
CA VAL A 121 20.04 3.13 -3.61
C VAL A 121 21.09 2.07 -3.96
N VAL A 122 22.35 2.45 -3.89
CA VAL A 122 23.45 1.53 -4.19
C VAL A 122 24.01 0.90 -2.92
N PHE A 123 23.13 0.38 -2.08
CA PHE A 123 23.53 -0.25 -0.83
C PHE A 123 24.51 -1.39 -1.09
N LYS A 124 25.33 -1.69 -0.09
CA LYS A 124 26.32 -2.77 -0.21
C LYS A 124 27.16 -2.88 1.05
N PRO A 125 27.85 -1.78 1.41
CA PRO A 125 28.70 -1.74 2.60
C PRO A 125 27.89 -1.76 3.89
N GLN A 126 28.56 -1.53 5.01
CA GLN A 126 27.91 -1.51 6.31
C GLN A 126 27.24 -0.17 6.58
N ILE A 127 25.95 -0.08 6.28
CA ILE A 127 25.20 1.15 6.49
C ILE A 127 23.77 0.87 6.94
N PRO A 128 23.33 1.58 7.99
CA PRO A 128 21.99 1.42 8.54
C PRO A 128 20.91 1.95 7.59
N ASN A 129 20.59 1.16 6.57
CA ASN A 129 19.57 1.55 5.60
C ASN A 129 18.21 0.97 5.98
N GLN A 130 17.20 1.83 5.98
CA GLN A 130 15.84 1.40 6.33
C GLN A 130 14.99 1.25 5.07
N SER A 1 15.94 -14.28 -2.69
CA SER A 1 14.66 -14.23 -1.98
C SER A 1 13.74 -15.35 -2.45
N GLN A 2 12.88 -15.82 -1.54
CA GLN A 2 11.94 -16.88 -1.87
C GLN A 2 10.51 -16.47 -1.51
N SER A 3 9.60 -17.44 -1.56
CA SER A 3 8.20 -17.19 -1.25
C SER A 3 8.01 -16.93 0.24
N LYS A 4 7.32 -15.85 0.57
CA LYS A 4 7.07 -15.49 1.96
C LYS A 4 6.18 -14.25 2.06
N TYR A 5 5.76 -13.93 3.27
CA TYR A 5 4.90 -12.77 3.49
C TYR A 5 5.07 -12.24 4.91
N VAL A 6 4.44 -11.09 5.19
CA VAL A 6 4.53 -10.48 6.51
C VAL A 6 3.27 -9.65 6.81
N LYS A 7 2.43 -10.16 7.70
CA LYS A 7 1.21 -9.47 8.07
C LYS A 7 1.42 -8.61 9.32
N VAL A 8 1.01 -7.35 9.23
CA VAL A 8 1.15 -6.43 10.35
C VAL A 8 -0.12 -5.63 10.57
N TRP A 9 -0.34 -5.19 11.81
CA TRP A 9 -1.52 -4.42 12.15
C TRP A 9 -1.14 -3.16 12.92
N GLU A 10 -2.02 -2.16 12.89
CA GLU A 10 -1.77 -0.90 13.58
C GLU A 10 -3.01 -0.01 13.55
N GLY A 11 -2.96 1.09 14.29
CA GLY A 11 -4.08 2.01 14.33
C GLY A 11 -3.64 3.46 14.46
N ASN A 12 -4.27 4.33 13.67
CA ASN A 12 -3.94 5.76 13.69
C ASN A 12 -4.85 6.54 12.76
N LEU A 13 -4.61 7.84 12.67
CA LEU A 13 -5.41 8.71 11.80
C LEU A 13 -4.51 9.54 10.89
N SER A 14 -4.17 8.97 9.74
CA SER A 14 -3.31 9.65 8.78
C SER A 14 -3.37 8.96 7.41
N GLY A 15 -3.92 9.67 6.43
CA GLY A 15 -4.03 9.11 5.09
C GLY A 15 -5.02 9.87 4.23
N GLN A 16 -4.55 10.90 3.54
CA GLN A 16 -5.39 11.70 2.68
C GLN A 16 -4.63 12.18 1.45
N ARG A 17 -5.25 13.07 0.68
CA ARG A 17 -4.63 13.60 -0.53
C ARG A 17 -3.88 14.90 -0.23
N GLN A 18 -2.73 15.07 -0.87
CA GLN A 18 -1.92 16.27 -0.67
C GLN A 18 -1.13 16.18 0.63
N GLY A 19 -1.03 14.98 1.19
CA GLY A 19 -0.30 14.78 2.42
C GLY A 19 -1.14 15.12 3.64
N GLN A 20 -2.44 14.89 3.55
CA GLN A 20 -3.34 15.18 4.66
C GLN A 20 -3.62 13.93 5.48
N PRO A 21 -4.06 14.12 6.73
CA PRO A 21 -4.37 13.02 7.65
C PRO A 21 -5.61 12.24 7.22
N VAL A 22 -6.07 11.35 8.09
CA VAL A 22 -7.25 10.54 7.81
C VAL A 22 -7.95 10.12 9.09
N LEU A 23 -9.21 9.72 8.96
CA LEU A 23 -10.00 9.29 10.11
C LEU A 23 -9.26 8.23 10.92
N ILE A 24 -9.45 8.25 12.24
CA ILE A 24 -8.80 7.29 13.11
C ILE A 24 -9.40 5.89 12.93
N THR A 25 -8.54 4.88 12.91
CA THR A 25 -8.98 3.50 12.75
C THR A 25 -7.80 2.53 12.82
N ARG A 26 -8.08 1.30 13.24
CA ARG A 26 -7.03 0.28 13.35
C ARG A 26 -7.35 -0.91 12.45
N LEU A 27 -6.46 -1.18 11.50
CA LEU A 27 -6.65 -2.29 10.58
C LEU A 27 -5.34 -3.06 10.38
N GLU A 28 -5.41 -4.19 9.69
CA GLU A 28 -4.23 -5.01 9.42
C GLU A 28 -3.92 -5.04 7.93
N GLY A 29 -2.79 -5.66 7.59
CA GLY A 29 -2.40 -5.75 6.19
C GLY A 29 -1.29 -6.76 5.97
N TYR A 30 -1.32 -7.42 4.82
CA TYR A 30 -0.31 -8.42 4.49
C TYR A 30 0.52 -7.99 3.28
N ARG A 31 1.83 -7.89 3.48
CA ARG A 31 2.73 -7.49 2.41
C ARG A 31 3.67 -8.63 2.03
N SER A 32 3.92 -8.77 0.73
CA SER A 32 4.79 -9.83 0.23
C SER A 32 6.21 -9.66 0.76
N ALA A 33 6.79 -10.75 1.25
CA ALA A 33 8.14 -10.72 1.79
C ALA A 33 9.08 -9.95 0.87
N SER A 34 8.65 -9.74 -0.37
CA SER A 34 9.46 -9.03 -1.35
C SER A 34 9.79 -7.62 -0.85
N ALA A 35 9.13 -7.21 0.23
CA ALA A 35 9.37 -5.89 0.80
C ALA A 35 10.25 -5.97 2.04
N SER A 36 10.62 -4.82 2.57
CA SER A 36 11.47 -4.76 3.75
C SER A 36 10.68 -5.11 5.01
N ASP A 37 11.30 -5.88 5.89
CA ASP A 37 10.67 -6.30 7.13
C ASP A 37 10.30 -5.09 7.99
N SER A 38 11.27 -4.19 8.19
CA SER A 38 11.06 -2.99 8.98
C SER A 38 9.91 -2.16 8.41
N LEU A 39 9.61 -2.37 7.14
CA LEU A 39 8.53 -1.65 6.48
C LEU A 39 7.20 -1.88 7.17
N ALA A 40 6.76 -3.13 7.17
CA ALA A 40 5.49 -3.50 7.81
C ALA A 40 5.63 -3.48 9.33
N ALA A 41 6.86 -3.64 9.82
CA ALA A 41 7.11 -3.65 11.25
C ALA A 41 6.77 -2.30 11.88
N ASN A 42 7.24 -1.23 11.26
CA ASN A 42 6.99 0.12 11.75
C ASN A 42 6.25 0.96 10.72
N TRP A 43 5.51 0.28 9.84
CA TRP A 43 4.75 0.96 8.80
C TRP A 43 3.95 2.12 9.37
N PRO A 44 4.26 3.34 8.91
CA PRO A 44 3.58 4.56 9.37
C PRO A 44 2.14 4.64 8.88
N PRO A 45 1.20 4.79 9.84
CA PRO A 45 -0.23 4.89 9.52
C PRO A 45 -0.58 6.19 8.81
N THR A 46 0.35 6.70 8.02
CA THR A 46 0.13 7.94 7.28
C THR A 46 0.40 7.75 5.80
N MET A 47 -0.63 7.93 4.99
CA MET A 47 -0.50 7.79 3.54
C MET A 47 -0.86 9.08 2.83
N GLN A 48 -0.22 9.33 1.69
CA GLN A 48 -0.47 10.54 0.91
C GLN A 48 -0.69 10.20 -0.57
N ILE A 49 -1.96 10.10 -0.96
CA ILE A 49 -2.30 9.78 -2.34
C ILE A 49 -2.62 11.06 -3.13
N VAL A 50 -1.89 11.27 -4.21
CA VAL A 50 -2.08 12.43 -5.07
C VAL A 50 -2.29 12.03 -6.52
N ARG A 51 -2.27 10.73 -6.77
CA ARG A 51 -2.46 10.21 -8.12
C ARG A 51 -3.52 9.12 -8.16
N LEU A 52 -3.82 8.62 -9.34
CA LEU A 52 -4.82 7.56 -9.51
C LEU A 52 -4.27 6.40 -10.32
N ILE A 53 -4.50 5.19 -9.84
CA ILE A 53 -4.03 3.99 -10.53
C ILE A 53 -5.16 3.00 -10.76
N SER A 54 -5.27 2.50 -11.99
CA SER A 54 -6.31 1.55 -12.35
C SER A 54 -5.83 0.12 -12.14
N GLN A 55 -6.77 -0.81 -12.11
CA GLN A 55 -6.44 -2.23 -11.91
C GLN A 55 -5.73 -2.78 -13.14
N ASP A 56 -5.91 -2.12 -14.28
CA ASP A 56 -5.28 -2.57 -15.52
C ASP A 56 -3.77 -2.69 -15.36
N HIS A 57 -3.16 -1.71 -14.69
CA HIS A 57 -1.72 -1.71 -14.47
C HIS A 57 -1.32 -2.85 -13.53
N MET A 58 -2.30 -3.38 -12.81
CA MET A 58 -2.06 -4.47 -11.87
C MET A 58 -2.24 -5.83 -12.54
N ASN A 59 -2.56 -5.79 -13.84
CA ASN A 59 -2.76 -7.02 -14.60
C ASN A 59 -1.42 -7.60 -15.05
N ASN A 60 -0.39 -6.77 -15.05
CA ASN A 60 0.94 -7.22 -15.46
C ASN A 60 1.76 -7.68 -14.25
N LYS A 61 1.99 -8.98 -14.18
CA LYS A 61 2.77 -9.55 -13.08
C LYS A 61 4.26 -9.43 -13.34
N GLN A 62 4.61 -8.97 -14.53
CA GLN A 62 6.01 -8.81 -14.90
C GLN A 62 6.70 -7.78 -14.03
N TYR A 63 5.90 -7.01 -13.30
CA TYR A 63 6.42 -5.97 -12.42
C TYR A 63 6.30 -6.39 -10.95
N VAL A 64 5.38 -7.30 -10.67
CA VAL A 64 5.16 -7.78 -9.32
C VAL A 64 6.31 -8.68 -8.86
N GLY A 65 7.20 -9.01 -9.79
CA GLY A 65 8.33 -9.86 -9.47
C GLY A 65 9.56 -9.06 -9.08
N LYS A 66 9.66 -7.85 -9.62
CA LYS A 66 10.80 -6.98 -9.34
C LYS A 66 10.45 -5.95 -8.27
N ALA A 67 9.26 -6.10 -7.68
CA ALA A 67 8.80 -5.18 -6.64
C ALA A 67 8.15 -5.94 -5.49
N ASP A 68 7.83 -5.22 -4.42
CA ASP A 68 7.22 -5.82 -3.25
C ASP A 68 5.69 -5.74 -3.35
N PHE A 69 5.01 -6.45 -2.46
CA PHE A 69 3.55 -6.47 -2.44
C PHE A 69 3.01 -5.98 -1.10
N LEU A 70 1.89 -5.27 -1.14
CA LEU A 70 1.28 -4.75 0.08
C LEU A 70 -0.24 -4.84 0.00
N VAL A 71 -0.85 -5.51 0.97
CA VAL A 71 -2.30 -5.66 1.02
C VAL A 71 -2.87 -5.15 2.33
N PHE A 72 -4.02 -4.50 2.25
CA PHE A 72 -4.68 -3.96 3.44
C PHE A 72 -5.98 -4.70 3.73
N ARG A 73 -6.08 -5.25 4.94
CA ARG A 73 -7.27 -5.99 5.34
C ARG A 73 -8.03 -5.23 6.44
N ALA A 74 -9.24 -4.80 6.12
CA ALA A 74 -10.07 -4.08 7.08
C ALA A 74 -11.37 -4.83 7.37
N MET A 75 -12.03 -4.45 8.45
CA MET A 75 -13.28 -5.09 8.85
C MET A 75 -14.47 -4.31 8.33
N SER A 76 -14.28 -3.01 8.11
CA SER A 76 -15.35 -2.15 7.62
C SER A 76 -15.15 -1.83 6.14
N GLN A 77 -16.03 -1.00 5.60
CA GLN A 77 -15.96 -0.62 4.19
C GLN A 77 -17.01 0.43 3.85
N HIS A 78 -16.60 1.47 3.14
CA HIS A 78 -17.51 2.55 2.75
C HIS A 78 -17.12 3.12 1.39
N GLY A 79 -18.12 3.29 0.53
CA GLY A 79 -17.86 3.83 -0.80
C GLY A 79 -16.93 2.95 -1.61
N PHE A 80 -16.75 1.71 -1.18
CA PHE A 80 -15.88 0.77 -1.86
C PHE A 80 -16.59 0.15 -3.07
N LEU A 81 -17.87 -0.14 -2.91
CA LEU A 81 -18.66 -0.73 -3.98
C LEU A 81 -18.61 0.12 -5.24
N GLY A 82 -18.54 1.44 -5.05
CA GLY A 82 -18.48 2.35 -6.18
C GLY A 82 -17.46 1.93 -7.22
N GLN A 83 -16.19 1.88 -6.81
CA GLN A 83 -15.11 1.49 -7.71
C GLN A 83 -15.13 -0.01 -7.97
N LEU A 84 -15.16 -0.79 -6.90
CA LEU A 84 -15.18 -2.25 -7.01
C LEU A 84 -16.21 -2.70 -8.04
N GLN A 85 -17.29 -1.93 -8.15
CA GLN A 85 -18.36 -2.25 -9.10
C GLN A 85 -18.17 -1.48 -10.41
N ASP A 86 -17.46 -0.37 -10.33
CA ASP A 86 -17.21 0.46 -11.51
C ASP A 86 -16.07 -0.12 -12.34
N LYS A 87 -14.84 0.07 -11.86
CA LYS A 87 -13.66 -0.43 -12.55
C LYS A 87 -12.76 -1.20 -11.60
N LYS A 88 -12.94 -0.97 -10.30
CA LYS A 88 -12.13 -1.64 -9.29
C LYS A 88 -10.71 -1.09 -9.27
N LEU A 89 -10.52 0.06 -8.65
CA LEU A 89 -9.20 0.68 -8.56
C LEU A 89 -9.14 1.66 -7.39
N CYS A 90 -8.02 2.36 -7.28
CA CYS A 90 -7.83 3.33 -6.21
C CYS A 90 -6.81 4.39 -6.61
N ALA A 91 -6.35 5.16 -5.63
CA ALA A 91 -5.38 6.22 -5.87
C ALA A 91 -3.95 5.72 -5.66
N VAL A 92 -2.98 6.43 -6.22
CA VAL A 92 -1.58 6.06 -6.08
C VAL A 92 -0.87 6.96 -5.08
N ILE A 93 -0.06 6.34 -4.21
CA ILE A 93 0.68 7.09 -3.20
C ILE A 93 2.09 7.40 -3.67
N GLN A 94 2.53 8.64 -3.45
CA GLN A 94 3.87 9.06 -3.86
C GLN A 94 4.75 9.30 -2.64
N LEU A 95 5.86 8.56 -2.57
CA LEU A 95 6.79 8.70 -1.46
C LEU A 95 8.15 9.20 -1.94
N PRO A 96 8.81 10.03 -1.11
CA PRO A 96 10.11 10.59 -1.42
C PRO A 96 11.22 9.54 -1.41
N SER A 97 10.87 8.34 -0.98
CA SER A 97 11.84 7.25 -0.90
C SER A 97 11.49 6.15 -1.90
N GLN A 98 10.19 6.01 -2.19
CA GLN A 98 9.73 4.99 -3.12
C GLN A 98 8.34 5.34 -3.66
N THR A 99 7.77 4.44 -4.45
CA THR A 99 6.45 4.65 -5.03
C THR A 99 5.50 3.54 -4.64
N LEU A 100 4.31 3.92 -4.18
CA LEU A 100 3.30 2.95 -3.77
C LEU A 100 2.00 3.16 -4.54
N LEU A 101 1.43 2.08 -5.07
CA LEU A 101 0.19 2.16 -5.82
C LEU A 101 -0.94 1.48 -5.05
N LEU A 102 -2.09 2.16 -4.97
CA LEU A 102 -3.25 1.62 -4.27
C LEU A 102 -4.42 1.43 -5.23
N SER A 103 -4.92 0.20 -5.31
CA SER A 103 -6.03 -0.12 -6.18
C SER A 103 -6.96 -1.15 -5.53
N VAL A 104 -8.24 -0.80 -5.43
CA VAL A 104 -9.22 -1.70 -4.84
C VAL A 104 -9.92 -2.55 -5.90
N SER A 105 -9.85 -3.86 -5.74
CA SER A 105 -10.47 -4.78 -6.68
C SER A 105 -10.57 -6.19 -6.09
N ASP A 106 -11.68 -6.86 -6.36
CA ASP A 106 -11.90 -8.21 -5.86
C ASP A 106 -11.75 -8.26 -4.35
N LYS A 107 -11.91 -7.10 -3.71
CA LYS A 107 -11.80 -7.02 -2.25
C LYS A 107 -12.78 -5.99 -1.70
N ALA A 108 -13.80 -6.47 -1.00
CA ALA A 108 -14.80 -5.59 -0.41
C ALA A 108 -14.28 -4.94 0.86
N CYS A 109 -13.66 -5.74 1.73
CA CYS A 109 -13.12 -5.23 2.99
C CYS A 109 -11.59 -5.21 2.94
N ARG A 110 -11.04 -5.41 1.75
CA ARG A 110 -9.58 -5.41 1.58
C ARG A 110 -9.16 -4.48 0.44
N LEU A 111 -7.87 -4.19 0.36
CA LEU A 111 -7.34 -3.31 -0.68
C LEU A 111 -6.03 -3.84 -1.23
N ILE A 112 -5.82 -3.65 -2.53
CA ILE A 112 -4.60 -4.11 -3.17
C ILE A 112 -3.59 -2.98 -3.32
N GLY A 113 -2.35 -3.25 -2.91
CA GLY A 113 -1.31 -2.24 -3.00
C GLY A 113 0.00 -2.81 -3.50
N MET A 114 0.75 -2.00 -4.23
CA MET A 114 2.04 -2.42 -4.77
C MET A 114 3.17 -1.51 -4.30
N LEU A 115 4.32 -2.10 -4.02
CA LEU A 115 5.48 -1.34 -3.56
C LEU A 115 6.58 -1.33 -4.62
N PHE A 116 6.78 -0.18 -5.24
CA PHE A 116 7.80 -0.03 -6.28
C PHE A 116 8.93 0.88 -5.79
N PRO A 117 10.17 0.54 -6.19
CA PRO A 117 11.36 1.31 -5.82
C PRO A 117 11.39 2.68 -6.50
N GLY A 118 11.45 3.74 -5.70
CA GLY A 118 11.50 5.08 -6.23
C GLY A 118 12.86 5.43 -6.80
N ASP A 119 13.90 4.84 -6.24
CA ASP A 119 15.27 5.09 -6.70
C ASP A 119 16.12 3.83 -6.61
N MET A 120 15.48 2.68 -6.78
CA MET A 120 16.19 1.40 -6.70
C MET A 120 17.22 1.42 -5.59
N VAL A 121 16.86 1.99 -4.44
CA VAL A 121 17.75 2.07 -3.30
C VAL A 121 18.09 0.68 -2.77
N VAL A 122 19.35 0.48 -2.40
CA VAL A 122 19.80 -0.80 -1.87
C VAL A 122 20.25 -0.67 -0.42
N PHE A 123 20.45 0.55 0.02
CA PHE A 123 20.89 0.82 1.39
C PHE A 123 19.97 0.11 2.39
N LYS A 124 20.48 -0.08 3.60
CA LYS A 124 19.72 -0.76 4.65
C LYS A 124 18.35 -0.10 4.83
N PRO A 125 17.41 -0.84 5.42
CA PRO A 125 16.05 -0.36 5.65
C PRO A 125 16.00 0.72 6.73
N GLN A 126 16.67 0.46 7.85
CA GLN A 126 16.70 1.42 8.95
C GLN A 126 17.12 2.80 8.47
N ILE A 127 16.46 3.83 8.97
CA ILE A 127 16.77 5.20 8.59
C ILE A 127 16.44 5.45 7.12
N PRO A 128 15.74 6.56 6.85
CA PRO A 128 15.36 6.95 5.49
C PRO A 128 16.55 7.37 4.64
N ASN A 129 16.37 7.35 3.33
CA ASN A 129 17.44 7.73 2.41
C ASN A 129 17.02 8.93 1.56
N GLN A 130 17.65 10.08 1.81
CA GLN A 130 17.34 11.30 1.07
C GLN A 130 18.01 11.29 -0.30
N SER A 1 16.79 -8.45 8.59
CA SER A 1 16.35 -9.83 8.77
C SER A 1 15.81 -10.40 7.46
N GLN A 2 15.39 -11.66 7.49
CA GLN A 2 14.86 -12.32 6.31
C GLN A 2 13.40 -12.76 6.52
N SER A 3 12.62 -12.70 5.46
CA SER A 3 11.20 -13.07 5.53
C SER A 3 10.55 -13.00 4.16
N LYS A 4 9.24 -13.28 4.13
CA LYS A 4 8.50 -13.24 2.88
C LYS A 4 7.27 -12.33 3.00
N TYR A 5 6.65 -12.35 4.17
CA TYR A 5 5.46 -11.53 4.42
C TYR A 5 5.43 -11.06 5.87
N VAL A 6 4.70 -9.97 6.11
CA VAL A 6 4.59 -9.42 7.45
C VAL A 6 3.22 -8.78 7.66
N LYS A 7 2.38 -9.45 8.45
CA LYS A 7 1.04 -8.96 8.73
C LYS A 7 1.02 -8.12 10.02
N VAL A 8 0.50 -6.90 9.92
CA VAL A 8 0.43 -6.01 11.07
C VAL A 8 -0.99 -5.51 11.28
N TRP A 9 -1.24 -4.94 12.46
CA TRP A 9 -2.57 -4.42 12.79
C TRP A 9 -2.46 -3.16 13.64
N GLU A 10 -3.38 -2.22 13.43
CA GLU A 10 -3.39 -0.98 14.18
C GLU A 10 -4.66 -0.19 13.92
N GLY A 11 -4.85 0.90 14.66
CA GLY A 11 -6.03 1.72 14.49
C GLY A 11 -5.75 3.20 14.69
N ASN A 12 -6.32 4.03 13.83
CA ASN A 12 -6.13 5.47 13.92
C ASN A 12 -7.00 6.21 12.90
N LEU A 13 -6.87 7.52 12.86
CA LEU A 13 -7.65 8.34 11.93
C LEU A 13 -6.74 9.27 11.14
N SER A 14 -6.23 8.79 10.01
CA SER A 14 -5.35 9.58 9.16
C SER A 14 -5.21 8.96 7.78
N GLY A 15 -5.74 9.65 6.77
CA GLY A 15 -5.67 9.15 5.41
C GLY A 15 -6.61 9.89 4.47
N GLN A 16 -6.12 10.98 3.90
CA GLN A 16 -6.92 11.78 2.97
C GLN A 16 -6.06 12.36 1.86
N ARG A 17 -6.64 13.27 1.08
CA ARG A 17 -5.93 13.90 -0.03
C ARG A 17 -5.39 15.26 0.39
N GLN A 18 -4.19 15.59 -0.07
CA GLN A 18 -3.57 16.87 0.25
C GLN A 18 -2.93 16.83 1.63
N GLY A 19 -2.77 15.63 2.17
CA GLY A 19 -2.16 15.47 3.48
C GLY A 19 -3.17 15.64 4.59
N GLN A 20 -4.42 15.25 4.34
CA GLN A 20 -5.48 15.37 5.34
C GLN A 20 -5.71 14.03 6.04
N PRO A 21 -6.26 14.10 7.27
CA PRO A 21 -6.55 12.91 8.07
C PRO A 21 -7.68 12.08 7.48
N VAL A 22 -8.13 11.09 8.25
CA VAL A 22 -9.23 10.23 7.81
C VAL A 22 -10.02 9.69 9.00
N LEU A 23 -11.22 9.20 8.73
CA LEU A 23 -12.08 8.66 9.78
C LEU A 23 -11.34 7.63 10.61
N ILE A 24 -11.69 7.54 11.89
CA ILE A 24 -11.06 6.59 12.80
C ILE A 24 -11.48 5.16 12.46
N THR A 25 -10.52 4.24 12.53
CA THR A 25 -10.79 2.84 12.23
C THR A 25 -9.56 1.97 12.53
N ARG A 26 -9.82 0.73 12.94
CA ARG A 26 -8.74 -0.20 13.26
C ARG A 26 -8.84 -1.46 12.41
N LEU A 27 -7.81 -1.71 11.60
CA LEU A 27 -7.78 -2.89 10.74
C LEU A 27 -6.37 -3.44 10.62
N GLU A 28 -6.24 -4.56 9.92
CA GLU A 28 -4.94 -5.20 9.73
C GLU A 28 -4.51 -5.15 8.26
N GLY A 29 -3.31 -5.64 7.98
CA GLY A 29 -2.82 -5.64 6.62
C GLY A 29 -1.59 -6.52 6.44
N TYR A 30 -1.41 -7.06 5.24
CA TYR A 30 -0.27 -7.92 4.96
C TYR A 30 0.64 -7.28 3.92
N ARG A 31 1.89 -7.03 4.31
CA ARG A 31 2.86 -6.43 3.40
C ARG A 31 4.01 -7.40 3.12
N SER A 32 4.43 -7.47 1.87
CA SER A 32 5.51 -8.34 1.46
C SER A 32 6.80 -7.99 2.21
N ALA A 33 7.44 -9.02 2.76
CA ALA A 33 8.68 -8.81 3.50
C ALA A 33 9.66 -7.94 2.72
N SER A 34 9.38 -7.77 1.42
CA SER A 34 10.24 -6.97 0.56
C SER A 34 10.34 -5.53 1.08
N ALA A 35 9.49 -5.21 2.06
CA ALA A 35 9.50 -3.87 2.65
C ALA A 35 10.31 -3.83 3.93
N SER A 36 10.48 -2.63 4.48
CA SER A 36 11.25 -2.46 5.71
C SER A 36 10.48 -3.01 6.91
N ASP A 37 11.21 -3.27 7.99
CA ASP A 37 10.59 -3.80 9.21
C ASP A 37 9.55 -2.82 9.76
N SER A 38 9.94 -1.55 9.86
CA SER A 38 9.05 -0.52 10.38
C SER A 38 7.91 -0.24 9.40
N LEU A 39 8.11 -0.63 8.15
CA LEU A 39 7.11 -0.42 7.11
C LEU A 39 5.75 -0.95 7.56
N ALA A 40 5.74 -2.14 8.15
CA ALA A 40 4.51 -2.75 8.64
C ALA A 40 4.45 -2.74 10.16
N ALA A 41 5.58 -3.05 10.79
CA ALA A 41 5.64 -3.08 12.24
C ALA A 41 5.23 -1.74 12.84
N ASN A 42 5.68 -0.65 12.22
CA ASN A 42 5.35 0.69 12.69
C ASN A 42 4.61 1.47 11.61
N TRP A 43 3.93 0.76 10.73
CA TRP A 43 3.17 1.39 9.65
C TRP A 43 2.28 2.49 10.19
N PRO A 44 2.56 3.73 9.76
CA PRO A 44 1.79 4.91 10.20
C PRO A 44 0.38 4.92 9.62
N PRO A 45 -0.62 5.02 10.49
CA PRO A 45 -2.04 5.05 10.09
C PRO A 45 -2.40 6.34 9.37
N THR A 46 -1.41 6.98 8.76
CA THR A 46 -1.63 8.23 8.05
C THR A 46 -1.18 8.12 6.60
N MET A 47 -2.12 8.28 5.67
CA MET A 47 -1.82 8.20 4.25
C MET A 47 -2.24 9.48 3.54
N GLN A 48 -1.51 9.82 2.47
CA GLN A 48 -1.80 11.02 1.70
C GLN A 48 -1.88 10.71 0.22
N ILE A 49 -3.10 10.49 -0.27
CA ILE A 49 -3.32 10.18 -1.68
C ILE A 49 -3.73 11.42 -2.46
N VAL A 50 -2.99 11.73 -3.52
CA VAL A 50 -3.27 12.89 -4.35
C VAL A 50 -3.34 12.51 -5.82
N ARG A 51 -3.16 11.22 -6.10
CA ARG A 51 -3.22 10.72 -7.47
C ARG A 51 -4.12 9.49 -7.57
N LEU A 52 -4.26 8.95 -8.78
CA LEU A 52 -5.09 7.78 -9.00
C LEU A 52 -4.33 6.72 -9.80
N ILE A 53 -4.36 5.49 -9.31
CA ILE A 53 -3.68 4.38 -9.98
C ILE A 53 -4.66 3.27 -10.34
N SER A 54 -4.60 2.82 -11.60
CA SER A 54 -5.48 1.77 -12.07
C SER A 54 -4.85 0.40 -11.86
N GLN A 55 -5.67 -0.64 -11.92
CA GLN A 55 -5.18 -2.01 -11.74
C GLN A 55 -4.30 -2.44 -12.91
N ASP A 56 -4.59 -1.89 -14.08
CA ASP A 56 -3.83 -2.21 -15.28
C ASP A 56 -2.33 -1.99 -15.05
N HIS A 57 -2.00 -0.89 -14.38
CA HIS A 57 -0.60 -0.57 -14.09
C HIS A 57 0.04 -1.65 -13.22
N MET A 58 -0.80 -2.46 -12.57
CA MET A 58 -0.31 -3.53 -11.72
C MET A 58 -0.01 -4.79 -12.53
N ASN A 59 -0.17 -4.68 -13.85
CA ASN A 59 0.08 -5.82 -14.74
C ASN A 59 1.58 -6.07 -14.89
N ASN A 60 2.38 -5.17 -14.33
CA ASN A 60 3.84 -5.30 -14.42
C ASN A 60 4.39 -6.05 -13.20
N LYS A 61 4.72 -7.31 -13.40
CA LYS A 61 5.25 -8.14 -12.33
C LYS A 61 6.77 -8.00 -12.23
N GLN A 62 7.36 -7.33 -13.22
CA GLN A 62 8.80 -7.12 -13.25
C GLN A 62 9.21 -6.01 -12.28
N TYR A 63 8.21 -5.33 -11.71
CA TYR A 63 8.47 -4.24 -10.77
C TYR A 63 7.99 -4.62 -9.37
N VAL A 64 7.29 -5.74 -9.26
CA VAL A 64 6.78 -6.21 -7.99
C VAL A 64 7.85 -6.98 -7.22
N GLY A 65 8.98 -7.23 -7.87
CA GLY A 65 10.06 -7.96 -7.23
C GLY A 65 11.13 -7.02 -6.68
N LYS A 66 11.33 -5.90 -7.35
CA LYS A 66 12.32 -4.93 -6.93
C LYS A 66 11.76 -3.98 -5.86
N ALA A 67 10.44 -4.00 -5.71
CA ALA A 67 9.76 -3.16 -4.74
C ALA A 67 9.06 -3.99 -3.68
N ASP A 68 8.54 -3.33 -2.65
CA ASP A 68 7.83 -4.01 -1.58
C ASP A 68 6.34 -4.11 -1.87
N PHE A 69 5.63 -4.90 -1.07
CA PHE A 69 4.20 -5.07 -1.26
C PHE A 69 3.43 -4.71 0.02
N LEU A 70 2.25 -4.14 -0.16
CA LEU A 70 1.41 -3.74 0.97
C LEU A 70 -0.05 -4.04 0.71
N VAL A 71 -0.65 -4.84 1.58
CA VAL A 71 -2.06 -5.20 1.45
C VAL A 71 -2.86 -4.77 2.67
N PHE A 72 -4.04 -4.21 2.42
CA PHE A 72 -4.91 -3.74 3.50
C PHE A 72 -6.04 -4.74 3.75
N ARG A 73 -6.13 -5.21 4.99
CA ARG A 73 -7.17 -6.17 5.36
C ARG A 73 -8.23 -5.51 6.23
N ALA A 74 -9.42 -5.33 5.66
CA ALA A 74 -10.52 -4.71 6.38
C ALA A 74 -11.70 -5.68 6.52
N MET A 75 -12.62 -5.34 7.42
CA MET A 75 -13.80 -6.19 7.65
C MET A 75 -15.03 -5.60 6.98
N SER A 76 -15.05 -4.27 6.86
CA SER A 76 -16.18 -3.58 6.23
C SER A 76 -15.69 -2.51 5.26
N GLN A 77 -16.58 -2.06 4.39
CA GLN A 77 -16.25 -1.05 3.40
C GLN A 77 -17.49 -0.60 2.63
N HIS A 78 -17.54 0.68 2.29
CA HIS A 78 -18.67 1.23 1.55
C HIS A 78 -18.21 2.30 0.56
N GLY A 79 -18.83 2.30 -0.62
CA GLY A 79 -18.46 3.27 -1.64
C GLY A 79 -17.36 2.75 -2.55
N PHE A 80 -16.67 1.70 -2.11
CA PHE A 80 -15.58 1.12 -2.88
C PHE A 80 -16.12 0.19 -3.96
N LEU A 81 -17.29 -0.38 -3.71
CA LEU A 81 -17.92 -1.29 -4.66
C LEU A 81 -17.98 -0.67 -6.06
N GLY A 82 -18.22 0.63 -6.11
CA GLY A 82 -18.28 1.33 -7.39
C GLY A 82 -17.09 1.04 -8.28
N GLN A 83 -15.90 1.25 -7.73
CA GLN A 83 -14.66 1.02 -8.48
C GLN A 83 -14.48 -0.47 -8.77
N LEU A 84 -14.49 -1.27 -7.72
CA LEU A 84 -14.32 -2.71 -7.85
C LEU A 84 -15.20 -3.26 -8.97
N GLN A 85 -16.34 -2.62 -9.19
CA GLN A 85 -17.26 -3.04 -10.24
C GLN A 85 -17.05 -2.22 -11.51
N ASP A 86 -16.43 -1.06 -11.37
CA ASP A 86 -16.16 -0.19 -12.51
C ASP A 86 -14.85 -0.57 -13.20
N LYS A 87 -13.74 -0.25 -12.55
CA LYS A 87 -12.42 -0.57 -13.10
C LYS A 87 -11.57 -1.32 -12.07
N LYS A 88 -11.94 -1.19 -10.80
CA LYS A 88 -11.21 -1.86 -9.74
C LYS A 88 -9.84 -1.22 -9.53
N LEU A 89 -9.82 -0.09 -8.83
CA LEU A 89 -8.58 0.62 -8.56
C LEU A 89 -8.72 1.55 -7.37
N CYS A 90 -7.71 2.37 -7.13
CA CYS A 90 -7.73 3.33 -6.02
C CYS A 90 -6.83 4.51 -6.30
N ALA A 91 -6.54 5.29 -5.26
CA ALA A 91 -5.68 6.47 -5.40
C ALA A 91 -4.23 6.14 -5.09
N VAL A 92 -3.32 6.96 -5.59
CA VAL A 92 -1.89 6.75 -5.35
C VAL A 92 -1.36 7.71 -4.30
N ILE A 93 -0.53 7.18 -3.40
CA ILE A 93 0.05 7.99 -2.33
C ILE A 93 1.44 8.49 -2.71
N GLN A 94 1.59 9.82 -2.77
CA GLN A 94 2.87 10.42 -3.13
C GLN A 94 3.63 10.84 -1.87
N LEU A 95 4.80 10.26 -1.66
CA LEU A 95 5.63 10.58 -0.52
C LEU A 95 7.04 10.97 -0.94
N PRO A 96 7.61 11.97 -0.25
CA PRO A 96 8.97 12.45 -0.53
C PRO A 96 10.04 11.43 -0.16
N SER A 97 9.63 10.38 0.53
CA SER A 97 10.56 9.34 0.97
C SER A 97 10.35 8.06 0.16
N GLN A 98 9.14 7.91 -0.39
CA GLN A 98 8.81 6.72 -1.17
C GLN A 98 7.52 6.93 -1.94
N THR A 99 7.23 6.03 -2.88
CA THR A 99 6.03 6.11 -3.68
C THR A 99 5.13 4.90 -3.46
N LEU A 100 3.95 5.14 -2.89
CA LEU A 100 3.00 4.07 -2.62
C LEU A 100 1.78 4.18 -3.53
N LEU A 101 1.41 3.06 -4.14
CA LEU A 101 0.26 3.02 -5.05
C LEU A 101 -0.87 2.19 -4.45
N LEU A 102 -2.03 2.80 -4.26
CA LEU A 102 -3.19 2.10 -3.72
C LEU A 102 -4.22 1.83 -4.80
N SER A 103 -4.56 0.55 -4.97
CA SER A 103 -5.54 0.15 -5.97
C SER A 103 -6.38 -1.03 -5.48
N VAL A 104 -7.70 -0.84 -5.47
CA VAL A 104 -8.61 -1.88 -5.03
C VAL A 104 -9.08 -2.73 -6.20
N SER A 105 -8.93 -4.05 -6.08
CA SER A 105 -9.34 -4.97 -7.12
C SER A 105 -9.21 -6.42 -6.64
N ASP A 106 -10.24 -7.22 -6.94
CA ASP A 106 -10.24 -8.63 -6.55
C ASP A 106 -10.32 -8.76 -5.03
N LYS A 107 -10.61 -7.66 -4.36
CA LYS A 107 -10.71 -7.65 -2.90
C LYS A 107 -11.87 -6.77 -2.44
N ALA A 108 -12.91 -7.40 -1.92
CA ALA A 108 -14.08 -6.67 -1.43
C ALA A 108 -13.81 -6.03 -0.08
N CYS A 109 -13.20 -6.80 0.82
CA CYS A 109 -12.87 -6.31 2.15
C CYS A 109 -11.37 -6.06 2.30
N ARG A 110 -10.67 -6.05 1.17
CA ARG A 110 -9.23 -5.82 1.18
C ARG A 110 -8.83 -4.89 0.05
N LEU A 111 -7.59 -4.41 0.09
CA LEU A 111 -7.07 -3.52 -0.93
C LEU A 111 -5.64 -3.87 -1.32
N ILE A 112 -5.28 -3.61 -2.57
CA ILE A 112 -3.95 -3.91 -3.06
C ILE A 112 -3.08 -2.66 -3.09
N GLY A 113 -1.91 -2.74 -2.46
CA GLY A 113 -1.01 -1.61 -2.43
C GLY A 113 0.41 -1.98 -2.82
N MET A 114 1.12 -1.04 -3.44
CA MET A 114 2.50 -1.28 -3.86
C MET A 114 3.45 -0.25 -3.24
N LEU A 115 4.64 -0.70 -2.88
CA LEU A 115 5.63 0.18 -2.28
C LEU A 115 6.85 0.32 -3.18
N PHE A 116 7.00 1.48 -3.81
CA PHE A 116 8.12 1.74 -4.69
C PHE A 116 9.10 2.72 -4.07
N PRO A 117 10.38 2.61 -4.45
CA PRO A 117 11.44 3.47 -3.94
C PRO A 117 11.31 4.91 -4.44
N GLY A 118 11.29 5.85 -3.51
CA GLY A 118 11.18 7.26 -3.88
C GLY A 118 12.51 7.98 -3.84
N ASP A 119 13.40 7.51 -2.99
CA ASP A 119 14.72 8.13 -2.86
C ASP A 119 15.75 7.10 -2.38
N MET A 120 15.34 6.24 -1.46
CA MET A 120 16.22 5.21 -0.92
C MET A 120 15.77 3.82 -1.36
N VAL A 121 16.65 3.12 -2.07
CA VAL A 121 16.34 1.77 -2.54
C VAL A 121 15.89 0.87 -1.40
N VAL A 122 14.86 0.06 -1.66
CA VAL A 122 14.34 -0.85 -0.65
C VAL A 122 14.54 -2.30 -1.07
N PHE A 123 15.79 -2.66 -1.37
CA PHE A 123 16.12 -4.01 -1.79
C PHE A 123 16.35 -4.91 -0.57
N LYS A 124 16.35 -6.22 -0.80
CA LYS A 124 16.56 -7.19 0.27
C LYS A 124 18.00 -7.13 0.77
N PRO A 125 18.96 -7.41 -0.12
CA PRO A 125 20.39 -7.40 0.21
C PRO A 125 20.91 -5.99 0.48
N GLN A 126 22.22 -5.86 0.62
CA GLN A 126 22.84 -4.57 0.88
C GLN A 126 23.90 -4.25 -0.18
N ILE A 127 23.53 -3.41 -1.14
CA ILE A 127 24.44 -3.02 -2.21
C ILE A 127 24.03 -1.68 -2.83
N PRO A 128 25.00 -1.01 -3.47
CA PRO A 128 24.76 0.29 -4.10
C PRO A 128 23.88 0.17 -5.35
N ASN A 129 22.58 0.05 -5.13
CA ASN A 129 21.63 -0.06 -6.23
C ASN A 129 21.68 1.17 -7.13
N GLN A 130 21.76 0.93 -8.44
CA GLN A 130 21.81 2.01 -9.41
C GLN A 130 20.75 1.84 -10.49
N SER A 1 13.89 -9.44 5.05
CA SER A 1 14.00 -9.96 6.41
C SER A 1 13.99 -11.49 6.40
N GLN A 2 14.43 -12.08 5.30
CA GLN A 2 14.47 -13.53 5.16
C GLN A 2 13.07 -14.12 5.32
N SER A 3 12.15 -13.69 4.46
CA SER A 3 10.77 -14.18 4.51
C SER A 3 10.08 -13.98 3.16
N LYS A 4 8.79 -14.31 3.12
CA LYS A 4 8.01 -14.16 1.90
C LYS A 4 6.82 -13.25 2.12
N TYR A 5 6.19 -13.38 3.29
CA TYR A 5 5.03 -12.56 3.63
C TYR A 5 5.13 -12.03 5.06
N VAL A 6 4.61 -10.83 5.28
CA VAL A 6 4.64 -10.20 6.59
C VAL A 6 3.37 -9.41 6.86
N LYS A 7 2.54 -9.92 7.76
CA LYS A 7 1.28 -9.25 8.11
C LYS A 7 1.49 -8.27 9.26
N VAL A 8 0.69 -7.20 9.27
CA VAL A 8 0.78 -6.20 10.33
C VAL A 8 -0.59 -5.59 10.62
N TRP A 9 -0.79 -5.19 11.87
CA TRP A 9 -2.06 -4.59 12.28
C TRP A 9 -1.82 -3.26 12.99
N GLU A 10 -2.62 -2.26 12.64
CA GLU A 10 -2.50 -0.94 13.24
C GLU A 10 -3.70 -0.07 12.89
N GLY A 11 -3.79 1.10 13.52
CA GLY A 11 -4.90 2.01 13.26
C GLY A 11 -4.51 3.46 13.45
N ASN A 12 -5.13 4.34 12.68
CA ASN A 12 -4.85 5.77 12.76
C ASN A 12 -5.94 6.57 12.08
N LEU A 13 -5.86 7.90 12.21
CA LEU A 13 -6.84 8.79 11.60
C LEU A 13 -6.15 9.90 10.80
N SER A 14 -5.64 9.54 9.63
CA SER A 14 -4.95 10.50 8.77
C SER A 14 -4.66 9.90 7.40
N GLY A 15 -5.31 10.45 6.37
CA GLY A 15 -5.11 9.96 5.02
C GLY A 15 -6.11 10.54 4.04
N GLN A 16 -5.78 11.70 3.48
CA GLN A 16 -6.66 12.36 2.53
C GLN A 16 -5.86 12.92 1.34
N ARG A 17 -6.53 13.68 0.50
CA ARG A 17 -5.88 14.28 -0.67
C ARG A 17 -5.40 15.69 -0.36
N GLN A 18 -4.20 16.02 -0.84
CA GLN A 18 -3.62 17.34 -0.62
C GLN A 18 -2.95 17.41 0.75
N GLY A 19 -2.74 16.26 1.36
CA GLY A 19 -2.10 16.21 2.66
C GLY A 19 -3.09 16.44 3.79
N GLN A 20 -4.33 15.98 3.60
CA GLN A 20 -5.37 16.14 4.61
C GLN A 20 -5.53 14.86 5.41
N PRO A 21 -6.11 14.98 6.62
CA PRO A 21 -6.34 13.84 7.51
C PRO A 21 -7.42 12.90 6.98
N VAL A 22 -7.80 11.93 7.80
CA VAL A 22 -8.83 10.96 7.41
C VAL A 22 -9.48 10.34 8.65
N LEU A 23 -10.68 9.80 8.46
CA LEU A 23 -11.42 9.18 9.54
C LEU A 23 -10.58 8.10 10.23
N ILE A 24 -10.80 7.93 11.53
CA ILE A 24 -10.06 6.94 12.30
C ILE A 24 -10.49 5.52 11.93
N THR A 25 -9.52 4.62 11.83
CA THR A 25 -9.80 3.23 11.49
C THR A 25 -8.60 2.34 11.77
N ARG A 26 -8.86 1.14 12.26
CA ARG A 26 -7.80 0.19 12.58
C ARG A 26 -8.01 -1.13 11.84
N LEU A 27 -7.07 -1.49 10.99
CA LEU A 27 -7.16 -2.73 10.22
C LEU A 27 -5.78 -3.37 10.06
N GLU A 28 -5.74 -4.55 9.47
CA GLU A 28 -4.49 -5.26 9.24
C GLU A 28 -4.15 -5.33 7.76
N GLY A 29 -3.00 -5.92 7.45
CA GLY A 29 -2.59 -6.02 6.06
C GLY A 29 -1.36 -6.91 5.89
N TYR A 30 -1.20 -7.48 4.70
CA TYR A 30 -0.07 -8.35 4.42
C TYR A 30 0.80 -7.77 3.30
N ARG A 31 2.06 -7.49 3.61
CA ARG A 31 2.98 -6.94 2.64
C ARG A 31 4.03 -7.97 2.24
N SER A 32 4.40 -7.97 0.97
CA SER A 32 5.40 -8.91 0.46
C SER A 32 6.76 -8.65 1.09
N ALA A 33 7.42 -9.71 1.54
CA ALA A 33 8.73 -9.60 2.15
C ALA A 33 9.64 -8.65 1.36
N SER A 34 9.26 -8.41 0.11
CA SER A 34 10.04 -7.52 -0.75
C SER A 34 10.16 -6.13 -0.14
N ALA A 35 9.40 -5.88 0.93
CA ALA A 35 9.43 -4.60 1.60
C ALA A 35 10.16 -4.70 2.94
N SER A 36 10.38 -3.56 3.58
CA SER A 36 11.07 -3.51 4.86
C SER A 36 10.08 -3.68 6.01
N ASP A 37 10.51 -4.38 7.06
CA ASP A 37 9.66 -4.61 8.22
C ASP A 37 9.33 -3.29 8.92
N SER A 38 10.32 -2.41 9.01
CA SER A 38 10.15 -1.12 9.67
C SER A 38 9.03 -0.32 8.99
N LEU A 39 8.74 -0.67 7.74
CA LEU A 39 7.69 0.01 6.98
C LEU A 39 6.37 -0.02 7.72
N ALA A 40 5.86 -1.22 7.97
CA ALA A 40 4.59 -1.39 8.67
C ALA A 40 4.77 -1.16 10.17
N ALA A 41 5.97 -1.45 10.67
CA ALA A 41 6.27 -1.28 12.09
C ALA A 41 6.07 0.17 12.52
N ASN A 42 6.59 1.10 11.74
CA ASN A 42 6.46 2.53 12.03
C ASN A 42 5.76 3.25 10.91
N TRP A 43 4.93 2.53 10.16
CA TRP A 43 4.19 3.12 9.05
C TRP A 43 3.52 4.41 9.46
N PRO A 44 3.55 5.42 8.57
CA PRO A 44 2.94 6.73 8.82
C PRO A 44 1.43 6.67 8.83
N PRO A 45 0.83 7.09 9.97
CA PRO A 45 -0.62 7.10 10.14
C PRO A 45 -1.31 8.15 9.27
N THR A 46 -0.50 8.93 8.56
CA THR A 46 -1.03 9.98 7.68
C THR A 46 -0.55 9.79 6.26
N MET A 47 -1.50 9.61 5.34
CA MET A 47 -1.18 9.43 3.93
C MET A 47 -1.73 10.57 3.08
N GLN A 48 -1.04 10.88 2.00
CA GLN A 48 -1.46 11.96 1.11
C GLN A 48 -1.60 11.46 -0.33
N ILE A 49 -2.83 11.20 -0.75
CA ILE A 49 -3.10 10.72 -2.09
C ILE A 49 -3.45 11.87 -3.04
N VAL A 50 -2.65 12.03 -4.08
CA VAL A 50 -2.87 13.09 -5.06
C VAL A 50 -2.96 12.53 -6.48
N ARG A 51 -2.84 11.21 -6.58
CA ARG A 51 -2.90 10.55 -7.88
C ARG A 51 -3.90 9.39 -7.87
N LEU A 52 -4.11 8.78 -9.02
CA LEU A 52 -5.03 7.66 -9.13
C LEU A 52 -4.39 6.49 -9.87
N ILE A 53 -4.55 5.29 -9.33
CA ILE A 53 -4.00 4.09 -9.95
C ILE A 53 -5.07 3.04 -10.19
N SER A 54 -5.10 2.50 -11.40
CA SER A 54 -6.08 1.49 -11.76
C SER A 54 -5.56 0.09 -11.46
N GLN A 55 -6.45 -0.89 -11.46
CA GLN A 55 -6.08 -2.27 -11.18
C GLN A 55 -5.29 -2.87 -12.35
N ASP A 56 -5.59 -2.39 -13.55
CA ASP A 56 -4.91 -2.87 -14.75
C ASP A 56 -3.40 -2.72 -14.61
N HIS A 57 -2.97 -1.65 -13.95
CA HIS A 57 -1.54 -1.39 -13.75
C HIS A 57 -0.90 -2.51 -12.95
N MET A 58 -1.72 -3.24 -12.20
CA MET A 58 -1.23 -4.34 -11.38
C MET A 58 -1.09 -5.62 -12.20
N ASN A 59 -1.40 -5.51 -13.49
CA ASN A 59 -1.31 -6.66 -14.39
C ASN A 59 0.13 -6.90 -14.83
N ASN A 60 0.99 -5.93 -14.56
CA ASN A 60 2.40 -6.04 -14.93
C ASN A 60 3.21 -6.67 -13.80
N LYS A 61 3.59 -7.94 -13.98
CA LYS A 61 4.36 -8.66 -12.98
C LYS A 61 5.85 -8.37 -13.15
N GLN A 62 6.20 -7.68 -14.22
CA GLN A 62 7.60 -7.34 -14.50
C GLN A 62 8.06 -6.20 -13.60
N TYR A 63 7.12 -5.57 -12.91
CA TYR A 63 7.44 -4.46 -12.02
C TYR A 63 7.30 -4.87 -10.56
N VAL A 64 6.68 -6.03 -10.33
CA VAL A 64 6.48 -6.54 -8.99
C VAL A 64 7.74 -7.25 -8.48
N GLY A 65 8.68 -7.48 -9.37
CA GLY A 65 9.92 -8.14 -9.00
C GLY A 65 11.02 -7.17 -8.62
N LYS A 66 10.73 -5.88 -8.77
CA LYS A 66 11.70 -4.84 -8.44
C LYS A 66 11.20 -3.96 -7.30
N ALA A 67 9.92 -4.11 -6.96
CA ALA A 67 9.33 -3.33 -5.89
C ALA A 67 8.70 -4.24 -4.83
N ASP A 68 8.26 -3.65 -3.73
CA ASP A 68 7.64 -4.40 -2.66
C ASP A 68 6.13 -4.48 -2.82
N PHE A 69 5.48 -5.34 -2.05
CA PHE A 69 4.04 -5.50 -2.12
C PHE A 69 3.39 -5.18 -0.78
N LEU A 70 2.19 -4.61 -0.83
CA LEU A 70 1.46 -4.25 0.39
C LEU A 70 -0.03 -4.52 0.22
N VAL A 71 -0.58 -5.34 1.11
CA VAL A 71 -2.00 -5.67 1.06
C VAL A 71 -2.71 -5.24 2.34
N PHE A 72 -3.96 -4.81 2.20
CA PHE A 72 -4.75 -4.36 3.34
C PHE A 72 -5.97 -5.25 3.53
N ARG A 73 -6.10 -5.82 4.73
CA ARG A 73 -7.22 -6.69 5.05
C ARG A 73 -8.12 -6.06 6.12
N ALA A 74 -9.41 -5.94 5.81
CA ALA A 74 -10.35 -5.36 6.75
C ALA A 74 -11.55 -6.28 6.96
N MET A 75 -12.30 -6.04 8.03
CA MET A 75 -13.47 -6.84 8.35
C MET A 75 -14.74 -6.20 7.81
N SER A 76 -14.72 -4.88 7.66
CA SER A 76 -15.87 -4.15 7.15
C SER A 76 -15.55 -3.47 5.83
N GLN A 77 -16.54 -2.80 5.25
CA GLN A 77 -16.37 -2.11 3.98
C GLN A 77 -17.63 -1.35 3.59
N HIS A 78 -17.48 -0.05 3.38
CA HIS A 78 -18.61 0.79 3.00
C HIS A 78 -18.16 1.93 2.08
N GLY A 79 -18.70 1.95 0.86
CA GLY A 79 -18.35 2.98 -0.09
C GLY A 79 -17.44 2.46 -1.20
N PHE A 80 -16.46 1.65 -0.82
CA PHE A 80 -15.52 1.09 -1.79
C PHE A 80 -16.27 0.35 -2.89
N LEU A 81 -17.47 -0.11 -2.59
CA LEU A 81 -18.29 -0.84 -3.55
C LEU A 81 -18.36 -0.08 -4.87
N GLY A 82 -18.35 1.24 -4.80
CA GLY A 82 -18.41 2.05 -6.00
C GLY A 82 -17.39 1.63 -7.04
N GLN A 83 -16.11 1.76 -6.69
CA GLN A 83 -15.03 1.40 -7.60
C GLN A 83 -15.01 -0.11 -7.85
N LEU A 84 -14.99 -0.88 -6.77
CA LEU A 84 -14.97 -2.33 -6.87
C LEU A 84 -16.02 -2.82 -7.86
N GLN A 85 -17.10 -2.05 -8.00
CA GLN A 85 -18.17 -2.42 -8.92
C GLN A 85 -17.99 -1.73 -10.26
N ASP A 86 -17.25 -0.63 -10.26
CA ASP A 86 -17.00 0.13 -11.49
C ASP A 86 -15.80 -0.45 -12.24
N LYS A 87 -14.61 -0.21 -11.71
CA LYS A 87 -13.39 -0.70 -12.33
C LYS A 87 -12.51 -1.41 -11.31
N LYS A 88 -12.76 -1.16 -10.03
CA LYS A 88 -12.00 -1.77 -8.95
C LYS A 88 -10.59 -1.20 -8.88
N LEU A 89 -10.47 -0.03 -8.27
CA LEU A 89 -9.17 0.63 -8.13
C LEU A 89 -9.19 1.64 -6.99
N CYS A 90 -8.10 2.40 -6.86
CA CYS A 90 -8.00 3.40 -5.81
C CYS A 90 -7.04 4.51 -6.21
N ALA A 91 -6.69 5.37 -5.26
CA ALA A 91 -5.78 6.47 -5.52
C ALA A 91 -4.35 6.11 -5.18
N VAL A 92 -3.39 6.85 -5.72
CA VAL A 92 -1.98 6.61 -5.46
C VAL A 92 -1.41 7.61 -4.47
N ILE A 93 -0.76 7.12 -3.43
CA ILE A 93 -0.18 7.97 -2.41
C ILE A 93 1.29 8.27 -2.72
N GLN A 94 1.69 9.52 -2.50
CA GLN A 94 3.07 9.94 -2.75
C GLN A 94 3.77 10.34 -1.46
N LEU A 95 4.63 9.46 -0.96
CA LEU A 95 5.36 9.71 0.27
C LEU A 95 6.65 10.49 0.00
N PRO A 96 7.07 11.32 0.96
CA PRO A 96 8.28 12.13 0.85
C PRO A 96 9.54 11.29 0.87
N SER A 97 9.39 10.00 1.16
CA SER A 97 10.52 9.09 1.22
C SER A 97 10.39 7.98 0.18
N GLN A 98 9.15 7.65 -0.18
CA GLN A 98 8.90 6.61 -1.17
C GLN A 98 7.54 6.83 -1.85
N THR A 99 7.15 5.88 -2.68
CA THR A 99 5.87 5.97 -3.40
C THR A 99 5.01 4.74 -3.12
N LEU A 100 3.73 4.98 -2.85
CA LEU A 100 2.80 3.89 -2.58
C LEU A 100 1.56 4.00 -3.46
N LEU A 101 1.18 2.88 -4.07
CA LEU A 101 0.01 2.84 -4.95
C LEU A 101 -1.14 2.08 -4.30
N LEU A 102 -2.29 2.71 -4.23
CA LEU A 102 -3.47 2.09 -3.62
C LEU A 102 -4.54 1.80 -4.68
N SER A 103 -4.91 0.54 -4.81
CA SER A 103 -5.92 0.13 -5.79
C SER A 103 -6.77 -1.02 -5.25
N VAL A 104 -8.07 -0.78 -5.15
CA VAL A 104 -8.99 -1.80 -4.66
C VAL A 104 -9.55 -2.65 -5.80
N SER A 105 -9.15 -3.91 -5.84
CA SER A 105 -9.60 -4.82 -6.88
C SER A 105 -10.82 -5.62 -6.42
N ASP A 106 -11.15 -6.68 -7.16
CA ASP A 106 -12.28 -7.52 -6.82
C ASP A 106 -12.39 -7.72 -5.31
N LYS A 107 -11.24 -7.70 -4.64
CA LYS A 107 -11.21 -7.87 -3.19
C LYS A 107 -12.28 -7.03 -2.51
N ALA A 108 -13.19 -7.70 -1.82
CA ALA A 108 -14.28 -7.02 -1.12
C ALA A 108 -13.83 -6.56 0.26
N CYS A 109 -13.17 -7.45 0.99
CA CYS A 109 -12.68 -7.15 2.33
C CYS A 109 -11.17 -6.98 2.34
N ARG A 110 -10.58 -6.85 1.15
CA ARG A 110 -9.13 -6.68 1.03
C ARG A 110 -8.80 -5.59 0.01
N LEU A 111 -7.59 -5.06 0.11
CA LEU A 111 -7.14 -4.00 -0.80
C LEU A 111 -5.76 -4.32 -1.35
N ILE A 112 -5.49 -3.86 -2.57
CA ILE A 112 -4.21 -4.09 -3.22
C ILE A 112 -3.35 -2.83 -3.18
N GLY A 113 -2.11 -2.98 -2.71
CA GLY A 113 -1.20 -1.85 -2.63
C GLY A 113 0.19 -2.19 -3.11
N MET A 114 0.89 -1.20 -3.66
CA MET A 114 2.25 -1.40 -4.16
C MET A 114 3.22 -0.44 -3.51
N LEU A 115 4.45 -0.89 -3.31
CA LEU A 115 5.48 -0.06 -2.68
C LEU A 115 6.66 0.15 -3.63
N PHE A 116 6.83 1.39 -4.07
CA PHE A 116 7.92 1.73 -4.98
C PHE A 116 8.90 2.69 -4.31
N PRO A 117 10.12 2.76 -4.87
CA PRO A 117 11.18 3.64 -4.35
C PRO A 117 10.87 5.11 -4.58
N GLY A 118 11.42 5.97 -3.73
CA GLY A 118 11.20 7.40 -3.86
C GLY A 118 12.19 8.05 -4.81
N ASP A 119 12.27 7.53 -6.02
CA ASP A 119 13.19 8.07 -7.03
C ASP A 119 14.64 7.96 -6.57
N MET A 120 14.97 6.83 -5.93
CA MET A 120 16.32 6.60 -5.44
C MET A 120 16.66 5.12 -5.47
N VAL A 121 17.85 4.77 -4.98
CA VAL A 121 18.30 3.39 -4.95
C VAL A 121 17.79 2.67 -3.71
N VAL A 122 17.60 1.36 -3.82
CA VAL A 122 17.12 0.56 -2.70
C VAL A 122 18.28 -0.09 -1.95
N PHE A 123 19.44 0.56 -2.00
CA PHE A 123 20.62 0.06 -1.32
C PHE A 123 20.32 -0.30 0.14
N LYS A 124 21.08 -1.23 0.68
CA LYS A 124 20.89 -1.65 2.06
C LYS A 124 22.12 -1.32 2.91
N PRO A 125 21.94 -1.31 4.24
CA PRO A 125 23.02 -1.00 5.18
C PRO A 125 24.06 -2.12 5.24
N GLN A 126 23.59 -3.35 5.39
CA GLN A 126 24.49 -4.51 5.46
C GLN A 126 23.90 -5.69 4.71
N ILE A 127 23.34 -5.41 3.53
CA ILE A 127 22.75 -6.47 2.70
C ILE A 127 22.98 -6.19 1.23
N PRO A 128 23.41 -7.22 0.48
CA PRO A 128 23.67 -7.11 -0.95
C PRO A 128 22.38 -6.94 -1.76
N ASN A 129 22.38 -5.97 -2.67
CA ASN A 129 21.22 -5.72 -3.51
C ASN A 129 20.94 -6.90 -4.43
N GLN A 130 20.09 -7.82 -3.96
CA GLN A 130 19.74 -9.00 -4.74
C GLN A 130 20.98 -9.71 -5.25
N SER A 1 15.18 -10.35 6.67
CA SER A 1 14.18 -11.32 7.10
C SER A 1 13.92 -12.34 6.00
N GLN A 2 13.30 -13.46 6.37
CA GLN A 2 12.99 -14.52 5.42
C GLN A 2 11.62 -15.12 5.70
N SER A 3 10.62 -14.66 4.97
CA SER A 3 9.26 -15.16 5.15
C SER A 3 8.50 -15.15 3.82
N LYS A 4 7.20 -15.42 3.89
CA LYS A 4 6.35 -15.44 2.69
C LYS A 4 5.27 -14.38 2.77
N TYR A 5 4.86 -14.05 3.99
CA TYR A 5 3.83 -13.04 4.20
C TYR A 5 4.01 -12.34 5.54
N VAL A 6 3.63 -11.06 5.59
CA VAL A 6 3.76 -10.28 6.81
C VAL A 6 2.49 -9.47 7.09
N LYS A 7 1.73 -9.89 8.09
CA LYS A 7 0.49 -9.22 8.45
C LYS A 7 0.75 -8.15 9.51
N VAL A 8 -0.07 -7.10 9.50
CA VAL A 8 0.07 -6.00 10.45
C VAL A 8 -1.29 -5.41 10.80
N TRP A 9 -1.42 -4.96 12.05
CA TRP A 9 -2.68 -4.37 12.51
C TRP A 9 -2.42 -3.06 13.24
N GLU A 10 -3.25 -2.05 12.97
CA GLU A 10 -3.11 -0.75 13.60
C GLU A 10 -4.31 0.14 13.31
N GLY A 11 -4.37 1.29 13.96
CA GLY A 11 -5.48 2.21 13.75
C GLY A 11 -5.06 3.66 13.90
N ASN A 12 -5.56 4.51 12.99
CA ASN A 12 -5.22 5.92 13.02
C ASN A 12 -6.01 6.69 11.96
N LEU A 13 -5.82 8.00 11.91
CA LEU A 13 -6.52 8.83 10.94
C LEU A 13 -5.52 9.63 10.09
N SER A 14 -5.11 9.02 8.97
CA SER A 14 -4.15 9.67 8.07
C SER A 14 -4.17 8.99 6.71
N GLY A 15 -4.65 9.73 5.70
CA GLY A 15 -4.71 9.19 4.35
C GLY A 15 -5.51 10.06 3.41
N GLN A 16 -4.87 11.09 2.87
CA GLN A 16 -5.54 12.02 1.96
C GLN A 16 -4.56 12.55 0.92
N ARG A 17 -5.03 13.47 0.09
CA ARG A 17 -4.20 14.08 -0.94
C ARG A 17 -3.61 15.40 -0.46
N GLN A 18 -2.39 15.70 -0.92
CA GLN A 18 -1.72 16.93 -0.54
C GLN A 18 -1.14 16.83 0.86
N GLY A 19 -1.03 15.60 1.37
CA GLY A 19 -0.50 15.39 2.69
C GLY A 19 -1.53 15.59 3.78
N GLN A 20 -2.79 15.31 3.46
CA GLN A 20 -3.88 15.48 4.41
C GLN A 20 -4.22 14.15 5.09
N PRO A 21 -4.76 14.22 6.32
CA PRO A 21 -5.14 13.04 7.09
C PRO A 21 -6.34 12.33 6.50
N VAL A 22 -6.90 11.38 7.25
CA VAL A 22 -8.06 10.61 6.79
C VAL A 22 -8.89 10.13 7.98
N LEU A 23 -10.12 9.71 7.69
CA LEU A 23 -11.01 9.21 8.73
C LEU A 23 -10.30 8.18 9.61
N ILE A 24 -10.51 8.27 10.92
CA ILE A 24 -9.89 7.35 11.86
C ILE A 24 -10.49 5.95 11.73
N THR A 25 -9.63 4.93 11.80
CA THR A 25 -10.07 3.55 11.69
C THR A 25 -8.94 2.58 12.00
N ARG A 26 -9.29 1.44 12.58
CA ARG A 26 -8.30 0.43 12.93
C ARG A 26 -8.56 -0.88 12.20
N LEU A 27 -7.62 -1.27 11.34
CA LEU A 27 -7.76 -2.50 10.57
C LEU A 27 -6.41 -3.18 10.38
N GLU A 28 -6.42 -4.35 9.76
CA GLU A 28 -5.19 -5.11 9.51
C GLU A 28 -4.87 -5.16 8.02
N GLY A 29 -3.73 -5.76 7.69
CA GLY A 29 -3.33 -5.85 6.30
C GLY A 29 -2.24 -6.88 6.08
N TYR A 30 -2.28 -7.56 4.94
CA TYR A 30 -1.28 -8.56 4.61
C TYR A 30 -0.41 -8.13 3.43
N ARG A 31 0.88 -7.99 3.69
CA ARG A 31 1.82 -7.57 2.64
C ARG A 31 2.79 -8.71 2.31
N SER A 32 3.01 -8.92 1.01
CA SER A 32 3.91 -9.97 0.55
C SER A 32 5.29 -9.83 1.20
N ALA A 33 5.80 -10.94 1.72
CA ALA A 33 7.11 -10.94 2.37
C ALA A 33 8.12 -10.12 1.57
N SER A 34 7.83 -9.92 0.28
CA SER A 34 8.71 -9.17 -0.59
C SER A 34 8.93 -7.75 -0.05
N ALA A 35 8.14 -7.38 0.95
CA ALA A 35 8.24 -6.05 1.55
C ALA A 35 8.83 -6.15 2.96
N SER A 36 9.10 -5.00 3.56
CA SER A 36 9.67 -4.93 4.90
C SER A 36 8.58 -4.97 5.95
N ASP A 37 8.78 -5.79 6.97
CA ASP A 37 7.81 -5.92 8.06
C ASP A 37 7.71 -4.63 8.86
N SER A 38 8.86 -4.11 9.27
CA SER A 38 8.91 -2.87 10.04
C SER A 38 8.17 -1.75 9.33
N LEU A 39 7.93 -1.93 8.04
CA LEU A 39 7.22 -0.93 7.24
C LEU A 39 5.88 -0.59 7.86
N ALA A 40 5.00 -1.58 7.95
CA ALA A 40 3.68 -1.38 8.53
C ALA A 40 3.53 -2.17 9.83
N ALA A 41 4.65 -2.68 10.35
CA ALA A 41 4.64 -3.44 11.59
C ALA A 41 4.10 -2.61 12.75
N ASN A 42 4.66 -1.41 12.92
CA ASN A 42 4.24 -0.52 13.99
C ASN A 42 3.81 0.84 13.44
N TRP A 43 3.72 0.92 12.11
CA TRP A 43 3.32 2.15 11.46
C TRP A 43 1.81 2.18 11.23
N PRO A 44 1.14 3.21 11.79
CA PRO A 44 -0.31 3.38 11.66
C PRO A 44 -0.73 3.74 10.25
N PRO A 45 -2.05 3.76 10.00
CA PRO A 45 -2.61 4.10 8.69
C PRO A 45 -2.42 5.57 8.33
N THR A 46 -1.25 5.89 7.80
CA THR A 46 -0.94 7.27 7.42
C THR A 46 -0.22 7.32 6.07
N MET A 47 -0.88 7.88 5.07
CA MET A 47 -0.30 7.99 3.74
C MET A 47 -0.89 9.18 2.98
N GLN A 48 -0.15 9.68 2.00
CA GLN A 48 -0.60 10.81 1.20
C GLN A 48 -0.80 10.42 -0.25
N ILE A 49 -2.05 10.21 -0.63
CA ILE A 49 -2.37 9.82 -2.01
C ILE A 49 -2.64 11.05 -2.88
N VAL A 50 -1.80 11.24 -3.89
CA VAL A 50 -1.94 12.37 -4.80
C VAL A 50 -2.03 11.90 -6.25
N ARG A 51 -2.01 10.58 -6.44
CA ARG A 51 -2.09 10.01 -7.78
C ARG A 51 -3.19 8.95 -7.86
N LEU A 52 -3.49 8.51 -9.06
CA LEU A 52 -4.52 7.50 -9.28
C LEU A 52 -3.99 6.33 -10.09
N ILE A 53 -4.56 5.15 -9.88
CA ILE A 53 -4.15 3.95 -10.59
C ILE A 53 -5.33 3.03 -10.86
N SER A 54 -5.46 2.59 -12.11
CA SER A 54 -6.55 1.69 -12.50
C SER A 54 -6.12 0.23 -12.37
N GLN A 55 -7.10 -0.67 -12.37
CA GLN A 55 -6.83 -2.09 -12.27
C GLN A 55 -6.10 -2.60 -13.51
N ASP A 56 -6.17 -1.83 -14.59
CA ASP A 56 -5.52 -2.21 -15.84
C ASP A 56 -4.07 -2.60 -15.59
N HIS A 57 -3.35 -1.77 -14.84
CA HIS A 57 -1.95 -2.03 -14.54
C HIS A 57 -1.82 -2.90 -13.29
N MET A 58 -2.88 -2.95 -12.49
CA MET A 58 -2.89 -3.75 -11.28
C MET A 58 -2.90 -5.24 -11.59
N ASN A 59 -3.42 -5.58 -12.78
CA ASN A 59 -3.49 -6.97 -13.20
C ASN A 59 -2.17 -7.43 -13.81
N ASN A 60 -1.18 -6.53 -13.79
CA ASN A 60 0.13 -6.85 -14.34
C ASN A 60 1.06 -7.40 -13.27
N LYS A 61 1.27 -8.71 -13.29
CA LYS A 61 2.13 -9.37 -12.31
C LYS A 61 3.60 -9.29 -12.74
N GLN A 62 3.83 -8.77 -13.94
CA GLN A 62 5.19 -8.63 -14.47
C GLN A 62 6.02 -7.70 -13.59
N TYR A 63 5.34 -6.95 -12.73
CA TYR A 63 6.01 -6.01 -11.85
C TYR A 63 6.11 -6.57 -10.43
N VAL A 64 5.21 -7.49 -10.10
CA VAL A 64 5.19 -8.10 -8.78
C VAL A 64 6.34 -9.09 -8.62
N GLY A 65 7.05 -9.35 -9.71
CA GLY A 65 8.16 -10.28 -9.67
C GLY A 65 9.43 -9.64 -9.12
N LYS A 66 9.45 -8.32 -9.09
CA LYS A 66 10.61 -7.58 -8.59
C LYS A 66 10.18 -6.45 -7.65
N ALA A 67 9.03 -6.63 -7.01
CA ALA A 67 8.50 -5.64 -6.09
C ALA A 67 7.78 -6.31 -4.92
N ASP A 68 7.38 -5.49 -3.94
CA ASP A 68 6.67 -6.01 -2.77
C ASP A 68 5.16 -5.89 -2.96
N PHE A 69 4.41 -6.58 -2.12
CA PHE A 69 2.96 -6.56 -2.19
C PHE A 69 2.35 -6.09 -0.86
N LEU A 70 1.23 -5.39 -0.95
CA LEU A 70 0.55 -4.88 0.24
C LEU A 70 -0.96 -4.99 0.09
N VAL A 71 -1.60 -5.68 1.03
CA VAL A 71 -3.04 -5.86 1.00
C VAL A 71 -3.69 -5.35 2.28
N PHE A 72 -4.85 -4.73 2.17
CA PHE A 72 -5.57 -4.20 3.31
C PHE A 72 -6.71 -5.12 3.72
N ARG A 73 -6.67 -5.58 4.97
CA ARG A 73 -7.71 -6.47 5.48
C ARG A 73 -8.65 -5.73 6.42
N ALA A 74 -9.88 -5.50 5.96
CA ALA A 74 -10.87 -4.80 6.76
C ALA A 74 -12.05 -5.72 7.10
N MET A 75 -12.48 -5.69 8.36
CA MET A 75 -13.58 -6.52 8.81
C MET A 75 -14.92 -5.90 8.42
N SER A 76 -14.97 -4.57 8.39
CA SER A 76 -16.19 -3.85 8.04
C SER A 76 -16.10 -3.29 6.62
N GLN A 77 -17.20 -3.40 5.88
CA GLN A 77 -17.24 -2.91 4.50
C GLN A 77 -16.78 -1.45 4.44
N HIS A 78 -16.58 -0.96 3.22
CA HIS A 78 -16.13 0.42 3.01
C HIS A 78 -16.73 0.99 1.74
N GLY A 79 -16.70 2.31 1.62
CA GLY A 79 -17.24 2.97 0.44
C GLY A 79 -16.56 2.54 -0.84
N PHE A 80 -15.42 1.87 -0.69
CA PHE A 80 -14.66 1.40 -1.85
C PHE A 80 -15.56 0.63 -2.82
N LEU A 81 -16.65 0.08 -2.29
CA LEU A 81 -17.60 -0.67 -3.11
C LEU A 81 -17.91 0.07 -4.40
N GLY A 82 -17.99 1.39 -4.31
CA GLY A 82 -18.30 2.19 -5.48
C GLY A 82 -17.45 1.81 -6.68
N GLN A 83 -16.13 1.96 -6.54
CA GLN A 83 -15.20 1.64 -7.62
C GLN A 83 -15.21 0.15 -7.91
N LEU A 84 -15.16 -0.65 -6.85
CA LEU A 84 -15.15 -2.11 -6.99
C LEU A 84 -16.21 -2.56 -7.99
N GLN A 85 -17.34 -1.85 -8.02
CA GLN A 85 -18.43 -2.18 -8.93
C GLN A 85 -18.34 -1.35 -10.21
N ASP A 86 -17.64 -0.22 -10.12
CA ASP A 86 -17.48 0.65 -11.27
C ASP A 86 -16.37 0.14 -12.19
N LYS A 87 -15.12 0.34 -11.76
CA LYS A 87 -13.98 -0.10 -12.54
C LYS A 87 -13.02 -0.93 -11.68
N LYS A 88 -13.13 -0.78 -10.37
CA LYS A 88 -12.29 -1.51 -9.44
C LYS A 88 -10.86 -0.96 -9.44
N LEU A 89 -10.67 0.16 -8.75
CA LEU A 89 -9.36 0.79 -8.67
C LEU A 89 -9.27 1.72 -7.47
N CYS A 90 -8.14 2.41 -7.33
CA CYS A 90 -7.93 3.33 -6.23
C CYS A 90 -6.88 4.37 -6.58
N ALA A 91 -6.39 5.08 -5.56
CA ALA A 91 -5.38 6.11 -5.76
C ALA A 91 -4.00 5.60 -5.39
N VAL A 92 -2.97 6.25 -5.93
CA VAL A 92 -1.59 5.86 -5.66
C VAL A 92 -0.96 6.78 -4.62
N ILE A 93 -0.28 6.19 -3.65
CA ILE A 93 0.38 6.96 -2.60
C ILE A 93 1.85 7.22 -2.95
N GLN A 94 2.13 8.45 -3.38
CA GLN A 94 3.48 8.85 -3.74
C GLN A 94 4.27 9.26 -2.51
N LEU A 95 5.03 8.33 -1.96
CA LEU A 95 5.84 8.60 -0.77
C LEU A 95 7.18 9.20 -1.16
N PRO A 96 7.72 10.08 -0.30
CA PRO A 96 9.01 10.75 -0.53
C PRO A 96 10.18 9.78 -0.42
N SER A 97 9.90 8.55 0.00
CA SER A 97 10.93 7.53 0.15
C SER A 97 10.66 6.34 -0.75
N GLN A 98 9.37 6.09 -1.02
CA GLN A 98 8.98 4.98 -1.88
C GLN A 98 7.70 5.31 -2.63
N THR A 99 7.20 4.34 -3.39
CA THR A 99 5.98 4.52 -4.18
C THR A 99 5.05 3.33 -4.00
N LEU A 100 3.88 3.59 -3.41
CA LEU A 100 2.88 2.55 -3.18
C LEU A 100 1.60 2.84 -3.96
N LEU A 101 1.17 1.88 -4.77
CA LEU A 101 -0.04 2.03 -5.56
C LEU A 101 -1.22 1.33 -4.90
N LEU A 102 -2.33 2.04 -4.77
CA LEU A 102 -3.52 1.49 -4.14
C LEU A 102 -4.63 1.30 -5.18
N SER A 103 -5.18 0.09 -5.23
CA SER A 103 -6.26 -0.22 -6.17
C SER A 103 -7.24 -1.22 -5.57
N VAL A 104 -8.50 -0.82 -5.51
CA VAL A 104 -9.54 -1.68 -4.95
C VAL A 104 -10.22 -2.49 -6.04
N SER A 105 -10.28 -3.82 -5.86
CA SER A 105 -10.91 -4.70 -6.83
C SER A 105 -11.24 -6.05 -6.19
N ASP A 106 -12.40 -6.59 -6.55
CA ASP A 106 -12.84 -7.87 -6.02
C ASP A 106 -12.57 -7.96 -4.52
N LYS A 107 -12.68 -6.84 -3.84
CA LYS A 107 -12.45 -6.79 -2.39
C LYS A 107 -13.28 -5.69 -1.75
N ALA A 108 -14.47 -6.06 -1.28
CA ALA A 108 -15.38 -5.11 -0.63
C ALA A 108 -14.84 -4.70 0.74
N CYS A 109 -14.35 -5.69 1.49
CA CYS A 109 -13.82 -5.44 2.82
C CYS A 109 -12.30 -5.48 2.82
N ARG A 110 -11.71 -5.49 1.62
CA ARG A 110 -10.26 -5.53 1.48
C ARG A 110 -9.80 -4.63 0.34
N LEU A 111 -8.49 -4.39 0.27
CA LEU A 111 -7.92 -3.54 -0.77
C LEU A 111 -6.62 -4.14 -1.30
N ILE A 112 -6.34 -3.87 -2.57
CA ILE A 112 -5.12 -4.37 -3.20
C ILE A 112 -4.13 -3.25 -3.48
N GLY A 113 -2.93 -3.38 -2.93
CA GLY A 113 -1.91 -2.36 -3.14
C GLY A 113 -0.56 -2.95 -3.49
N MET A 114 0.27 -2.17 -4.17
CA MET A 114 1.59 -2.62 -4.57
C MET A 114 2.67 -1.71 -4.01
N LEU A 115 3.82 -2.28 -3.70
CA LEU A 115 4.94 -1.51 -3.15
C LEU A 115 6.10 -1.46 -4.13
N PHE A 116 6.43 -0.27 -4.59
CA PHE A 116 7.52 -0.09 -5.55
C PHE A 116 8.58 0.87 -4.98
N PRO A 117 9.84 0.69 -5.43
CA PRO A 117 10.96 1.51 -4.99
C PRO A 117 10.87 2.95 -5.50
N GLY A 118 10.87 3.90 -4.57
CA GLY A 118 10.79 5.31 -4.95
C GLY A 118 12.15 5.96 -5.04
N ASP A 119 13.21 5.16 -4.99
CA ASP A 119 14.57 5.67 -5.05
C ASP A 119 14.88 6.54 -3.83
N MET A 120 15.05 5.89 -2.68
CA MET A 120 15.34 6.60 -1.45
C MET A 120 16.79 7.11 -1.45
N VAL A 121 17.74 6.18 -1.40
CA VAL A 121 19.15 6.53 -1.40
C VAL A 121 19.70 6.63 -2.82
N VAL A 122 20.67 7.52 -3.01
CA VAL A 122 21.27 7.70 -4.33
C VAL A 122 22.33 6.65 -4.60
N PHE A 123 23.04 6.23 -3.56
CA PHE A 123 24.08 5.23 -3.68
C PHE A 123 23.51 3.90 -4.18
N LYS A 124 24.38 3.04 -4.67
CA LYS A 124 23.97 1.74 -5.19
C LYS A 124 23.49 0.84 -4.05
N PRO A 125 24.38 0.56 -3.09
CA PRO A 125 24.06 -0.28 -1.93
C PRO A 125 23.08 0.39 -0.97
N GLN A 126 22.71 -0.33 0.08
CA GLN A 126 21.78 0.19 1.08
C GLN A 126 22.23 -0.17 2.49
N ILE A 127 23.51 0.04 2.78
CA ILE A 127 24.07 -0.27 4.09
C ILE A 127 25.29 0.59 4.39
N PRO A 128 26.33 0.44 3.56
CA PRO A 128 27.58 1.20 3.71
C PRO A 128 27.41 2.67 3.38
N ASN A 129 26.85 3.43 4.32
CA ASN A 129 26.63 4.86 4.12
C ASN A 129 26.68 5.61 5.45
N GLN A 130 27.38 5.04 6.42
CA GLN A 130 27.51 5.64 7.74
C GLN A 130 28.92 5.47 8.29
N SER A 1 11.78 -12.04 14.04
CA SER A 1 11.13 -13.32 13.80
C SER A 1 11.55 -13.90 12.46
N GLN A 2 11.02 -15.07 12.13
CA GLN A 2 11.34 -15.73 10.87
C GLN A 2 10.07 -16.15 10.13
N SER A 3 8.96 -15.48 10.46
CA SER A 3 7.68 -15.79 9.83
C SER A 3 7.66 -15.34 8.37
N LYS A 4 6.54 -15.57 7.70
CA LYS A 4 6.39 -15.18 6.31
C LYS A 4 5.27 -14.16 6.13
N TYR A 5 4.46 -14.00 7.17
CA TYR A 5 3.35 -13.05 7.13
C TYR A 5 3.04 -12.54 8.54
N VAL A 6 2.54 -11.31 8.60
CA VAL A 6 2.19 -10.69 9.88
C VAL A 6 0.89 -9.90 9.77
N LYS A 7 -0.18 -10.44 10.35
CA LYS A 7 -1.48 -9.79 10.33
C LYS A 7 -1.68 -8.93 11.58
N VAL A 8 -1.82 -7.62 11.37
CA VAL A 8 -2.03 -6.69 12.48
C VAL A 8 -3.35 -5.94 12.34
N TRP A 9 -3.83 -5.40 13.44
CA TRP A 9 -5.09 -4.65 13.44
C TRP A 9 -4.98 -3.38 14.28
N GLU A 10 -5.69 -2.34 13.87
CA GLU A 10 -5.67 -1.07 14.58
C GLU A 10 -6.75 -0.13 14.04
N GLY A 11 -6.92 1.00 14.72
CA GLY A 11 -7.91 1.97 14.30
C GLY A 11 -7.48 3.40 14.57
N ASN A 12 -7.74 4.28 13.61
CA ASN A 12 -7.37 5.69 13.74
C ASN A 12 -7.89 6.50 12.57
N LEU A 13 -7.58 7.79 12.56
CA LEU A 13 -8.01 8.68 11.49
C LEU A 13 -6.84 9.48 10.93
N SER A 14 -6.16 8.91 9.94
CA SER A 14 -5.01 9.56 9.32
C SER A 14 -4.67 8.90 7.99
N GLY A 15 -4.87 9.63 6.90
CA GLY A 15 -4.56 9.10 5.58
C GLY A 15 -5.17 9.94 4.47
N GLN A 16 -4.43 10.95 4.02
CA GLN A 16 -4.90 11.82 2.96
C GLN A 16 -3.74 12.28 2.07
N ARG A 17 -4.02 13.22 1.18
CA ARG A 17 -3.00 13.74 0.28
C ARG A 17 -2.37 15.01 0.83
N GLN A 18 -1.08 15.17 0.62
CA GLN A 18 -0.35 16.35 1.10
C GLN A 18 -0.05 16.22 2.59
N GLY A 19 -0.18 15.01 3.11
CA GLY A 19 0.09 14.78 4.51
C GLY A 19 -1.10 15.11 5.40
N GLN A 20 -2.29 14.91 4.87
CA GLN A 20 -3.53 15.19 5.61
C GLN A 20 -4.08 13.91 6.24
N PRO A 21 -4.88 14.08 7.30
CA PRO A 21 -5.50 12.95 8.02
C PRO A 21 -6.58 12.27 7.19
N VAL A 22 -7.32 11.38 7.83
CA VAL A 22 -8.40 10.65 7.15
C VAL A 22 -9.51 10.28 8.13
N LEU A 23 -10.68 9.95 7.60
CA LEU A 23 -11.82 9.57 8.42
C LEU A 23 -11.44 8.47 9.40
N ILE A 24 -12.07 8.47 10.57
CA ILE A 24 -11.81 7.47 11.59
C ILE A 24 -12.32 6.10 11.17
N THR A 25 -11.52 5.07 11.42
CA THR A 25 -11.90 3.71 11.07
C THR A 25 -10.91 2.71 11.63
N ARG A 26 -11.40 1.53 11.98
CA ARG A 26 -10.55 0.47 12.53
C ARG A 26 -10.68 -0.81 11.71
N LEU A 27 -9.55 -1.25 11.15
CA LEU A 27 -9.53 -2.47 10.34
C LEU A 27 -8.22 -3.22 10.53
N GLU A 28 -8.11 -4.38 9.89
CA GLU A 28 -6.91 -5.20 9.99
C GLU A 28 -6.19 -5.26 8.66
N GLY A 29 -5.04 -5.93 8.64
CA GLY A 29 -4.25 -6.04 7.43
C GLY A 29 -3.14 -7.07 7.55
N TYR A 30 -2.76 -7.65 6.42
CA TYR A 30 -1.70 -8.65 6.40
C TYR A 30 -0.51 -8.17 5.56
N ARG A 31 0.65 -8.04 6.22
CA ARG A 31 1.85 -7.59 5.53
C ARG A 31 2.90 -8.70 5.49
N SER A 32 3.52 -8.88 4.34
CA SER A 32 4.53 -9.91 4.16
C SER A 32 5.66 -9.74 5.18
N ALA A 33 6.02 -10.85 5.83
CA ALA A 33 7.08 -10.83 6.83
C ALA A 33 8.30 -10.07 6.31
N SER A 34 8.36 -9.86 5.00
CA SER A 34 9.47 -9.16 4.39
C SER A 34 9.62 -7.75 4.98
N ALA A 35 8.62 -7.33 5.74
CA ALA A 35 8.64 -6.02 6.37
C ALA A 35 9.11 -6.10 7.82
N SER A 36 9.29 -4.94 8.45
CA SER A 36 9.74 -4.89 9.83
C SER A 36 8.63 -5.31 10.78
N ASP A 37 9.02 -5.87 11.92
CA ASP A 37 8.05 -6.33 12.91
C ASP A 37 7.19 -5.17 13.42
N SER A 38 7.85 -4.07 13.80
CA SER A 38 7.15 -2.90 14.30
C SER A 38 6.36 -2.22 13.18
N LEU A 39 6.72 -2.54 11.94
CA LEU A 39 6.04 -1.96 10.78
C LEU A 39 4.56 -2.32 10.77
N ALA A 40 4.24 -3.48 11.35
CA ALA A 40 2.86 -3.94 11.41
C ALA A 40 2.31 -3.86 12.83
N ALA A 41 3.13 -4.29 13.79
CA ALA A 41 2.73 -4.27 15.20
C ALA A 41 2.35 -2.86 15.64
N ASN A 42 3.16 -1.88 15.25
CA ASN A 42 2.89 -0.49 15.60
C ASN A 42 2.68 0.37 14.36
N TRP A 43 2.24 -0.26 13.28
CA TRP A 43 2.00 0.44 12.02
C TRP A 43 1.18 1.71 12.26
N PRO A 44 1.75 2.85 11.85
CA PRO A 44 1.09 4.16 11.99
C PRO A 44 -0.12 4.30 11.08
N PRO A 45 -1.30 4.53 11.70
CA PRO A 45 -2.56 4.69 10.96
C PRO A 45 -2.60 5.99 10.17
N THR A 46 -1.43 6.49 9.80
CA THR A 46 -1.33 7.74 9.04
C THR A 46 -0.60 7.53 7.72
N MET A 47 -1.31 7.77 6.62
CA MET A 47 -0.72 7.61 5.28
C MET A 47 -0.80 8.91 4.50
N GLN A 48 0.17 9.13 3.61
CA GLN A 48 0.21 10.33 2.80
C GLN A 48 0.34 9.99 1.32
N ILE A 49 -0.79 9.93 0.63
CA ILE A 49 -0.80 9.61 -0.80
C ILE A 49 -0.87 10.87 -1.65
N VAL A 50 0.12 11.06 -2.52
CA VAL A 50 0.16 12.22 -3.39
C VAL A 50 0.35 11.81 -4.84
N ARG A 51 0.42 10.51 -5.08
CA ARG A 51 0.60 9.98 -6.43
C ARG A 51 -0.42 8.88 -6.72
N LEU A 52 -0.37 8.33 -7.93
CA LEU A 52 -1.28 7.27 -8.33
C LEU A 52 -0.52 6.10 -8.94
N ILE A 53 -0.85 4.89 -8.50
CA ILE A 53 -0.19 3.69 -9.00
C ILE A 53 -1.22 2.70 -9.55
N SER A 54 -0.96 2.20 -10.76
CA SER A 54 -1.85 1.26 -11.40
C SER A 54 -1.50 -0.18 -11.02
N GLN A 55 -2.48 -1.07 -11.09
CA GLN A 55 -2.26 -2.47 -10.75
C GLN A 55 -1.36 -3.15 -11.79
N ASP A 56 -1.20 -2.50 -12.94
CA ASP A 56 -0.36 -3.04 -14.01
C ASP A 56 1.10 -3.10 -13.57
N HIS A 57 1.47 -2.23 -12.64
CA HIS A 57 2.84 -2.19 -12.14
C HIS A 57 3.08 -3.28 -11.11
N MET A 58 1.99 -3.83 -10.57
CA MET A 58 2.08 -4.89 -9.57
C MET A 58 2.27 -6.25 -10.24
N ASN A 59 2.35 -6.25 -11.56
CA ASN A 59 2.53 -7.48 -12.31
C ASN A 59 3.97 -7.98 -12.22
N ASN A 60 4.85 -7.12 -11.71
CA ASN A 60 6.26 -7.47 -11.55
C ASN A 60 6.53 -8.08 -10.19
N LYS A 61 6.68 -9.40 -10.16
CA LYS A 61 6.95 -10.12 -8.92
C LYS A 61 8.45 -10.13 -8.60
N GLN A 62 9.24 -9.64 -9.54
CA GLN A 62 10.70 -9.59 -9.37
C GLN A 62 11.10 -8.43 -8.46
N TYR A 63 10.13 -7.57 -8.17
CA TYR A 63 10.38 -6.41 -7.32
C TYR A 63 9.72 -6.58 -5.94
N VAL A 64 8.86 -7.59 -5.84
CA VAL A 64 8.17 -7.88 -4.58
C VAL A 64 9.05 -8.70 -3.65
N GLY A 65 10.18 -9.16 -4.16
CA GLY A 65 11.09 -9.96 -3.37
C GLY A 65 12.10 -9.12 -2.63
N LYS A 66 12.50 -8.01 -3.23
CA LYS A 66 13.48 -7.11 -2.62
C LYS A 66 12.79 -6.07 -1.74
N ALA A 67 11.48 -6.22 -1.57
CA ALA A 67 10.70 -5.30 -0.76
C ALA A 67 9.67 -6.05 0.09
N ASP A 68 9.02 -5.33 0.99
CA ASP A 68 8.01 -5.92 1.85
C ASP A 68 6.62 -5.83 1.22
N PHE A 69 5.64 -6.52 1.81
CA PHE A 69 4.28 -6.52 1.30
C PHE A 69 3.31 -6.04 2.37
N LEU A 70 2.26 -5.33 1.94
CA LEU A 70 1.26 -4.83 2.86
C LEU A 70 -0.15 -4.98 2.27
N VAL A 71 -1.02 -5.67 3.01
CA VAL A 71 -2.38 -5.89 2.55
C VAL A 71 -3.38 -5.30 3.54
N PHE A 72 -4.41 -4.64 3.01
CA PHE A 72 -5.43 -4.02 3.85
C PHE A 72 -6.68 -4.89 3.90
N ARG A 73 -7.09 -5.26 5.11
CA ARG A 73 -8.27 -6.09 5.30
C ARG A 73 -9.41 -5.30 5.93
N ALA A 74 -10.44 -5.00 5.14
CA ALA A 74 -11.59 -4.25 5.63
C ALA A 74 -12.88 -5.04 5.46
N MET A 75 -13.93 -4.60 6.14
CA MET A 75 -15.23 -5.27 6.07
C MET A 75 -16.06 -4.72 4.91
N SER A 76 -15.78 -3.48 4.53
CA SER A 76 -16.50 -2.84 3.43
C SER A 76 -15.74 -1.62 2.92
N GLN A 77 -16.34 -0.93 1.96
CA GLN A 77 -15.72 0.27 1.38
C GLN A 77 -16.76 1.12 0.65
N HIS A 78 -16.32 2.27 0.15
CA HIS A 78 -17.20 3.17 -0.57
C HIS A 78 -16.44 3.92 -1.67
N GLY A 79 -17.04 3.96 -2.86
CA GLY A 79 -16.41 4.65 -3.97
C GLY A 79 -15.23 3.88 -4.53
N PHE A 80 -15.03 2.66 -4.03
CA PHE A 80 -13.93 1.82 -4.48
C PHE A 80 -14.30 1.10 -5.77
N LEU A 81 -15.55 0.71 -5.89
CA LEU A 81 -16.04 0.02 -7.08
C LEU A 81 -15.65 0.77 -8.34
N GLY A 82 -15.61 2.09 -8.25
CA GLY A 82 -15.26 2.91 -9.39
C GLY A 82 -13.97 2.44 -10.06
N GLN A 83 -12.88 2.47 -9.32
CA GLN A 83 -11.58 2.06 -9.84
C GLN A 83 -11.58 0.56 -10.17
N LEU A 84 -11.95 -0.25 -9.17
CA LEU A 84 -11.99 -1.70 -9.35
C LEU A 84 -12.71 -2.07 -10.64
N GLN A 85 -13.64 -1.22 -11.06
CA GLN A 85 -14.40 -1.45 -12.28
C GLN A 85 -13.78 -0.72 -13.46
N ASP A 86 -13.00 0.32 -13.16
CA ASP A 86 -12.35 1.11 -14.20
C ASP A 86 -11.02 0.49 -14.60
N LYS A 87 -10.03 0.61 -13.72
CA LYS A 87 -8.70 0.06 -13.97
C LYS A 87 -8.23 -0.80 -12.81
N LYS A 88 -8.83 -0.58 -11.64
CA LYS A 88 -8.48 -1.33 -10.44
C LYS A 88 -7.11 -0.92 -9.93
N LEU A 89 -7.06 0.22 -9.25
CA LEU A 89 -5.80 0.72 -8.70
C LEU A 89 -6.07 1.71 -7.55
N CYS A 90 -5.01 2.35 -7.08
CA CYS A 90 -5.12 3.32 -5.99
C CYS A 90 -4.02 4.37 -6.08
N ALA A 91 -3.85 5.12 -5.00
CA ALA A 91 -2.82 6.16 -4.95
C ALA A 91 -1.53 5.63 -4.34
N VAL A 92 -0.43 6.34 -4.59
CA VAL A 92 0.87 5.94 -4.06
C VAL A 92 1.29 6.84 -2.90
N ILE A 93 1.78 6.22 -1.83
CA ILE A 93 2.23 6.97 -0.66
C ILE A 93 3.72 7.27 -0.72
N GLN A 94 4.04 8.53 -0.99
CA GLN A 94 5.45 8.95 -1.08
C GLN A 94 5.97 9.38 0.29
N LEU A 95 6.87 8.58 0.85
CA LEU A 95 7.44 8.89 2.16
C LEU A 95 8.93 9.25 2.03
N PRO A 96 9.39 10.19 2.85
CA PRO A 96 10.78 10.65 2.84
C PRO A 96 11.72 9.58 3.40
N SER A 97 11.16 8.51 3.94
CA SER A 97 11.96 7.42 4.49
C SER A 97 11.79 6.14 3.68
N GLN A 98 10.60 5.97 3.10
CA GLN A 98 10.31 4.80 2.30
C GLN A 98 9.28 5.11 1.22
N THR A 99 8.88 4.09 0.46
CA THR A 99 7.90 4.26 -0.60
C THR A 99 6.79 3.21 -0.50
N LEU A 100 5.59 3.67 -0.21
CA LEU A 100 4.44 2.77 -0.08
C LEU A 100 3.55 2.85 -1.32
N LEU A 101 3.21 1.69 -1.88
CA LEU A 101 2.35 1.63 -3.06
C LEU A 101 0.97 1.10 -2.70
N LEU A 102 -0.06 1.88 -3.03
CA LEU A 102 -1.43 1.48 -2.75
C LEU A 102 -2.23 1.33 -4.04
N SER A 103 -2.74 0.13 -4.28
CA SER A 103 -3.52 -0.16 -5.47
C SER A 103 -4.63 -1.16 -5.17
N VAL A 104 -5.87 -0.76 -5.48
CA VAL A 104 -7.02 -1.63 -5.24
C VAL A 104 -7.38 -2.41 -6.49
N SER A 105 -7.41 -3.74 -6.37
CA SER A 105 -7.74 -4.60 -7.49
C SER A 105 -7.91 -6.05 -7.03
N ASP A 106 -8.94 -6.71 -7.54
CA ASP A 106 -9.21 -8.10 -7.19
C ASP A 106 -9.53 -8.23 -5.70
N LYS A 107 -9.83 -7.10 -5.07
CA LYS A 107 -10.15 -7.08 -3.65
C LYS A 107 -11.28 -6.10 -3.35
N ALA A 108 -12.48 -6.63 -3.10
CA ALA A 108 -13.64 -5.80 -2.81
C ALA A 108 -13.58 -5.27 -1.37
N CYS A 109 -13.25 -6.16 -0.45
CA CYS A 109 -13.17 -5.80 0.97
C CYS A 109 -11.72 -5.73 1.43
N ARG A 110 -10.79 -5.73 0.47
CA ARG A 110 -9.37 -5.67 0.78
C ARG A 110 -8.64 -4.77 -0.22
N LEU A 111 -7.37 -4.48 0.08
CA LEU A 111 -6.56 -3.64 -0.79
C LEU A 111 -5.15 -4.20 -0.92
N ILE A 112 -4.52 -3.94 -2.07
CA ILE A 112 -3.17 -4.42 -2.32
C ILE A 112 -2.15 -3.30 -2.12
N GLY A 113 -1.21 -3.52 -1.20
CA GLY A 113 -0.20 -2.52 -0.92
C GLY A 113 1.21 -3.12 -0.91
N MET A 114 2.20 -2.27 -1.12
CA MET A 114 3.59 -2.71 -1.14
C MET A 114 4.48 -1.74 -0.38
N LEU A 115 5.52 -2.27 0.25
CA LEU A 115 6.45 -1.45 1.02
C LEU A 115 7.85 -1.49 0.41
N PHE A 116 8.27 -0.37 -0.18
CA PHE A 116 9.57 -0.27 -0.80
C PHE A 116 10.48 0.67 -0.01
N PRO A 117 11.80 0.52 -0.22
CA PRO A 117 12.80 1.35 0.47
C PRO A 117 12.79 2.79 -0.03
N GLY A 118 13.30 3.70 0.80
CA GLY A 118 13.34 5.11 0.44
C GLY A 118 14.55 5.46 -0.40
N ASP A 119 14.76 4.71 -1.47
CA ASP A 119 15.89 4.94 -2.36
C ASP A 119 15.46 4.91 -3.82
N MET A 120 14.21 5.28 -4.07
CA MET A 120 13.67 5.30 -5.43
C MET A 120 14.51 6.19 -6.34
N VAL A 121 14.69 5.76 -7.58
CA VAL A 121 15.47 6.52 -8.55
C VAL A 121 14.79 7.85 -8.88
N VAL A 122 15.59 8.83 -9.26
CA VAL A 122 15.07 10.15 -9.61
C VAL A 122 14.26 10.10 -10.90
N PHE A 123 14.75 9.33 -11.87
CA PHE A 123 14.08 9.19 -13.15
C PHE A 123 13.23 7.93 -13.19
N LYS A 124 12.18 7.95 -14.01
CA LYS A 124 11.30 6.80 -14.14
C LYS A 124 10.91 6.56 -15.60
N PRO A 125 11.92 6.22 -16.42
CA PRO A 125 11.72 5.95 -17.85
C PRO A 125 10.94 4.67 -18.10
N GLN A 126 11.36 3.60 -17.44
CA GLN A 126 10.69 2.30 -17.59
C GLN A 126 10.83 1.47 -16.33
N ILE A 127 10.38 0.22 -16.39
CA ILE A 127 10.45 -0.68 -15.24
C ILE A 127 11.90 -0.94 -14.85
N PRO A 128 12.69 -1.45 -15.80
CA PRO A 128 14.11 -1.75 -15.57
C PRO A 128 14.95 -0.50 -15.41
N ASN A 129 14.88 0.12 -14.23
CA ASN A 129 15.64 1.33 -13.96
C ASN A 129 16.05 1.39 -12.48
N GLN A 130 15.98 0.24 -11.81
CA GLN A 130 16.36 0.15 -10.40
C GLN A 130 17.79 0.63 -10.19
N SER A 1 16.36 -11.49 5.75
CA SER A 1 15.53 -12.66 5.94
C SER A 1 14.86 -13.09 4.64
N GLN A 2 14.12 -14.18 4.69
CA GLN A 2 13.43 -14.69 3.50
C GLN A 2 12.01 -15.14 3.85
N SER A 3 11.10 -14.95 2.91
CA SER A 3 9.70 -15.33 3.11
C SER A 3 8.88 -15.10 1.86
N LYS A 4 7.57 -15.32 1.95
CA LYS A 4 6.68 -15.13 0.82
C LYS A 4 5.61 -14.10 1.13
N TYR A 5 5.22 -14.03 2.40
CA TYR A 5 4.19 -13.08 2.84
C TYR A 5 4.61 -12.39 4.13
N VAL A 6 4.15 -11.16 4.31
CA VAL A 6 4.47 -10.38 5.51
C VAL A 6 3.26 -9.59 5.99
N LYS A 7 2.65 -10.05 7.08
CA LYS A 7 1.49 -9.37 7.65
C LYS A 7 1.90 -8.35 8.69
N VAL A 8 1.11 -7.29 8.83
CA VAL A 8 1.39 -6.24 9.80
C VAL A 8 0.11 -5.69 10.40
N TRP A 9 0.15 -5.39 11.70
CA TRP A 9 -1.01 -4.85 12.39
C TRP A 9 -0.66 -3.55 13.13
N GLU A 10 -1.49 -2.53 12.96
CA GLU A 10 -1.26 -1.25 13.61
C GLU A 10 -2.50 -0.36 13.50
N GLY A 11 -2.47 0.77 14.18
CA GLY A 11 -3.58 1.70 14.14
C GLY A 11 -3.15 3.15 14.22
N ASN A 12 -3.76 3.99 13.40
CA ASN A 12 -3.42 5.41 13.37
C ASN A 12 -4.33 6.17 12.41
N LEU A 13 -4.10 7.47 12.29
CA LEU A 13 -4.90 8.31 11.40
C LEU A 13 -4.02 8.99 10.35
N SER A 14 -3.82 8.29 9.23
CA SER A 14 -2.99 8.82 8.15
C SER A 14 -3.28 8.08 6.85
N GLY A 15 -3.82 8.80 5.87
CA GLY A 15 -4.13 8.20 4.59
C GLY A 15 -5.12 9.03 3.78
N GLN A 16 -4.61 10.01 3.04
CA GLN A 16 -5.46 10.87 2.23
C GLN A 16 -4.73 11.31 0.96
N ARG A 17 -5.38 12.16 0.18
CA ARG A 17 -4.79 12.65 -1.07
C ARG A 17 -4.11 14.00 -0.84
N GLN A 18 -3.00 14.21 -1.52
CA GLN A 18 -2.24 15.46 -1.40
C GLN A 18 -1.36 15.44 -0.15
N GLY A 19 -1.17 14.25 0.42
CA GLY A 19 -0.36 14.12 1.60
C GLY A 19 -1.12 14.45 2.87
N GLN A 20 -2.41 14.15 2.87
CA GLN A 20 -3.26 14.42 4.03
C GLN A 20 -3.48 13.15 4.84
N PRO A 21 -3.78 13.32 6.14
CA PRO A 21 -4.02 12.20 7.06
C PRO A 21 -5.34 11.49 6.75
N VAL A 22 -5.75 10.60 7.66
CA VAL A 22 -6.98 9.86 7.49
C VAL A 22 -7.62 9.53 8.83
N LEU A 23 -8.90 9.16 8.81
CA LEU A 23 -9.62 8.81 10.02
C LEU A 23 -8.83 7.80 10.85
N ILE A 24 -8.84 7.98 12.18
CA ILE A 24 -8.14 7.07 13.08
C ILE A 24 -8.81 5.70 13.11
N THR A 25 -7.99 4.66 12.96
CA THR A 25 -8.50 3.29 12.98
C THR A 25 -7.35 2.28 13.05
N ARG A 26 -7.64 1.12 13.62
CA ARG A 26 -6.64 0.06 13.75
C ARG A 26 -7.00 -1.14 12.89
N LEU A 27 -6.13 -1.45 11.93
CA LEU A 27 -6.35 -2.59 11.04
C LEU A 27 -5.04 -3.27 10.68
N GLU A 28 -5.13 -4.39 9.96
CA GLU A 28 -3.95 -5.13 9.55
C GLU A 28 -3.77 -5.10 8.04
N GLY A 29 -2.69 -5.69 7.55
CA GLY A 29 -2.43 -5.72 6.13
C GLY A 29 -1.45 -6.81 5.75
N TYR A 30 -1.65 -7.41 4.58
CA TYR A 30 -0.78 -8.47 4.10
C TYR A 30 -0.04 -8.04 2.83
N ARG A 31 1.28 -7.99 2.92
CA ARG A 31 2.10 -7.60 1.77
C ARG A 31 3.08 -8.70 1.40
N SER A 32 3.18 -8.99 0.11
CA SER A 32 4.08 -10.03 -0.38
C SER A 32 5.50 -9.79 0.12
N ALA A 33 6.11 -10.84 0.68
CA ALA A 33 7.47 -10.74 1.19
C ALA A 33 8.38 -10.01 0.21
N SER A 34 7.94 -9.91 -1.04
CA SER A 34 8.71 -9.24 -2.08
C SER A 34 9.00 -7.80 -1.68
N ALA A 35 8.31 -7.32 -0.65
CA ALA A 35 8.48 -5.95 -0.18
C ALA A 35 9.22 -5.93 1.16
N SER A 36 9.54 -4.74 1.63
CA SER A 36 10.24 -4.58 2.91
C SER A 36 9.27 -4.72 4.08
N ASP A 37 9.63 -5.59 5.02
CA ASP A 37 8.80 -5.82 6.20
C ASP A 37 8.85 -4.63 7.14
N SER A 38 10.05 -4.10 7.37
CA SER A 38 10.23 -2.96 8.25
C SER A 38 9.37 -1.78 7.79
N LEU A 39 8.89 -1.85 6.56
CA LEU A 39 8.06 -0.78 6.00
C LEU A 39 6.87 -0.50 6.90
N ALA A 40 6.01 -1.50 7.07
CA ALA A 40 4.82 -1.36 7.91
C ALA A 40 4.93 -2.23 9.15
N ALA A 41 6.08 -2.85 9.35
CA ALA A 41 6.31 -3.72 10.50
C ALA A 41 5.99 -2.99 11.80
N ASN A 42 6.54 -1.79 11.97
CA ASN A 42 6.30 -0.99 13.17
C ASN A 42 5.73 0.37 12.81
N TRP A 43 5.49 0.59 11.51
CA TRP A 43 4.95 1.86 11.04
C TRP A 43 3.42 1.81 10.99
N PRO A 44 2.77 2.86 11.50
CA PRO A 44 1.32 2.96 11.52
C PRO A 44 0.73 3.16 10.13
N PRO A 45 -0.61 3.09 10.03
CA PRO A 45 -1.32 3.25 8.77
C PRO A 45 -1.26 4.68 8.24
N THR A 46 -0.25 4.97 7.42
CA THR A 46 -0.07 6.29 6.85
C THR A 46 0.23 6.23 5.36
N MET A 47 -0.67 6.78 4.56
CA MET A 47 -0.51 6.78 3.11
C MET A 47 -0.81 8.16 2.53
N GLN A 48 -0.16 8.48 1.42
CA GLN A 48 -0.37 9.77 0.76
C GLN A 48 -0.47 9.60 -0.75
N ILE A 49 -1.69 9.70 -1.27
CA ILE A 49 -1.92 9.56 -2.70
C ILE A 49 -1.88 10.92 -3.41
N VAL A 50 -1.29 10.95 -4.59
CA VAL A 50 -1.19 12.19 -5.37
C VAL A 50 -1.74 12.00 -6.77
N ARG A 51 -1.94 10.74 -7.17
CA ARG A 51 -2.46 10.42 -8.49
C ARG A 51 -3.49 9.31 -8.41
N LEU A 52 -3.99 8.89 -9.57
CA LEU A 52 -5.00 7.82 -9.63
C LEU A 52 -4.51 6.68 -10.52
N ILE A 53 -4.87 5.46 -10.15
CA ILE A 53 -4.48 4.28 -10.90
C ILE A 53 -5.65 3.31 -11.07
N SER A 54 -5.89 2.88 -12.30
CA SER A 54 -6.97 1.96 -12.60
C SER A 54 -6.51 0.52 -12.48
N GLN A 55 -7.46 -0.41 -12.41
CA GLN A 55 -7.14 -1.83 -12.30
C GLN A 55 -6.77 -2.41 -13.65
N ASP A 56 -7.16 -1.72 -14.72
CA ASP A 56 -6.86 -2.17 -16.07
C ASP A 56 -5.39 -2.54 -16.21
N HIS A 57 -4.51 -1.69 -15.71
CA HIS A 57 -3.08 -1.92 -15.78
C HIS A 57 -2.68 -3.06 -14.83
N MET A 58 -3.39 -3.18 -13.71
CA MET A 58 -3.11 -4.22 -12.74
C MET A 58 -3.16 -5.60 -13.37
N ASN A 59 -3.79 -5.68 -14.55
CA ASN A 59 -3.91 -6.94 -15.26
C ASN A 59 -2.58 -7.34 -15.91
N ASN A 60 -1.70 -6.36 -16.08
CA ASN A 60 -0.39 -6.61 -16.68
C ASN A 60 0.66 -6.85 -15.60
N LYS A 61 0.96 -8.12 -15.35
CA LYS A 61 1.95 -8.49 -14.36
C LYS A 61 3.34 -8.63 -14.98
N GLN A 62 3.41 -8.41 -16.29
CA GLN A 62 4.68 -8.51 -17.01
C GLN A 62 5.75 -7.67 -16.34
N TYR A 63 5.32 -6.66 -15.59
CA TYR A 63 6.25 -5.77 -14.89
C TYR A 63 6.09 -5.90 -13.38
N VAL A 64 4.93 -6.38 -12.94
CA VAL A 64 4.65 -6.55 -11.53
C VAL A 64 5.21 -7.88 -11.01
N GLY A 65 5.70 -8.70 -11.94
CA GLY A 65 6.25 -9.99 -11.55
C GLY A 65 7.55 -9.87 -10.79
N LYS A 66 8.09 -8.65 -10.74
CA LYS A 66 9.34 -8.40 -10.03
C LYS A 66 9.11 -7.45 -8.86
N ALA A 67 8.04 -6.66 -8.93
CA ALA A 67 7.71 -5.71 -7.87
C ALA A 67 7.14 -6.43 -6.65
N ASP A 68 6.94 -5.70 -5.57
CA ASP A 68 6.40 -6.27 -4.34
C ASP A 68 4.89 -6.15 -4.31
N PHE A 69 4.27 -6.81 -3.33
CA PHE A 69 2.81 -6.79 -3.20
C PHE A 69 2.41 -6.24 -1.83
N LEU A 70 1.32 -5.46 -1.82
CA LEU A 70 0.82 -4.87 -0.58
C LEU A 70 -0.70 -4.90 -0.54
N VAL A 71 -1.25 -5.51 0.49
CA VAL A 71 -2.70 -5.61 0.65
C VAL A 71 -3.14 -5.07 2.01
N PHE A 72 -4.26 -4.36 2.03
CA PHE A 72 -4.78 -3.79 3.27
C PHE A 72 -5.95 -4.62 3.79
N ARG A 73 -5.82 -5.09 5.03
CA ARG A 73 -6.86 -5.90 5.64
C ARG A 73 -7.68 -5.07 6.63
N ALA A 74 -8.93 -4.76 6.27
CA ALA A 74 -9.80 -3.98 7.12
C ALA A 74 -11.09 -4.75 7.44
N MET A 75 -11.79 -4.29 8.46
CA MET A 75 -13.04 -4.94 8.86
C MET A 75 -14.26 -4.16 8.34
N SER A 76 -14.00 -2.97 7.80
CA SER A 76 -15.07 -2.13 7.28
C SER A 76 -15.06 -2.15 5.75
N GLN A 77 -16.21 -1.87 5.16
CA GLN A 77 -16.34 -1.86 3.70
C GLN A 77 -17.33 -0.79 3.25
N HIS A 78 -16.93 0.48 3.38
CA HIS A 78 -17.77 1.59 2.98
C HIS A 78 -17.05 2.50 2.00
N GLY A 79 -17.75 2.89 0.93
CA GLY A 79 -17.16 3.75 -0.07
C GLY A 79 -16.44 2.98 -1.16
N PHE A 80 -15.58 2.06 -0.76
CA PHE A 80 -14.82 1.25 -1.71
C PHE A 80 -15.76 0.49 -2.65
N LEU A 81 -16.98 0.26 -2.18
CA LEU A 81 -17.99 -0.44 -2.97
C LEU A 81 -18.24 0.27 -4.29
N GLY A 82 -18.27 1.60 -4.24
CA GLY A 82 -18.49 2.38 -5.44
C GLY A 82 -17.62 1.95 -6.60
N GLN A 83 -16.30 2.09 -6.42
CA GLN A 83 -15.35 1.72 -7.46
C GLN A 83 -15.36 0.21 -7.70
N LEU A 84 -15.19 -0.56 -6.62
CA LEU A 84 -15.18 -2.00 -6.71
C LEU A 84 -16.35 -2.50 -7.55
N GLN A 85 -17.43 -1.74 -7.56
CA GLN A 85 -18.62 -2.11 -8.33
C GLN A 85 -18.62 -1.41 -9.69
N ASP A 86 -17.89 -0.31 -9.78
CA ASP A 86 -17.81 0.45 -11.03
C ASP A 86 -16.69 -0.08 -11.92
N LYS A 87 -15.45 0.15 -11.50
CA LYS A 87 -14.30 -0.31 -12.26
C LYS A 87 -13.32 -1.06 -11.37
N LYS A 88 -13.40 -0.80 -10.06
CA LYS A 88 -12.52 -1.45 -9.10
C LYS A 88 -11.09 -0.92 -9.20
N LEU A 89 -10.86 0.24 -8.61
CA LEU A 89 -9.54 0.88 -8.63
C LEU A 89 -9.39 1.86 -7.47
N CYS A 90 -8.25 2.53 -7.42
CA CYS A 90 -7.98 3.50 -6.37
C CYS A 90 -6.93 4.51 -6.82
N ALA A 91 -6.40 5.28 -5.87
CA ALA A 91 -5.39 6.28 -6.16
C ALA A 91 -3.98 5.71 -6.00
N VAL A 92 -3.01 6.36 -6.63
CA VAL A 92 -1.62 5.92 -6.56
C VAL A 92 -0.82 6.78 -5.59
N ILE A 93 0.00 6.14 -4.77
CA ILE A 93 0.83 6.85 -3.80
C ILE A 93 2.22 7.14 -4.37
N GLN A 94 2.51 8.43 -4.56
CA GLN A 94 3.80 8.83 -5.10
C GLN A 94 4.77 9.20 -3.98
N LEU A 95 5.86 8.43 -3.86
CA LEU A 95 6.86 8.67 -2.83
C LEU A 95 8.24 8.82 -3.44
N PRO A 96 9.06 9.69 -2.84
CA PRO A 96 10.43 9.95 -3.30
C PRO A 96 11.35 8.76 -3.06
N SER A 97 10.86 7.77 -2.31
CA SER A 97 11.65 6.59 -2.01
C SER A 97 11.18 5.39 -2.83
N GLN A 98 9.88 5.37 -3.13
CA GLN A 98 9.30 4.29 -3.90
C GLN A 98 7.92 4.68 -4.44
N THR A 99 7.46 3.96 -5.47
CA THR A 99 6.16 4.24 -6.07
C THR A 99 5.16 3.15 -5.70
N LEU A 100 4.14 3.51 -4.94
CA LEU A 100 3.11 2.57 -4.53
C LEU A 100 1.80 2.84 -5.25
N LEU A 101 1.12 1.79 -5.68
CA LEU A 101 -0.15 1.93 -6.38
C LEU A 101 -1.29 1.30 -5.57
N LEU A 102 -2.34 2.08 -5.36
CA LEU A 102 -3.50 1.61 -4.60
C LEU A 102 -4.71 1.41 -5.51
N SER A 103 -5.24 0.20 -5.52
CA SER A 103 -6.40 -0.11 -6.36
C SER A 103 -7.33 -1.09 -5.64
N VAL A 104 -8.59 -0.68 -5.48
CA VAL A 104 -9.59 -1.50 -4.82
C VAL A 104 -10.33 -2.38 -5.82
N SER A 105 -10.27 -3.70 -5.61
CA SER A 105 -10.94 -4.64 -6.49
C SER A 105 -11.10 -6.00 -5.82
N ASP A 106 -12.26 -6.62 -6.00
CA ASP A 106 -12.53 -7.92 -5.40
C ASP A 106 -12.19 -7.92 -3.92
N LYS A 107 -12.29 -6.76 -3.29
CA LYS A 107 -11.98 -6.63 -1.87
C LYS A 107 -12.85 -5.54 -1.24
N ALA A 108 -13.98 -5.95 -0.67
CA ALA A 108 -14.89 -5.01 -0.02
C ALA A 108 -14.31 -4.52 1.30
N CYS A 109 -13.73 -5.43 2.06
CA CYS A 109 -13.15 -5.07 3.35
C CYS A 109 -11.62 -5.05 3.27
N ARG A 110 -11.10 -5.12 2.05
CA ARG A 110 -9.66 -5.11 1.83
C ARG A 110 -9.30 -4.26 0.61
N LEU A 111 -8.00 -4.02 0.44
CA LEU A 111 -7.53 -3.21 -0.69
C LEU A 111 -6.31 -3.86 -1.33
N ILE A 112 -6.15 -3.66 -2.63
CA ILE A 112 -5.03 -4.22 -3.37
C ILE A 112 -4.05 -3.13 -3.79
N GLY A 113 -2.80 -3.27 -3.39
CA GLY A 113 -1.78 -2.29 -3.74
C GLY A 113 -0.51 -2.93 -4.27
N MET A 114 0.29 -2.16 -5.00
CA MET A 114 1.53 -2.66 -5.56
C MET A 114 2.71 -1.77 -5.13
N LEU A 115 3.87 -2.39 -4.97
CA LEU A 115 5.07 -1.67 -4.56
C LEU A 115 6.12 -1.68 -5.68
N PHE A 116 6.38 -0.50 -6.24
CA PHE A 116 7.36 -0.38 -7.31
C PHE A 116 8.57 0.43 -6.86
N PRO A 117 9.73 0.18 -7.49
CA PRO A 117 10.97 0.88 -7.18
C PRO A 117 10.94 2.35 -7.60
N GLY A 118 11.23 3.24 -6.65
CA GLY A 118 11.23 4.66 -6.94
C GLY A 118 12.55 5.32 -6.61
N ASP A 119 13.38 4.63 -5.84
CA ASP A 119 14.68 5.14 -5.45
C ASP A 119 15.46 4.12 -4.64
N MET A 120 16.07 3.16 -5.34
CA MET A 120 16.84 2.12 -4.68
C MET A 120 18.11 2.69 -4.04
N VAL A 121 17.98 3.14 -2.80
CA VAL A 121 19.10 3.71 -2.07
C VAL A 121 19.69 2.71 -1.09
N VAL A 122 20.98 2.86 -0.81
CA VAL A 122 21.67 1.95 0.11
C VAL A 122 22.30 2.74 1.26
N PHE A 123 21.52 3.63 1.87
CA PHE A 123 22.00 4.43 2.98
C PHE A 123 21.45 3.90 4.30
N LYS A 124 22.27 3.98 5.35
CA LYS A 124 21.87 3.52 6.67
C LYS A 124 22.35 4.48 7.75
N PRO A 125 21.76 5.69 7.78
CA PRO A 125 22.11 6.71 8.76
C PRO A 125 21.66 6.35 10.18
N GLN A 126 20.40 6.66 10.49
CA GLN A 126 19.85 6.36 11.80
C GLN A 126 18.37 5.97 11.70
N ILE A 127 18.08 5.04 10.80
CA ILE A 127 16.71 4.58 10.60
C ILE A 127 16.68 3.13 10.12
N PRO A 128 15.53 2.47 10.32
CA PRO A 128 15.35 1.07 9.91
C PRO A 128 15.29 0.92 8.38
N ASN A 129 16.46 0.92 7.75
CA ASN A 129 16.54 0.78 6.30
C ASN A 129 17.69 -0.16 5.92
N GLN A 130 17.48 -0.92 4.85
CA GLN A 130 18.49 -1.86 4.37
C GLN A 130 19.45 -1.18 3.41
N SER A 1 15.80 -8.48 6.77
CA SER A 1 15.17 -9.72 7.21
C SER A 1 14.64 -10.51 6.02
N GLN A 2 14.62 -11.84 6.17
CA GLN A 2 14.15 -12.72 5.10
C GLN A 2 12.79 -13.30 5.44
N SER A 3 11.85 -13.21 4.50
CA SER A 3 10.51 -13.73 4.72
C SER A 3 9.71 -13.74 3.40
N LYS A 4 8.44 -14.11 3.49
CA LYS A 4 7.58 -14.16 2.32
C LYS A 4 6.40 -13.21 2.48
N TYR A 5 5.96 -13.02 3.72
CA TYR A 5 4.83 -12.14 4.00
C TYR A 5 4.97 -11.51 5.38
N VAL A 6 4.44 -10.29 5.52
CA VAL A 6 4.51 -9.57 6.79
C VAL A 6 3.18 -8.89 7.10
N LYS A 7 2.45 -9.45 8.07
CA LYS A 7 1.17 -8.88 8.47
C LYS A 7 1.34 -7.89 9.60
N VAL A 8 0.63 -6.75 9.51
CA VAL A 8 0.70 -5.74 10.54
C VAL A 8 -0.69 -5.23 10.92
N TRP A 9 -0.92 -5.08 12.22
CA TRP A 9 -2.21 -4.62 12.72
C TRP A 9 -2.05 -3.35 13.55
N GLU A 10 -2.94 -2.38 13.32
CA GLU A 10 -2.89 -1.12 14.04
C GLU A 10 -4.17 -0.33 13.82
N GLY A 11 -4.30 0.78 14.55
CA GLY A 11 -5.49 1.63 14.41
C GLY A 11 -5.17 3.10 14.57
N ASN A 12 -5.75 3.93 13.71
CA ASN A 12 -5.53 5.36 13.76
C ASN A 12 -6.40 6.08 12.73
N LEU A 13 -6.24 7.40 12.64
CA LEU A 13 -7.00 8.20 11.70
C LEU A 13 -6.09 8.98 10.76
N SER A 14 -5.73 8.35 9.64
CA SER A 14 -4.86 8.98 8.67
C SER A 14 -4.97 8.28 7.32
N GLY A 15 -5.48 9.00 6.32
CA GLY A 15 -5.62 8.43 4.99
C GLY A 15 -6.62 9.18 4.14
N GLN A 16 -6.17 10.23 3.47
CA GLN A 16 -7.04 11.03 2.63
C GLN A 16 -6.28 11.56 1.41
N ARG A 17 -6.95 12.40 0.61
CA ARG A 17 -6.34 12.96 -0.58
C ARG A 17 -5.77 14.34 -0.29
N GLN A 18 -4.60 14.63 -0.87
CA GLN A 18 -3.93 15.91 -0.68
C GLN A 18 -3.15 15.91 0.62
N GLY A 19 -2.95 14.73 1.19
CA GLY A 19 -2.20 14.62 2.44
C GLY A 19 -3.08 14.86 3.66
N GLN A 20 -4.34 14.48 3.56
CA GLN A 20 -5.27 14.66 4.66
C GLN A 20 -5.47 13.36 5.43
N PRO A 21 -5.91 13.47 6.70
CA PRO A 21 -6.14 12.32 7.57
C PRO A 21 -7.34 11.50 7.13
N VAL A 22 -7.75 10.55 7.97
CA VAL A 22 -8.89 9.69 7.67
C VAL A 22 -9.62 9.27 8.94
N LEU A 23 -10.85 8.81 8.79
CA LEU A 23 -11.65 8.37 9.93
C LEU A 23 -10.87 7.40 10.80
N ILE A 24 -11.02 7.55 12.11
CA ILE A 24 -10.33 6.68 13.06
C ILE A 24 -10.89 5.26 13.01
N THR A 25 -9.99 4.28 12.95
CA THR A 25 -10.40 2.88 12.90
C THR A 25 -9.19 1.96 13.02
N ARG A 26 -9.42 0.73 13.47
CA ARG A 26 -8.35 -0.25 13.64
C ARG A 26 -8.52 -1.41 12.65
N LEU A 27 -7.54 -1.58 11.79
CA LEU A 27 -7.56 -2.64 10.79
C LEU A 27 -6.19 -3.26 10.61
N GLU A 28 -6.11 -4.33 9.83
CA GLU A 28 -4.85 -5.01 9.56
C GLU A 28 -4.47 -4.89 8.10
N GLY A 29 -3.24 -5.33 7.77
CA GLY A 29 -2.77 -5.26 6.41
C GLY A 29 -1.61 -6.20 6.15
N TYR A 30 -1.70 -6.98 5.08
CA TYR A 30 -0.64 -7.92 4.73
C TYR A 30 0.21 -7.37 3.58
N ARG A 31 1.50 -7.17 3.85
CA ARG A 31 2.42 -6.67 2.85
C ARG A 31 3.44 -7.74 2.44
N SER A 32 3.75 -7.78 1.15
CA SER A 32 4.70 -8.77 0.63
C SER A 32 6.08 -8.57 1.26
N ALA A 33 6.70 -9.68 1.65
CA ALA A 33 8.02 -9.63 2.27
C ALA A 33 8.96 -8.73 1.48
N SER A 34 8.57 -8.40 0.25
CA SER A 34 9.38 -7.54 -0.61
C SER A 34 9.63 -6.20 0.06
N ALA A 35 8.92 -5.94 1.15
CA ALA A 35 9.07 -4.69 1.89
C ALA A 35 9.77 -4.91 3.23
N SER A 36 10.07 -3.82 3.91
CA SER A 36 10.74 -3.90 5.21
C SER A 36 9.73 -4.01 6.35
N ASP A 37 10.19 -4.53 7.49
CA ASP A 37 9.32 -4.69 8.65
C ASP A 37 9.04 -3.34 9.31
N SER A 38 10.09 -2.54 9.45
CA SER A 38 9.97 -1.23 10.08
C SER A 38 8.96 -0.36 9.33
N LEU A 39 8.60 -0.78 8.11
CA LEU A 39 7.65 -0.06 7.29
C LEU A 39 6.40 0.29 8.09
N ALA A 40 5.68 -0.75 8.52
CA ALA A 40 4.45 -0.55 9.30
C ALA A 40 4.63 -1.05 10.73
N ALA A 41 5.85 -1.45 11.07
CA ALA A 41 6.16 -1.96 12.40
C ALA A 41 5.68 -0.97 13.47
N ASN A 42 6.05 0.29 13.31
CA ASN A 42 5.66 1.32 14.27
C ASN A 42 4.93 2.46 13.56
N TRP A 43 4.70 2.29 12.27
CA TRP A 43 4.01 3.31 11.48
C TRP A 43 2.51 3.04 11.46
N PRO A 44 1.72 4.00 11.95
CA PRO A 44 0.25 3.90 11.99
C PRO A 44 -0.37 3.96 10.61
N PRO A 45 -1.69 3.72 10.53
CA PRO A 45 -2.42 3.75 9.27
C PRO A 45 -2.57 5.16 8.72
N THR A 46 -1.56 5.60 7.96
CA THR A 46 -1.57 6.93 7.37
C THR A 46 -1.26 6.88 5.89
N MET A 47 -2.21 7.29 5.06
CA MET A 47 -2.03 7.29 3.61
C MET A 47 -2.30 8.68 3.03
N GLN A 48 -1.61 9.00 1.95
CA GLN A 48 -1.78 10.30 1.29
C GLN A 48 -1.84 10.14 -0.22
N ILE A 49 -3.05 10.18 -0.77
CA ILE A 49 -3.24 10.04 -2.21
C ILE A 49 -3.31 11.41 -2.89
N VAL A 50 -2.63 11.52 -4.02
CA VAL A 50 -2.61 12.78 -4.77
C VAL A 50 -2.96 12.54 -6.24
N ARG A 51 -3.08 11.28 -6.62
CA ARG A 51 -3.41 10.91 -7.99
C ARG A 51 -4.34 9.70 -8.03
N LEU A 52 -4.63 9.23 -9.24
CA LEU A 52 -5.51 8.08 -9.41
C LEU A 52 -4.79 6.97 -10.18
N ILE A 53 -4.96 5.73 -9.72
CA ILE A 53 -4.33 4.59 -10.36
C ILE A 53 -5.35 3.48 -10.62
N SER A 54 -5.35 2.95 -11.84
CA SER A 54 -6.27 1.89 -12.21
C SER A 54 -5.68 0.52 -11.90
N GLN A 55 -6.54 -0.49 -11.86
CA GLN A 55 -6.11 -1.85 -11.57
C GLN A 55 -5.34 -2.44 -12.74
N ASP A 56 -5.46 -1.81 -13.90
CA ASP A 56 -4.78 -2.27 -15.10
C ASP A 56 -3.28 -2.41 -14.86
N HIS A 57 -2.76 -1.61 -13.93
CA HIS A 57 -1.34 -1.65 -13.60
C HIS A 57 -1.02 -2.83 -12.70
N MET A 58 -2.01 -3.26 -11.92
CA MET A 58 -1.85 -4.38 -11.01
C MET A 58 -1.85 -5.72 -11.77
N ASN A 59 -2.16 -5.65 -13.06
CA ASN A 59 -2.19 -6.84 -13.90
C ASN A 59 -0.78 -7.29 -14.27
N ASN A 60 0.19 -6.41 -14.06
CA ASN A 60 1.58 -6.71 -14.36
C ASN A 60 2.30 -7.28 -13.13
N LYS A 61 2.55 -8.58 -13.15
CA LYS A 61 3.22 -9.25 -12.04
C LYS A 61 4.73 -9.12 -12.17
N GLN A 62 5.19 -8.59 -13.30
CA GLN A 62 6.61 -8.41 -13.55
C GLN A 62 7.16 -7.24 -12.74
N TYR A 63 6.25 -6.43 -12.19
CA TYR A 63 6.65 -5.28 -11.38
C TYR A 63 6.52 -5.57 -9.90
N VAL A 64 5.72 -6.58 -9.56
CA VAL A 64 5.50 -6.96 -8.17
C VAL A 64 6.67 -7.78 -7.65
N GLY A 65 7.58 -8.16 -8.55
CA GLY A 65 8.73 -8.94 -8.15
C GLY A 65 9.91 -8.08 -7.76
N LYS A 66 9.92 -6.84 -8.24
CA LYS A 66 11.01 -5.92 -7.94
C LYS A 66 10.52 -4.77 -7.06
N ALA A 67 9.37 -4.97 -6.42
CA ALA A 67 8.80 -3.95 -5.55
C ALA A 67 8.09 -4.59 -4.36
N ASP A 68 7.66 -3.76 -3.42
CA ASP A 68 6.97 -4.24 -2.22
C ASP A 68 5.46 -4.27 -2.45
N PHE A 69 4.78 -5.19 -1.77
CA PHE A 69 3.33 -5.33 -1.90
C PHE A 69 2.64 -4.95 -0.60
N LEU A 70 1.51 -4.27 -0.71
CA LEU A 70 0.73 -3.85 0.45
C LEU A 70 -0.75 -4.20 0.28
N VAL A 71 -1.27 -4.96 1.24
CA VAL A 71 -2.68 -5.36 1.20
C VAL A 71 -3.42 -4.89 2.44
N PHE A 72 -4.54 -4.23 2.25
CA PHE A 72 -5.34 -3.73 3.37
C PHE A 72 -6.53 -4.64 3.63
N ARG A 73 -6.62 -5.14 4.85
CA ARG A 73 -7.72 -6.04 5.24
C ARG A 73 -8.61 -5.38 6.30
N ALA A 74 -9.83 -5.07 5.91
CA ALA A 74 -10.79 -4.45 6.82
C ALA A 74 -12.06 -5.27 6.93
N MET A 75 -12.86 -4.97 7.95
CA MET A 75 -14.12 -5.69 8.17
C MET A 75 -15.30 -4.89 7.63
N SER A 76 -15.14 -3.57 7.55
CA SER A 76 -16.20 -2.69 7.06
C SER A 76 -15.80 -2.07 5.72
N GLN A 77 -16.79 -1.51 5.03
CA GLN A 77 -16.54 -0.88 3.73
C GLN A 77 -17.80 -0.20 3.22
N HIS A 78 -17.64 0.98 2.62
CA HIS A 78 -18.76 1.73 2.08
C HIS A 78 -18.34 2.53 0.86
N GLY A 79 -19.08 2.36 -0.24
CA GLY A 79 -18.76 3.08 -1.46
C GLY A 79 -17.85 2.28 -2.38
N PHE A 80 -17.15 1.30 -1.81
CA PHE A 80 -16.24 0.47 -2.59
C PHE A 80 -16.93 -0.10 -3.82
N LEU A 81 -18.22 -0.39 -3.68
CA LEU A 81 -19.00 -0.95 -4.78
C LEU A 81 -18.94 -0.04 -6.00
N GLY A 82 -18.94 1.27 -5.76
CA GLY A 82 -18.87 2.23 -6.86
C GLY A 82 -17.78 1.90 -7.85
N GLN A 83 -16.53 1.94 -7.38
CA GLN A 83 -15.38 1.65 -8.23
C GLN A 83 -15.35 0.16 -8.62
N LEU A 84 -15.40 -0.70 -7.61
CA LEU A 84 -15.37 -2.14 -7.84
C LEU A 84 -16.35 -2.54 -8.95
N GLN A 85 -17.42 -1.77 -9.09
CA GLN A 85 -18.43 -2.03 -10.10
C GLN A 85 -18.17 -1.21 -11.36
N ASP A 86 -17.46 -0.09 -11.18
CA ASP A 86 -17.14 0.80 -12.29
C ASP A 86 -15.91 0.30 -13.05
N LYS A 87 -14.74 0.49 -12.45
CA LYS A 87 -13.48 0.06 -13.06
C LYS A 87 -12.66 -0.76 -12.08
N LYS A 88 -12.95 -0.63 -10.80
CA LYS A 88 -12.23 -1.35 -9.76
C LYS A 88 -10.81 -0.82 -9.61
N LEU A 89 -10.69 0.33 -8.96
CA LEU A 89 -9.38 0.94 -8.73
C LEU A 89 -9.44 1.94 -7.58
N CYS A 90 -8.34 2.68 -7.40
CA CYS A 90 -8.26 3.67 -6.33
C CYS A 90 -7.27 4.76 -6.68
N ALA A 91 -6.92 5.58 -5.69
CA ALA A 91 -5.98 6.67 -5.89
C ALA A 91 -4.55 6.24 -5.59
N VAL A 92 -3.59 6.97 -6.12
CA VAL A 92 -2.18 6.65 -5.91
C VAL A 92 -1.56 7.58 -4.85
N ILE A 93 -0.74 7.00 -3.99
CA ILE A 93 -0.09 7.76 -2.93
C ILE A 93 1.29 8.24 -3.36
N GLN A 94 1.47 9.55 -3.44
CA GLN A 94 2.74 10.14 -3.85
C GLN A 94 3.57 10.52 -2.62
N LEU A 95 4.78 9.97 -2.55
CA LEU A 95 5.67 10.24 -1.43
C LEU A 95 7.02 10.78 -1.93
N PRO A 96 7.60 11.73 -1.18
CA PRO A 96 8.89 12.33 -1.52
C PRO A 96 10.04 11.36 -1.37
N SER A 97 9.76 10.19 -0.80
CA SER A 97 10.78 9.17 -0.59
C SER A 97 10.49 7.93 -1.42
N GLN A 98 9.20 7.65 -1.63
CA GLN A 98 8.79 6.48 -2.40
C GLN A 98 7.49 6.76 -3.14
N THR A 99 6.96 5.74 -3.81
CA THR A 99 5.72 5.88 -4.56
C THR A 99 4.78 4.71 -4.29
N LEU A 100 3.67 4.99 -3.62
CA LEU A 100 2.69 3.97 -3.29
C LEU A 100 1.46 4.08 -4.19
N LEU A 101 0.87 2.94 -4.53
CA LEU A 101 -0.30 2.92 -5.39
C LEU A 101 -1.46 2.18 -4.70
N LEU A 102 -2.65 2.78 -4.74
CA LEU A 102 -3.82 2.19 -4.12
C LEU A 102 -4.90 1.93 -5.16
N SER A 103 -5.31 0.66 -5.28
CA SER A 103 -6.34 0.28 -6.24
C SER A 103 -7.25 -0.79 -5.66
N VAL A 104 -8.54 -0.50 -5.60
CA VAL A 104 -9.52 -1.44 -5.07
C VAL A 104 -10.20 -2.22 -6.18
N SER A 105 -10.08 -3.55 -6.12
CA SER A 105 -10.69 -4.41 -7.13
C SER A 105 -10.82 -5.84 -6.61
N ASP A 106 -11.93 -6.49 -6.95
CA ASP A 106 -12.19 -7.85 -6.52
C ASP A 106 -11.93 -8.01 -5.02
N LYS A 107 -12.15 -6.93 -4.27
CA LYS A 107 -11.94 -6.94 -2.83
C LYS A 107 -12.89 -5.97 -2.14
N ALA A 108 -14.01 -6.51 -1.64
CA ALA A 108 -15.00 -5.69 -0.94
C ALA A 108 -14.50 -5.28 0.45
N CYS A 109 -13.91 -6.23 1.16
CA CYS A 109 -13.40 -5.97 2.50
C CYS A 109 -11.88 -5.90 2.49
N ARG A 110 -11.30 -5.82 1.30
CA ARG A 110 -9.85 -5.76 1.15
C ARG A 110 -9.45 -4.71 0.12
N LEU A 111 -8.18 -4.33 0.13
CA LEU A 111 -7.67 -3.33 -0.80
C LEU A 111 -6.30 -3.73 -1.33
N ILE A 112 -6.05 -3.43 -2.60
CA ILE A 112 -4.77 -3.75 -3.23
C ILE A 112 -3.87 -2.52 -3.31
N GLY A 113 -2.63 -2.68 -2.85
CA GLY A 113 -1.68 -1.58 -2.88
C GLY A 113 -0.30 -2.02 -3.32
N MET A 114 0.42 -1.11 -3.98
CA MET A 114 1.77 -1.41 -4.45
C MET A 114 2.76 -0.36 -3.97
N LEU A 115 3.99 -0.79 -3.71
CA LEU A 115 5.04 0.11 -3.24
C LEU A 115 6.24 0.09 -4.17
N PHE A 116 6.50 1.23 -4.80
CA PHE A 116 7.63 1.34 -5.72
C PHE A 116 8.67 2.33 -5.20
N PRO A 117 9.93 2.15 -5.62
CA PRO A 117 11.05 3.00 -5.20
C PRO A 117 10.95 4.41 -5.80
N GLY A 118 10.95 5.41 -4.93
CA GLY A 118 10.86 6.79 -5.39
C GLY A 118 12.17 7.54 -5.23
N ASP A 119 13.02 7.05 -4.34
CA ASP A 119 14.32 7.68 -4.09
C ASP A 119 15.26 6.72 -3.38
N MET A 120 15.36 5.50 -3.89
CA MET A 120 16.22 4.49 -3.30
C MET A 120 17.67 4.96 -3.29
N VAL A 121 18.56 4.12 -2.75
CA VAL A 121 19.97 4.45 -2.68
C VAL A 121 20.74 3.86 -3.86
N VAL A 122 21.83 4.52 -4.24
CA VAL A 122 22.65 4.05 -5.35
C VAL A 122 23.39 2.77 -4.99
N PHE A 123 23.81 2.68 -3.74
CA PHE A 123 24.54 1.50 -3.26
C PHE A 123 23.67 0.25 -3.36
N LYS A 124 24.32 -0.91 -3.45
CA LYS A 124 23.60 -2.18 -3.54
C LYS A 124 22.76 -2.43 -2.30
N PRO A 125 21.54 -2.92 -2.50
CA PRO A 125 20.61 -3.22 -1.40
C PRO A 125 21.06 -4.41 -0.57
N GLN A 126 21.88 -4.15 0.45
CA GLN A 126 22.38 -5.20 1.32
C GLN A 126 22.41 -4.74 2.77
N ILE A 127 22.90 -5.61 3.65
CA ILE A 127 22.99 -5.29 5.07
C ILE A 127 23.86 -4.06 5.31
N PRO A 128 25.12 -4.14 4.85
CA PRO A 128 26.09 -3.04 5.00
C PRO A 128 25.74 -1.84 4.12
N ASN A 129 24.78 -1.05 4.58
CA ASN A 129 24.35 0.13 3.84
C ASN A 129 23.31 0.92 4.63
N GLN A 130 23.70 2.12 5.07
CA GLN A 130 22.80 2.98 5.83
C GLN A 130 22.39 2.31 7.14
N SER A 1 14.73 -9.50 10.71
CA SER A 1 13.96 -10.74 10.65
C SER A 1 14.07 -11.38 9.27
N GLN A 2 13.72 -12.66 9.19
CA GLN A 2 13.78 -13.39 7.94
C GLN A 2 12.43 -14.05 7.63
N SER A 3 11.68 -13.44 6.72
CA SER A 3 10.37 -13.97 6.34
C SER A 3 9.99 -13.51 4.94
N LYS A 4 8.77 -13.85 4.53
CA LYS A 4 8.28 -13.47 3.21
C LYS A 4 7.06 -12.57 3.33
N TYR A 5 6.35 -12.68 4.45
CA TYR A 5 5.16 -11.87 4.68
C TYR A 5 5.00 -11.56 6.16
N VAL A 6 4.40 -10.40 6.45
CA VAL A 6 4.19 -9.98 7.83
C VAL A 6 2.87 -9.23 7.98
N LYS A 7 1.94 -9.82 8.74
CA LYS A 7 0.64 -9.21 8.96
C LYS A 7 0.64 -8.37 10.23
N VAL A 8 0.16 -7.13 10.12
CA VAL A 8 0.11 -6.23 11.26
C VAL A 8 -1.27 -5.58 11.39
N TRP A 9 -1.61 -5.15 12.60
CA TRP A 9 -2.89 -4.50 12.85
C TRP A 9 -2.71 -3.16 13.53
N GLU A 10 -3.56 -2.19 13.20
CA GLU A 10 -3.48 -0.86 13.78
C GLU A 10 -4.72 -0.04 13.43
N GLY A 11 -4.88 1.10 14.10
CA GLY A 11 -6.03 1.95 13.85
C GLY A 11 -5.72 3.41 14.10
N ASN A 12 -6.30 4.28 13.28
CA ASN A 12 -6.08 5.72 13.42
C ASN A 12 -7.04 6.50 12.53
N LEU A 13 -6.98 7.83 12.63
CA LEU A 13 -7.84 8.69 11.83
C LEU A 13 -7.03 9.70 11.04
N SER A 14 -6.48 9.27 9.91
CA SER A 14 -5.67 10.14 9.06
C SER A 14 -5.42 9.49 7.71
N GLY A 15 -5.94 10.11 6.66
CA GLY A 15 -5.76 9.58 5.31
C GLY A 15 -6.70 10.21 4.31
N GLN A 16 -6.27 11.31 3.71
CA GLN A 16 -7.08 12.02 2.72
C GLN A 16 -6.21 12.61 1.62
N ARG A 17 -6.82 13.41 0.75
CA ARG A 17 -6.11 14.04 -0.35
C ARG A 17 -5.60 15.42 0.05
N GLN A 18 -4.41 15.77 -0.44
CA GLN A 18 -3.82 17.07 -0.13
C GLN A 18 -3.20 17.07 1.26
N GLY A 19 -2.98 15.87 1.81
CA GLY A 19 -2.39 15.75 3.13
C GLY A 19 -3.40 15.98 4.24
N GLN A 20 -4.64 15.59 3.99
CA GLN A 20 -5.71 15.77 4.98
C GLN A 20 -5.95 14.47 5.74
N PRO A 21 -6.55 14.60 6.93
CA PRO A 21 -6.85 13.45 7.79
C PRO A 21 -7.94 12.56 7.22
N VAL A 22 -8.41 11.60 8.02
CA VAL A 22 -9.46 10.69 7.58
C VAL A 22 -10.22 10.13 8.78
N LEU A 23 -11.42 9.63 8.52
CA LEU A 23 -12.26 9.05 9.59
C LEU A 23 -11.49 8.00 10.37
N ILE A 24 -11.80 7.88 11.65
CA ILE A 24 -11.14 6.91 12.52
C ILE A 24 -11.56 5.50 12.17
N THR A 25 -10.59 4.59 12.14
CA THR A 25 -10.85 3.19 11.81
C THR A 25 -9.65 2.31 12.12
N ARG A 26 -9.91 1.09 12.58
CA ARG A 26 -8.84 0.15 12.91
C ARG A 26 -8.97 -1.13 12.10
N LEU A 27 -7.95 -1.41 11.30
CA LEU A 27 -7.95 -2.62 10.46
C LEU A 27 -6.57 -3.25 10.43
N GLU A 28 -6.47 -4.42 9.79
CA GLU A 28 -5.20 -5.13 9.69
C GLU A 28 -4.71 -5.17 8.24
N GLY A 29 -3.53 -5.72 8.04
CA GLY A 29 -2.97 -5.80 6.70
C GLY A 29 -1.66 -6.58 6.67
N TYR A 30 -1.40 -7.23 5.54
CA TYR A 30 -0.17 -8.01 5.39
C TYR A 30 0.67 -7.48 4.23
N ARG A 31 1.95 -7.26 4.49
CA ARG A 31 2.87 -6.75 3.48
C ARG A 31 4.03 -7.71 3.27
N SER A 32 4.53 -7.77 2.04
CA SER A 32 5.64 -8.65 1.71
C SER A 32 6.90 -8.25 2.47
N ALA A 33 7.54 -9.23 3.11
CA ALA A 33 8.75 -8.98 3.88
C ALA A 33 9.74 -8.14 3.07
N SER A 34 9.50 -8.02 1.77
CA SER A 34 10.37 -7.25 0.89
C SER A 34 10.45 -5.79 1.35
N ALA A 35 9.60 -5.44 2.31
CA ALA A 35 9.57 -4.08 2.83
C ALA A 35 10.33 -3.98 4.15
N SER A 36 10.48 -2.76 4.65
CA SER A 36 11.20 -2.53 5.90
C SER A 36 10.29 -2.80 7.10
N ASP A 37 10.82 -3.51 8.09
CA ASP A 37 10.07 -3.83 9.30
C ASP A 37 9.48 -2.57 9.92
N SER A 38 10.16 -1.44 9.72
CA SER A 38 9.71 -0.17 10.27
C SER A 38 8.31 0.18 9.76
N LEU A 39 7.93 -0.42 8.64
CA LEU A 39 6.62 -0.18 8.05
C LEU A 39 5.51 -0.79 8.90
N ALA A 40 5.56 -2.10 9.07
CA ALA A 40 4.57 -2.81 9.87
C ALA A 40 4.73 -2.50 11.35
N ALA A 41 5.89 -1.97 11.72
CA ALA A 41 6.18 -1.63 13.10
C ALA A 41 5.74 -0.20 13.41
N ASN A 42 5.84 0.66 12.42
CA ASN A 42 5.45 2.07 12.59
C ASN A 42 4.37 2.46 11.58
N TRP A 43 3.48 1.53 11.29
CA TRP A 43 2.39 1.77 10.34
C TRP A 43 1.93 3.22 10.42
N PRO A 44 2.04 3.93 9.29
CA PRO A 44 1.64 5.35 9.19
C PRO A 44 0.13 5.51 9.26
N PRO A 45 -0.35 6.09 10.36
CA PRO A 45 -1.80 6.33 10.57
C PRO A 45 -2.34 7.41 9.65
N THR A 46 -1.45 8.09 8.95
CA THR A 46 -1.83 9.16 8.03
C THR A 46 -1.37 8.86 6.62
N MET A 47 -2.30 8.85 5.68
CA MET A 47 -1.98 8.59 4.27
C MET A 47 -2.44 9.74 3.39
N GLN A 48 -1.48 10.39 2.72
CA GLN A 48 -1.79 11.51 1.84
C GLN A 48 -1.77 11.07 0.38
N ILE A 49 -2.96 10.84 -0.18
CA ILE A 49 -3.08 10.42 -1.58
C ILE A 49 -3.37 11.60 -2.48
N VAL A 50 -2.51 11.81 -3.48
CA VAL A 50 -2.68 12.90 -4.43
C VAL A 50 -2.68 12.39 -5.86
N ARG A 51 -2.54 11.08 -6.02
CA ARG A 51 -2.53 10.47 -7.34
C ARG A 51 -3.47 9.27 -7.39
N LEU A 52 -3.59 8.67 -8.57
CA LEU A 52 -4.46 7.51 -8.75
C LEU A 52 -3.75 6.43 -9.56
N ILE A 53 -3.77 5.21 -9.05
CA ILE A 53 -3.14 4.08 -9.73
C ILE A 53 -4.17 3.03 -10.12
N SER A 54 -4.12 2.59 -11.38
CA SER A 54 -5.04 1.59 -11.88
C SER A 54 -4.47 0.19 -11.70
N GLN A 55 -5.34 -0.82 -11.80
CA GLN A 55 -4.92 -2.21 -11.64
C GLN A 55 -4.15 -2.68 -12.87
N ASP A 56 -4.37 -2.02 -14.00
CA ASP A 56 -3.70 -2.37 -15.24
C ASP A 56 -2.25 -1.90 -15.23
N HIS A 57 -1.94 -0.98 -14.32
CA HIS A 57 -0.58 -0.45 -14.20
C HIS A 57 0.27 -1.33 -13.29
N MET A 58 -0.38 -2.02 -12.36
CA MET A 58 0.32 -2.90 -11.43
C MET A 58 0.57 -4.27 -12.06
N ASN A 59 0.18 -4.42 -13.32
CA ASN A 59 0.36 -5.68 -14.04
C ASN A 59 1.82 -5.89 -14.42
N ASN A 60 2.62 -4.84 -14.25
CA ASN A 60 4.04 -4.91 -14.58
C ASN A 60 4.87 -5.30 -13.36
N LYS A 61 5.31 -6.55 -13.32
CA LYS A 61 6.12 -7.05 -12.21
C LYS A 61 7.61 -6.76 -12.44
N GLN A 62 7.90 -6.11 -13.55
CA GLN A 62 9.29 -5.78 -13.89
C GLN A 62 9.92 -4.90 -12.82
N TYR A 63 9.06 -4.28 -12.00
CA TYR A 63 9.54 -3.40 -10.93
C TYR A 63 9.11 -3.93 -9.57
N VAL A 64 8.15 -4.86 -9.57
CA VAL A 64 7.66 -5.45 -8.34
C VAL A 64 8.54 -6.60 -7.88
N GLY A 65 9.50 -6.98 -8.72
CA GLY A 65 10.39 -8.06 -8.39
C GLY A 65 11.47 -7.64 -7.41
N LYS A 66 11.58 -6.34 -7.17
CA LYS A 66 12.58 -5.81 -6.25
C LYS A 66 11.91 -4.97 -5.16
N ALA A 67 10.85 -4.25 -5.53
CA ALA A 67 10.12 -3.42 -4.58
C ALA A 67 9.41 -4.27 -3.54
N ASP A 68 8.85 -3.61 -2.53
CA ASP A 68 8.13 -4.30 -1.47
C ASP A 68 6.65 -4.43 -1.79
N PHE A 69 5.94 -5.26 -1.02
CA PHE A 69 4.52 -5.46 -1.23
C PHE A 69 3.73 -5.11 0.03
N LEU A 70 2.50 -4.63 -0.16
CA LEU A 70 1.64 -4.25 0.96
C LEU A 70 0.18 -4.59 0.66
N VAL A 71 -0.49 -5.18 1.63
CA VAL A 71 -1.89 -5.55 1.48
C VAL A 71 -2.71 -5.10 2.68
N PHE A 72 -3.85 -4.48 2.41
CA PHE A 72 -4.73 -3.99 3.47
C PHE A 72 -5.91 -4.93 3.67
N ARG A 73 -6.08 -5.42 4.90
CA ARG A 73 -7.17 -6.32 5.22
C ARG A 73 -8.21 -5.64 6.10
N ALA A 74 -9.38 -5.39 5.53
CA ALA A 74 -10.47 -4.75 6.26
C ALA A 74 -11.72 -5.60 6.25
N MET A 75 -12.65 -5.30 7.16
CA MET A 75 -13.90 -6.04 7.26
C MET A 75 -15.05 -5.26 6.63
N SER A 76 -14.87 -3.94 6.52
CA SER A 76 -15.90 -3.08 5.94
C SER A 76 -15.37 -1.65 5.77
N GLN A 77 -15.51 -1.12 4.56
CA GLN A 77 -15.05 0.23 4.27
C GLN A 77 -15.91 0.88 3.20
N HIS A 78 -15.49 2.04 2.72
CA HIS A 78 -16.23 2.77 1.69
C HIS A 78 -16.65 1.83 0.56
N GLY A 79 -17.63 2.27 -0.23
CA GLY A 79 -18.11 1.45 -1.33
C GLY A 79 -16.97 0.90 -2.18
N PHE A 80 -16.62 -0.36 -1.96
CA PHE A 80 -15.54 -1.00 -2.70
C PHE A 80 -16.05 -1.52 -4.04
N LEU A 81 -17.32 -1.94 -4.07
CA LEU A 81 -17.92 -2.47 -5.28
C LEU A 81 -17.84 -1.44 -6.42
N GLY A 82 -17.96 -0.17 -6.07
CA GLY A 82 -17.88 0.88 -7.06
C GLY A 82 -16.72 0.71 -8.01
N GLN A 83 -15.51 0.77 -7.47
CA GLN A 83 -14.30 0.61 -8.28
C GLN A 83 -14.10 -0.84 -8.70
N LEU A 84 -14.14 -1.74 -7.72
CA LEU A 84 -13.96 -3.16 -7.98
C LEU A 84 -14.80 -3.60 -9.18
N GLN A 85 -15.94 -2.95 -9.36
CA GLN A 85 -16.84 -3.27 -10.47
C GLN A 85 -16.62 -2.33 -11.65
N ASP A 86 -16.06 -1.15 -11.36
CA ASP A 86 -15.80 -0.16 -12.40
C ASP A 86 -14.49 -0.47 -13.11
N LYS A 87 -13.38 -0.21 -12.44
CA LYS A 87 -12.06 -0.47 -13.03
C LYS A 87 -11.19 -1.29 -12.08
N LYS A 88 -11.56 -1.27 -10.80
CA LYS A 88 -10.81 -2.03 -9.78
C LYS A 88 -9.43 -1.40 -9.54
N LEU A 89 -9.41 -0.31 -8.80
CA LEU A 89 -8.16 0.38 -8.49
C LEU A 89 -8.33 1.30 -7.28
N CYS A 90 -7.32 2.12 -7.03
CA CYS A 90 -7.35 3.05 -5.90
C CYS A 90 -6.45 4.25 -6.16
N ALA A 91 -6.17 5.01 -5.11
CA ALA A 91 -5.32 6.19 -5.22
C ALA A 91 -3.89 5.87 -4.82
N VAL A 92 -2.96 6.71 -5.27
CA VAL A 92 -1.54 6.52 -4.96
C VAL A 92 -1.06 7.53 -3.92
N ILE A 93 -0.37 7.03 -2.90
CA ILE A 93 0.14 7.88 -1.84
C ILE A 93 1.59 8.28 -2.11
N GLN A 94 1.79 9.53 -2.51
CA GLN A 94 3.13 10.04 -2.81
C GLN A 94 3.78 10.60 -1.56
N LEU A 95 4.97 10.12 -1.24
CA LEU A 95 5.70 10.57 -0.06
C LEU A 95 7.09 11.08 -0.44
N PRO A 96 7.58 12.09 0.28
CA PRO A 96 8.89 12.69 0.04
C PRO A 96 10.04 11.74 0.42
N SER A 97 9.68 10.63 1.07
CA SER A 97 10.67 9.65 1.49
C SER A 97 10.47 8.32 0.76
N GLN A 98 9.21 8.03 0.44
CA GLN A 98 8.88 6.78 -0.26
C GLN A 98 7.67 6.98 -1.16
N THR A 99 7.26 5.90 -1.83
CA THR A 99 6.10 5.95 -2.71
C THR A 99 5.25 4.69 -2.58
N LEU A 100 4.02 4.88 -2.12
CA LEU A 100 3.10 3.76 -1.93
C LEU A 100 1.91 3.87 -2.91
N LEU A 101 1.67 2.79 -3.65
CA LEU A 101 0.58 2.76 -4.61
C LEU A 101 -0.57 1.91 -4.09
N LEU A 102 -1.75 2.50 -3.98
CA LEU A 102 -2.93 1.79 -3.49
C LEU A 102 -3.90 1.51 -4.64
N SER A 103 -4.25 0.24 -4.81
CA SER A 103 -5.16 -0.16 -5.88
C SER A 103 -6.01 -1.36 -5.44
N VAL A 104 -7.32 -1.16 -5.40
CA VAL A 104 -8.24 -2.22 -5.01
C VAL A 104 -8.76 -2.97 -6.23
N SER A 105 -8.63 -4.30 -6.20
CA SER A 105 -9.09 -5.14 -7.30
C SER A 105 -9.13 -6.61 -6.88
N ASP A 106 -10.24 -7.28 -7.18
CA ASP A 106 -10.39 -8.68 -6.85
C ASP A 106 -10.41 -8.88 -5.32
N LYS A 107 -10.58 -7.79 -4.60
CA LYS A 107 -10.60 -7.84 -3.14
C LYS A 107 -11.62 -6.85 -2.58
N ALA A 108 -12.79 -7.35 -2.21
CA ALA A 108 -13.85 -6.51 -1.67
C ALA A 108 -13.53 -6.09 -0.23
N CYS A 109 -12.98 -7.03 0.54
CA CYS A 109 -12.64 -6.75 1.93
C CYS A 109 -11.12 -6.58 2.08
N ARG A 110 -10.44 -6.43 0.96
CA ARG A 110 -8.99 -6.27 0.97
C ARG A 110 -8.56 -5.26 -0.09
N LEU A 111 -7.31 -4.81 0.00
CA LEU A 111 -6.77 -3.85 -0.96
C LEU A 111 -5.33 -4.20 -1.33
N ILE A 112 -4.98 -3.95 -2.59
CA ILE A 112 -3.64 -4.24 -3.08
C ILE A 112 -2.78 -2.99 -3.08
N GLY A 113 -1.66 -3.04 -2.35
CA GLY A 113 -0.76 -1.91 -2.29
C GLY A 113 0.67 -2.28 -2.59
N MET A 114 1.45 -1.31 -3.03
CA MET A 114 2.85 -1.54 -3.37
C MET A 114 3.76 -0.49 -2.71
N LEU A 115 4.97 -0.90 -2.36
CA LEU A 115 5.92 -0.01 -1.72
C LEU A 115 7.16 0.19 -2.60
N PHE A 116 7.36 1.42 -3.05
CA PHE A 116 8.50 1.75 -3.90
C PHE A 116 9.42 2.75 -3.22
N PRO A 117 10.74 2.58 -3.41
CA PRO A 117 11.76 3.46 -2.82
C PRO A 117 11.75 4.84 -3.45
N GLY A 118 11.57 5.86 -2.60
CA GLY A 118 11.55 7.23 -3.08
C GLY A 118 12.74 8.03 -2.61
N ASP A 119 13.37 7.57 -1.53
CA ASP A 119 14.54 8.26 -0.98
C ASP A 119 15.69 7.28 -0.75
N MET A 120 15.89 6.37 -1.71
CA MET A 120 16.95 5.39 -1.61
C MET A 120 17.76 5.33 -2.91
N VAL A 121 18.73 4.43 -2.96
CA VAL A 121 19.57 4.27 -4.14
C VAL A 121 18.77 3.75 -5.32
N VAL A 122 19.22 4.09 -6.53
CA VAL A 122 18.53 3.67 -7.74
C VAL A 122 19.20 2.42 -8.33
N PHE A 123 19.89 1.67 -7.48
CA PHE A 123 20.58 0.46 -7.93
C PHE A 123 19.67 -0.76 -7.79
N LYS A 124 20.00 -1.81 -8.53
CA LYS A 124 19.22 -3.04 -8.49
C LYS A 124 20.07 -4.22 -8.01
N PRO A 125 20.48 -4.16 -6.73
CA PRO A 125 21.30 -5.21 -6.12
C PRO A 125 20.52 -6.51 -5.92
N GLN A 126 21.12 -7.45 -5.19
CA GLN A 126 20.48 -8.73 -4.92
C GLN A 126 19.74 -8.70 -3.60
N ILE A 127 19.07 -7.58 -3.32
CA ILE A 127 18.32 -7.43 -2.09
C ILE A 127 17.07 -6.58 -2.31
N PRO A 128 16.05 -6.80 -1.46
CA PRO A 128 14.78 -6.07 -1.54
C PRO A 128 14.93 -4.61 -1.14
N ASN A 129 15.45 -3.79 -2.05
CA ASN A 129 15.65 -2.37 -1.80
C ASN A 129 14.36 -1.74 -1.29
N GLN A 130 14.32 -1.45 0.02
CA GLN A 130 13.14 -0.84 0.63
C GLN A 130 12.78 0.46 -0.08
N SER A 1 13.94 -14.13 3.61
CA SER A 1 14.07 -14.27 5.05
C SER A 1 12.89 -15.06 5.61
N GLN A 2 12.94 -15.33 6.92
CA GLN A 2 11.87 -16.08 7.58
C GLN A 2 10.51 -15.43 7.33
N SER A 3 9.48 -16.26 7.26
CA SER A 3 8.12 -15.76 7.03
C SER A 3 8.01 -15.12 5.65
N LYS A 4 6.79 -15.06 5.13
CA LYS A 4 6.55 -14.47 3.83
C LYS A 4 5.41 -13.46 3.88
N TYR A 5 4.88 -13.24 5.08
CA TYR A 5 3.78 -12.31 5.28
C TYR A 5 3.83 -11.70 6.69
N VAL A 6 3.34 -10.47 6.81
CA VAL A 6 3.32 -9.78 8.10
C VAL A 6 2.01 -9.03 8.30
N LYS A 7 1.17 -9.55 9.18
CA LYS A 7 -0.12 -8.93 9.47
C LYS A 7 0.00 -7.95 10.64
N VAL A 8 -0.83 -6.91 10.62
CA VAL A 8 -0.81 -5.90 11.68
C VAL A 8 -2.22 -5.37 11.94
N TRP A 9 -2.46 -4.95 13.17
CA TRP A 9 -3.77 -4.42 13.55
C TRP A 9 -3.61 -3.11 14.33
N GLU A 10 -4.50 -2.16 14.06
CA GLU A 10 -4.46 -0.87 14.72
C GLU A 10 -5.72 -0.06 14.42
N GLY A 11 -5.87 1.07 15.10
CA GLY A 11 -7.03 1.92 14.89
C GLY A 11 -6.70 3.40 15.00
N ASN A 12 -7.23 4.19 14.08
CA ASN A 12 -6.99 5.63 14.08
C ASN A 12 -7.78 6.32 12.97
N LEU A 13 -7.64 7.63 12.87
CA LEU A 13 -8.35 8.41 11.86
C LEU A 13 -7.37 9.15 10.96
N SER A 14 -6.93 8.49 9.89
CA SER A 14 -5.99 9.09 8.95
C SER A 14 -5.97 8.32 7.64
N GLY A 15 -6.42 8.97 6.57
CA GLY A 15 -6.44 8.33 5.27
C GLY A 15 -7.34 9.05 4.28
N GLN A 16 -6.80 10.09 3.64
CA GLN A 16 -7.57 10.86 2.67
C GLN A 16 -6.67 11.37 1.55
N ARG A 17 -7.25 12.16 0.64
CA ARG A 17 -6.50 12.70 -0.48
C ARG A 17 -6.02 14.12 -0.16
N GLN A 18 -4.85 14.45 -0.70
CA GLN A 18 -4.26 15.78 -0.47
C GLN A 18 -3.61 15.86 0.91
N GLY A 19 -3.42 14.70 1.53
CA GLY A 19 -2.82 14.67 2.86
C GLY A 19 -3.82 14.92 3.96
N GLN A 20 -5.05 14.47 3.75
CA GLN A 20 -6.11 14.66 4.74
C GLN A 20 -6.35 13.37 5.53
N PRO A 21 -6.87 13.51 6.75
CA PRO A 21 -7.15 12.38 7.63
C PRO A 21 -8.32 11.53 7.12
N VAL A 22 -8.79 10.62 7.97
CA VAL A 22 -9.90 9.75 7.61
C VAL A 22 -10.70 9.33 8.84
N LEU A 23 -11.92 8.86 8.61
CA LEU A 23 -12.78 8.42 9.71
C LEU A 23 -12.05 7.47 10.64
N ILE A 24 -12.25 7.67 11.94
CA ILE A 24 -11.61 6.83 12.94
C ILE A 24 -12.18 5.41 12.92
N THR A 25 -11.29 4.42 12.97
CA THR A 25 -11.71 3.03 12.95
C THR A 25 -10.51 2.10 13.16
N ARG A 26 -10.79 0.89 13.65
CA ARG A 26 -9.74 -0.09 13.89
C ARG A 26 -9.84 -1.27 12.92
N LEU A 27 -8.81 -1.46 12.12
CA LEU A 27 -8.78 -2.55 11.15
C LEU A 27 -7.41 -3.20 11.09
N GLU A 28 -7.30 -4.28 10.32
CA GLU A 28 -6.03 -4.99 10.18
C GLU A 28 -5.53 -4.92 8.73
N GLY A 29 -4.33 -5.45 8.51
CA GLY A 29 -3.76 -5.43 7.17
C GLY A 29 -2.64 -6.44 7.01
N TYR A 30 -2.50 -6.98 5.81
CA TYR A 30 -1.47 -7.97 5.52
C TYR A 30 -0.50 -7.45 4.47
N ARG A 31 0.77 -7.32 4.85
CA ARG A 31 1.79 -6.82 3.93
C ARG A 31 2.82 -7.92 3.64
N SER A 32 3.22 -8.01 2.38
CA SER A 32 4.20 -9.01 1.97
C SER A 32 5.50 -8.87 2.76
N ALA A 33 5.98 -9.99 3.30
CA ALA A 33 7.21 -10.00 4.09
C ALA A 33 8.28 -9.14 3.42
N SER A 34 8.12 -8.90 2.12
CA SER A 34 9.08 -8.09 1.38
C SER A 34 9.21 -6.70 1.97
N ALA A 35 8.31 -6.38 2.91
CA ALA A 35 8.32 -5.07 3.54
C ALA A 35 8.79 -5.19 5.00
N SER A 36 8.95 -4.05 5.66
CA SER A 36 9.39 -4.02 7.04
C SER A 36 8.20 -4.14 7.99
N ASP A 37 8.37 -4.93 9.04
CA ASP A 37 7.31 -5.14 10.02
C ASP A 37 7.03 -3.86 10.79
N SER A 38 8.08 -3.23 11.30
CA SER A 38 7.94 -1.99 12.07
C SER A 38 7.14 -0.97 11.28
N LEU A 39 7.06 -1.16 9.97
CA LEU A 39 6.32 -0.24 9.11
C LEU A 39 4.89 -0.05 9.63
N ALA A 40 4.12 -1.12 9.65
CA ALA A 40 2.74 -1.07 10.11
C ALA A 40 2.57 -1.90 11.39
N ALA A 41 3.69 -2.25 12.02
CA ALA A 41 3.65 -3.04 13.25
C ALA A 41 2.98 -2.26 14.38
N ASN A 42 3.42 -1.03 14.59
CA ASN A 42 2.86 -0.19 15.65
C ASN A 42 2.33 1.11 15.07
N TRP A 43 2.27 1.20 13.74
CA TRP A 43 1.78 2.39 13.07
C TRP A 43 0.29 2.28 12.79
N PRO A 44 -0.46 3.30 13.22
CA PRO A 44 -1.92 3.35 13.03
C PRO A 44 -2.30 3.55 11.57
N PRO A 45 -3.61 3.44 11.27
CA PRO A 45 -4.14 3.61 9.92
C PRO A 45 -4.05 5.05 9.44
N THR A 46 -2.91 5.41 8.85
CA THR A 46 -2.70 6.77 8.35
C THR A 46 -2.08 6.74 6.96
N MET A 47 -2.81 7.26 5.97
CA MET A 47 -2.32 7.31 4.60
C MET A 47 -2.72 8.62 3.93
N GLN A 48 -1.91 9.05 2.98
CA GLN A 48 -2.18 10.30 2.25
C GLN A 48 -1.96 10.11 0.75
N ILE A 49 -3.06 10.09 0.00
CA ILE A 49 -2.99 9.92 -1.44
C ILE A 49 -2.98 11.26 -2.16
N VAL A 50 -2.04 11.43 -3.08
CA VAL A 50 -1.92 12.68 -3.84
C VAL A 50 -1.87 12.40 -5.34
N ARG A 51 -1.87 11.13 -5.70
CA ARG A 51 -1.83 10.73 -7.10
C ARG A 51 -2.82 9.60 -7.39
N LEU A 52 -2.86 9.15 -8.63
CA LEU A 52 -3.76 8.09 -9.03
C LEU A 52 -2.99 6.94 -9.68
N ILE A 53 -3.34 5.71 -9.30
CA ILE A 53 -2.68 4.53 -9.84
C ILE A 53 -3.71 3.48 -10.26
N SER A 54 -3.55 2.95 -11.47
CA SER A 54 -4.46 1.93 -11.98
C SER A 54 -3.99 0.53 -11.61
N GLN A 55 -4.88 -0.44 -11.72
CA GLN A 55 -4.55 -1.82 -11.39
C GLN A 55 -3.66 -2.45 -12.45
N ASP A 56 -3.70 -1.88 -13.65
CA ASP A 56 -2.89 -2.39 -14.76
C ASP A 56 -1.41 -2.26 -14.44
N HIS A 57 -1.09 -1.44 -13.45
CA HIS A 57 0.31 -1.24 -13.05
C HIS A 57 0.77 -2.33 -12.10
N MET A 58 -0.16 -2.81 -11.27
CA MET A 58 0.15 -3.87 -10.30
C MET A 58 0.03 -5.24 -10.95
N ASN A 59 -0.27 -5.26 -12.25
CA ASN A 59 -0.41 -6.51 -12.99
C ASN A 59 0.95 -7.12 -13.29
N ASN A 60 2.00 -6.30 -13.18
CA ASN A 60 3.35 -6.77 -13.45
C ASN A 60 4.02 -7.24 -12.16
N LYS A 61 4.14 -8.56 -12.02
CA LYS A 61 4.77 -9.14 -10.84
C LYS A 61 6.28 -9.18 -10.99
N GLN A 62 6.76 -8.85 -12.18
CA GLN A 62 8.19 -8.86 -12.46
C GLN A 62 8.89 -7.71 -11.73
N TYR A 63 8.10 -6.81 -11.16
CA TYR A 63 8.64 -5.66 -10.44
C TYR A 63 8.40 -5.79 -8.94
N VAL A 64 7.37 -6.56 -8.59
CA VAL A 64 7.03 -6.77 -7.19
C VAL A 64 7.95 -7.79 -6.54
N GLY A 65 8.79 -8.43 -7.36
CA GLY A 65 9.72 -9.42 -6.85
C GLY A 65 10.84 -8.79 -6.03
N LYS A 66 11.04 -7.49 -6.21
CA LYS A 66 12.09 -6.78 -5.48
C LYS A 66 11.48 -5.74 -4.53
N ALA A 67 10.23 -5.38 -4.78
CA ALA A 67 9.54 -4.41 -3.95
C ALA A 67 8.70 -5.10 -2.88
N ASP A 68 8.14 -4.31 -1.97
CA ASP A 68 7.32 -4.84 -0.89
C ASP A 68 5.84 -4.74 -1.23
N PHE A 69 5.01 -5.49 -0.50
CA PHE A 69 3.57 -5.48 -0.73
C PHE A 69 2.82 -5.11 0.55
N LEU A 70 1.68 -4.44 0.39
CA LEU A 70 0.88 -4.03 1.52
C LEU A 70 -0.61 -4.14 1.21
N VAL A 71 -1.32 -4.92 2.03
CA VAL A 71 -2.76 -5.12 1.83
C VAL A 71 -3.55 -4.60 3.03
N PHE A 72 -4.65 -3.92 2.76
CA PHE A 72 -5.50 -3.38 3.82
C PHE A 72 -6.72 -4.27 4.05
N ARG A 73 -6.88 -4.73 5.28
CA ARG A 73 -8.00 -5.60 5.63
C ARG A 73 -9.02 -4.84 6.48
N ALA A 74 -10.16 -4.52 5.87
CA ALA A 74 -11.22 -3.79 6.55
C ALA A 74 -12.52 -4.59 6.56
N MET A 75 -13.45 -4.20 7.42
CA MET A 75 -14.73 -4.88 7.52
C MET A 75 -15.82 -4.11 6.77
N SER A 76 -15.60 -2.82 6.59
CA SER A 76 -16.56 -1.97 5.89
C SER A 76 -16.08 -1.65 4.48
N GLN A 77 -16.85 -0.84 3.77
CA GLN A 77 -16.50 -0.45 2.41
C GLN A 77 -17.52 0.55 1.85
N HIS A 78 -17.02 1.56 1.15
CA HIS A 78 -17.87 2.59 0.57
C HIS A 78 -17.28 3.10 -0.74
N GLY A 79 -18.14 3.24 -1.75
CA GLY A 79 -17.69 3.72 -3.05
C GLY A 79 -16.63 2.82 -3.66
N PHE A 80 -16.53 1.60 -3.17
CA PHE A 80 -15.56 0.65 -3.67
C PHE A 80 -16.07 -0.04 -4.94
N LEU A 81 -17.37 -0.32 -4.97
CA LEU A 81 -17.99 -0.97 -6.12
C LEU A 81 -17.81 -0.13 -7.38
N GLY A 82 -17.86 1.19 -7.22
CA GLY A 82 -17.69 2.08 -8.36
C GLY A 82 -16.49 1.73 -9.20
N GLN A 83 -15.30 1.84 -8.61
CA GLN A 83 -14.07 1.53 -9.32
C GLN A 83 -13.94 0.03 -9.57
N LEU A 84 -14.10 -0.76 -8.51
CA LEU A 84 -14.01 -2.21 -8.62
C LEU A 84 -14.83 -2.72 -9.79
N GLN A 85 -15.88 -1.98 -10.15
CA GLN A 85 -16.75 -2.36 -11.25
C GLN A 85 -16.34 -1.65 -12.54
N ASP A 86 -15.68 -0.51 -12.39
CA ASP A 86 -15.23 0.27 -13.53
C ASP A 86 -13.90 -0.25 -14.06
N LYS A 87 -12.83 0.00 -13.32
CA LYS A 87 -11.50 -0.44 -13.71
C LYS A 87 -10.79 -1.15 -12.55
N LYS A 88 -11.27 -0.90 -11.33
CA LYS A 88 -10.69 -1.52 -10.15
C LYS A 88 -9.31 -0.94 -9.85
N LEU A 89 -9.29 0.23 -9.22
CA LEU A 89 -8.02 0.88 -8.88
C LEU A 89 -8.22 1.88 -7.75
N CYS A 90 -7.17 2.62 -7.43
CA CYS A 90 -7.23 3.61 -6.36
C CYS A 90 -6.17 4.71 -6.58
N ALA A 91 -5.95 5.51 -5.55
CA ALA A 91 -4.98 6.59 -5.62
C ALA A 91 -3.62 6.15 -5.10
N VAL A 92 -2.58 6.89 -5.47
CA VAL A 92 -1.22 6.58 -5.03
C VAL A 92 -0.80 7.44 -3.84
N ILE A 93 -0.12 6.83 -2.88
CA ILE A 93 0.33 7.54 -1.70
C ILE A 93 1.77 8.02 -1.87
N GLN A 94 1.94 9.33 -1.96
CA GLN A 94 3.27 9.93 -2.12
C GLN A 94 3.89 10.26 -0.77
N LEU A 95 5.03 9.64 -0.48
CA LEU A 95 5.72 9.88 0.79
C LEU A 95 7.17 10.31 0.54
N PRO A 96 7.66 11.23 1.39
CA PRO A 96 9.02 11.74 1.29
C PRO A 96 10.07 10.71 1.68
N SER A 97 9.59 9.58 2.22
CA SER A 97 10.49 8.51 2.64
C SER A 97 10.38 7.32 1.69
N GLN A 98 9.19 7.11 1.14
CA GLN A 98 8.96 6.01 0.22
C GLN A 98 7.76 6.29 -0.69
N THR A 99 7.51 5.39 -1.62
CA THR A 99 6.40 5.54 -2.55
C THR A 99 5.43 4.36 -2.46
N LEU A 100 4.22 4.63 -1.99
CA LEU A 100 3.21 3.58 -1.85
C LEU A 100 2.07 3.79 -2.84
N LEU A 101 1.63 2.71 -3.46
CA LEU A 101 0.54 2.77 -4.43
C LEU A 101 -0.70 2.05 -3.92
N LEU A 102 -1.84 2.71 -3.99
CA LEU A 102 -3.10 2.13 -3.53
C LEU A 102 -4.04 1.86 -4.71
N SER A 103 -4.46 0.61 -4.84
CA SER A 103 -5.36 0.22 -5.93
C SER A 103 -6.35 -0.83 -5.46
N VAL A 104 -7.64 -0.52 -5.58
CA VAL A 104 -8.70 -1.45 -5.17
C VAL A 104 -9.16 -2.31 -6.34
N SER A 105 -9.11 -3.63 -6.16
CA SER A 105 -9.51 -4.56 -7.20
C SER A 105 -9.66 -5.97 -6.63
N ASP A 106 -10.73 -6.65 -7.01
CA ASP A 106 -10.98 -8.01 -6.55
C ASP A 106 -11.05 -8.06 -5.02
N LYS A 107 -11.32 -6.91 -4.42
CA LYS A 107 -11.42 -6.82 -2.97
C LYS A 107 -12.49 -5.81 -2.55
N ALA A 108 -13.56 -6.30 -1.95
CA ALA A 108 -14.66 -5.45 -1.50
C ALA A 108 -14.38 -4.88 -0.12
N CYS A 109 -13.90 -5.73 0.78
CA CYS A 109 -13.59 -5.31 2.14
C CYS A 109 -12.09 -5.20 2.35
N ARG A 110 -11.34 -5.23 1.26
CA ARG A 110 -9.88 -5.14 1.31
C ARG A 110 -9.35 -4.23 0.22
N LEU A 111 -8.07 -3.88 0.30
CA LEU A 111 -7.44 -3.02 -0.69
C LEU A 111 -6.05 -3.52 -1.03
N ILE A 112 -5.64 -3.34 -2.29
CA ILE A 112 -4.33 -3.77 -2.74
C ILE A 112 -3.35 -2.60 -2.78
N GLY A 113 -2.26 -2.73 -2.04
CA GLY A 113 -1.26 -1.67 -2.00
C GLY A 113 0.14 -2.19 -2.32
N MET A 114 0.97 -1.32 -2.87
CA MET A 114 2.34 -1.68 -3.23
C MET A 114 3.33 -0.71 -2.59
N LEU A 115 4.43 -1.26 -2.07
CA LEU A 115 5.46 -0.44 -1.45
C LEU A 115 6.71 -0.38 -2.31
N PHE A 116 7.06 0.82 -2.76
CA PHE A 116 8.24 1.01 -3.60
C PHE A 116 9.22 1.98 -2.96
N PRO A 117 10.48 1.94 -3.40
CA PRO A 117 11.54 2.81 -2.88
C PRO A 117 11.34 4.27 -3.29
N GLY A 118 11.45 5.17 -2.31
CA GLY A 118 11.28 6.58 -2.58
C GLY A 118 12.60 7.32 -2.59
N ASP A 119 13.56 6.85 -1.80
CA ASP A 119 14.87 7.48 -1.73
C ASP A 119 15.98 6.46 -1.97
N MET A 120 15.84 5.69 -3.04
CA MET A 120 16.83 4.67 -3.38
C MET A 120 17.03 4.59 -4.89
N VAL A 121 18.03 3.83 -5.32
CA VAL A 121 18.32 3.67 -6.74
C VAL A 121 17.70 2.39 -7.28
N VAL A 122 17.34 2.41 -8.56
CA VAL A 122 16.74 1.26 -9.21
C VAL A 122 17.65 0.04 -9.11
N PHE A 123 18.94 0.25 -9.32
CA PHE A 123 19.91 -0.84 -9.25
C PHE A 123 20.53 -0.92 -7.86
N LYS A 124 21.20 -2.04 -7.59
CA LYS A 124 21.84 -2.26 -6.29
C LYS A 124 23.27 -1.71 -6.31
N PRO A 125 23.83 -1.48 -5.11
CA PRO A 125 25.19 -0.97 -4.96
C PRO A 125 26.24 -2.00 -5.36
N GLN A 126 26.61 -2.86 -4.41
CA GLN A 126 27.60 -3.89 -4.66
C GLN A 126 28.99 -3.27 -4.86
N ILE A 127 29.18 -2.07 -4.34
CA ILE A 127 30.45 -1.38 -4.47
C ILE A 127 30.29 -0.05 -5.20
N PRO A 128 29.82 -0.12 -6.45
CA PRO A 128 29.60 1.06 -7.29
C PRO A 128 28.43 1.90 -6.80
N ASN A 129 28.05 2.90 -7.59
CA ASN A 129 26.94 3.78 -7.23
C ASN A 129 27.20 4.48 -5.91
N GLN A 130 28.45 4.91 -5.70
CA GLN A 130 28.83 5.58 -4.47
C GLN A 130 28.16 6.95 -4.37
N SER A 1 16.90 -10.02 7.21
CA SER A 1 16.27 -11.33 7.31
C SER A 1 15.74 -11.79 5.95
N GLN A 2 15.06 -12.93 5.94
CA GLN A 2 14.50 -13.48 4.71
C GLN A 2 13.09 -14.01 4.93
N SER A 3 12.17 -13.62 4.05
CA SER A 3 10.78 -14.05 4.16
C SER A 3 10.05 -13.84 2.84
N LYS A 4 8.75 -14.14 2.83
CA LYS A 4 7.94 -13.98 1.64
C LYS A 4 6.77 -13.04 1.89
N TYR A 5 6.26 -13.04 3.11
CA TYR A 5 5.15 -12.18 3.49
C TYR A 5 5.40 -11.51 4.83
N VAL A 6 4.85 -10.31 5.00
CA VAL A 6 5.01 -9.57 6.23
C VAL A 6 3.72 -8.87 6.64
N LYS A 7 3.05 -9.41 7.65
CA LYS A 7 1.80 -8.85 8.13
C LYS A 7 2.05 -7.85 9.27
N VAL A 8 1.23 -6.81 9.32
CA VAL A 8 1.36 -5.80 10.36
C VAL A 8 -0.01 -5.28 10.80
N TRP A 9 -0.17 -5.06 12.09
CA TRP A 9 -1.43 -4.57 12.64
C TRP A 9 -1.21 -3.27 13.40
N GLU A 10 -2.14 -2.33 13.23
CA GLU A 10 -2.04 -1.03 13.91
C GLU A 10 -3.34 -0.24 13.74
N GLY A 11 -3.45 0.86 14.48
CA GLY A 11 -4.64 1.68 14.40
C GLY A 11 -4.34 3.16 14.59
N ASN A 12 -4.94 4.00 13.75
CA ASN A 12 -4.73 5.44 13.82
C ASN A 12 -5.60 6.16 12.80
N LEU A 13 -5.46 7.48 12.74
CA LEU A 13 -6.24 8.30 11.81
C LEU A 13 -5.31 9.06 10.87
N SER A 14 -4.99 8.46 9.73
CA SER A 14 -4.12 9.07 8.74
C SER A 14 -4.29 8.41 7.38
N GLY A 15 -4.81 9.15 6.41
CA GLY A 15 -5.00 8.61 5.08
C GLY A 15 -5.95 9.45 4.25
N GLN A 16 -5.42 10.49 3.61
CA GLN A 16 -6.24 11.37 2.78
C GLN A 16 -5.42 11.90 1.61
N ARG A 17 -6.02 12.83 0.87
CA ARG A 17 -5.36 13.43 -0.29
C ARG A 17 -4.71 14.76 0.08
N GLN A 18 -3.55 15.03 -0.51
CA GLN A 18 -2.83 16.28 -0.23
C GLN A 18 -2.07 16.19 1.08
N GLY A 19 -1.91 14.97 1.59
CA GLY A 19 -1.20 14.78 2.84
C GLY A 19 -2.09 15.00 4.05
N GLN A 20 -3.37 14.70 3.90
CA GLN A 20 -4.33 14.87 4.98
C GLN A 20 -4.57 13.55 5.71
N PRO A 21 -4.99 13.64 6.98
CA PRO A 21 -5.27 12.46 7.82
C PRO A 21 -6.51 11.71 7.35
N VAL A 22 -6.96 10.76 8.16
CA VAL A 22 -8.15 9.96 7.84
C VAL A 22 -8.85 9.49 9.11
N LEU A 23 -10.09 9.05 8.94
CA LEU A 23 -10.88 8.56 10.07
C LEU A 23 -10.09 7.56 10.90
N ILE A 24 -10.20 7.67 12.23
CA ILE A 24 -9.51 6.77 13.12
C ILE A 24 -10.06 5.35 13.03
N THR A 25 -9.17 4.37 12.97
CA THR A 25 -9.56 2.97 12.87
C THR A 25 -8.36 2.05 13.00
N ARG A 26 -8.60 0.84 13.49
CA ARG A 26 -7.53 -0.14 13.66
C ARG A 26 -7.73 -1.34 12.72
N LEU A 27 -6.77 -1.54 11.84
CA LEU A 27 -6.84 -2.65 10.89
C LEU A 27 -5.46 -3.25 10.64
N GLU A 28 -5.40 -4.33 9.88
CA GLU A 28 -4.14 -4.99 9.57
C GLU A 28 -3.80 -4.86 8.09
N GLY A 29 -2.62 -5.34 7.71
CA GLY A 29 -2.19 -5.26 6.33
C GLY A 29 -1.12 -6.28 6.00
N TYR A 30 -1.22 -6.90 4.83
CA TYR A 30 -0.25 -7.89 4.40
C TYR A 30 0.59 -7.37 3.24
N ARG A 31 1.89 -7.24 3.47
CA ARG A 31 2.80 -6.75 2.44
C ARG A 31 3.86 -7.80 2.10
N SER A 32 4.19 -7.92 0.82
CA SER A 32 5.18 -8.88 0.37
C SER A 32 6.54 -8.62 1.02
N ALA A 33 7.16 -9.68 1.52
CA ALA A 33 8.46 -9.56 2.16
C ALA A 33 9.41 -8.71 1.34
N SER A 34 9.04 -8.45 0.09
CA SER A 34 9.86 -7.65 -0.81
C SER A 34 10.10 -6.25 -0.22
N ALA A 35 9.38 -5.94 0.85
CA ALA A 35 9.52 -4.64 1.51
C ALA A 35 10.25 -4.77 2.84
N SER A 36 10.53 -3.64 3.47
CA SER A 36 11.24 -3.62 4.74
C SER A 36 10.25 -3.74 5.90
N ASP A 37 10.66 -4.43 6.97
CA ASP A 37 9.81 -4.60 8.13
C ASP A 37 9.59 -3.27 8.85
N SER A 38 10.66 -2.50 9.01
CA SER A 38 10.58 -1.21 9.68
C SER A 38 9.58 -0.29 8.98
N LEU A 39 9.20 -0.67 7.77
CA LEU A 39 8.24 0.12 6.99
C LEU A 39 6.96 0.37 7.79
N ALA A 40 6.25 -0.70 8.11
CA ALA A 40 5.01 -0.61 8.87
C ALA A 40 5.17 -1.25 10.25
N ALA A 41 6.41 -1.58 10.61
CA ALA A 41 6.68 -2.19 11.91
C ALA A 41 6.20 -1.31 13.05
N ASN A 42 6.60 -0.05 13.02
CA ASN A 42 6.20 0.90 14.05
C ASN A 42 5.49 2.11 13.45
N TRP A 43 5.23 2.05 12.14
CA TRP A 43 4.56 3.13 11.46
C TRP A 43 3.05 2.92 11.43
N PRO A 44 2.30 3.91 11.94
CA PRO A 44 0.84 3.85 11.99
C PRO A 44 0.20 3.94 10.61
N PRO A 45 -1.12 3.74 10.55
CA PRO A 45 -1.87 3.79 9.30
C PRO A 45 -1.97 5.20 8.73
N THR A 46 -0.95 5.60 7.97
CA THR A 46 -0.92 6.93 7.37
C THR A 46 -0.60 6.85 5.88
N MET A 47 -1.54 7.30 5.06
CA MET A 47 -1.35 7.28 3.61
C MET A 47 -1.70 8.63 3.00
N GLN A 48 -1.06 8.95 1.88
CA GLN A 48 -1.29 10.22 1.20
C GLN A 48 -1.45 10.02 -0.30
N ILE A 49 -2.70 9.92 -0.74
CA ILE A 49 -3.00 9.73 -2.15
C ILE A 49 -3.32 11.04 -2.84
N VAL A 50 -2.59 11.35 -3.91
CA VAL A 50 -2.80 12.58 -4.66
C VAL A 50 -3.04 12.29 -6.14
N ARG A 51 -3.00 11.01 -6.50
CA ARG A 51 -3.22 10.60 -7.88
C ARG A 51 -4.21 9.45 -7.97
N LEU A 52 -4.53 9.03 -9.18
CA LEU A 52 -5.47 7.94 -9.40
C LEU A 52 -4.87 6.88 -10.32
N ILE A 53 -5.04 5.61 -9.94
CA ILE A 53 -4.52 4.51 -10.74
C ILE A 53 -5.62 3.48 -11.02
N SER A 54 -5.76 3.11 -12.29
CA SER A 54 -6.77 2.14 -12.70
C SER A 54 -6.20 0.73 -12.68
N GLN A 55 -7.08 -0.26 -12.73
CA GLN A 55 -6.66 -1.66 -12.73
C GLN A 55 -5.94 -2.02 -14.02
N ASP A 56 -6.42 -1.47 -15.13
CA ASP A 56 -5.82 -1.74 -16.44
C ASP A 56 -4.32 -1.48 -16.41
N HIS A 57 -3.93 -0.40 -15.73
CA HIS A 57 -2.52 -0.03 -15.64
C HIS A 57 -1.86 -0.73 -14.44
N MET A 58 -2.68 -1.24 -13.54
CA MET A 58 -2.18 -1.94 -12.36
C MET A 58 -1.95 -3.41 -12.65
N ASN A 59 -2.17 -3.81 -13.91
CA ASN A 59 -1.99 -5.20 -14.32
C ASN A 59 -0.59 -5.41 -14.89
N ASN A 60 0.35 -4.56 -14.48
CA ASN A 60 1.73 -4.66 -14.93
C ASN A 60 2.52 -5.65 -14.09
N LYS A 61 2.72 -6.85 -14.61
CA LYS A 61 3.46 -7.89 -13.90
C LYS A 61 4.95 -7.79 -14.20
N GLN A 62 5.32 -6.90 -15.13
CA GLN A 62 6.71 -6.71 -15.49
C GLN A 62 7.44 -5.90 -14.44
N TYR A 63 6.71 -5.42 -13.45
CA TYR A 63 7.29 -4.63 -12.37
C TYR A 63 7.12 -5.33 -11.02
N VAL A 64 6.17 -6.26 -10.96
CA VAL A 64 5.90 -6.99 -9.74
C VAL A 64 7.12 -7.82 -9.31
N GLY A 65 8.05 -8.00 -10.24
CA GLY A 65 9.24 -8.76 -9.95
C GLY A 65 10.43 -7.89 -9.61
N LYS A 66 10.16 -6.60 -9.40
CA LYS A 66 11.22 -5.65 -9.06
C LYS A 66 10.74 -4.64 -8.03
N ALA A 67 9.59 -4.93 -7.41
CA ALA A 67 9.02 -4.06 -6.40
C ALA A 67 8.39 -4.85 -5.27
N ASP A 68 7.98 -4.16 -4.22
CA ASP A 68 7.36 -4.80 -3.06
C ASP A 68 5.84 -4.82 -3.22
N PHE A 69 5.18 -5.60 -2.36
CA PHE A 69 3.72 -5.71 -2.40
C PHE A 69 3.11 -5.22 -1.09
N LEU A 70 1.98 -4.53 -1.20
CA LEU A 70 1.29 -4.00 -0.03
C LEU A 70 -0.21 -4.25 -0.13
N VAL A 71 -0.76 -4.92 0.89
CA VAL A 71 -2.19 -5.22 0.92
C VAL A 71 -2.82 -4.72 2.21
N PHE A 72 -4.01 -4.13 2.09
CA PHE A 72 -4.72 -3.60 3.25
C PHE A 72 -5.80 -4.58 3.70
N ARG A 73 -5.74 -4.98 4.97
CA ARG A 73 -6.72 -5.91 5.52
C ARG A 73 -7.71 -5.18 6.42
N ALA A 74 -8.94 -5.02 5.94
CA ALA A 74 -9.98 -4.35 6.71
C ALA A 74 -11.13 -5.29 7.02
N MET A 75 -11.95 -4.91 7.99
CA MET A 75 -13.10 -5.73 8.40
C MET A 75 -14.37 -5.26 7.70
N SER A 76 -14.42 -3.98 7.37
CA SER A 76 -15.59 -3.41 6.70
C SER A 76 -15.33 -1.96 6.32
N GLN A 77 -15.84 -1.56 5.15
CA GLN A 77 -15.67 -0.20 4.66
C GLN A 77 -16.90 0.26 3.89
N HIS A 78 -16.78 1.41 3.22
CA HIS A 78 -17.89 1.95 2.45
C HIS A 78 -17.38 2.68 1.21
N GLY A 79 -17.84 2.25 0.04
CA GLY A 79 -17.41 2.88 -1.21
C GLY A 79 -16.44 2.02 -1.98
N PHE A 80 -16.10 0.87 -1.42
CA PHE A 80 -15.17 -0.06 -2.07
C PHE A 80 -15.88 -0.89 -3.12
N LEU A 81 -17.10 -1.30 -2.83
CA LEU A 81 -17.89 -2.11 -3.75
C LEU A 81 -18.10 -1.38 -5.07
N GLY A 82 -18.25 -0.05 -4.99
CA GLY A 82 -18.45 0.74 -6.18
C GLY A 82 -17.42 0.45 -7.26
N GLN A 83 -16.15 0.67 -6.93
CA GLN A 83 -15.06 0.44 -7.87
C GLN A 83 -14.89 -1.06 -8.14
N LEU A 84 -14.68 -1.83 -7.08
CA LEU A 84 -14.50 -3.26 -7.19
C LEU A 84 -15.54 -3.88 -8.13
N GLN A 85 -16.73 -3.27 -8.16
CA GLN A 85 -17.80 -3.75 -9.01
C GLN A 85 -17.84 -2.98 -10.34
N ASP A 86 -17.27 -1.78 -10.33
CA ASP A 86 -17.22 -0.95 -11.53
C ASP A 86 -16.02 -1.31 -12.41
N LYS A 87 -14.84 -0.94 -11.95
CA LYS A 87 -13.62 -1.22 -12.68
C LYS A 87 -12.57 -1.86 -11.78
N LYS A 88 -12.72 -1.66 -10.47
CA LYS A 88 -11.80 -2.23 -9.50
C LYS A 88 -10.46 -1.49 -9.52
N LEU A 89 -10.43 -0.32 -8.89
CA LEU A 89 -9.22 0.48 -8.84
C LEU A 89 -9.23 1.41 -7.63
N CYS A 90 -8.20 2.24 -7.50
CA CYS A 90 -8.09 3.16 -6.39
C CYS A 90 -7.17 4.33 -6.74
N ALA A 91 -6.76 5.09 -5.73
CA ALA A 91 -5.87 6.23 -5.92
C ALA A 91 -4.41 5.83 -5.74
N VAL A 92 -3.51 6.63 -6.28
CA VAL A 92 -2.08 6.37 -6.17
C VAL A 92 -1.44 7.26 -5.11
N ILE A 93 -0.59 6.65 -4.28
CA ILE A 93 0.09 7.39 -3.22
C ILE A 93 1.47 7.84 -3.68
N GLN A 94 1.59 9.13 -4.00
CA GLN A 94 2.86 9.70 -4.44
C GLN A 94 3.70 10.15 -3.25
N LEU A 95 4.89 9.57 -3.10
CA LEU A 95 5.78 9.91 -2.01
C LEU A 95 7.09 10.49 -2.54
N PRO A 96 7.69 11.42 -1.79
CA PRO A 96 8.95 12.06 -2.16
C PRO A 96 10.13 11.11 -2.08
N SER A 97 9.89 9.93 -1.51
CA SER A 97 10.94 8.92 -1.37
C SER A 97 10.66 7.71 -2.25
N GLN A 98 9.37 7.41 -2.44
CA GLN A 98 8.97 6.27 -3.26
C GLN A 98 7.59 6.51 -3.87
N THR A 99 7.16 5.57 -4.70
CA THR A 99 5.87 5.68 -5.37
C THR A 99 5.02 4.43 -5.12
N LEU A 100 3.91 4.61 -4.40
CA LEU A 100 3.01 3.50 -4.08
C LEU A 100 1.68 3.66 -4.81
N LEU A 101 1.22 2.58 -5.43
CA LEU A 101 -0.05 2.60 -6.15
C LEU A 101 -1.12 1.81 -5.41
N LEU A 102 -2.28 2.43 -5.21
CA LEU A 102 -3.37 1.78 -4.51
C LEU A 102 -4.54 1.50 -5.46
N SER A 103 -4.94 0.23 -5.55
CA SER A 103 -6.03 -0.17 -6.42
C SER A 103 -6.86 -1.27 -5.79
N VAL A 104 -8.16 -1.06 -5.70
CA VAL A 104 -9.07 -2.03 -5.11
C VAL A 104 -9.63 -2.98 -6.17
N SER A 105 -9.41 -4.27 -5.98
CA SER A 105 -9.88 -5.27 -6.92
C SER A 105 -9.86 -6.66 -6.28
N ASP A 106 -10.89 -7.45 -6.56
CA ASP A 106 -10.99 -8.80 -6.03
C ASP A 106 -10.78 -8.80 -4.51
N LYS A 107 -11.11 -7.68 -3.88
CA LYS A 107 -10.96 -7.56 -2.43
C LYS A 107 -12.01 -6.60 -1.86
N ALA A 108 -13.11 -7.17 -1.38
CA ALA A 108 -14.18 -6.37 -0.79
C ALA A 108 -13.78 -5.81 0.57
N CYS A 109 -13.16 -6.65 1.38
CA CYS A 109 -12.71 -6.24 2.71
C CYS A 109 -11.21 -6.00 2.74
N ARG A 110 -10.61 -5.93 1.56
CA ARG A 110 -9.17 -5.71 1.45
C ARG A 110 -8.85 -4.81 0.25
N LEU A 111 -7.60 -4.38 0.17
CA LEU A 111 -7.16 -3.52 -0.94
C LEU A 111 -5.81 -3.96 -1.46
N ILE A 112 -5.58 -3.74 -2.75
CA ILE A 112 -4.31 -4.11 -3.37
C ILE A 112 -3.43 -2.88 -3.61
N GLY A 113 -2.15 -2.99 -3.28
CA GLY A 113 -1.24 -1.90 -3.47
C GLY A 113 0.13 -2.35 -3.94
N MET A 114 0.81 -1.51 -4.70
CA MET A 114 2.14 -1.83 -5.21
C MET A 114 3.17 -0.83 -4.71
N LEU A 115 4.29 -1.35 -4.21
CA LEU A 115 5.36 -0.50 -3.68
C LEU A 115 6.46 -0.32 -4.72
N PHE A 116 6.52 0.87 -5.30
CA PHE A 116 7.54 1.18 -6.32
C PHE A 116 8.61 2.09 -5.75
N PRO A 117 9.87 1.80 -6.08
CA PRO A 117 11.02 2.58 -5.62
C PRO A 117 11.07 3.97 -6.26
N GLY A 118 11.34 4.98 -5.44
CA GLY A 118 11.41 6.34 -5.94
C GLY A 118 12.72 6.62 -6.65
N ASP A 119 13.05 5.81 -7.65
CA ASP A 119 14.28 5.98 -8.41
C ASP A 119 15.47 6.15 -7.47
N MET A 120 15.45 5.44 -6.36
CA MET A 120 16.53 5.51 -5.38
C MET A 120 17.21 4.15 -5.23
N VAL A 121 18.25 4.10 -4.40
CA VAL A 121 18.99 2.87 -4.17
C VAL A 121 18.09 1.80 -3.58
N VAL A 122 18.39 0.55 -3.87
CA VAL A 122 17.61 -0.58 -3.36
C VAL A 122 18.43 -1.44 -2.40
N PHE A 123 19.73 -1.19 -2.36
CA PHE A 123 20.62 -1.93 -1.49
C PHE A 123 20.11 -1.93 -0.05
N LYS A 124 20.68 -2.81 0.78
CA LYS A 124 20.28 -2.91 2.18
C LYS A 124 18.81 -3.30 2.29
N PRO A 125 18.50 -4.55 1.91
CA PRO A 125 17.12 -5.08 1.96
C PRO A 125 16.65 -5.29 3.40
N GLN A 126 15.41 -4.89 3.67
CA GLN A 126 14.84 -5.05 5.00
C GLN A 126 15.73 -4.40 6.05
N ILE A 127 16.44 -3.34 5.66
CA ILE A 127 17.33 -2.64 6.58
C ILE A 127 17.61 -1.23 6.09
N PRO A 128 17.53 -0.26 7.02
CA PRO A 128 17.77 1.16 6.70
C PRO A 128 19.24 1.44 6.39
N ASN A 129 19.50 1.99 5.22
CA ASN A 129 20.86 2.31 4.81
C ASN A 129 21.19 3.78 5.08
N GLN A 130 20.57 4.33 6.12
CA GLN A 130 20.79 5.72 6.48
C GLN A 130 22.27 5.97 6.77
N SER A 1 13.22 -13.70 8.92
CA SER A 1 11.99 -14.43 9.14
C SER A 1 11.70 -15.36 7.96
N GLN A 2 10.92 -16.42 8.22
CA GLN A 2 10.57 -17.38 7.18
C GLN A 2 9.07 -17.67 7.19
N SER A 3 8.41 -17.30 6.10
CA SER A 3 6.97 -17.52 5.99
C SER A 3 6.48 -17.16 4.58
N LYS A 4 5.16 -17.24 4.39
CA LYS A 4 4.56 -16.92 3.09
C LYS A 4 3.59 -15.75 3.21
N TYR A 5 3.04 -15.57 4.41
CA TYR A 5 2.09 -14.48 4.65
C TYR A 5 2.36 -13.84 6.01
N VAL A 6 2.07 -12.54 6.09
CA VAL A 6 2.27 -11.79 7.33
C VAL A 6 1.11 -10.85 7.60
N LYS A 7 0.28 -11.20 8.57
CA LYS A 7 -0.87 -10.38 8.93
C LYS A 7 -0.53 -9.42 10.06
N VAL A 8 -1.13 -8.23 10.03
CA VAL A 8 -0.88 -7.23 11.06
C VAL A 8 -2.07 -6.28 11.19
N TRP A 9 -2.22 -5.69 12.38
CA TRP A 9 -3.31 -4.76 12.63
C TRP A 9 -2.79 -3.43 13.16
N GLU A 10 -3.51 -2.36 12.86
CA GLU A 10 -3.11 -1.02 13.30
C GLU A 10 -4.23 -0.01 13.06
N GLY A 11 -4.13 1.14 13.71
CA GLY A 11 -5.13 2.17 13.54
C GLY A 11 -4.58 3.57 13.76
N ASN A 12 -5.02 4.50 12.93
CA ASN A 12 -4.56 5.89 13.03
C ASN A 12 -5.33 6.79 12.07
N LEU A 13 -5.02 8.09 12.11
CA LEU A 13 -5.69 9.06 11.25
C LEU A 13 -4.67 9.84 10.44
N SER A 14 -4.19 9.23 9.35
CA SER A 14 -3.21 9.87 8.48
C SER A 14 -3.06 9.10 7.18
N GLY A 15 -3.47 9.71 6.08
CA GLY A 15 -3.37 9.07 4.78
C GLY A 15 -4.14 9.80 3.70
N GLN A 16 -3.50 10.79 3.08
CA GLN A 16 -4.14 11.57 2.04
C GLN A 16 -3.16 11.87 0.91
N ARG A 17 -3.59 12.70 -0.04
CA ARG A 17 -2.75 13.07 -1.17
C ARG A 17 -1.99 14.36 -0.89
N GLN A 18 -0.74 14.42 -1.36
CA GLN A 18 0.09 15.60 -1.16
C GLN A 18 0.68 15.62 0.24
N GLY A 19 0.61 14.47 0.92
CA GLY A 19 1.15 14.38 2.27
C GLY A 19 0.16 14.88 3.31
N GLN A 20 -1.13 14.69 3.06
CA GLN A 20 -2.16 15.12 3.99
C GLN A 20 -2.65 13.96 4.85
N PRO A 21 -3.23 14.29 6.01
CA PRO A 21 -3.75 13.28 6.94
C PRO A 21 -4.99 12.58 6.41
N VAL A 22 -5.62 11.77 7.26
CA VAL A 22 -6.82 11.04 6.87
C VAL A 22 -7.67 10.70 8.09
N LEU A 23 -8.94 10.42 7.85
CA LEU A 23 -9.86 10.08 8.93
C LEU A 23 -9.31 8.93 9.78
N ILE A 24 -9.65 8.93 11.07
CA ILE A 24 -9.18 7.89 11.97
C ILE A 24 -9.87 6.56 11.67
N THR A 25 -9.10 5.48 11.71
CA THR A 25 -9.63 4.15 11.46
C THR A 25 -8.61 3.07 11.81
N ARG A 26 -9.09 1.96 12.37
CA ARG A 26 -8.23 0.85 12.75
C ARG A 26 -8.67 -0.44 12.08
N LEU A 27 -7.79 -0.99 11.25
CA LEU A 27 -8.09 -2.24 10.55
C LEU A 27 -6.84 -3.11 10.43
N GLU A 28 -7.01 -4.31 9.89
CA GLU A 28 -5.90 -5.23 9.71
C GLU A 28 -5.58 -5.43 8.23
N GLY A 29 -4.53 -6.22 7.96
CA GLY A 29 -4.14 -6.47 6.59
C GLY A 29 -3.12 -7.57 6.48
N TYR A 30 -3.14 -8.30 5.36
CA TYR A 30 -2.21 -9.39 5.14
C TYR A 30 -1.33 -9.11 3.93
N ARG A 31 -0.01 -9.14 4.13
CA ARG A 31 0.95 -8.90 3.05
C ARG A 31 1.79 -10.13 2.79
N SER A 32 2.13 -10.36 1.53
CA SER A 32 2.93 -11.51 1.14
C SER A 32 4.29 -11.47 1.83
N ALA A 33 4.67 -12.59 2.44
CA ALA A 33 5.94 -12.70 3.13
C ALA A 33 7.08 -12.14 2.29
N SER A 34 6.81 -11.96 0.99
CA SER A 34 7.82 -11.44 0.07
C SER A 34 8.31 -10.07 0.52
N ALA A 35 7.64 -9.50 1.51
CA ALA A 35 8.02 -8.20 2.04
C ALA A 35 8.77 -8.33 3.36
N SER A 36 9.28 -7.20 3.86
CA SER A 36 10.03 -7.20 5.11
C SER A 36 9.08 -7.23 6.30
N ASP A 37 9.36 -8.12 7.25
CA ASP A 37 8.53 -8.25 8.45
C ASP A 37 8.43 -6.92 9.18
N SER A 38 9.55 -6.20 9.25
CA SER A 38 9.58 -4.90 9.94
C SER A 38 8.43 -4.01 9.46
N LEU A 39 8.19 -4.03 8.15
CA LEU A 39 7.12 -3.22 7.56
C LEU A 39 5.81 -3.43 8.31
N ALA A 40 5.32 -4.66 8.31
CA ALA A 40 4.07 -4.99 8.98
C ALA A 40 4.16 -4.69 10.47
N ALA A 41 5.37 -4.73 11.01
CA ALA A 41 5.60 -4.45 12.43
C ALA A 41 5.63 -2.96 12.69
N ASN A 42 5.80 -2.18 11.63
CA ASN A 42 5.85 -0.72 11.75
C ASN A 42 4.76 -0.07 10.91
N TRP A 43 3.62 -0.73 10.80
CA TRP A 43 2.50 -0.21 10.03
C TRP A 43 2.45 1.30 10.10
N PRO A 44 2.74 1.96 8.96
CA PRO A 44 2.73 3.42 8.86
C PRO A 44 1.31 4.00 8.95
N PRO A 45 1.04 4.69 10.07
CA PRO A 45 -0.27 5.31 10.31
C PRO A 45 -0.53 6.50 9.38
N THR A 46 0.53 6.98 8.73
CA THR A 46 0.42 8.11 7.81
C THR A 46 0.92 7.73 6.42
N MET A 47 0.05 7.89 5.43
CA MET A 47 0.40 7.56 4.05
C MET A 47 0.20 8.78 3.14
N GLN A 48 1.01 8.87 2.10
CA GLN A 48 0.94 9.99 1.16
C GLN A 48 0.88 9.48 -0.28
N ILE A 49 -0.25 9.69 -0.94
CA ILE A 49 -0.41 9.26 -2.33
C ILE A 49 -0.14 10.41 -3.29
N VAL A 50 0.71 10.15 -4.29
CA VAL A 50 1.04 11.16 -5.28
C VAL A 50 0.81 10.63 -6.69
N ARG A 51 0.42 9.36 -6.79
CA ARG A 51 0.16 8.74 -8.08
C ARG A 51 -1.13 7.92 -8.05
N LEU A 52 -1.48 7.33 -9.18
CA LEU A 52 -2.69 6.52 -9.28
C LEU A 52 -2.40 5.19 -9.97
N ILE A 53 -2.89 4.11 -9.38
CA ILE A 53 -2.69 2.77 -9.95
C ILE A 53 -4.02 2.07 -10.17
N SER A 54 -4.19 1.52 -11.37
CA SER A 54 -5.41 0.81 -11.72
C SER A 54 -5.29 -0.68 -11.42
N GLN A 55 -6.44 -1.36 -11.39
CA GLN A 55 -6.45 -2.79 -11.12
C GLN A 55 -5.88 -3.58 -12.29
N ASP A 56 -5.97 -3.01 -13.49
CA ASP A 56 -5.47 -3.65 -14.69
C ASP A 56 -3.96 -3.42 -14.84
N HIS A 57 -3.48 -2.33 -14.26
CA HIS A 57 -2.07 -2.00 -14.33
C HIS A 57 -1.24 -2.92 -13.46
N MET A 58 -1.81 -3.33 -12.33
CA MET A 58 -1.12 -4.23 -11.40
C MET A 58 -1.28 -5.68 -11.84
N ASN A 59 -1.94 -5.89 -12.97
CA ASN A 59 -2.15 -7.23 -13.49
C ASN A 59 -0.86 -7.80 -14.09
N ASN A 60 0.16 -6.96 -14.19
CA ASN A 60 1.44 -7.37 -14.72
C ASN A 60 2.38 -7.85 -13.62
N LYS A 61 2.56 -9.16 -13.53
CA LYS A 61 3.42 -9.75 -12.51
C LYS A 61 4.87 -9.78 -12.98
N GLN A 62 5.11 -9.27 -14.19
CA GLN A 62 6.45 -9.23 -14.76
C GLN A 62 7.41 -8.51 -13.83
N TYR A 63 6.87 -7.68 -12.94
CA TYR A 63 7.68 -6.92 -12.00
C TYR A 63 7.36 -7.32 -10.57
N VAL A 64 6.20 -7.94 -10.38
CA VAL A 64 5.77 -8.38 -9.05
C VAL A 64 6.37 -9.74 -8.71
N GLY A 65 6.99 -10.37 -9.68
CA GLY A 65 7.60 -11.67 -9.47
C GLY A 65 8.69 -11.63 -8.41
N LYS A 66 9.22 -10.44 -8.14
CA LYS A 66 10.27 -10.27 -7.15
C LYS A 66 9.81 -9.34 -6.03
N ALA A 67 8.91 -8.42 -6.36
CA ALA A 67 8.39 -7.48 -5.38
C ALA A 67 7.54 -8.18 -4.33
N ASP A 68 7.15 -7.44 -3.29
CA ASP A 68 6.34 -8.00 -2.23
C ASP A 68 4.86 -7.71 -2.47
N PHE A 69 4.00 -8.33 -1.66
CA PHE A 69 2.56 -8.13 -1.78
C PHE A 69 1.96 -7.60 -0.48
N LEU A 70 0.90 -6.80 -0.61
CA LEU A 70 0.25 -6.22 0.55
C LEU A 70 -1.27 -6.18 0.35
N VAL A 71 -2.00 -6.63 1.36
CA VAL A 71 -3.47 -6.64 1.30
C VAL A 71 -4.07 -6.01 2.54
N PHE A 72 -5.11 -5.20 2.35
CA PHE A 72 -5.78 -4.54 3.46
C PHE A 72 -7.09 -5.24 3.81
N ARG A 73 -7.22 -5.65 5.06
CA ARG A 73 -8.42 -6.34 5.52
C ARG A 73 -9.25 -5.44 6.43
N ALA A 74 -10.40 -5.00 5.94
CA ALA A 74 -11.28 -4.14 6.72
C ALA A 74 -12.63 -4.81 6.96
N MET A 75 -13.37 -4.30 7.94
CA MET A 75 -14.68 -4.84 8.27
C MET A 75 -15.80 -3.98 7.69
N SER A 76 -15.52 -2.69 7.56
CA SER A 76 -16.51 -1.75 7.02
C SER A 76 -15.83 -0.50 6.46
N GLN A 77 -16.52 0.21 5.58
CA GLN A 77 -15.98 1.42 4.98
C GLN A 77 -16.98 2.04 4.01
N HIS A 78 -16.73 3.28 3.62
CA HIS A 78 -17.62 3.98 2.69
C HIS A 78 -16.81 4.86 1.74
N GLY A 79 -17.41 5.19 0.61
CA GLY A 79 -16.73 6.03 -0.38
C GLY A 79 -16.05 5.21 -1.46
N PHE A 80 -15.38 4.13 -1.05
CA PHE A 80 -14.68 3.26 -1.98
C PHE A 80 -15.63 2.72 -3.05
N LEU A 81 -16.92 2.67 -2.71
CA LEU A 81 -17.93 2.18 -3.64
C LEU A 81 -17.78 2.85 -5.01
N GLY A 82 -17.40 4.12 -5.01
CA GLY A 82 -17.23 4.85 -6.26
C GLY A 82 -16.34 4.11 -7.24
N GLN A 83 -15.08 3.90 -6.85
CA GLN A 83 -14.13 3.21 -7.71
C GLN A 83 -14.50 1.74 -7.86
N LEU A 84 -14.67 1.05 -6.73
CA LEU A 84 -15.03 -0.36 -6.74
C LEU A 84 -16.14 -0.63 -7.73
N GLN A 85 -17.02 0.35 -7.93
CA GLN A 85 -18.13 0.23 -8.85
C GLN A 85 -17.78 0.80 -10.22
N ASP A 86 -16.80 1.70 -10.23
CA ASP A 86 -16.36 2.32 -11.48
C ASP A 86 -15.35 1.45 -12.21
N LYS A 87 -14.13 1.40 -11.69
CA LYS A 87 -13.07 0.60 -12.29
C LYS A 87 -12.40 -0.29 -11.25
N LYS A 88 -12.58 0.06 -9.98
CA LYS A 88 -12.00 -0.71 -8.89
C LYS A 88 -10.48 -0.52 -8.83
N LEU A 89 -10.06 0.60 -8.24
CA LEU A 89 -8.64 0.89 -8.12
C LEU A 89 -8.39 1.91 -7.01
N CYS A 90 -7.14 2.36 -6.88
CA CYS A 90 -6.78 3.33 -5.86
C CYS A 90 -5.57 4.15 -6.30
N ALA A 91 -5.01 4.91 -5.36
CA ALA A 91 -3.84 5.73 -5.64
C ALA A 91 -2.55 5.04 -5.20
N VAL A 92 -1.42 5.49 -5.74
CA VAL A 92 -0.13 4.91 -5.40
C VAL A 92 0.62 5.79 -4.40
N ILE A 93 1.22 5.16 -3.40
CA ILE A 93 1.96 5.89 -2.38
C ILE A 93 3.46 5.91 -2.70
N GLN A 94 3.93 7.05 -3.19
CA GLN A 94 5.34 7.20 -3.54
C GLN A 94 6.16 7.66 -2.34
N LEU A 95 7.04 6.80 -1.86
CA LEU A 95 7.88 7.11 -0.70
C LEU A 95 9.33 7.27 -1.13
N PRO A 96 10.07 8.13 -0.40
CA PRO A 96 11.49 8.39 -0.69
C PRO A 96 12.37 7.20 -0.35
N SER A 97 11.78 6.20 0.30
CA SER A 97 12.52 5.00 0.68
C SER A 97 11.98 3.77 -0.03
N GLN A 98 10.67 3.77 -0.28
CA GLN A 98 10.03 2.66 -0.95
C GLN A 98 8.84 3.13 -1.79
N THR A 99 8.17 2.20 -2.45
CA THR A 99 7.02 2.53 -3.28
C THR A 99 5.89 1.50 -3.09
N LEU A 100 4.78 1.96 -2.55
CA LEU A 100 3.63 1.08 -2.31
C LEU A 100 2.44 1.50 -3.18
N LEU A 101 1.92 0.54 -3.94
CA LEU A 101 0.79 0.81 -4.82
C LEU A 101 -0.52 0.36 -4.17
N LEU A 102 -1.50 1.26 -4.16
CA LEU A 102 -2.80 0.95 -3.57
C LEU A 102 -3.89 0.91 -4.64
N SER A 103 -4.59 -0.21 -4.73
CA SER A 103 -5.65 -0.38 -5.72
C SER A 103 -6.77 -1.25 -5.16
N VAL A 104 -7.96 -0.68 -5.07
CA VAL A 104 -9.13 -1.40 -4.56
C VAL A 104 -9.86 -2.12 -5.68
N SER A 105 -9.82 -3.45 -5.65
CA SER A 105 -10.49 -4.26 -6.66
C SER A 105 -11.87 -4.70 -6.19
N ASP A 106 -12.44 -5.67 -6.88
CA ASP A 106 -13.77 -6.18 -6.53
C ASP A 106 -13.93 -6.29 -5.03
N LYS A 107 -12.82 -6.52 -4.34
CA LYS A 107 -12.84 -6.65 -2.88
C LYS A 107 -13.65 -5.53 -2.25
N ALA A 108 -14.74 -5.90 -1.58
CA ALA A 108 -15.60 -4.93 -0.92
C ALA A 108 -15.08 -4.58 0.46
N CYS A 109 -14.66 -5.59 1.22
CA CYS A 109 -14.14 -5.39 2.56
C CYS A 109 -12.62 -5.58 2.59
N ARG A 110 -12.02 -5.62 1.41
CA ARG A 110 -10.58 -5.81 1.31
C ARG A 110 -9.99 -4.90 0.23
N LEU A 111 -8.67 -4.71 0.26
CA LEU A 111 -8.00 -3.87 -0.72
C LEU A 111 -6.72 -4.55 -1.22
N ILE A 112 -6.35 -4.25 -2.45
CA ILE A 112 -5.15 -4.82 -3.06
C ILE A 112 -4.00 -3.81 -3.07
N GLY A 113 -2.83 -4.26 -2.65
CA GLY A 113 -1.67 -3.38 -2.62
C GLY A 113 -0.40 -4.09 -3.02
N MET A 114 0.57 -3.34 -3.53
CA MET A 114 1.85 -3.90 -3.94
C MET A 114 3.01 -3.18 -3.28
N LEU A 115 4.08 -3.91 -3.01
CA LEU A 115 5.26 -3.33 -2.38
C LEU A 115 6.47 -3.39 -3.30
N PHE A 116 6.95 -2.23 -3.73
CA PHE A 116 8.10 -2.16 -4.62
C PHE A 116 9.26 -1.44 -3.95
N PRO A 117 10.49 -1.93 -4.20
CA PRO A 117 11.71 -1.35 -3.63
C PRO A 117 12.03 0.03 -4.21
N GLY A 118 12.17 1.01 -3.34
CA GLY A 118 12.48 2.36 -3.79
C GLY A 118 13.83 2.84 -3.30
N ASP A 119 14.43 2.08 -2.39
CA ASP A 119 15.73 2.44 -1.84
C ASP A 119 16.84 1.74 -2.60
N MET A 120 16.69 1.62 -3.91
CA MET A 120 17.69 0.97 -4.75
C MET A 120 19.06 1.58 -4.52
N VAL A 121 19.10 2.85 -4.15
CA VAL A 121 20.35 3.55 -3.89
C VAL A 121 20.94 3.13 -2.54
N VAL A 122 22.27 3.12 -2.47
CA VAL A 122 22.97 2.75 -1.25
C VAL A 122 23.31 3.97 -0.42
N PHE A 123 23.33 5.14 -1.07
CA PHE A 123 23.65 6.39 -0.38
C PHE A 123 22.38 7.15 -0.01
N LYS A 124 22.41 7.80 1.14
CA LYS A 124 21.26 8.57 1.61
C LYS A 124 21.64 10.03 1.86
N PRO A 125 22.01 10.74 0.79
CA PRO A 125 22.40 12.15 0.86
C PRO A 125 21.22 13.06 1.19
N GLN A 126 21.41 14.35 0.98
CA GLN A 126 20.36 15.33 1.26
C GLN A 126 19.51 15.58 0.01
N ILE A 127 19.23 14.52 -0.73
CA ILE A 127 18.43 14.63 -1.94
C ILE A 127 17.53 13.40 -2.12
N PRO A 128 16.25 13.64 -2.44
CA PRO A 128 15.28 12.57 -2.65
C PRO A 128 15.54 11.78 -3.92
N ASN A 129 16.45 10.81 -3.84
CA ASN A 129 16.80 9.98 -4.98
C ASN A 129 15.56 9.40 -5.63
N GLN A 130 15.49 9.45 -6.95
CA GLN A 130 14.35 8.93 -7.69
C GLN A 130 14.12 7.46 -7.36
N SER A 1 16.61 -8.59 9.19
CA SER A 1 15.56 -9.59 9.35
C SER A 1 15.38 -10.38 8.06
N GLN A 2 14.62 -11.47 8.15
CA GLN A 2 14.37 -12.33 7.00
C GLN A 2 13.00 -12.99 7.09
N SER A 3 12.18 -12.79 6.07
CA SER A 3 10.84 -13.37 6.04
C SER A 3 10.22 -13.24 4.66
N LYS A 4 8.94 -13.59 4.55
CA LYS A 4 8.23 -13.51 3.28
C LYS A 4 7.04 -12.55 3.38
N TYR A 5 6.49 -12.42 4.57
CA TYR A 5 5.36 -11.53 4.79
C TYR A 5 5.43 -10.88 6.17
N VAL A 6 4.92 -9.65 6.26
CA VAL A 6 4.93 -8.92 7.52
C VAL A 6 3.59 -8.24 7.78
N LYS A 7 2.84 -8.80 8.73
CA LYS A 7 1.53 -8.25 9.08
C LYS A 7 1.65 -7.23 10.21
N VAL A 8 0.73 -6.27 10.22
CA VAL A 8 0.73 -5.24 11.26
C VAL A 8 -0.68 -4.77 11.57
N TRP A 9 -0.86 -4.19 12.74
CA TRP A 9 -2.18 -3.70 13.16
C TRP A 9 -2.04 -2.39 13.94
N GLU A 10 -3.03 -1.51 13.79
CA GLU A 10 -3.02 -0.23 14.48
C GLU A 10 -4.38 0.45 14.37
N GLY A 11 -4.54 1.55 15.10
CA GLY A 11 -5.79 2.29 15.07
C GLY A 11 -5.60 3.79 15.17
N ASN A 12 -6.29 4.54 14.32
CA ASN A 12 -6.18 5.99 14.32
C ASN A 12 -7.09 6.60 13.26
N LEU A 13 -7.07 7.93 13.16
CA LEU A 13 -7.90 8.64 12.19
C LEU A 13 -7.03 9.46 11.24
N SER A 14 -6.66 8.84 10.12
CA SER A 14 -5.82 9.50 9.12
C SER A 14 -5.88 8.77 7.79
N GLY A 15 -6.39 9.44 6.77
CA GLY A 15 -6.49 8.84 5.45
C GLY A 15 -7.49 9.54 4.56
N GLN A 16 -7.04 10.60 3.89
CA GLN A 16 -7.90 11.36 2.99
C GLN A 16 -7.11 11.89 1.79
N ARG A 17 -7.76 12.72 0.98
CA ARG A 17 -7.13 13.29 -0.20
C ARG A 17 -6.59 14.68 0.09
N GLN A 18 -5.43 14.98 -0.47
CA GLN A 18 -4.80 16.29 -0.27
C GLN A 18 -4.05 16.33 1.05
N GLY A 19 -3.82 15.16 1.64
CA GLY A 19 -3.12 15.09 2.91
C GLY A 19 -4.04 15.32 4.10
N GLN A 20 -5.30 14.90 3.96
CA GLN A 20 -6.27 15.08 5.03
C GLN A 20 -6.45 13.78 5.82
N PRO A 21 -6.90 13.92 7.08
CA PRO A 21 -7.12 12.78 7.96
C PRO A 21 -8.29 11.92 7.53
N VAL A 22 -8.68 10.97 8.38
CA VAL A 22 -9.81 10.09 8.09
C VAL A 22 -10.49 9.61 9.36
N LEU A 23 -11.69 9.08 9.22
CA LEU A 23 -12.45 8.59 10.37
C LEU A 23 -11.61 7.66 11.22
N ILE A 24 -11.82 7.71 12.52
CA ILE A 24 -11.08 6.87 13.46
C ILE A 24 -11.49 5.41 13.32
N THR A 25 -10.49 4.52 13.28
CA THR A 25 -10.74 3.09 13.15
C THR A 25 -9.44 2.29 13.26
N ARG A 26 -9.57 1.03 13.67
CA ARG A 26 -8.41 0.17 13.82
C ARG A 26 -8.48 -1.01 12.85
N LEU A 27 -7.45 -1.15 12.01
CA LEU A 27 -7.40 -2.23 11.04
C LEU A 27 -5.99 -2.79 10.94
N GLU A 28 -5.85 -3.88 10.17
CA GLU A 28 -4.55 -4.51 9.98
C GLU A 28 -4.10 -4.41 8.53
N GLY A 29 -2.89 -4.89 8.25
CA GLY A 29 -2.36 -4.85 6.90
C GLY A 29 -1.19 -5.79 6.70
N TYR A 30 -1.15 -6.44 5.54
CA TYR A 30 -0.08 -7.38 5.24
C TYR A 30 0.81 -6.85 4.10
N ARG A 31 2.07 -6.62 4.41
CA ARG A 31 3.02 -6.11 3.42
C ARG A 31 4.05 -7.17 3.07
N SER A 32 4.43 -7.23 1.80
CA SER A 32 5.40 -8.20 1.32
C SER A 32 6.75 -7.99 2.00
N ALA A 33 7.36 -9.08 2.44
CA ALA A 33 8.65 -9.03 3.11
C ALA A 33 9.59 -8.06 2.40
N SER A 34 9.31 -7.78 1.14
CA SER A 34 10.12 -6.87 0.35
C SER A 34 10.19 -5.49 1.01
N ALA A 35 9.33 -5.28 2.00
CA ALA A 35 9.29 -4.00 2.71
C ALA A 35 9.87 -4.13 4.12
N SER A 36 9.99 -3.01 4.81
CA SER A 36 10.53 -3.00 6.17
C SER A 36 9.45 -3.29 7.19
N ASP A 37 9.77 -4.13 8.17
CA ASP A 37 8.82 -4.50 9.21
C ASP A 37 8.50 -3.29 10.09
N SER A 38 9.54 -2.68 10.65
CA SER A 38 9.37 -1.52 11.51
C SER A 38 8.62 -0.40 10.79
N LEU A 39 8.54 -0.51 9.47
CA LEU A 39 7.85 0.49 8.66
C LEU A 39 6.40 0.65 9.11
N ALA A 40 5.64 -0.44 9.02
CA ALA A 40 4.24 -0.42 9.42
C ALA A 40 4.03 -1.20 10.72
N ALA A 41 5.13 -1.61 11.34
CA ALA A 41 5.07 -2.35 12.59
C ALA A 41 4.27 -1.60 13.64
N ASN A 42 4.63 -0.33 13.86
CA ASN A 42 3.94 0.50 14.84
C ASN A 42 3.46 1.80 14.20
N TRP A 43 3.20 1.75 12.90
CA TRP A 43 2.74 2.93 12.17
C TRP A 43 1.21 2.98 12.17
N PRO A 44 0.65 4.14 12.58
CA PRO A 44 -0.80 4.34 12.64
C PRO A 44 -1.41 4.44 11.24
N PRO A 45 -2.73 4.23 11.17
CA PRO A 45 -3.48 4.29 9.91
C PRO A 45 -3.57 5.71 9.35
N THR A 46 -2.52 6.13 8.65
CA THR A 46 -2.48 7.47 8.06
C THR A 46 -2.03 7.42 6.61
N MET A 47 -2.92 7.82 5.71
CA MET A 47 -2.60 7.82 4.27
C MET A 47 -3.01 9.14 3.63
N GLN A 48 -2.28 9.54 2.60
CA GLN A 48 -2.57 10.79 1.89
C GLN A 48 -2.51 10.59 0.38
N ILE A 49 -3.67 10.36 -0.21
CA ILE A 49 -3.75 10.15 -1.65
C ILE A 49 -4.11 11.45 -2.38
N VAL A 50 -3.30 11.83 -3.36
CA VAL A 50 -3.53 13.04 -4.13
C VAL A 50 -3.54 12.75 -5.62
N ARG A 51 -3.31 11.49 -5.98
CA ARG A 51 -3.30 11.08 -7.38
C ARG A 51 -4.15 9.83 -7.59
N LEU A 52 -4.25 9.40 -8.85
CA LEU A 52 -5.03 8.21 -9.19
C LEU A 52 -4.19 7.20 -9.94
N ILE A 53 -4.33 5.93 -9.59
CA ILE A 53 -3.58 4.86 -10.25
C ILE A 53 -4.50 3.70 -10.62
N SER A 54 -4.40 3.25 -11.87
CA SER A 54 -5.21 2.14 -12.36
C SER A 54 -4.50 0.82 -12.15
N GLN A 55 -5.26 -0.27 -12.23
CA GLN A 55 -4.71 -1.61 -12.05
C GLN A 55 -3.99 -2.08 -13.31
N ASP A 56 -4.36 -1.50 -14.45
CA ASP A 56 -3.75 -1.85 -15.73
C ASP A 56 -2.23 -1.67 -15.68
N HIS A 57 -1.78 -0.75 -14.83
CA HIS A 57 -0.35 -0.49 -14.68
C HIS A 57 0.27 -1.43 -13.65
N MET A 58 -0.58 -2.05 -12.82
CA MET A 58 -0.11 -2.97 -11.80
C MET A 58 -0.06 -4.40 -12.34
N ASN A 59 -0.37 -4.56 -13.62
CA ASN A 59 -0.37 -5.87 -14.24
C ASN A 59 1.06 -6.33 -14.53
N ASN A 60 1.99 -5.37 -14.56
CA ASN A 60 3.39 -5.67 -14.83
C ASN A 60 4.16 -5.90 -13.53
N LYS A 61 4.70 -7.10 -13.37
CA LYS A 61 5.46 -7.44 -12.18
C LYS A 61 6.91 -6.95 -12.29
N GLN A 62 7.27 -6.45 -13.46
CA GLN A 62 8.61 -5.94 -13.70
C GLN A 62 8.99 -4.89 -12.66
N TYR A 63 7.98 -4.29 -12.04
CA TYR A 63 8.21 -3.27 -11.03
C TYR A 63 7.92 -3.81 -9.64
N VAL A 64 7.07 -4.84 -9.57
CA VAL A 64 6.71 -5.44 -8.29
C VAL A 64 7.79 -6.42 -7.82
N GLY A 65 8.77 -6.67 -8.69
CA GLY A 65 9.85 -7.57 -8.34
C GLY A 65 11.02 -6.86 -7.68
N LYS A 66 11.07 -5.55 -7.85
CA LYS A 66 12.14 -4.74 -7.27
C LYS A 66 11.59 -3.73 -6.28
N ALA A 67 10.36 -3.96 -5.82
CA ALA A 67 9.72 -3.07 -4.87
C ALA A 67 9.02 -3.86 -3.77
N ASP A 68 8.52 -3.15 -2.76
CA ASP A 68 7.82 -3.78 -1.65
C ASP A 68 6.32 -3.82 -1.91
N PHE A 69 5.61 -4.64 -1.14
CA PHE A 69 4.17 -4.77 -1.28
C PHE A 69 3.46 -4.42 0.03
N LEU A 70 2.27 -3.83 -0.10
CA LEU A 70 1.49 -3.44 1.07
C LEU A 70 0.01 -3.73 0.86
N VAL A 71 -0.58 -4.50 1.77
CA VAL A 71 -1.99 -4.85 1.68
C VAL A 71 -2.76 -4.34 2.89
N PHE A 72 -3.95 -3.77 2.64
CA PHE A 72 -4.78 -3.25 3.71
C PHE A 72 -5.89 -4.23 4.07
N ARG A 73 -5.95 -4.62 5.34
CA ARG A 73 -6.96 -5.55 5.80
C ARG A 73 -8.02 -4.84 6.65
N ALA A 74 -9.22 -4.68 6.08
CA ALA A 74 -10.31 -4.01 6.77
C ALA A 74 -11.52 -4.93 6.89
N MET A 75 -12.44 -4.58 7.78
CA MET A 75 -13.65 -5.36 7.98
C MET A 75 -14.85 -4.71 7.28
N SER A 76 -14.76 -3.41 7.07
CA SER A 76 -15.84 -2.66 6.41
C SER A 76 -15.46 -2.33 4.98
N GLN A 77 -16.48 -2.06 4.15
CA GLN A 77 -16.26 -1.74 2.76
C GLN A 77 -17.25 -0.68 2.29
N HIS A 78 -16.76 0.27 1.49
CA HIS A 78 -17.61 1.34 0.97
C HIS A 78 -17.16 1.76 -0.43
N GLY A 79 -18.10 1.81 -1.37
CA GLY A 79 -17.78 2.20 -2.73
C GLY A 79 -16.69 1.34 -3.33
N PHE A 80 -16.51 0.13 -2.80
CA PHE A 80 -15.50 -0.79 -3.29
C PHE A 80 -15.97 -1.52 -4.53
N LEU A 81 -17.25 -1.89 -4.54
CA LEU A 81 -17.84 -2.61 -5.67
C LEU A 81 -17.77 -1.76 -6.94
N GLY A 82 -17.90 -0.45 -6.78
CA GLY A 82 -17.85 0.45 -7.91
C GLY A 82 -16.65 0.19 -8.80
N GLN A 83 -15.45 0.38 -8.25
CA GLN A 83 -14.22 0.17 -8.99
C GLN A 83 -13.94 -1.32 -9.17
N LEU A 84 -13.95 -2.06 -8.06
CA LEU A 84 -13.70 -3.49 -8.09
C LEU A 84 -14.47 -4.15 -9.23
N GLN A 85 -15.64 -3.61 -9.55
CA GLN A 85 -16.47 -4.14 -10.63
C GLN A 85 -16.24 -3.38 -11.92
N ASP A 86 -15.81 -2.13 -11.79
CA ASP A 86 -15.55 -1.29 -12.96
C ASP A 86 -14.20 -1.63 -13.60
N LYS A 87 -13.12 -1.21 -12.95
CA LYS A 87 -11.78 -1.47 -13.45
C LYS A 87 -10.89 -2.04 -12.36
N LYS A 88 -11.30 -1.86 -11.11
CA LYS A 88 -10.54 -2.36 -9.97
C LYS A 88 -9.26 -1.58 -9.78
N LEU A 89 -9.37 -0.40 -9.17
CA LEU A 89 -8.21 0.45 -8.92
C LEU A 89 -8.47 1.40 -7.76
N CYS A 90 -7.51 2.29 -7.50
CA CYS A 90 -7.64 3.25 -6.42
C CYS A 90 -6.76 4.48 -6.69
N ALA A 91 -6.56 5.29 -5.65
CA ALA A 91 -5.75 6.49 -5.76
C ALA A 91 -4.30 6.21 -5.37
N VAL A 92 -3.40 7.09 -5.80
CA VAL A 92 -1.98 6.94 -5.48
C VAL A 92 -1.56 7.88 -4.36
N ILE A 93 -0.79 7.36 -3.42
CA ILE A 93 -0.31 8.16 -2.29
C ILE A 93 1.07 8.74 -2.57
N GLN A 94 1.15 10.05 -2.69
CA GLN A 94 2.41 10.74 -2.96
C GLN A 94 3.13 11.06 -1.66
N LEU A 95 4.36 10.57 -1.52
CA LEU A 95 5.16 10.81 -0.33
C LEU A 95 6.52 11.42 -0.69
N PRO A 96 6.97 12.37 0.13
CA PRO A 96 8.25 13.06 -0.07
C PRO A 96 9.44 12.13 0.16
N SER A 97 9.17 10.94 0.68
CA SER A 97 10.22 9.96 0.97
C SER A 97 10.16 8.80 -0.01
N GLN A 98 8.94 8.49 -0.48
CA GLN A 98 8.75 7.39 -1.42
C GLN A 98 7.43 7.54 -2.15
N THR A 99 7.12 6.58 -3.02
CA THR A 99 5.89 6.61 -3.80
C THR A 99 5.05 5.37 -3.53
N LEU A 100 3.84 5.57 -3.01
CA LEU A 100 2.94 4.46 -2.72
C LEU A 100 1.72 4.50 -3.62
N LEU A 101 1.42 3.37 -4.26
CA LEU A 101 0.28 3.26 -5.15
C LEU A 101 -0.83 2.41 -4.53
N LEU A 102 -2.03 2.97 -4.47
CA LEU A 102 -3.17 2.25 -3.91
C LEU A 102 -4.17 1.87 -5.00
N SER A 103 -4.45 0.58 -5.11
CA SER A 103 -5.39 0.08 -6.12
C SER A 103 -6.22 -1.06 -5.55
N VAL A 104 -7.54 -0.92 -5.64
CA VAL A 104 -8.45 -1.94 -5.14
C VAL A 104 -8.86 -2.91 -6.25
N SER A 105 -8.64 -4.20 -6.01
CA SER A 105 -8.97 -5.22 -6.99
C SER A 105 -9.02 -6.60 -6.34
N ASP A 106 -10.00 -7.41 -6.74
CA ASP A 106 -10.15 -8.75 -6.20
C ASP A 106 -10.15 -8.73 -4.67
N LYS A 107 -10.55 -7.60 -4.11
CA LYS A 107 -10.60 -7.44 -2.66
C LYS A 107 -11.73 -6.51 -2.25
N ALA A 108 -12.74 -7.06 -1.57
CA ALA A 108 -13.88 -6.27 -1.11
C ALA A 108 -13.60 -5.62 0.23
N CYS A 109 -13.01 -6.39 1.14
CA CYS A 109 -12.69 -5.88 2.48
C CYS A 109 -11.19 -5.64 2.61
N ARG A 110 -10.48 -5.67 1.49
CA ARG A 110 -9.04 -5.45 1.49
C ARG A 110 -8.62 -4.53 0.33
N LEU A 111 -7.39 -4.08 0.36
CA LEU A 111 -6.87 -3.19 -0.67
C LEU A 111 -5.45 -3.59 -1.07
N ILE A 112 -5.11 -3.38 -2.34
CA ILE A 112 -3.78 -3.71 -2.84
C ILE A 112 -2.95 -2.45 -3.05
N GLY A 113 -1.83 -2.36 -2.34
CA GLY A 113 -0.96 -1.21 -2.47
C GLY A 113 0.47 -1.59 -2.79
N MET A 114 1.21 -0.67 -3.42
CA MET A 114 2.59 -0.92 -3.78
C MET A 114 3.52 0.10 -3.14
N LEU A 115 4.68 -0.35 -2.70
CA LEU A 115 5.66 0.53 -2.06
C LEU A 115 6.89 0.70 -2.94
N PHE A 116 7.12 1.93 -3.40
CA PHE A 116 8.26 2.23 -4.25
C PHE A 116 9.19 3.24 -3.59
N PRO A 117 10.50 3.11 -3.83
CA PRO A 117 11.51 4.00 -3.26
C PRO A 117 11.45 5.40 -3.87
N GLY A 118 11.70 6.40 -3.03
CA GLY A 118 11.66 7.78 -3.50
C GLY A 118 12.95 8.19 -4.20
N ASP A 119 13.34 7.41 -5.20
CA ASP A 119 14.56 7.69 -5.94
C ASP A 119 15.73 7.99 -5.00
N MET A 120 15.97 7.08 -4.08
CA MET A 120 17.06 7.25 -3.11
C MET A 120 17.81 5.94 -2.90
N VAL A 121 17.05 4.87 -2.64
CA VAL A 121 17.64 3.56 -2.42
C VAL A 121 18.62 3.19 -3.52
N VAL A 122 19.68 2.47 -3.16
CA VAL A 122 20.69 2.06 -4.13
C VAL A 122 20.80 0.54 -4.19
N PHE A 123 19.73 -0.14 -3.81
CA PHE A 123 19.72 -1.61 -3.81
C PHE A 123 20.18 -2.15 -5.16
N LYS A 124 20.48 -3.44 -5.20
CA LYS A 124 20.93 -4.09 -6.42
C LYS A 124 19.86 -5.02 -6.97
N PRO A 125 19.96 -5.35 -8.27
CA PRO A 125 19.01 -6.24 -8.94
C PRO A 125 19.14 -7.68 -8.47
N GLN A 126 18.70 -7.94 -7.25
CA GLN A 126 18.77 -9.29 -6.69
C GLN A 126 17.61 -9.53 -5.74
N ILE A 127 17.55 -10.74 -5.19
CA ILE A 127 16.49 -11.11 -4.25
C ILE A 127 16.65 -10.39 -2.92
N PRO A 128 17.91 -10.36 -2.42
CA PRO A 128 18.23 -9.72 -1.14
C PRO A 128 18.12 -8.19 -1.23
N ASN A 129 18.57 -7.52 -0.18
CA ASN A 129 18.52 -6.06 -0.13
C ASN A 129 19.14 -5.53 1.15
N GLN A 130 20.24 -4.79 1.02
CA GLN A 130 20.93 -4.23 2.17
C GLN A 130 20.42 -2.83 2.48
N SER A 1 16.37 -8.42 6.28
CA SER A 1 16.27 -9.88 6.36
C SER A 1 15.47 -10.43 5.19
N GLN A 2 15.90 -11.58 4.68
CA GLN A 2 15.22 -12.22 3.56
C GLN A 2 13.90 -12.84 4.00
N SER A 3 12.90 -12.77 3.11
CA SER A 3 11.59 -13.32 3.41
C SER A 3 10.71 -13.34 2.16
N LYS A 4 9.44 -13.68 2.34
CA LYS A 4 8.50 -13.73 1.22
C LYS A 4 7.33 -12.78 1.45
N TYR A 5 6.95 -12.60 2.72
CA TYR A 5 5.85 -11.71 3.06
C TYR A 5 6.08 -11.06 4.42
N VAL A 6 5.55 -9.85 4.60
CA VAL A 6 5.70 -9.12 5.85
C VAL A 6 4.40 -8.43 6.24
N LYS A 7 3.73 -8.96 7.26
CA LYS A 7 2.48 -8.38 7.73
C LYS A 7 2.73 -7.36 8.83
N VAL A 8 1.84 -6.36 8.93
CA VAL A 8 1.97 -5.33 9.94
C VAL A 8 0.60 -4.91 10.47
N TRP A 9 0.57 -4.48 11.73
CA TRP A 9 -0.68 -4.06 12.35
C TRP A 9 -0.47 -2.78 13.15
N GLU A 10 -1.43 -1.86 13.04
CA GLU A 10 -1.35 -0.58 13.75
C GLU A 10 -2.69 0.15 13.70
N GLY A 11 -2.77 1.27 14.41
CA GLY A 11 -3.99 2.05 14.43
C GLY A 11 -3.74 3.54 14.48
N ASN A 12 -4.48 4.29 13.67
CA ASN A 12 -4.32 5.74 13.62
C ASN A 12 -5.35 6.36 12.68
N LEU A 13 -5.31 7.69 12.56
CA LEU A 13 -6.24 8.40 11.70
C LEU A 13 -5.50 9.22 10.65
N SER A 14 -5.18 8.59 9.53
CA SER A 14 -4.47 9.25 8.44
C SER A 14 -4.57 8.46 7.15
N GLY A 15 -5.27 9.02 6.17
CA GLY A 15 -5.42 8.35 4.89
C GLY A 15 -6.53 8.95 4.05
N GLN A 16 -6.20 10.03 3.33
CA GLN A 16 -7.16 10.71 2.49
C GLN A 16 -6.50 11.30 1.24
N ARG A 17 -7.28 11.97 0.42
CA ARG A 17 -6.76 12.58 -0.79
C ARG A 17 -6.43 14.05 -0.57
N GLN A 18 -5.41 14.54 -1.28
CA GLN A 18 -4.99 15.93 -1.15
C GLN A 18 -4.17 16.14 0.11
N GLY A 19 -3.70 15.03 0.70
CA GLY A 19 -2.90 15.12 1.90
C GLY A 19 -3.75 15.27 3.15
N GLN A 20 -4.93 14.67 3.14
CA GLN A 20 -5.84 14.74 4.28
C GLN A 20 -5.80 13.44 5.08
N PRO A 21 -6.11 13.55 6.39
CA PRO A 21 -6.13 12.39 7.29
C PRO A 21 -7.27 11.44 6.99
N VAL A 22 -7.51 10.49 7.90
CA VAL A 22 -8.58 9.52 7.74
C VAL A 22 -9.13 9.08 9.09
N LEU A 23 -10.32 8.49 9.08
CA LEU A 23 -10.96 8.03 10.31
C LEU A 23 -10.01 7.15 11.12
N ILE A 24 -10.00 7.35 12.43
CA ILE A 24 -9.13 6.58 13.30
C ILE A 24 -9.59 5.13 13.41
N THR A 25 -8.64 4.20 13.31
CA THR A 25 -8.95 2.78 13.39
C THR A 25 -7.69 1.94 13.30
N ARG A 26 -7.77 0.70 13.79
CA ARG A 26 -6.63 -0.21 13.77
C ARG A 26 -6.84 -1.33 12.75
N LEU A 27 -5.95 -1.41 11.77
CA LEU A 27 -6.04 -2.43 10.74
C LEU A 27 -4.67 -3.05 10.47
N GLU A 28 -4.66 -4.09 9.65
CA GLU A 28 -3.41 -4.77 9.31
C GLU A 28 -3.17 -4.73 7.80
N GLY A 29 -1.99 -5.20 7.39
CA GLY A 29 -1.66 -5.21 5.97
C GLY A 29 -0.49 -6.13 5.66
N TYR A 30 -0.58 -6.81 4.52
CA TYR A 30 0.47 -7.74 4.10
C TYR A 30 1.19 -7.22 2.87
N ARG A 31 2.49 -6.96 3.02
CA ARG A 31 3.31 -6.45 1.92
C ARG A 31 4.34 -7.49 1.49
N SER A 32 4.51 -7.64 0.18
CA SER A 32 5.48 -8.60 -0.36
C SER A 32 6.88 -8.31 0.17
N ALA A 33 7.55 -9.37 0.63
CA ALA A 33 8.90 -9.23 1.16
C ALA A 33 9.75 -8.30 0.29
N SER A 34 9.33 -8.14 -0.95
CA SER A 34 10.05 -7.27 -1.89
C SER A 34 10.14 -5.84 -1.35
N ALA A 35 9.39 -5.56 -0.30
CA ALA A 35 9.38 -4.24 0.32
C ALA A 35 10.09 -4.26 1.66
N SER A 36 10.27 -3.08 2.25
CA SER A 36 10.93 -2.97 3.55
C SER A 36 9.93 -3.13 4.69
N ASP A 37 10.29 -3.96 5.67
CA ASP A 37 9.42 -4.21 6.81
C ASP A 37 9.28 -2.95 7.66
N SER A 38 10.40 -2.32 7.98
CA SER A 38 10.40 -1.11 8.79
C SER A 38 9.42 -0.07 8.22
N LEU A 39 9.09 -0.23 6.95
CA LEU A 39 8.17 0.69 6.28
C LEU A 39 6.89 0.84 7.09
N ALA A 40 6.14 -0.25 7.22
CA ALA A 40 4.89 -0.23 7.97
C ALA A 40 4.99 -1.11 9.22
N ALA A 41 6.21 -1.48 9.58
CA ALA A 41 6.44 -2.31 10.75
C ALA A 41 5.98 -1.61 12.03
N ASN A 42 6.41 -0.36 12.20
CA ASN A 42 6.05 0.42 13.38
C ASN A 42 5.34 1.71 12.97
N TRP A 43 5.06 1.84 11.69
CA TRP A 43 4.39 3.03 11.18
C TRP A 43 2.88 2.83 11.14
N PRO A 44 2.14 3.80 11.72
CA PRO A 44 0.68 3.75 11.78
C PRO A 44 0.05 3.95 10.40
N PRO A 45 -1.28 3.78 10.32
CA PRO A 45 -2.03 3.94 9.08
C PRO A 45 -2.12 5.40 8.64
N THR A 46 -1.10 5.84 7.90
CA THR A 46 -1.05 7.21 7.41
C THR A 46 -0.64 7.26 5.95
N MET A 47 -1.54 7.70 5.09
CA MET A 47 -1.26 7.80 3.66
C MET A 47 -1.97 9.01 3.04
N GLN A 48 -1.40 9.53 1.97
CA GLN A 48 -1.98 10.69 1.29
C GLN A 48 -1.96 10.50 -0.23
N ILE A 49 -3.14 10.37 -0.82
CA ILE A 49 -3.26 10.18 -2.25
C ILE A 49 -3.42 11.53 -2.97
N VAL A 50 -2.69 11.70 -4.05
CA VAL A 50 -2.75 12.93 -4.83
C VAL A 50 -3.00 12.64 -6.31
N ARG A 51 -3.03 11.35 -6.66
CA ARG A 51 -3.25 10.93 -8.04
C ARG A 51 -4.25 9.79 -8.10
N LEU A 52 -4.56 9.34 -9.31
CA LEU A 52 -5.50 8.24 -9.51
C LEU A 52 -4.86 7.12 -10.33
N ILE A 53 -5.06 5.88 -9.88
CA ILE A 53 -4.51 4.73 -10.58
C ILE A 53 -5.57 3.65 -10.79
N SER A 54 -5.64 3.14 -12.01
CA SER A 54 -6.62 2.11 -12.35
C SER A 54 -6.07 0.72 -12.07
N GLN A 55 -6.95 -0.27 -12.03
CA GLN A 55 -6.55 -1.65 -11.75
C GLN A 55 -5.90 -2.27 -12.99
N ASP A 56 -6.16 -1.68 -14.15
CA ASP A 56 -5.61 -2.18 -15.40
C ASP A 56 -4.12 -1.86 -15.51
N HIS A 57 -3.66 -0.93 -14.68
CA HIS A 57 -2.26 -0.53 -14.67
C HIS A 57 -1.44 -1.44 -13.77
N MET A 58 -2.09 -1.99 -12.74
CA MET A 58 -1.41 -2.88 -11.80
C MET A 58 -1.38 -4.30 -12.35
N ASN A 59 -1.88 -4.48 -13.56
CA ASN A 59 -1.91 -5.80 -14.19
C ASN A 59 -0.65 -6.03 -15.04
N ASN A 60 0.39 -5.25 -14.75
CA ASN A 60 1.64 -5.36 -15.48
C ASN A 60 2.60 -6.33 -14.79
N LYS A 61 2.75 -7.51 -15.35
CA LYS A 61 3.63 -8.53 -14.79
C LYS A 61 5.07 -8.33 -15.25
N GLN A 62 5.29 -7.26 -16.02
CA GLN A 62 6.62 -6.95 -16.53
C GLN A 62 7.52 -6.45 -15.41
N TYR A 63 6.92 -5.97 -14.33
CA TYR A 63 7.66 -5.46 -13.20
C TYR A 63 6.98 -5.82 -11.88
N VAL A 64 6.45 -7.04 -11.81
CA VAL A 64 5.76 -7.50 -10.62
C VAL A 64 6.75 -7.88 -9.52
N GLY A 65 7.88 -8.48 -9.93
CA GLY A 65 8.90 -8.88 -8.98
C GLY A 65 9.97 -7.82 -8.80
N LYS A 66 10.10 -6.95 -9.78
CA LYS A 66 11.10 -5.88 -9.74
C LYS A 66 10.73 -4.84 -8.70
N ALA A 67 9.44 -4.78 -8.35
CA ALA A 67 8.95 -3.83 -7.36
C ALA A 67 8.41 -4.54 -6.13
N ASP A 68 8.06 -3.76 -5.11
CA ASP A 68 7.53 -4.32 -3.87
C ASP A 68 6.00 -4.36 -3.91
N PHE A 69 5.41 -5.15 -3.02
CA PHE A 69 3.96 -5.28 -2.96
C PHE A 69 3.44 -4.88 -1.58
N LEU A 70 2.26 -4.29 -1.55
CA LEU A 70 1.65 -3.86 -0.30
C LEU A 70 0.14 -4.10 -0.31
N VAL A 71 -0.35 -4.83 0.68
CA VAL A 71 -1.77 -5.14 0.80
C VAL A 71 -2.33 -4.66 2.12
N PHE A 72 -3.55 -4.12 2.08
CA PHE A 72 -4.21 -3.62 3.28
C PHE A 72 -5.44 -4.45 3.62
N ARG A 73 -5.46 -4.99 4.84
CA ARG A 73 -6.58 -5.81 5.29
C ARG A 73 -7.37 -5.11 6.39
N ALA A 74 -8.61 -4.75 6.07
CA ALA A 74 -9.48 -4.06 7.03
C ALA A 74 -10.76 -4.86 7.27
N MET A 75 -11.47 -4.49 8.33
CA MET A 75 -12.72 -5.16 8.67
C MET A 75 -13.92 -4.35 8.22
N SER A 76 -13.65 -3.15 7.69
CA SER A 76 -14.72 -2.27 7.22
C SER A 76 -14.79 -2.26 5.70
N GLN A 77 -15.99 -2.02 5.17
CA GLN A 77 -16.20 -1.99 3.73
C GLN A 77 -17.24 -0.95 3.35
N HIS A 78 -16.79 0.26 3.04
CA HIS A 78 -17.69 1.34 2.66
C HIS A 78 -17.03 2.26 1.62
N GLY A 79 -17.78 2.60 0.58
CA GLY A 79 -17.25 3.46 -0.46
C GLY A 79 -16.48 2.71 -1.51
N PHE A 80 -16.22 1.42 -1.25
CA PHE A 80 -15.48 0.59 -2.18
C PHE A 80 -16.40 0.07 -3.29
N LEU A 81 -17.66 -0.18 -2.95
CA LEU A 81 -18.63 -0.68 -3.92
C LEU A 81 -18.64 0.19 -5.17
N GLY A 82 -18.62 1.50 -4.97
CA GLY A 82 -18.63 2.42 -6.09
C GLY A 82 -17.64 2.04 -7.17
N GLN A 83 -16.36 2.01 -6.81
CA GLN A 83 -15.31 1.66 -7.75
C GLN A 83 -15.32 0.16 -8.04
N LEU A 84 -15.24 -0.64 -6.97
CA LEU A 84 -15.23 -2.09 -7.11
C LEU A 84 -16.30 -2.55 -8.11
N GLN A 85 -17.39 -1.80 -8.17
CA GLN A 85 -18.48 -2.14 -9.08
C GLN A 85 -18.35 -1.36 -10.39
N ASP A 86 -17.69 -0.21 -10.33
CA ASP A 86 -17.49 0.62 -11.51
C ASP A 86 -16.34 0.10 -12.36
N LYS A 87 -15.12 0.34 -11.89
CA LYS A 87 -13.93 -0.11 -12.61
C LYS A 87 -12.99 -0.86 -11.67
N LYS A 88 -13.17 -0.68 -10.37
CA LYS A 88 -12.34 -1.35 -9.38
C LYS A 88 -10.93 -0.77 -9.36
N LEU A 89 -10.77 0.37 -8.70
CA LEU A 89 -9.47 1.04 -8.63
C LEU A 89 -9.43 1.99 -7.43
N CYS A 90 -8.34 2.74 -7.33
CA CYS A 90 -8.17 3.70 -6.24
C CYS A 90 -7.23 4.83 -6.64
N ALA A 91 -6.79 5.61 -5.67
CA ALA A 91 -5.89 6.73 -5.93
C ALA A 91 -4.43 6.32 -5.72
N VAL A 92 -3.52 7.08 -6.30
CA VAL A 92 -2.09 6.80 -6.17
C VAL A 92 -1.44 7.68 -5.11
N ILE A 93 -0.58 7.08 -4.30
CA ILE A 93 0.11 7.81 -3.24
C ILE A 93 1.46 8.32 -3.72
N GLN A 94 1.56 9.64 -3.90
CA GLN A 94 2.80 10.26 -4.36
C GLN A 94 3.68 10.63 -3.18
N LEU A 95 4.88 10.04 -3.13
CA LEU A 95 5.82 10.31 -2.05
C LEU A 95 7.14 10.85 -2.60
N PRO A 96 7.75 11.80 -1.88
CA PRO A 96 9.01 12.42 -2.27
C PRO A 96 10.19 11.44 -2.15
N SER A 97 9.93 10.28 -1.55
CA SER A 97 10.96 9.27 -1.37
C SER A 97 10.67 8.03 -2.20
N GLN A 98 9.38 7.75 -2.39
CA GLN A 98 8.97 6.59 -3.18
C GLN A 98 7.63 6.84 -3.87
N THR A 99 7.12 5.83 -4.56
CA THR A 99 5.84 5.95 -5.26
C THR A 99 4.96 4.75 -5.00
N LEU A 100 3.85 4.98 -4.30
CA LEU A 100 2.90 3.91 -3.98
C LEU A 100 1.61 4.07 -4.74
N LEU A 101 1.09 2.97 -5.28
CA LEU A 101 -0.15 3.00 -6.04
C LEU A 101 -1.24 2.22 -5.31
N LEU A 102 -2.36 2.90 -5.04
CA LEU A 102 -3.48 2.28 -4.36
C LEU A 102 -4.63 2.01 -5.32
N SER A 103 -5.05 0.75 -5.39
CA SER A 103 -6.14 0.36 -6.28
C SER A 103 -7.01 -0.72 -5.64
N VAL A 104 -8.30 -0.44 -5.52
CA VAL A 104 -9.23 -1.40 -4.92
C VAL A 104 -9.96 -2.20 -6.00
N SER A 105 -9.90 -3.52 -5.88
CA SER A 105 -10.56 -4.40 -6.85
C SER A 105 -10.63 -5.83 -6.31
N ASP A 106 -11.77 -6.48 -6.56
CA ASP A 106 -11.97 -7.85 -6.10
C ASP A 106 -11.67 -7.99 -4.61
N LYS A 107 -11.77 -6.86 -3.89
CA LYS A 107 -11.51 -6.86 -2.46
C LYS A 107 -12.41 -5.85 -1.75
N ALA A 108 -13.36 -6.36 -0.97
CA ALA A 108 -14.29 -5.51 -0.24
C ALA A 108 -13.70 -5.09 1.10
N CYS A 109 -13.07 -6.03 1.79
CA CYS A 109 -12.47 -5.75 3.09
C CYS A 109 -10.96 -5.64 2.97
N ARG A 110 -10.47 -5.54 1.74
CA ARG A 110 -9.04 -5.43 1.49
C ARG A 110 -8.76 -4.44 0.36
N LEU A 111 -7.50 -4.05 0.23
CA LEU A 111 -7.10 -3.10 -0.81
C LEU A 111 -5.74 -3.47 -1.39
N ILE A 112 -5.55 -3.21 -2.67
CA ILE A 112 -4.29 -3.51 -3.34
C ILE A 112 -3.38 -2.28 -3.38
N GLY A 113 -2.10 -2.49 -3.09
CA GLY A 113 -1.15 -1.40 -3.10
C GLY A 113 0.19 -1.81 -3.68
N MET A 114 0.71 -0.97 -4.58
CA MET A 114 2.00 -1.25 -5.22
C MET A 114 3.07 -0.30 -4.71
N LEU A 115 4.30 -0.78 -4.61
CA LEU A 115 5.42 0.02 -4.13
C LEU A 115 6.50 0.14 -5.20
N PHE A 116 6.73 1.35 -5.69
CA PHE A 116 7.74 1.58 -6.71
C PHE A 116 8.82 2.53 -6.19
N PRO A 117 10.04 2.40 -6.75
CA PRO A 117 11.18 3.24 -6.37
C PRO A 117 11.01 4.69 -6.81
N GLY A 118 11.10 5.61 -5.87
CA GLY A 118 10.97 7.02 -6.18
C GLY A 118 12.25 7.80 -5.94
N ASP A 119 13.14 7.23 -5.15
CA ASP A 119 14.41 7.88 -4.84
C ASP A 119 15.52 6.84 -4.65
N MET A 120 15.50 6.17 -3.50
CA MET A 120 16.51 5.15 -3.19
C MET A 120 15.86 3.91 -2.58
N VAL A 121 16.64 2.85 -2.43
CA VAL A 121 16.14 1.60 -1.86
C VAL A 121 15.85 1.76 -0.37
N VAL A 122 14.79 1.10 0.08
CA VAL A 122 14.40 1.16 1.49
C VAL A 122 14.48 -0.21 2.14
N PHE A 123 14.68 -1.25 1.32
CA PHE A 123 14.77 -2.61 1.83
C PHE A 123 15.93 -2.75 2.80
N LYS A 124 15.90 -3.80 3.62
CA LYS A 124 16.95 -4.05 4.60
C LYS A 124 17.04 -2.90 5.60
N PRO A 125 16.28 -3.01 6.70
CA PRO A 125 16.27 -2.00 7.76
C PRO A 125 17.58 -1.95 8.54
N GLN A 126 18.45 -2.90 8.28
CA GLN A 126 19.73 -2.98 8.96
C GLN A 126 20.75 -2.04 8.30
N ILE A 127 21.89 -1.86 8.96
CA ILE A 127 22.94 -0.99 8.44
C ILE A 127 23.55 -1.57 7.16
N PRO A 128 23.82 -2.88 7.18
CA PRO A 128 24.41 -3.58 6.04
C PRO A 128 23.43 -3.70 4.88
N ASN A 129 23.25 -2.61 4.15
CA ASN A 129 22.34 -2.60 3.01
C ASN A 129 23.05 -3.04 1.74
N GLN A 130 22.46 -4.02 1.04
CA GLN A 130 23.04 -4.54 -0.19
C GLN A 130 22.72 -3.63 -1.37
#